data_2P85
#
_entry.id   2P85
#
_cell.length_a   121.320
_cell.length_b   110.280
_cell.length_c   142.000
_cell.angle_alpha   90.00
_cell.angle_beta   110.28
_cell.angle_gamma   90.00
#
_symmetry.space_group_name_H-M   'P 1 2 1'
#
loop_
_entity.id
_entity.type
_entity.pdbx_description
1 polymer 'Cytochrome P450 2A13'
2 non-polymer 'PROTOPORPHYRIN IX CONTAINING FE'
3 non-polymer INDOLE
4 water water
#
_entity_poly.entity_id   1
_entity_poly.type   'polypeptide(L)'
_entity_poly.pdbx_seq_one_letter_code
;MAKKTSSKGKLPPGPTPLPFIGNYLQLNTEQMYNSLMKISERYGPVFTIHLGPRRVVVLCGHDAVKEALVDQAEEFSGRG
EQATFDWLFKGYGVAFSNGERAKQLRRFSIATLRGFGVGKRGIEERIQEEAGFLIDALRGTHGANIDPTFFLSRTVSNVI
SSIVFGDRFDYEDKEFLSLLRMMLGSFQFTATSTGQLYEMFSSVMKHLPGPQQQAFKELQGLEDFIAKKVEHNQRTLDPN
SPRDFIDSFLIRMQEEEKNPNTEFYLKNLVMTTLNLFFAGTETVSTTLRYGFLLLMKHPEVEAKVHEEIDRVIGKNRQPK
FEDRAKMPYTEAVIHEIQRFGDMLPMGLAHRVNKDTKFRDFFLPKGTEVFPMLGSVLRDPRFFSNPRDFNPQHFLDKKGQ
FKKSDAFVPFSIGKRYCFGEGLARMELFLFFTTIMQNFRFKSPQSPKDIDVSPKHVGFATIPRNYTMSFLPRHHHH
;
_entity_poly.pdbx_strand_id   A,B,C,D,E,F
#
# COMPACT_ATOMS: atom_id res chain seq x y z
N GLY A 9 -0.07 -1.72 -21.86
CA GLY A 9 -1.24 -2.63 -21.80
C GLY A 9 -2.05 -2.78 -23.08
N LYS A 10 -2.75 -3.91 -23.19
CA LYS A 10 -3.57 -4.22 -24.35
C LYS A 10 -4.88 -4.75 -23.77
N LEU A 11 -5.80 -3.84 -23.50
CA LEU A 11 -7.08 -4.20 -22.92
C LEU A 11 -8.00 -4.82 -23.94
N PRO A 12 -8.97 -5.59 -23.48
CA PRO A 12 -9.94 -6.24 -24.34
C PRO A 12 -10.65 -5.16 -25.12
N PRO A 13 -11.36 -5.53 -26.18
CA PRO A 13 -12.05 -4.47 -26.92
C PRO A 13 -13.31 -4.06 -26.15
N GLY A 14 -13.85 -2.92 -26.54
CA GLY A 14 -15.07 -2.42 -25.95
C GLY A 14 -15.54 -1.15 -26.64
N PRO A 15 -16.74 -0.69 -26.30
CA PRO A 15 -17.31 0.52 -26.88
C PRO A 15 -16.53 1.78 -26.51
N THR A 16 -16.36 2.66 -27.49
CA THR A 16 -15.64 3.91 -27.29
C THR A 16 -16.38 4.76 -26.28
N PRO A 17 -15.65 5.31 -25.32
CA PRO A 17 -16.22 6.15 -24.27
C PRO A 17 -16.02 7.63 -24.49
N LEU A 18 -16.84 8.42 -23.81
CA LEU A 18 -16.72 9.86 -23.86
C LEU A 18 -16.00 10.28 -22.56
N PRO A 19 -15.35 11.45 -22.58
CA PRO A 19 -14.64 11.94 -21.39
C PRO A 19 -15.53 12.05 -20.14
N PHE A 20 -15.04 11.49 -19.05
CA PHE A 20 -15.72 11.46 -17.76
C PHE A 20 -16.95 10.58 -17.68
N ILE A 21 -17.95 10.80 -18.52
CA ILE A 21 -19.15 9.96 -18.44
C ILE A 21 -18.91 8.53 -18.89
N GLY A 22 -17.76 8.29 -19.52
CA GLY A 22 -17.42 6.94 -19.98
C GLY A 22 -18.36 6.33 -21.00
N ASN A 23 -18.83 5.13 -20.73
CA ASN A 23 -19.77 4.45 -21.60
C ASN A 23 -21.19 4.66 -21.07
N TYR A 24 -21.42 5.77 -20.40
CA TYR A 24 -22.75 6.04 -19.88
C TYR A 24 -23.90 5.91 -20.90
N LEU A 25 -23.75 6.57 -22.04
CA LEU A 25 -24.79 6.56 -23.06
C LEU A 25 -25.19 5.17 -23.58
N GLN A 26 -24.42 4.15 -23.23
CA GLN A 26 -24.69 2.79 -23.64
C GLN A 26 -24.90 1.83 -22.48
N LEU A 27 -25.30 2.36 -21.33
CA LEU A 27 -25.54 1.51 -20.17
C LEU A 27 -26.87 1.87 -19.56
N ASN A 28 -27.63 0.89 -19.09
CA ASN A 28 -28.90 1.17 -18.46
C ASN A 28 -28.69 1.02 -16.97
N THR A 29 -28.62 2.14 -16.29
CA THR A 29 -28.38 2.13 -14.89
C THR A 29 -29.40 1.29 -14.12
N GLU A 30 -30.60 1.16 -14.66
CA GLU A 30 -31.67 0.38 -14.03
C GLU A 30 -31.48 -1.14 -14.09
N GLN A 31 -30.52 -1.61 -14.88
CA GLN A 31 -30.24 -3.05 -14.97
C GLN A 31 -28.86 -3.19 -15.63
N MET A 32 -27.82 -2.91 -14.84
CA MET A 32 -26.46 -2.96 -15.33
C MET A 32 -26.05 -4.34 -15.78
N TYR A 33 -26.66 -5.35 -15.21
CA TYR A 33 -26.28 -6.69 -15.61
C TYR A 33 -26.65 -6.92 -17.08
N ASN A 34 -27.92 -6.70 -17.43
CA ASN A 34 -28.40 -6.88 -18.80
C ASN A 34 -27.64 -5.96 -19.75
N SER A 35 -27.37 -4.73 -19.33
CA SER A 35 -26.63 -3.78 -20.18
C SER A 35 -25.25 -4.30 -20.49
N LEU A 36 -24.57 -4.86 -19.47
CA LEU A 36 -23.23 -5.39 -19.69
C LEU A 36 -23.30 -6.67 -20.52
N MET A 37 -24.31 -7.50 -20.26
CA MET A 37 -24.49 -8.71 -21.04
C MET A 37 -24.82 -8.36 -22.52
N LYS A 38 -25.63 -7.31 -22.74
CA LYS A 38 -25.98 -6.86 -24.08
C LYS A 38 -24.71 -6.46 -24.81
N ILE A 39 -23.78 -5.85 -24.08
CA ILE A 39 -22.50 -5.41 -24.63
C ILE A 39 -21.55 -6.60 -24.85
N SER A 40 -21.67 -7.62 -24.00
CA SER A 40 -20.84 -8.81 -24.10
C SER A 40 -21.18 -9.46 -25.46
N GLU A 41 -22.48 -9.58 -25.66
CA GLU A 41 -23.13 -10.15 -26.83
C GLU A 41 -22.63 -9.51 -28.13
N ARG A 42 -21.60 -8.65 -28.06
CA ARG A 42 -21.05 -8.00 -29.24
C ARG A 42 -19.56 -7.70 -29.19
N TYR A 43 -18.93 -7.97 -28.05
CA TYR A 43 -17.50 -7.73 -27.94
C TYR A 43 -16.76 -8.96 -27.41
N GLY A 44 -17.52 -9.99 -27.08
CA GLY A 44 -16.92 -11.21 -26.54
C GLY A 44 -17.28 -11.37 -25.08
N PRO A 45 -16.77 -12.41 -24.39
CA PRO A 45 -17.09 -12.60 -22.97
C PRO A 45 -16.14 -11.78 -22.08
N VAL A 46 -15.12 -11.22 -22.69
CA VAL A 46 -14.15 -10.43 -21.96
C VAL A 46 -14.08 -9.12 -22.69
N PHE A 47 -14.46 -8.03 -22.02
CA PHE A 47 -14.45 -6.70 -22.66
C PHE A 47 -14.22 -5.57 -21.68
N THR A 48 -13.89 -4.40 -22.22
CA THR A 48 -13.62 -3.21 -21.43
C THR A 48 -14.84 -2.30 -21.44
N ILE A 49 -15.11 -1.65 -20.32
CA ILE A 49 -16.25 -0.78 -20.20
C ILE A 49 -15.78 0.35 -19.30
N HIS A 50 -16.38 1.52 -19.42
CA HIS A 50 -15.97 2.64 -18.57
C HIS A 50 -17.16 3.07 -17.75
N LEU A 51 -17.15 2.80 -16.45
CA LEU A 51 -18.25 3.24 -15.58
C LEU A 51 -17.85 4.66 -15.14
N GLY A 52 -18.34 5.65 -15.86
CA GLY A 52 -17.95 7.02 -15.58
C GLY A 52 -16.45 7.02 -15.85
N PRO A 53 -15.61 7.55 -14.95
CA PRO A 53 -14.16 7.56 -15.16
C PRO A 53 -13.40 6.27 -14.87
N ARG A 54 -14.11 5.24 -14.38
CA ARG A 54 -13.47 3.96 -14.06
C ARG A 54 -13.37 3.00 -15.27
N ARG A 55 -12.19 2.48 -15.51
CA ARG A 55 -12.03 1.54 -16.59
C ARG A 55 -12.08 0.17 -15.96
N VAL A 56 -12.98 -0.67 -16.45
CA VAL A 56 -13.18 -1.99 -15.87
C VAL A 56 -13.19 -3.09 -16.91
N VAL A 57 -12.55 -4.22 -16.60
CA VAL A 57 -12.59 -5.37 -17.50
C VAL A 57 -13.70 -6.30 -16.98
N VAL A 58 -14.70 -6.55 -17.82
CA VAL A 58 -15.83 -7.39 -17.47
C VAL A 58 -15.58 -8.82 -17.93
N LEU A 59 -16.01 -9.79 -17.14
CA LEU A 59 -15.82 -11.19 -17.46
C LEU A 59 -17.17 -11.86 -17.42
N CYS A 60 -17.54 -12.52 -18.52
CA CYS A 60 -18.83 -13.18 -18.60
C CYS A 60 -18.68 -14.65 -18.90
N GLY A 61 -19.53 -15.46 -18.28
CA GLY A 61 -19.47 -16.88 -18.51
C GLY A 61 -18.51 -17.57 -17.58
N HIS A 62 -18.87 -18.81 -17.24
CA HIS A 62 -18.08 -19.66 -16.37
C HIS A 62 -16.59 -19.69 -16.73
N ASP A 63 -16.30 -19.83 -18.02
CA ASP A 63 -14.91 -19.91 -18.47
C ASP A 63 -14.02 -18.70 -18.22
N ALA A 64 -14.46 -17.53 -18.66
CA ALA A 64 -13.65 -16.35 -18.46
C ALA A 64 -13.48 -16.07 -16.96
N VAL A 65 -14.56 -16.18 -16.20
CA VAL A 65 -14.49 -15.94 -14.77
C VAL A 65 -13.55 -16.94 -14.07
N LYS A 66 -13.71 -18.21 -14.43
CA LYS A 66 -12.92 -19.29 -13.84
C LYS A 66 -11.46 -19.21 -14.26
N GLU A 67 -11.20 -18.78 -15.48
CA GLU A 67 -9.82 -18.66 -15.93
C GLU A 67 -9.10 -17.59 -15.14
N ALA A 68 -9.78 -16.48 -14.87
CA ALA A 68 -9.17 -15.41 -14.05
C ALA A 68 -9.14 -15.70 -12.54
N LEU A 69 -10.30 -15.76 -11.92
CA LEU A 69 -10.35 -15.96 -10.45
C LEU A 69 -9.66 -17.20 -9.89
N VAL A 70 -9.72 -18.31 -10.63
CA VAL A 70 -9.09 -19.55 -10.19
C VAL A 70 -7.76 -19.86 -10.89
N ASP A 71 -7.73 -19.91 -12.22
CA ASP A 71 -6.48 -20.25 -12.90
C ASP A 71 -5.33 -19.26 -12.67
N GLN A 72 -5.66 -17.99 -12.50
CA GLN A 72 -4.66 -16.96 -12.23
C GLN A 72 -5.16 -16.28 -10.96
N ALA A 73 -5.34 -17.09 -9.92
CA ALA A 73 -5.88 -16.62 -8.64
C ALA A 73 -5.15 -15.47 -7.97
N GLU A 74 -3.85 -15.62 -7.80
CA GLU A 74 -3.04 -14.58 -7.17
C GLU A 74 -3.17 -13.24 -7.87
N GLU A 75 -2.97 -13.23 -9.19
CA GLU A 75 -3.06 -11.99 -9.95
C GLU A 75 -4.43 -11.30 -9.84
N PHE A 76 -5.51 -12.06 -9.81
CA PHE A 76 -6.83 -11.45 -9.72
C PHE A 76 -7.37 -11.36 -8.28
N SER A 77 -6.49 -11.45 -7.28
CA SER A 77 -6.91 -11.39 -5.85
C SER A 77 -7.07 -9.98 -5.28
N GLY A 78 -6.86 -8.96 -6.09
CA GLY A 78 -7.05 -7.60 -5.62
C GLY A 78 -8.54 -7.31 -5.52
N ARG A 79 -8.86 -6.25 -4.78
CA ARG A 79 -10.22 -5.82 -4.58
C ARG A 79 -10.45 -4.50 -5.31
N GLY A 80 -11.51 -4.45 -6.10
CA GLY A 80 -11.85 -3.25 -6.84
C GLY A 80 -12.75 -2.39 -5.99
N GLU A 81 -13.47 -1.48 -6.63
CA GLU A 81 -14.38 -0.57 -5.95
C GLU A 81 -15.82 -1.03 -5.78
N GLN A 82 -16.46 -0.52 -4.73
CA GLN A 82 -17.90 -0.72 -4.52
C GLN A 82 -18.15 0.62 -3.85
N ALA A 83 -18.52 1.61 -4.67
CA ALA A 83 -18.67 3.01 -4.25
C ALA A 83 -19.48 3.33 -3.01
N THR A 84 -20.65 2.73 -2.88
CA THR A 84 -21.47 2.98 -1.70
C THR A 84 -20.76 2.56 -0.40
N PHE A 85 -20.23 1.34 -0.36
CA PHE A 85 -19.55 0.89 0.83
C PHE A 85 -18.21 1.56 1.05
N ASP A 86 -17.48 1.85 -0.02
CA ASP A 86 -16.18 2.51 0.13
C ASP A 86 -16.36 3.88 0.80
N TRP A 87 -17.55 4.46 0.65
CA TRP A 87 -17.83 5.75 1.22
C TRP A 87 -17.53 5.66 2.72
N LEU A 88 -17.95 4.54 3.32
CA LEU A 88 -17.75 4.28 4.74
C LEU A 88 -16.43 3.62 5.10
N PHE A 89 -16.10 2.52 4.43
CA PHE A 89 -14.89 1.79 4.77
C PHE A 89 -13.55 2.38 4.33
N LYS A 90 -13.55 3.16 3.26
CA LYS A 90 -12.34 3.79 2.75
C LYS A 90 -11.07 2.96 2.80
N GLY A 91 -11.16 1.69 2.39
CA GLY A 91 -9.98 0.86 2.37
C GLY A 91 -9.67 0.08 3.63
N TYR A 92 -10.48 0.28 4.68
CA TYR A 92 -10.32 -0.41 5.96
C TYR A 92 -11.28 -1.57 6.10
N GLY A 93 -10.94 -2.54 6.96
CA GLY A 93 -11.81 -3.70 7.14
C GLY A 93 -11.33 -4.83 6.25
N VAL A 94 -11.84 -6.02 6.47
CA VAL A 94 -11.41 -7.19 5.71
C VAL A 94 -11.90 -7.31 4.25
N ALA A 95 -13.13 -6.88 3.99
CA ALA A 95 -13.73 -6.99 2.66
C ALA A 95 -13.37 -5.97 1.59
N PHE A 96 -13.43 -4.70 1.94
CA PHE A 96 -13.19 -3.67 0.98
C PHE A 96 -11.80 -3.09 1.07
N SER A 97 -10.83 -3.97 1.27
CA SER A 97 -9.44 -3.56 1.41
C SER A 97 -8.54 -4.44 0.52
N ASN A 98 -7.30 -4.01 0.38
CA ASN A 98 -6.32 -4.72 -0.44
C ASN A 98 -5.04 -5.10 0.30
N GLY A 99 -4.10 -5.64 -0.46
CA GLY A 99 -2.80 -6.01 0.08
C GLY A 99 -2.69 -6.72 1.42
N GLU A 100 -1.65 -6.33 2.15
CA GLU A 100 -1.31 -6.89 3.46
C GLU A 100 -2.44 -6.73 4.44
N ARG A 101 -3.16 -5.61 4.34
CA ARG A 101 -4.29 -5.34 5.21
C ARG A 101 -5.39 -6.41 5.01
N ALA A 102 -5.79 -6.63 3.77
CA ALA A 102 -6.82 -7.63 3.49
C ALA A 102 -6.31 -9.01 3.91
N LYS A 103 -5.04 -9.26 3.64
CA LYS A 103 -4.44 -10.54 4.00
C LYS A 103 -4.52 -10.82 5.51
N GLN A 104 -4.03 -9.90 6.33
CA GLN A 104 -4.02 -10.05 7.78
C GLN A 104 -5.40 -10.25 8.41
N LEU A 105 -6.31 -9.33 8.08
CA LEU A 105 -7.64 -9.38 8.66
C LEU A 105 -8.40 -10.61 8.21
N ARG A 106 -8.13 -11.06 6.98
CA ARG A 106 -8.81 -12.25 6.48
C ARG A 106 -8.23 -13.43 7.22
N ARG A 107 -6.90 -13.52 7.31
CA ARG A 107 -6.30 -14.64 8.03
C ARG A 107 -6.86 -14.71 9.46
N PHE A 108 -6.92 -13.55 10.11
CA PHE A 108 -7.43 -13.46 11.47
C PHE A 108 -8.92 -13.74 11.64
N SER A 109 -9.75 -13.17 10.76
CA SER A 109 -11.19 -13.38 10.86
C SER A 109 -11.52 -14.85 10.72
N ILE A 110 -10.87 -15.51 9.78
CA ILE A 110 -11.10 -16.92 9.53
C ILE A 110 -10.76 -17.79 10.74
N ALA A 111 -9.60 -17.53 11.34
CA ALA A 111 -9.17 -18.31 12.51
C ALA A 111 -10.08 -18.04 13.70
N THR A 112 -10.51 -16.80 13.86
CA THR A 112 -11.36 -16.45 14.97
C THR A 112 -12.78 -17.03 14.86
N LEU A 113 -13.39 -16.94 13.68
CA LEU A 113 -14.73 -17.48 13.56
C LEU A 113 -14.69 -19.00 13.84
N ARG A 114 -13.60 -19.66 13.45
CA ARG A 114 -13.52 -21.09 13.69
C ARG A 114 -13.40 -21.30 15.18
N GLY A 115 -12.61 -20.44 15.84
CA GLY A 115 -12.44 -20.55 17.27
C GLY A 115 -13.77 -20.50 18.01
N PHE A 116 -14.73 -19.79 17.43
CA PHE A 116 -16.05 -19.66 18.03
C PHE A 116 -17.07 -20.65 17.49
N GLY A 117 -16.59 -21.77 16.95
CA GLY A 117 -17.51 -22.79 16.49
C GLY A 117 -18.08 -22.75 15.09
N VAL A 118 -17.60 -21.83 14.24
CA VAL A 118 -18.10 -21.75 12.87
C VAL A 118 -17.54 -22.97 12.16
N GLY A 119 -18.41 -23.69 11.47
CA GLY A 119 -17.98 -24.88 10.78
C GLY A 119 -17.83 -26.04 11.74
N LYS A 120 -18.42 -25.93 12.92
CA LYS A 120 -18.34 -27.01 13.92
C LYS A 120 -19.66 -27.14 14.70
N ARG A 121 -19.68 -28.06 15.64
CA ARG A 121 -20.85 -28.32 16.48
C ARG A 121 -21.35 -27.05 17.15
N GLY A 122 -20.43 -26.30 17.75
CA GLY A 122 -20.80 -25.09 18.45
C GLY A 122 -21.84 -24.22 17.75
N ILE A 123 -21.48 -23.71 16.57
CA ILE A 123 -22.39 -22.84 15.85
C ILE A 123 -23.61 -23.58 15.32
N GLU A 124 -23.46 -24.86 15.00
CA GLU A 124 -24.62 -25.63 14.52
C GLU A 124 -25.66 -25.60 15.65
N GLU A 125 -25.18 -25.73 16.88
CA GLU A 125 -26.05 -25.68 18.05
C GLU A 125 -26.68 -24.30 18.19
N ARG A 126 -25.87 -23.27 18.00
CA ARG A 126 -26.34 -21.89 18.07
C ARG A 126 -27.46 -21.72 17.04
N ILE A 127 -27.22 -22.18 15.83
CA ILE A 127 -28.22 -22.06 14.77
C ILE A 127 -29.48 -22.86 15.10
N GLN A 128 -29.31 -24.08 15.61
CA GLN A 128 -30.46 -24.89 15.95
C GLN A 128 -31.32 -24.19 16.96
N GLU A 129 -30.69 -23.63 17.99
CA GLU A 129 -31.44 -22.93 19.01
C GLU A 129 -32.16 -21.71 18.43
N GLU A 130 -31.44 -20.88 17.66
CA GLU A 130 -32.08 -19.69 17.05
C GLU A 130 -33.18 -20.10 16.09
N ALA A 131 -32.96 -21.20 15.37
CA ALA A 131 -33.98 -21.69 14.46
C ALA A 131 -35.21 -21.97 15.32
N GLY A 132 -34.94 -22.44 16.54
CA GLY A 132 -36.00 -22.75 17.48
C GLY A 132 -36.83 -21.52 17.80
N PHE A 133 -36.14 -20.46 18.23
CA PHE A 133 -36.82 -19.22 18.57
C PHE A 133 -37.65 -18.63 17.43
N LEU A 134 -37.24 -18.88 16.19
CA LEU A 134 -37.95 -18.36 15.03
C LEU A 134 -39.26 -19.12 14.87
N ILE A 135 -39.23 -20.43 15.04
CA ILE A 135 -40.46 -21.24 14.94
C ILE A 135 -41.48 -20.66 15.91
N ASP A 136 -41.04 -20.42 17.14
CA ASP A 136 -41.91 -19.83 18.16
C ASP A 136 -42.53 -18.54 17.65
N ALA A 137 -41.70 -17.65 17.09
CA ALA A 137 -42.22 -16.38 16.60
C ALA A 137 -43.26 -16.56 15.49
N LEU A 138 -42.95 -17.41 14.52
CA LEU A 138 -43.88 -17.66 13.42
C LEU A 138 -45.14 -18.35 13.91
N ARG A 139 -45.00 -19.28 14.84
CA ARG A 139 -46.17 -19.99 15.34
C ARG A 139 -47.02 -18.99 16.13
N GLY A 140 -46.33 -18.05 16.78
CA GLY A 140 -47.01 -17.04 17.57
C GLY A 140 -47.76 -16.03 16.73
N THR A 141 -47.68 -16.14 15.40
CA THR A 141 -48.41 -15.21 14.54
C THR A 141 -49.76 -15.84 14.22
N HIS A 142 -49.87 -17.11 14.60
CA HIS A 142 -51.09 -17.90 14.42
C HIS A 142 -51.68 -17.80 13.03
N GLY A 143 -50.89 -18.15 12.03
CA GLY A 143 -51.33 -18.12 10.65
C GLY A 143 -51.68 -16.75 10.09
N ALA A 144 -51.40 -15.71 10.85
CA ALA A 144 -51.70 -14.37 10.36
C ALA A 144 -50.82 -13.98 9.17
N ASN A 145 -51.41 -13.25 8.22
CA ASN A 145 -50.70 -12.77 7.04
C ASN A 145 -49.63 -11.76 7.49
N ILE A 146 -48.39 -12.00 7.10
CA ILE A 146 -47.28 -11.14 7.50
C ILE A 146 -46.18 -10.99 6.46
N ASP A 147 -45.30 -10.03 6.70
CA ASP A 147 -44.15 -9.79 5.85
C ASP A 147 -43.12 -10.61 6.59
N PRO A 148 -42.52 -11.61 5.94
CA PRO A 148 -41.53 -12.39 6.69
C PRO A 148 -40.17 -11.72 6.88
N THR A 149 -39.97 -10.60 6.17
CA THR A 149 -38.70 -9.89 6.20
C THR A 149 -37.95 -9.84 7.51
N PHE A 150 -38.45 -9.09 8.48
CA PHE A 150 -37.70 -8.99 9.73
C PHE A 150 -37.76 -10.17 10.68
N PHE A 151 -38.68 -11.09 10.45
CA PHE A 151 -38.71 -12.28 11.29
C PHE A 151 -37.47 -13.06 10.85
N LEU A 152 -37.26 -13.13 9.54
CA LEU A 152 -36.11 -13.85 9.00
C LEU A 152 -34.77 -13.17 9.35
N SER A 153 -34.67 -11.86 9.15
CA SER A 153 -33.42 -11.17 9.44
C SER A 153 -33.06 -11.15 10.94
N ARG A 154 -34.05 -11.08 11.82
CA ARG A 154 -33.71 -11.09 13.24
C ARG A 154 -33.11 -12.45 13.60
N THR A 155 -33.65 -13.52 13.01
CA THR A 155 -33.13 -14.85 13.27
C THR A 155 -31.72 -15.00 12.69
N VAL A 156 -31.56 -14.69 11.41
CA VAL A 156 -30.26 -14.81 10.75
C VAL A 156 -29.21 -13.98 11.48
N SER A 157 -29.54 -12.72 11.75
CA SER A 157 -28.61 -11.83 12.40
C SER A 157 -28.16 -12.32 13.77
N ASN A 158 -29.03 -13.03 14.48
CA ASN A 158 -28.65 -13.51 15.81
C ASN A 158 -27.51 -14.52 15.80
N VAL A 159 -27.34 -15.24 14.72
CA VAL A 159 -26.25 -16.20 14.63
C VAL A 159 -24.88 -15.49 14.58
N ILE A 160 -24.70 -14.57 13.63
CA ILE A 160 -23.42 -13.89 13.55
C ILE A 160 -23.26 -12.94 14.76
N SER A 161 -24.34 -12.32 15.20
CA SER A 161 -24.28 -11.43 16.37
C SER A 161 -23.75 -12.14 17.65
N SER A 162 -24.11 -13.42 17.80
CA SER A 162 -23.67 -14.24 18.92
C SER A 162 -22.16 -14.34 18.93
N ILE A 163 -21.59 -14.38 17.73
CA ILE A 163 -20.16 -14.52 17.55
C ILE A 163 -19.35 -13.24 17.69
N VAL A 164 -19.87 -12.14 17.13
CA VAL A 164 -19.15 -10.88 17.17
C VAL A 164 -19.43 -10.05 18.40
N PHE A 165 -20.66 -10.10 18.88
CA PHE A 165 -21.06 -9.34 20.06
C PHE A 165 -21.18 -10.16 21.36
N GLY A 166 -21.08 -11.49 21.25
CA GLY A 166 -21.17 -12.31 22.45
C GLY A 166 -22.51 -12.94 22.75
N ASP A 167 -23.60 -12.24 22.45
CA ASP A 167 -24.93 -12.78 22.71
C ASP A 167 -25.91 -12.32 21.62
N ARG A 168 -27.05 -12.98 21.56
CA ARG A 168 -28.10 -12.65 20.59
C ARG A 168 -28.88 -11.45 21.09
N PHE A 169 -29.76 -10.92 20.24
CA PHE A 169 -30.59 -9.76 20.57
C PHE A 169 -31.97 -10.31 20.88
N ASP A 170 -32.76 -9.57 21.64
CA ASP A 170 -34.11 -10.04 21.91
C ASP A 170 -34.91 -9.64 20.68
N TYR A 171 -35.82 -10.50 20.22
CA TYR A 171 -36.59 -10.19 19.03
C TYR A 171 -37.40 -8.92 19.09
N GLU A 172 -37.45 -8.28 20.25
CA GLU A 172 -38.21 -7.05 20.37
C GLU A 172 -37.37 -5.83 20.66
N ASP A 173 -36.06 -6.00 20.74
CA ASP A 173 -35.16 -4.90 20.98
C ASP A 173 -35.35 -3.95 19.79
N LYS A 174 -35.70 -2.70 20.07
CA LYS A 174 -35.96 -1.71 19.05
C LYS A 174 -34.73 -1.19 18.30
N GLU A 175 -33.60 -1.11 18.98
CA GLU A 175 -32.41 -0.65 18.32
C GLU A 175 -32.01 -1.75 17.31
N PHE A 176 -32.17 -3.01 17.73
CA PHE A 176 -31.85 -4.16 16.89
C PHE A 176 -32.63 -4.04 15.59
N LEU A 177 -33.94 -3.82 15.70
CA LEU A 177 -34.76 -3.67 14.51
C LEU A 177 -34.24 -2.49 13.67
N SER A 178 -33.85 -1.42 14.36
CA SER A 178 -33.32 -0.22 13.73
C SER A 178 -32.09 -0.55 12.89
N LEU A 179 -31.19 -1.37 13.44
CA LEU A 179 -29.98 -1.76 12.75
C LEU A 179 -30.34 -2.60 11.52
N LEU A 180 -31.30 -3.51 11.68
CA LEU A 180 -31.71 -4.35 10.55
C LEU A 180 -32.24 -3.53 9.38
N ARG A 181 -32.92 -2.42 9.67
CA ARG A 181 -33.44 -1.54 8.62
C ARG A 181 -32.32 -0.78 7.91
N MET A 182 -31.31 -0.33 8.65
CA MET A 182 -30.21 0.37 8.03
C MET A 182 -29.55 -0.58 7.00
N MET A 183 -29.34 -1.85 7.40
CA MET A 183 -28.72 -2.86 6.54
C MET A 183 -29.53 -3.15 5.29
N LEU A 184 -30.81 -3.45 5.46
CA LEU A 184 -31.71 -3.73 4.36
C LEU A 184 -31.76 -2.49 3.46
N GLY A 185 -31.90 -1.31 4.06
CA GLY A 185 -31.96 -0.07 3.30
C GLY A 185 -30.72 0.23 2.46
N SER A 186 -29.54 0.20 3.07
CA SER A 186 -28.32 0.50 2.34
C SER A 186 -27.95 -0.58 1.34
N PHE A 187 -28.25 -1.82 1.66
CA PHE A 187 -27.94 -2.92 0.74
C PHE A 187 -28.80 -2.77 -0.51
N GLN A 188 -30.09 -2.52 -0.30
CA GLN A 188 -31.04 -2.37 -1.36
C GLN A 188 -30.70 -1.19 -2.30
N PHE A 189 -30.25 -0.06 -1.74
CA PHE A 189 -29.87 1.10 -2.54
C PHE A 189 -28.84 0.75 -3.63
N THR A 190 -27.90 -0.14 -3.32
CA THR A 190 -26.87 -0.54 -4.27
C THR A 190 -27.46 -1.32 -5.43
N ALA A 191 -28.71 -1.76 -5.27
CA ALA A 191 -29.37 -2.53 -6.31
C ALA A 191 -30.19 -1.63 -7.23
N THR A 192 -30.48 -0.43 -6.78
CA THR A 192 -31.28 0.48 -7.55
C THR A 192 -30.55 1.22 -8.67
N SER A 193 -31.32 1.95 -9.45
CA SER A 193 -30.77 2.73 -10.56
C SER A 193 -29.79 3.83 -10.07
N THR A 194 -30.20 4.58 -9.05
CA THR A 194 -29.36 5.65 -8.51
C THR A 194 -28.12 5.05 -7.85
N GLY A 195 -28.28 3.85 -7.27
CA GLY A 195 -27.15 3.17 -6.64
C GLY A 195 -26.08 2.83 -7.68
N GLN A 196 -26.54 2.49 -8.87
CA GLN A 196 -25.60 2.15 -9.93
C GLN A 196 -25.08 3.41 -10.60
N LEU A 197 -25.92 4.43 -10.67
CA LEU A 197 -25.46 5.68 -11.23
C LEU A 197 -24.33 6.15 -10.26
N TYR A 198 -24.51 5.84 -8.97
CA TYR A 198 -23.49 6.22 -7.96
C TYR A 198 -22.15 5.52 -8.19
N GLU A 199 -22.17 4.29 -8.70
CA GLU A 199 -20.93 3.59 -8.99
C GLU A 199 -20.11 4.32 -10.06
N MET A 200 -20.78 5.11 -10.89
CA MET A 200 -20.07 5.79 -11.97
C MET A 200 -19.64 7.18 -11.59
N PHE A 201 -20.52 7.86 -10.89
CA PHE A 201 -20.31 9.24 -10.56
C PHE A 201 -20.18 9.62 -9.07
N SER A 202 -19.73 8.68 -8.24
CA SER A 202 -19.62 8.95 -6.80
C SER A 202 -18.87 10.22 -6.40
N SER A 203 -17.84 10.59 -7.16
CA SER A 203 -17.06 11.79 -6.84
C SER A 203 -17.89 13.06 -6.94
N VAL A 204 -19.01 12.99 -7.64
CA VAL A 204 -19.85 14.16 -7.71
C VAL A 204 -21.11 13.92 -6.87
N MET A 205 -21.66 12.72 -6.99
CA MET A 205 -22.90 12.40 -6.27
C MET A 205 -22.85 12.36 -4.73
N LYS A 206 -21.72 12.01 -4.13
CA LYS A 206 -21.64 11.99 -2.67
C LYS A 206 -21.90 13.38 -2.06
N HIS A 207 -21.83 14.42 -2.89
CA HIS A 207 -22.07 15.81 -2.44
C HIS A 207 -23.44 16.33 -2.83
N LEU A 208 -24.25 15.49 -3.44
CA LEU A 208 -25.57 15.93 -3.91
C LEU A 208 -26.70 15.25 -3.16
N PRO A 209 -27.86 15.92 -3.06
CA PRO A 209 -29.02 15.32 -2.39
C PRO A 209 -29.42 14.09 -3.19
N GLY A 210 -30.03 13.11 -2.53
CA GLY A 210 -30.49 11.91 -3.18
C GLY A 210 -30.52 10.74 -2.22
N PRO A 211 -31.03 9.58 -2.66
CA PRO A 211 -31.12 8.36 -1.83
C PRO A 211 -29.74 7.95 -1.36
N GLN A 212 -28.69 8.39 -2.07
CA GLN A 212 -27.35 8.00 -1.64
C GLN A 212 -27.10 8.55 -0.24
N GLN A 213 -27.64 9.73 0.07
CA GLN A 213 -27.42 10.33 1.39
C GLN A 213 -28.06 9.47 2.51
N GLN A 214 -29.26 8.95 2.25
CA GLN A 214 -29.96 8.10 3.20
C GLN A 214 -29.14 6.83 3.41
N ALA A 215 -28.58 6.31 2.32
CA ALA A 215 -27.78 5.11 2.43
C ALA A 215 -26.55 5.38 3.28
N PHE A 216 -25.91 6.54 3.08
CA PHE A 216 -24.74 6.88 3.86
C PHE A 216 -25.15 7.00 5.34
N LYS A 217 -26.23 7.73 5.59
CA LYS A 217 -26.72 7.89 6.96
C LYS A 217 -26.87 6.52 7.63
N GLU A 218 -27.41 5.56 6.88
CA GLU A 218 -27.58 4.21 7.41
C GLU A 218 -26.24 3.54 7.72
N LEU A 219 -25.28 3.69 6.81
CA LEU A 219 -23.99 3.08 7.02
C LEU A 219 -23.32 3.70 8.24
N GLN A 220 -23.47 5.01 8.39
CA GLN A 220 -22.88 5.72 9.52
C GLN A 220 -23.49 5.21 10.84
N GLY A 221 -24.81 5.00 10.86
CA GLY A 221 -25.49 4.50 12.04
C GLY A 221 -25.05 3.09 12.44
N LEU A 222 -24.68 2.27 11.47
CA LEU A 222 -24.24 0.91 11.78
C LEU A 222 -22.84 1.00 12.35
N GLU A 223 -22.03 1.87 11.77
CA GLU A 223 -20.67 2.04 12.28
C GLU A 223 -20.73 2.61 13.72
N ASP A 224 -21.58 3.61 13.94
CA ASP A 224 -21.78 4.23 15.26
C ASP A 224 -22.09 3.12 16.26
N PHE A 225 -23.03 2.24 15.90
CA PHE A 225 -23.39 1.15 16.79
C PHE A 225 -22.19 0.30 17.18
N ILE A 226 -21.43 -0.14 16.19
CA ILE A 226 -20.26 -0.97 16.43
C ILE A 226 -19.19 -0.31 17.29
N ALA A 227 -18.94 0.98 17.09
CA ALA A 227 -17.92 1.70 17.86
C ALA A 227 -18.35 1.74 19.33
N LYS A 228 -19.66 1.86 19.54
CA LYS A 228 -20.24 1.87 20.87
C LYS A 228 -19.98 0.51 21.54
N LYS A 229 -20.30 -0.57 20.85
CA LYS A 229 -20.08 -1.90 21.41
C LYS A 229 -18.60 -2.17 21.65
N VAL A 230 -17.73 -1.61 20.82
CA VAL A 230 -16.30 -1.82 20.98
C VAL A 230 -15.81 -1.15 22.27
N GLU A 231 -16.24 0.09 22.50
CA GLU A 231 -15.86 0.84 23.69
C GLU A 231 -16.24 0.07 24.95
N HIS A 232 -17.48 -0.39 25.00
CA HIS A 232 -17.96 -1.16 26.13
C HIS A 232 -16.97 -2.30 26.34
N ASN A 233 -16.96 -3.25 25.41
CA ASN A 233 -16.06 -4.39 25.48
C ASN A 233 -14.68 -4.04 26.02
N GLN A 234 -14.11 -2.95 25.53
CA GLN A 234 -12.79 -2.50 25.97
C GLN A 234 -12.63 -2.34 27.49
N ARG A 235 -13.63 -1.75 28.12
CA ARG A 235 -13.60 -1.53 29.56
C ARG A 235 -13.81 -2.78 30.42
N THR A 236 -14.48 -3.79 29.86
CA THR A 236 -14.75 -5.02 30.61
C THR A 236 -13.94 -6.19 30.06
N LEU A 237 -12.90 -5.88 29.28
CA LEU A 237 -12.07 -6.91 28.68
C LEU A 237 -11.29 -7.77 29.66
N ASP A 238 -11.25 -9.07 29.37
CA ASP A 238 -10.53 -10.06 30.16
C ASP A 238 -9.62 -10.73 29.14
N PRO A 239 -8.42 -10.17 28.93
CA PRO A 239 -7.45 -10.71 27.97
C PRO A 239 -7.10 -12.18 28.09
N ASN A 240 -7.75 -12.89 29.01
CA ASN A 240 -7.49 -14.31 29.17
C ASN A 240 -8.71 -15.14 28.74
N SER A 241 -9.87 -14.48 28.63
CA SER A 241 -11.10 -15.17 28.24
C SER A 241 -11.95 -14.33 27.31
N PRO A 242 -11.60 -14.31 26.01
CA PRO A 242 -12.36 -13.54 25.01
C PRO A 242 -13.79 -14.05 24.93
N ARG A 243 -14.76 -13.15 25.01
CA ARG A 243 -16.16 -13.56 24.95
C ARG A 243 -16.75 -13.49 23.53
N ASP A 244 -16.07 -12.78 22.63
CA ASP A 244 -16.56 -12.63 21.27
C ASP A 244 -15.46 -12.22 20.29
N PHE A 245 -15.86 -11.98 19.05
CA PHE A 245 -14.92 -11.57 18.00
C PHE A 245 -14.22 -10.25 18.38
N ILE A 246 -14.96 -9.31 18.93
CA ILE A 246 -14.38 -8.02 19.30
C ILE A 246 -13.26 -8.17 20.34
N ASP A 247 -13.48 -9.02 21.37
CA ASP A 247 -12.44 -9.24 22.40
C ASP A 247 -11.19 -9.80 21.77
N SER A 248 -11.36 -10.85 20.95
CA SER A 248 -10.23 -11.48 20.29
C SER A 248 -9.44 -10.45 19.50
N PHE A 249 -10.14 -9.49 18.89
CA PHE A 249 -9.44 -8.46 18.13
C PHE A 249 -8.74 -7.50 19.09
N LEU A 250 -9.44 -7.08 20.15
CA LEU A 250 -8.88 -6.17 21.15
C LEU A 250 -7.61 -6.79 21.74
N ILE A 251 -7.68 -8.09 22.04
CA ILE A 251 -6.55 -8.82 22.56
C ILE A 251 -5.41 -8.76 21.54
N ARG A 252 -5.74 -9.04 20.28
CA ARG A 252 -4.70 -9.01 19.25
C ARG A 252 -4.10 -7.61 19.16
N MET A 253 -4.94 -6.58 19.24
CA MET A 253 -4.44 -5.20 19.19
C MET A 253 -3.47 -4.97 20.35
N GLN A 254 -3.83 -5.47 21.52
CA GLN A 254 -2.99 -5.35 22.71
C GLN A 254 -1.62 -5.91 22.38
N GLU A 255 -1.59 -7.16 21.92
CA GLU A 255 -0.35 -7.84 21.56
C GLU A 255 0.45 -7.12 20.49
N GLU A 256 -0.21 -6.36 19.63
CA GLU A 256 0.48 -5.68 18.55
C GLU A 256 0.78 -4.20 18.82
N GLU A 257 0.56 -3.74 20.05
CA GLU A 257 0.79 -2.34 20.39
C GLU A 257 2.21 -1.88 20.06
N LYS A 258 3.19 -2.72 20.37
CA LYS A 258 4.57 -2.37 20.11
C LYS A 258 4.89 -2.23 18.62
N ASN A 259 4.27 -3.06 17.78
CA ASN A 259 4.50 -3.04 16.33
C ASN A 259 3.79 -1.85 15.67
N PRO A 260 4.56 -0.89 15.14
CA PRO A 260 3.99 0.28 14.50
C PRO A 260 3.55 0.07 13.04
N ASN A 261 3.66 -1.17 12.57
CA ASN A 261 3.27 -1.51 11.21
C ASN A 261 2.02 -2.41 11.20
N THR A 262 1.53 -2.73 12.40
CA THR A 262 0.38 -3.62 12.58
C THR A 262 -0.91 -3.12 11.96
N GLU A 263 -1.69 -4.07 11.47
CA GLU A 263 -2.96 -3.78 10.83
C GLU A 263 -4.04 -3.84 11.89
N PHE A 264 -3.66 -4.36 13.04
CA PHE A 264 -4.60 -4.47 14.13
C PHE A 264 -4.72 -3.23 15.02
N TYR A 265 -5.63 -2.35 14.62
CA TYR A 265 -5.92 -1.12 15.36
C TYR A 265 -7.42 -0.95 15.27
N LEU A 266 -7.97 -0.01 16.04
CA LEU A 266 -9.41 0.21 16.12
C LEU A 266 -10.26 0.33 14.83
N LYS A 267 -9.80 1.12 13.87
CA LYS A 267 -10.56 1.31 12.64
C LYS A 267 -10.81 -0.03 11.95
N ASN A 268 -9.76 -0.82 11.79
CA ASN A 268 -9.89 -2.12 11.13
C ASN A 268 -10.81 -3.01 11.93
N LEU A 269 -10.80 -2.82 13.24
CA LEU A 269 -11.62 -3.58 14.16
C LEU A 269 -13.11 -3.27 13.93
N VAL A 270 -13.45 -1.99 13.98
CA VAL A 270 -14.82 -1.58 13.77
C VAL A 270 -15.34 -2.00 12.37
N MET A 271 -14.54 -1.76 11.34
CA MET A 271 -14.94 -2.08 9.96
C MET A 271 -15.00 -3.57 9.67
N THR A 272 -14.05 -4.33 10.20
CA THR A 272 -14.04 -5.76 10.00
C THR A 272 -15.28 -6.33 10.69
N THR A 273 -15.56 -5.85 11.90
CA THR A 273 -16.72 -6.33 12.62
C THR A 273 -18.00 -6.01 11.85
N LEU A 274 -18.07 -4.80 11.28
CA LEU A 274 -19.25 -4.41 10.48
C LEU A 274 -19.37 -5.36 9.26
N ASN A 275 -18.26 -5.63 8.56
CA ASN A 275 -18.29 -6.53 7.41
C ASN A 275 -18.98 -7.84 7.78
N LEU A 276 -18.56 -8.41 8.91
CA LEU A 276 -19.09 -9.70 9.39
C LEU A 276 -20.53 -9.62 9.83
N PHE A 277 -20.88 -8.55 10.53
CA PHE A 277 -22.24 -8.36 11.01
C PHE A 277 -23.21 -8.11 9.88
N PHE A 278 -22.80 -7.28 8.93
CA PHE A 278 -23.63 -6.94 7.76
C PHE A 278 -23.78 -8.15 6.81
N ALA A 279 -22.69 -8.70 6.30
CA ALA A 279 -22.74 -9.83 5.38
C ALA A 279 -23.34 -11.04 6.08
N GLY A 280 -22.99 -11.18 7.35
CA GLY A 280 -23.51 -12.28 8.14
C GLY A 280 -25.00 -12.15 8.29
N THR A 281 -25.54 -10.96 8.04
CA THR A 281 -26.98 -10.77 8.17
C THR A 281 -27.81 -10.73 6.88
N GLU A 282 -27.51 -9.71 6.07
CA GLU A 282 -28.27 -9.45 4.86
C GLU A 282 -28.28 -10.48 3.74
N THR A 283 -27.17 -11.19 3.56
CA THR A 283 -27.09 -12.18 2.50
C THR A 283 -28.05 -13.36 2.69
N VAL A 284 -27.85 -14.13 3.76
CA VAL A 284 -28.68 -15.30 4.05
C VAL A 284 -30.14 -14.89 4.24
N SER A 285 -30.35 -13.72 4.81
CA SER A 285 -31.70 -13.24 5.02
C SER A 285 -32.41 -12.99 3.69
N THR A 286 -31.69 -12.41 2.74
CA THR A 286 -32.26 -12.12 1.43
C THR A 286 -32.55 -13.41 0.66
N THR A 287 -31.65 -14.39 0.80
CA THR A 287 -31.82 -15.67 0.10
C THR A 287 -33.00 -16.46 0.66
N LEU A 288 -33.20 -16.41 1.98
CA LEU A 288 -34.35 -17.11 2.57
C LEU A 288 -35.65 -16.43 2.09
N ARG A 289 -35.72 -15.09 2.15
CA ARG A 289 -36.91 -14.35 1.68
C ARG A 289 -37.27 -14.71 0.23
N TYR A 290 -36.24 -14.77 -0.62
CA TYR A 290 -36.46 -15.09 -2.01
C TYR A 290 -36.92 -16.53 -2.12
N GLY A 291 -36.26 -17.41 -1.36
CA GLY A 291 -36.60 -18.82 -1.37
C GLY A 291 -38.07 -19.10 -1.09
N PHE A 292 -38.61 -18.47 -0.05
CA PHE A 292 -40.01 -18.69 0.28
C PHE A 292 -40.91 -18.24 -0.86
N LEU A 293 -40.59 -17.11 -1.46
CA LEU A 293 -41.41 -16.64 -2.57
C LEU A 293 -41.43 -17.69 -3.68
N LEU A 294 -40.27 -18.25 -3.99
CA LEU A 294 -40.17 -19.25 -5.05
C LEU A 294 -40.88 -20.54 -4.66
N LEU A 295 -40.85 -20.87 -3.38
CA LEU A 295 -41.50 -22.09 -2.91
C LEU A 295 -43.01 -21.98 -3.06
N MET A 296 -43.58 -20.82 -2.74
CA MET A 296 -45.02 -20.63 -2.88
C MET A 296 -45.41 -20.51 -4.36
N LYS A 297 -44.43 -20.23 -5.23
CA LYS A 297 -44.68 -20.10 -6.65
C LYS A 297 -44.68 -21.49 -7.26
N HIS A 298 -43.96 -22.40 -6.61
CA HIS A 298 -43.85 -23.77 -7.08
C HIS A 298 -44.21 -24.75 -5.96
N PRO A 299 -45.49 -24.76 -5.54
CA PRO A 299 -46.03 -25.62 -4.48
C PRO A 299 -45.64 -27.07 -4.67
N GLU A 300 -45.51 -27.46 -5.93
CA GLU A 300 -45.14 -28.81 -6.25
C GLU A 300 -43.74 -29.08 -5.75
N VAL A 301 -42.89 -28.05 -5.68
CA VAL A 301 -41.53 -28.25 -5.21
C VAL A 301 -41.48 -28.24 -3.68
N GLU A 302 -42.26 -27.36 -3.05
CA GLU A 302 -42.32 -27.32 -1.59
C GLU A 302 -42.81 -28.70 -1.12
N ALA A 303 -43.72 -29.29 -1.90
CA ALA A 303 -44.26 -30.59 -1.58
C ALA A 303 -43.18 -31.68 -1.51
N LYS A 304 -42.45 -31.88 -2.60
CA LYS A 304 -41.39 -32.90 -2.63
C LYS A 304 -40.33 -32.65 -1.55
N VAL A 305 -40.27 -31.44 -1.03
CA VAL A 305 -39.30 -31.10 0.01
C VAL A 305 -39.84 -31.63 1.33
N HIS A 306 -41.12 -31.37 1.58
CA HIS A 306 -41.75 -31.84 2.81
C HIS A 306 -41.58 -33.35 2.90
N GLU A 307 -41.86 -34.03 1.79
CA GLU A 307 -41.78 -35.48 1.75
C GLU A 307 -40.38 -35.98 2.07
N GLU A 308 -39.36 -35.21 1.69
CA GLU A 308 -38.01 -35.65 1.98
C GLU A 308 -37.66 -35.36 3.45
N ILE A 309 -38.24 -34.30 4.01
CA ILE A 309 -38.03 -33.92 5.40
C ILE A 309 -38.66 -35.01 6.28
N ASP A 310 -39.97 -35.16 6.15
CA ASP A 310 -40.74 -36.14 6.92
C ASP A 310 -40.17 -37.54 6.83
N ARG A 311 -39.65 -37.91 5.67
CA ARG A 311 -39.10 -39.25 5.49
C ARG A 311 -37.70 -39.46 6.04
N VAL A 312 -36.88 -38.42 6.09
CA VAL A 312 -35.50 -38.56 6.54
C VAL A 312 -35.19 -38.06 7.93
N ILE A 313 -35.78 -36.92 8.29
CA ILE A 313 -35.56 -36.33 9.59
C ILE A 313 -36.75 -36.68 10.49
N GLY A 314 -37.94 -36.76 9.90
CA GLY A 314 -39.11 -37.07 10.69
C GLY A 314 -39.81 -35.81 11.16
N LYS A 315 -40.94 -35.97 11.82
CA LYS A 315 -41.70 -34.82 12.30
C LYS A 315 -41.25 -34.47 13.72
N ASN A 316 -40.40 -35.32 14.28
CA ASN A 316 -39.91 -35.16 15.65
C ASN A 316 -38.66 -34.31 15.92
N ARG A 317 -37.48 -34.89 15.76
CA ARG A 317 -36.24 -34.17 16.05
C ARG A 317 -35.84 -33.04 15.08
N GLN A 318 -35.20 -32.02 15.65
CA GLN A 318 -34.76 -30.88 14.86
C GLN A 318 -33.67 -31.29 13.88
N PRO A 319 -33.75 -30.78 12.64
CA PRO A 319 -32.77 -31.09 11.61
C PRO A 319 -31.37 -30.76 12.05
N LYS A 320 -30.41 -31.44 11.43
CA LYS A 320 -29.01 -31.22 11.68
C LYS A 320 -28.31 -31.17 10.31
N PHE A 321 -27.22 -30.43 10.23
CA PHE A 321 -26.49 -30.24 8.99
C PHE A 321 -26.18 -31.57 8.30
N GLU A 322 -25.81 -32.55 9.12
CA GLU A 322 -25.47 -33.89 8.65
C GLU A 322 -26.57 -34.55 7.79
N ASP A 323 -27.81 -34.15 8.01
CA ASP A 323 -28.93 -34.72 7.26
C ASP A 323 -28.91 -34.38 5.78
N ARG A 324 -28.14 -33.37 5.38
CA ARG A 324 -28.13 -32.99 3.98
C ARG A 324 -27.67 -34.12 3.05
N ALA A 325 -26.87 -35.04 3.56
CA ALA A 325 -26.39 -36.16 2.75
C ALA A 325 -27.53 -37.09 2.29
N LYS A 326 -28.58 -37.18 3.09
CA LYS A 326 -29.71 -38.05 2.73
C LYS A 326 -30.85 -37.25 2.12
N MET A 327 -30.58 -36.02 1.73
CA MET A 327 -31.63 -35.16 1.16
C MET A 327 -31.21 -34.41 -0.11
N PRO A 328 -30.88 -35.15 -1.17
CA PRO A 328 -30.46 -34.53 -2.43
C PRO A 328 -31.47 -33.56 -3.03
N TYR A 329 -32.76 -33.81 -2.83
CA TYR A 329 -33.78 -32.94 -3.40
C TYR A 329 -33.88 -31.58 -2.72
N THR A 330 -33.69 -31.56 -1.41
CA THR A 330 -33.75 -30.32 -0.66
C THR A 330 -32.49 -29.56 -1.00
N GLU A 331 -31.36 -30.26 -1.06
CA GLU A 331 -30.08 -29.65 -1.37
C GLU A 331 -30.11 -29.04 -2.76
N ALA A 332 -30.85 -29.68 -3.65
CA ALA A 332 -30.99 -29.22 -5.02
C ALA A 332 -31.83 -27.96 -5.01
N VAL A 333 -32.95 -28.00 -4.29
CA VAL A 333 -33.85 -26.86 -4.20
C VAL A 333 -33.15 -25.63 -3.62
N ILE A 334 -32.26 -25.84 -2.65
CA ILE A 334 -31.56 -24.73 -2.03
C ILE A 334 -30.54 -24.15 -2.99
N HIS A 335 -29.77 -25.03 -3.62
CA HIS A 335 -28.79 -24.59 -4.59
C HIS A 335 -29.51 -23.81 -5.68
N GLU A 336 -30.62 -24.35 -6.16
CA GLU A 336 -31.36 -23.67 -7.22
C GLU A 336 -31.90 -22.36 -6.69
N ILE A 337 -32.19 -22.29 -5.40
CA ILE A 337 -32.69 -21.02 -4.86
C ILE A 337 -31.58 -19.98 -4.94
N GLN A 338 -30.38 -20.40 -4.60
CA GLN A 338 -29.22 -19.51 -4.65
C GLN A 338 -28.84 -19.13 -6.09
N ARG A 339 -28.88 -20.11 -7.01
CA ARG A 339 -28.55 -19.88 -8.40
C ARG A 339 -29.50 -18.87 -8.99
N PHE A 340 -30.79 -19.08 -8.76
CA PHE A 340 -31.85 -18.22 -9.28
C PHE A 340 -31.82 -16.86 -8.62
N GLY A 341 -31.56 -16.89 -7.31
CA GLY A 341 -31.50 -15.67 -6.51
C GLY A 341 -30.38 -14.76 -6.97
N ASP A 342 -29.28 -15.36 -7.45
CA ASP A 342 -28.16 -14.58 -7.99
C ASP A 342 -27.94 -13.30 -7.19
N MET A 343 -27.62 -13.46 -5.92
CA MET A 343 -27.47 -12.31 -5.04
C MET A 343 -26.58 -11.14 -5.48
N LEU A 344 -25.34 -11.42 -5.87
CA LEU A 344 -24.42 -10.38 -6.35
C LEU A 344 -24.21 -10.69 -7.82
N PRO A 345 -25.10 -10.19 -8.71
CA PRO A 345 -24.92 -10.52 -10.13
C PRO A 345 -23.62 -10.15 -10.83
N MET A 346 -23.04 -9.01 -10.50
CA MET A 346 -21.80 -8.64 -11.15
C MET A 346 -20.67 -8.99 -10.20
N GLY A 347 -20.97 -9.81 -9.20
CA GLY A 347 -19.97 -10.17 -8.20
C GLY A 347 -19.51 -8.95 -7.40
N LEU A 348 -18.42 -9.10 -6.66
CA LEU A 348 -17.86 -7.97 -5.93
C LEU A 348 -16.57 -7.77 -6.74
N ALA A 349 -16.36 -6.53 -7.17
CA ALA A 349 -15.22 -6.16 -7.99
C ALA A 349 -13.86 -6.51 -7.45
N HIS A 350 -13.03 -7.05 -8.33
CA HIS A 350 -11.66 -7.41 -8.05
C HIS A 350 -10.80 -6.42 -8.84
N ARG A 351 -9.49 -6.65 -8.82
CA ARG A 351 -8.56 -5.86 -9.57
C ARG A 351 -7.25 -6.61 -9.59
N VAL A 352 -6.50 -6.47 -10.68
CA VAL A 352 -5.25 -7.19 -10.78
C VAL A 352 -4.21 -6.47 -9.97
N ASN A 353 -3.40 -7.21 -9.22
CA ASN A 353 -2.40 -6.59 -8.37
C ASN A 353 -1.04 -6.40 -9.03
N LYS A 354 -0.97 -6.69 -10.32
CA LYS A 354 0.25 -6.51 -11.10
C LYS A 354 -0.11 -6.64 -12.57
N ASP A 355 0.84 -6.32 -13.44
CA ASP A 355 0.64 -6.43 -14.87
C ASP A 355 0.34 -7.89 -15.16
N THR A 356 -0.80 -8.14 -15.77
CA THR A 356 -1.23 -9.48 -16.02
C THR A 356 -1.57 -9.79 -17.46
N LYS A 357 -1.04 -10.91 -17.96
CA LYS A 357 -1.37 -11.34 -19.32
C LYS A 357 -2.52 -12.30 -19.07
N PHE A 358 -3.66 -12.00 -19.67
CA PHE A 358 -4.84 -12.83 -19.50
C PHE A 358 -5.36 -13.06 -20.90
N ARG A 359 -5.38 -14.31 -21.34
CA ARG A 359 -5.83 -14.64 -22.70
C ARG A 359 -4.99 -13.82 -23.68
N ASP A 360 -5.58 -13.13 -24.64
CA ASP A 360 -4.70 -12.35 -25.51
C ASP A 360 -4.68 -10.89 -25.12
N PHE A 361 -4.91 -10.64 -23.84
CA PHE A 361 -4.92 -9.29 -23.30
C PHE A 361 -3.80 -9.07 -22.29
N PHE A 362 -3.49 -7.82 -21.99
CA PHE A 362 -2.43 -7.49 -21.03
C PHE A 362 -3.00 -6.37 -20.16
N LEU A 363 -3.43 -6.74 -18.95
CA LEU A 363 -4.03 -5.80 -18.00
C LEU A 363 -3.00 -5.19 -17.05
N PRO A 364 -2.79 -3.87 -17.13
CA PRO A 364 -1.83 -3.20 -16.25
C PRO A 364 -2.25 -3.22 -14.80
N LYS A 365 -1.27 -3.17 -13.91
CA LYS A 365 -1.49 -3.17 -12.47
C LYS A 365 -2.64 -2.21 -12.06
N GLY A 366 -3.54 -2.68 -11.21
CA GLY A 366 -4.63 -1.82 -10.76
C GLY A 366 -5.93 -1.83 -11.56
N THR A 367 -5.93 -2.46 -12.73
CA THR A 367 -7.15 -2.52 -13.55
C THR A 367 -8.27 -3.25 -12.78
N GLU A 368 -9.45 -2.63 -12.71
CA GLU A 368 -10.60 -3.22 -12.04
C GLU A 368 -11.17 -4.33 -12.90
N VAL A 369 -11.76 -5.33 -12.25
CA VAL A 369 -12.31 -6.47 -12.92
C VAL A 369 -13.63 -6.90 -12.29
N PHE A 370 -14.66 -7.06 -13.11
CA PHE A 370 -15.95 -7.50 -12.63
C PHE A 370 -16.11 -8.96 -13.00
N PRO A 371 -16.17 -9.87 -12.00
CA PRO A 371 -16.34 -11.30 -12.27
C PRO A 371 -17.87 -11.42 -12.23
N MET A 372 -18.50 -11.50 -13.40
CA MET A 372 -19.96 -11.56 -13.45
C MET A 372 -20.55 -12.90 -13.04
N LEU A 373 -20.67 -13.08 -11.73
CA LEU A 373 -21.18 -14.30 -11.14
C LEU A 373 -22.54 -14.64 -11.72
N GLY A 374 -23.34 -13.61 -11.95
CA GLY A 374 -24.66 -13.83 -12.51
C GLY A 374 -24.58 -14.51 -13.87
N SER A 375 -23.55 -14.23 -14.65
CA SER A 375 -23.45 -14.85 -15.96
C SER A 375 -22.92 -16.29 -15.83
N VAL A 376 -22.34 -16.62 -14.68
CA VAL A 376 -21.87 -17.97 -14.48
C VAL A 376 -23.06 -18.82 -13.97
N LEU A 377 -23.87 -18.23 -13.10
CA LEU A 377 -25.03 -18.91 -12.56
C LEU A 377 -26.11 -19.14 -13.62
N ARG A 378 -26.02 -18.41 -14.73
CA ARG A 378 -27.02 -18.56 -15.78
C ARG A 378 -26.39 -18.98 -17.11
N ASP A 379 -25.16 -19.47 -17.05
CA ASP A 379 -24.44 -19.90 -18.24
C ASP A 379 -25.23 -21.05 -18.90
N PRO A 380 -25.57 -20.89 -20.19
CA PRO A 380 -26.34 -21.94 -20.87
C PRO A 380 -25.58 -23.24 -21.10
N ARG A 381 -24.26 -23.19 -21.02
CA ARG A 381 -23.51 -24.41 -21.21
C ARG A 381 -23.57 -25.29 -19.95
N PHE A 382 -24.07 -24.73 -18.85
CA PHE A 382 -24.14 -25.52 -17.61
C PHE A 382 -25.55 -25.66 -17.05
N PHE A 383 -26.48 -24.87 -17.56
CA PHE A 383 -27.87 -24.96 -17.13
C PHE A 383 -28.77 -24.87 -18.35
N SER A 384 -29.77 -25.75 -18.40
CA SER A 384 -30.70 -25.80 -19.52
C SER A 384 -31.78 -24.73 -19.52
N ASN A 385 -32.27 -24.37 -18.35
CA ASN A 385 -33.31 -23.35 -18.27
C ASN A 385 -32.81 -22.22 -17.36
N PRO A 386 -31.66 -21.65 -17.71
CA PRO A 386 -31.04 -20.56 -16.93
C PRO A 386 -31.96 -19.50 -16.35
N ARG A 387 -33.05 -19.17 -17.06
CA ARG A 387 -33.98 -18.15 -16.59
C ARG A 387 -35.21 -18.67 -15.85
N ASP A 388 -35.22 -19.96 -15.51
CA ASP A 388 -36.37 -20.54 -14.81
C ASP A 388 -35.98 -21.16 -13.49
N PHE A 389 -36.95 -21.23 -12.58
CA PHE A 389 -36.70 -21.85 -11.28
C PHE A 389 -36.88 -23.34 -11.48
N ASN A 390 -35.78 -24.09 -11.59
CA ASN A 390 -35.85 -25.53 -11.81
C ASN A 390 -34.85 -26.35 -10.99
N PRO A 391 -35.32 -26.97 -9.88
CA PRO A 391 -34.50 -27.80 -8.99
C PRO A 391 -33.75 -28.93 -9.69
N GLN A 392 -34.19 -29.29 -10.89
CA GLN A 392 -33.53 -30.36 -11.66
C GLN A 392 -32.11 -29.99 -12.11
N HIS A 393 -31.77 -28.70 -12.14
CA HIS A 393 -30.42 -28.30 -12.54
C HIS A 393 -29.39 -28.94 -11.61
N PHE A 394 -29.84 -29.43 -10.46
CA PHE A 394 -28.93 -30.03 -9.50
C PHE A 394 -29.21 -31.47 -9.13
N LEU A 395 -30.00 -32.15 -9.97
CA LEU A 395 -30.33 -33.55 -9.75
C LEU A 395 -30.03 -34.34 -11.01
N ASP A 396 -29.42 -35.51 -10.87
CA ASP A 396 -29.13 -36.35 -12.03
C ASP A 396 -30.37 -37.17 -12.42
N LYS A 397 -30.21 -38.03 -13.43
CA LYS A 397 -31.27 -38.88 -13.94
C LYS A 397 -31.88 -39.76 -12.84
N LYS A 398 -31.00 -40.34 -12.02
CA LYS A 398 -31.38 -41.21 -10.92
C LYS A 398 -32.06 -40.45 -9.77
N GLY A 399 -31.91 -39.12 -9.74
CA GLY A 399 -32.51 -38.33 -8.67
C GLY A 399 -31.56 -38.00 -7.53
N GLN A 400 -30.26 -38.13 -7.78
CA GLN A 400 -29.23 -37.83 -6.80
C GLN A 400 -28.75 -36.37 -6.98
N PHE A 401 -28.08 -35.84 -5.97
CA PHE A 401 -27.59 -34.47 -6.03
C PHE A 401 -26.45 -34.37 -7.01
N LYS A 402 -26.49 -33.36 -7.88
CA LYS A 402 -25.43 -33.20 -8.86
C LYS A 402 -24.77 -31.82 -8.78
N LYS A 403 -23.48 -31.80 -8.45
CA LYS A 403 -22.75 -30.54 -8.37
C LYS A 403 -22.63 -29.98 -9.78
N SER A 404 -22.29 -28.69 -9.84
CA SER A 404 -22.06 -28.00 -11.11
C SER A 404 -20.94 -27.00 -10.85
N ASP A 405 -19.94 -26.99 -11.72
CA ASP A 405 -18.85 -26.07 -11.51
C ASP A 405 -19.29 -24.65 -11.81
N ALA A 406 -20.52 -24.46 -12.27
CA ALA A 406 -20.98 -23.13 -12.54
C ALA A 406 -21.70 -22.53 -11.32
N PHE A 407 -21.83 -23.31 -10.25
CA PHE A 407 -22.49 -22.83 -9.01
C PHE A 407 -21.47 -21.99 -8.27
N VAL A 408 -21.52 -20.67 -8.44
CA VAL A 408 -20.54 -19.81 -7.80
C VAL A 408 -21.13 -18.63 -7.04
N PRO A 409 -22.25 -18.85 -6.33
CA PRO A 409 -22.86 -17.76 -5.57
C PRO A 409 -21.91 -17.09 -4.55
N PHE A 410 -20.94 -17.86 -4.08
CA PHE A 410 -19.94 -17.44 -3.09
C PHE A 410 -18.63 -17.02 -3.75
N SER A 411 -18.63 -16.99 -5.07
CA SER A 411 -17.45 -16.65 -5.84
C SER A 411 -16.41 -17.76 -5.71
N ILE A 412 -15.23 -17.53 -6.28
CA ILE A 412 -14.18 -18.52 -6.28
C ILE A 412 -12.85 -17.80 -6.22
N GLY A 413 -11.78 -18.57 -6.09
CA GLY A 413 -10.46 -18.00 -6.01
C GLY A 413 -10.08 -17.55 -4.59
N LYS A 414 -9.04 -16.73 -4.52
CA LYS A 414 -8.52 -16.27 -3.25
C LYS A 414 -9.36 -15.33 -2.38
N ARG A 415 -10.34 -14.64 -2.96
CA ARG A 415 -11.18 -13.76 -2.17
C ARG A 415 -12.56 -14.36 -1.97
N TYR A 416 -12.69 -15.65 -2.22
CA TYR A 416 -13.98 -16.32 -2.06
C TYR A 416 -14.53 -16.13 -0.65
N CYS A 417 -15.86 -16.01 -0.55
CA CYS A 417 -16.50 -15.81 0.73
C CYS A 417 -16.04 -16.81 1.80
N PHE A 418 -15.33 -16.35 2.83
CA PHE A 418 -14.91 -17.27 3.88
C PHE A 418 -16.07 -17.50 4.85
N GLY A 419 -17.22 -16.89 4.53
CA GLY A 419 -18.40 -17.10 5.35
C GLY A 419 -19.22 -18.19 4.68
N GLU A 420 -18.68 -18.84 3.66
CA GLU A 420 -19.45 -19.85 2.94
C GLU A 420 -19.93 -21.03 3.81
N GLY A 421 -19.02 -21.60 4.59
CA GLY A 421 -19.42 -22.71 5.45
C GLY A 421 -20.59 -22.32 6.34
N LEU A 422 -20.49 -21.15 6.95
CA LEU A 422 -21.55 -20.67 7.81
C LEU A 422 -22.87 -20.43 7.10
N ALA A 423 -22.81 -19.90 5.88
CA ALA A 423 -24.04 -19.62 5.14
C ALA A 423 -24.79 -20.87 4.70
N ARG A 424 -24.05 -21.88 4.28
CA ARG A 424 -24.72 -23.08 3.82
C ARG A 424 -25.34 -23.82 5.00
N MET A 425 -24.68 -23.78 6.16
CA MET A 425 -25.22 -24.46 7.32
C MET A 425 -26.49 -23.74 7.73
N GLU A 426 -26.47 -22.40 7.71
CA GLU A 426 -27.66 -21.63 8.08
C GLU A 426 -28.76 -21.82 7.06
N LEU A 427 -28.39 -21.82 5.78
CA LEU A 427 -29.36 -22.00 4.71
C LEU A 427 -30.02 -23.37 4.86
N PHE A 428 -29.22 -24.40 5.09
CA PHE A 428 -29.82 -25.71 5.23
C PHE A 428 -30.66 -25.88 6.50
N LEU A 429 -30.16 -25.37 7.63
CA LEU A 429 -30.89 -25.52 8.88
C LEU A 429 -32.13 -24.66 8.99
N PHE A 430 -32.13 -23.43 8.47
CA PHE A 430 -33.36 -22.65 8.57
C PHE A 430 -34.43 -23.13 7.59
N PHE A 431 -34.05 -23.41 6.35
CA PHE A 431 -35.02 -23.88 5.39
C PHE A 431 -35.71 -25.16 5.86
N THR A 432 -34.88 -26.15 6.18
CA THR A 432 -35.37 -27.45 6.61
C THR A 432 -36.14 -27.37 7.94
N THR A 433 -35.58 -26.71 8.94
CA THR A 433 -36.28 -26.58 10.23
C THR A 433 -37.57 -25.80 10.10
N ILE A 434 -37.65 -24.87 9.15
CA ILE A 434 -38.88 -24.09 9.00
C ILE A 434 -39.96 -24.92 8.33
N MET A 435 -39.58 -25.64 7.28
CA MET A 435 -40.54 -26.47 6.55
C MET A 435 -40.84 -27.79 7.26
N GLN A 436 -40.10 -28.10 8.32
CA GLN A 436 -40.37 -29.31 9.09
C GLN A 436 -41.66 -29.02 9.84
N ASN A 437 -41.84 -27.76 10.19
CA ASN A 437 -42.99 -27.26 10.94
C ASN A 437 -44.16 -26.69 10.12
N PHE A 438 -43.85 -25.84 9.14
CA PHE A 438 -44.93 -25.22 8.37
C PHE A 438 -45.00 -25.51 6.87
N ARG A 439 -46.11 -25.03 6.31
CA ARG A 439 -46.40 -25.10 4.89
C ARG A 439 -46.67 -23.62 4.63
N PHE A 440 -46.20 -23.12 3.49
CA PHE A 440 -46.32 -21.71 3.14
C PHE A 440 -47.60 -21.36 2.38
N LYS A 441 -48.28 -20.30 2.82
CA LYS A 441 -49.51 -19.89 2.18
C LYS A 441 -49.45 -18.43 1.70
N SER A 442 -49.60 -18.24 0.39
CA SER A 442 -49.57 -16.91 -0.20
C SER A 442 -50.98 -16.39 -0.41
N PRO A 443 -51.19 -15.07 -0.25
CA PRO A 443 -52.55 -14.56 -0.46
C PRO A 443 -52.88 -14.46 -1.95
N GLN A 444 -51.98 -14.96 -2.78
CA GLN A 444 -52.17 -14.94 -4.23
C GLN A 444 -51.95 -16.34 -4.75
N SER A 445 -52.54 -16.63 -5.91
CA SER A 445 -52.40 -17.92 -6.53
C SER A 445 -51.06 -18.00 -7.22
N PRO A 446 -50.42 -19.17 -7.20
CA PRO A 446 -49.11 -19.36 -7.84
C PRO A 446 -48.92 -18.73 -9.21
N LYS A 447 -49.99 -18.55 -9.96
CA LYS A 447 -49.85 -17.98 -11.28
C LYS A 447 -49.60 -16.47 -11.27
N ASP A 448 -50.09 -15.78 -10.25
CA ASP A 448 -49.91 -14.33 -10.15
C ASP A 448 -48.74 -13.89 -9.27
N ILE A 449 -47.98 -14.84 -8.73
CA ILE A 449 -46.84 -14.51 -7.89
C ILE A 449 -45.68 -14.12 -8.80
N ASP A 450 -45.21 -12.89 -8.68
CA ASP A 450 -44.11 -12.43 -9.54
C ASP A 450 -42.78 -12.65 -8.82
N VAL A 451 -41.99 -13.61 -9.31
CA VAL A 451 -40.70 -13.89 -8.71
C VAL A 451 -39.55 -13.22 -9.48
N SER A 452 -39.88 -12.30 -10.39
CA SER A 452 -38.81 -11.59 -11.09
C SER A 452 -38.30 -10.62 -10.02
N PRO A 453 -37.02 -10.24 -10.08
CA PRO A 453 -36.54 -9.33 -9.05
C PRO A 453 -37.06 -7.90 -9.12
N LYS A 454 -37.23 -7.28 -7.95
CA LYS A 454 -37.68 -5.91 -7.81
C LYS A 454 -36.57 -4.92 -8.26
N HIS A 455 -35.33 -5.30 -7.97
CA HIS A 455 -34.16 -4.50 -8.33
C HIS A 455 -33.02 -5.42 -8.60
N VAL A 456 -32.22 -5.04 -9.59
CA VAL A 456 -31.00 -5.77 -9.91
C VAL A 456 -29.94 -4.71 -10.16
N GLY A 457 -28.86 -4.79 -9.38
CA GLY A 457 -27.73 -3.89 -9.49
C GLY A 457 -26.54 -4.57 -8.84
N PHE A 458 -25.98 -3.97 -7.79
CA PHE A 458 -24.87 -4.62 -7.12
C PHE A 458 -25.42 -5.95 -6.56
N ALA A 459 -26.70 -5.90 -6.19
CA ALA A 459 -27.41 -7.02 -5.62
C ALA A 459 -28.74 -7.22 -6.33
N THR A 460 -29.31 -8.40 -6.13
CA THR A 460 -30.60 -8.77 -6.67
C THR A 460 -31.57 -8.82 -5.51
N ILE A 461 -32.59 -7.99 -5.57
CA ILE A 461 -33.58 -7.92 -4.50
C ILE A 461 -34.96 -8.45 -4.89
N PRO A 462 -35.57 -9.33 -4.06
CA PRO A 462 -36.90 -9.88 -4.36
C PRO A 462 -38.01 -8.87 -4.11
N ARG A 463 -39.15 -9.06 -4.78
CA ARG A 463 -40.28 -8.16 -4.59
C ARG A 463 -40.83 -8.32 -3.19
N ASN A 464 -41.56 -7.32 -2.73
CA ASN A 464 -42.16 -7.38 -1.40
C ASN A 464 -43.35 -8.32 -1.49
N TYR A 465 -43.64 -9.00 -0.39
CA TYR A 465 -44.77 -9.91 -0.37
C TYR A 465 -45.09 -10.26 1.06
N THR A 466 -46.29 -10.77 1.26
CA THR A 466 -46.79 -11.18 2.57
C THR A 466 -47.12 -12.64 2.41
N MET A 467 -47.16 -13.37 3.53
CA MET A 467 -47.47 -14.79 3.48
C MET A 467 -48.03 -15.26 4.80
N SER A 468 -48.40 -16.54 4.85
CA SER A 468 -48.92 -17.14 6.06
C SER A 468 -48.16 -18.40 6.38
N PHE A 469 -47.85 -18.58 7.65
CA PHE A 469 -47.14 -19.76 8.09
C PHE A 469 -48.15 -20.64 8.80
N LEU A 470 -48.65 -21.65 8.09
CA LEU A 470 -49.64 -22.58 8.63
C LEU A 470 -48.99 -23.91 8.97
N PRO A 471 -49.28 -24.41 10.18
CA PRO A 471 -48.72 -25.70 10.63
C PRO A 471 -49.09 -26.86 9.72
N ARG A 472 -48.14 -27.78 9.53
CA ARG A 472 -48.33 -28.95 8.69
C ARG A 472 -48.83 -30.12 9.53
N GLY B 9 -20.64 22.15 18.95
CA GLY B 9 -19.77 23.18 18.30
C GLY B 9 -20.09 23.42 16.84
N LYS B 10 -20.25 24.69 16.45
CA LYS B 10 -20.57 25.03 15.07
C LYS B 10 -19.41 25.58 14.24
N LEU B 11 -19.50 25.35 12.92
CA LEU B 11 -18.48 25.86 12.02
C LEU B 11 -18.57 27.38 11.92
N PRO B 12 -17.45 28.02 11.60
CA PRO B 12 -17.39 29.47 11.45
C PRO B 12 -18.48 29.88 10.44
N PRO B 13 -19.03 31.09 10.58
CA PRO B 13 -20.06 31.53 9.64
C PRO B 13 -19.55 31.65 8.19
N GLY B 14 -20.48 31.67 7.23
CA GLY B 14 -20.12 31.79 5.83
C GLY B 14 -21.33 31.84 4.92
N PRO B 15 -21.15 32.23 3.65
CA PRO B 15 -22.27 32.31 2.70
C PRO B 15 -22.85 30.91 2.43
N THR B 16 -24.18 30.78 2.34
CA THR B 16 -24.76 29.45 2.09
C THR B 16 -24.33 28.90 0.72
N PRO B 17 -23.87 27.65 0.68
CA PRO B 17 -23.42 26.98 -0.53
C PRO B 17 -24.49 26.15 -1.25
N LEU B 18 -24.16 25.68 -2.45
CA LEU B 18 -25.08 24.80 -3.16
C LEU B 18 -24.38 23.46 -3.20
N PRO B 19 -25.16 22.38 -3.26
CA PRO B 19 -24.54 21.05 -3.31
C PRO B 19 -23.50 20.97 -4.43
N PHE B 20 -22.39 20.35 -4.08
CA PHE B 20 -21.25 20.12 -4.95
C PHE B 20 -20.58 21.37 -5.52
N ILE B 21 -21.34 22.35 -6.00
CA ILE B 21 -20.65 23.52 -6.50
C ILE B 21 -20.20 24.46 -5.37
N GLY B 22 -20.62 24.19 -4.14
CA GLY B 22 -20.18 25.01 -3.04
C GLY B 22 -20.57 26.48 -3.16
N ASN B 23 -19.60 27.37 -2.98
CA ASN B 23 -19.89 28.79 -3.05
C ASN B 23 -19.43 29.42 -4.35
N TYR B 24 -19.45 28.62 -5.41
CA TYR B 24 -19.06 29.07 -6.76
C TYR B 24 -19.62 30.43 -7.11
N LEU B 25 -20.89 30.66 -6.80
CA LEU B 25 -21.56 31.92 -7.10
C LEU B 25 -21.08 33.15 -6.33
N GLN B 26 -20.42 32.95 -5.19
CA GLN B 26 -19.88 34.09 -4.43
C GLN B 26 -18.38 34.21 -4.72
N LEU B 27 -17.85 33.30 -5.53
CA LEU B 27 -16.42 33.29 -5.83
C LEU B 27 -16.03 33.64 -7.26
N ASN B 28 -14.95 34.40 -7.41
CA ASN B 28 -14.49 34.76 -8.73
C ASN B 28 -13.17 34.10 -9.01
N THR B 29 -13.26 33.01 -9.74
CA THR B 29 -12.15 32.21 -10.15
C THR B 29 -11.02 32.99 -10.81
N GLU B 30 -11.31 34.16 -11.32
CA GLU B 30 -10.27 34.96 -11.94
C GLU B 30 -9.45 35.75 -10.89
N GLN B 31 -10.03 35.89 -9.70
CA GLN B 31 -9.37 36.62 -8.63
C GLN B 31 -9.87 36.06 -7.32
N MET B 32 -9.38 34.88 -6.96
CA MET B 32 -9.82 34.21 -5.74
C MET B 32 -9.59 35.01 -4.45
N TYR B 33 -8.36 35.49 -4.25
CA TYR B 33 -8.03 36.27 -3.06
C TYR B 33 -9.02 37.38 -2.80
N ASN B 34 -9.29 38.23 -3.80
CA ASN B 34 -10.25 39.31 -3.63
C ASN B 34 -11.63 38.81 -3.29
N SER B 35 -11.99 37.66 -3.85
CA SER B 35 -13.31 37.08 -3.60
C SER B 35 -13.39 36.68 -2.15
N LEU B 36 -12.34 36.01 -1.66
CA LEU B 36 -12.33 35.59 -0.27
C LEU B 36 -12.39 36.84 0.62
N MET B 37 -11.56 37.84 0.32
CA MET B 37 -11.57 39.07 1.09
C MET B 37 -12.94 39.74 1.13
N LYS B 38 -13.62 39.86 -0.02
CA LYS B 38 -14.95 40.49 0.02
C LYS B 38 -15.88 39.67 0.88
N ILE B 39 -15.61 38.37 0.98
CA ILE B 39 -16.43 37.54 1.83
C ILE B 39 -16.05 37.84 3.32
N SER B 40 -14.77 38.15 3.57
CA SER B 40 -14.34 38.51 4.93
C SER B 40 -15.05 39.77 5.37
N GLU B 41 -15.14 40.74 4.45
CA GLU B 41 -15.77 42.02 4.72
C GLU B 41 -17.17 41.88 5.25
N ARG B 42 -17.79 40.75 4.96
CA ARG B 42 -19.15 40.54 5.42
C ARG B 42 -19.34 39.55 6.56
N TYR B 43 -18.52 38.51 6.61
CA TYR B 43 -18.67 37.48 7.63
C TYR B 43 -17.69 37.58 8.77
N GLY B 44 -16.53 38.15 8.50
CA GLY B 44 -15.54 38.30 9.55
C GLY B 44 -14.22 37.69 9.18
N PRO B 45 -13.24 37.73 10.09
CA PRO B 45 -11.89 37.19 9.87
C PRO B 45 -11.79 35.67 9.79
N VAL B 46 -12.81 34.98 10.28
CA VAL B 46 -12.78 33.53 10.28
C VAL B 46 -14.11 33.06 9.76
N PHE B 47 -14.09 32.46 8.56
CA PHE B 47 -15.33 32.02 7.95
C PHE B 47 -15.21 30.74 7.15
N THR B 48 -16.36 30.16 6.87
CA THR B 48 -16.42 28.91 6.13
C THR B 48 -16.80 29.21 4.67
N ILE B 49 -16.09 28.56 3.76
CA ILE B 49 -16.29 28.73 2.33
C ILE B 49 -16.22 27.33 1.69
N HIS B 50 -17.00 27.09 0.64
CA HIS B 50 -16.93 25.78 -0.01
C HIS B 50 -16.40 25.94 -1.44
N LEU B 51 -15.17 25.49 -1.66
CA LEU B 51 -14.55 25.55 -2.97
C LEU B 51 -15.01 24.27 -3.65
N GLY B 52 -16.12 24.36 -4.38
CA GLY B 52 -16.63 23.14 -4.97
C GLY B 52 -16.98 22.30 -3.76
N PRO B 53 -16.65 21.01 -3.73
CA PRO B 53 -17.01 20.22 -2.54
C PRO B 53 -16.10 20.36 -1.29
N ARG B 54 -14.95 21.00 -1.44
CA ARG B 54 -13.99 21.19 -0.32
C ARG B 54 -14.45 22.20 0.72
N ARG B 55 -14.79 21.74 1.93
CA ARG B 55 -15.20 22.68 2.96
C ARG B 55 -13.92 23.30 3.56
N VAL B 56 -13.79 24.62 3.46
CA VAL B 56 -12.58 25.28 3.92
C VAL B 56 -12.82 26.34 4.97
N VAL B 57 -11.95 26.42 5.97
CA VAL B 57 -12.08 27.49 6.96
C VAL B 57 -10.98 28.48 6.60
N VAL B 58 -11.39 29.71 6.32
CA VAL B 58 -10.45 30.75 5.93
C VAL B 58 -10.12 31.68 7.09
N LEU B 59 -8.82 31.89 7.33
CA LEU B 59 -8.34 32.77 8.40
C LEU B 59 -7.72 34.04 7.84
N CYS B 60 -8.34 35.18 8.12
CA CYS B 60 -7.83 36.47 7.65
C CYS B 60 -7.26 37.33 8.79
N GLY B 61 -6.23 38.14 8.50
CA GLY B 61 -5.67 39.00 9.53
C GLY B 61 -4.63 38.34 10.41
N HIS B 62 -3.75 39.17 10.97
CA HIS B 62 -2.67 38.69 11.82
C HIS B 62 -3.10 37.83 13.01
N ASP B 63 -4.11 38.26 13.75
CA ASP B 63 -4.53 37.52 14.94
C ASP B 63 -5.05 36.12 14.66
N ALA B 64 -6.06 36.05 13.78
CA ALA B 64 -6.67 34.78 13.43
C ALA B 64 -5.63 33.80 12.92
N VAL B 65 -4.72 34.27 12.07
CA VAL B 65 -3.71 33.37 11.53
C VAL B 65 -2.71 32.94 12.57
N LYS B 66 -2.22 33.89 13.34
CA LYS B 66 -1.26 33.61 14.40
C LYS B 66 -1.93 32.69 15.44
N GLU B 67 -3.14 33.03 15.86
CA GLU B 67 -3.85 32.19 16.84
C GLU B 67 -3.93 30.73 16.44
N ALA B 68 -4.10 30.45 15.15
CA ALA B 68 -4.21 29.07 14.67
C ALA B 68 -2.88 28.38 14.40
N LEU B 69 -2.07 28.97 13.53
CA LEU B 69 -0.83 28.31 13.21
C LEU B 69 0.24 28.40 14.29
N VAL B 70 0.10 29.36 15.21
CA VAL B 70 1.08 29.48 16.29
C VAL B 70 0.54 28.85 17.58
N ASP B 71 -0.45 29.50 18.17
CA ASP B 71 -1.03 29.03 19.42
C ASP B 71 -1.56 27.57 19.41
N GLN B 72 -2.13 27.14 18.29
CA GLN B 72 -2.61 25.77 18.20
C GLN B 72 -1.89 25.16 17.01
N ALA B 73 -0.60 25.47 16.95
CA ALA B 73 0.29 25.03 15.89
C ALA B 73 0.18 23.55 15.53
N GLU B 74 0.03 22.71 16.54
CA GLU B 74 -0.03 21.28 16.31
C GLU B 74 -1.35 20.82 15.69
N GLU B 75 -2.43 21.44 16.10
CA GLU B 75 -3.72 21.04 15.57
C GLU B 75 -3.90 21.48 14.12
N PHE B 76 -3.27 22.58 13.73
CA PHE B 76 -3.37 23.07 12.38
C PHE B 76 -2.14 22.79 11.54
N SER B 77 -1.37 21.78 11.93
CA SER B 77 -0.14 21.45 11.21
C SER B 77 -0.42 20.54 10.02
N GLY B 78 -1.68 20.22 9.79
CA GLY B 78 -2.01 19.37 8.65
C GLY B 78 -1.87 20.12 7.34
N ARG B 79 -1.69 19.36 6.27
CA ARG B 79 -1.56 19.89 4.90
C ARG B 79 -2.88 19.71 4.13
N GLY B 80 -3.49 20.82 3.73
CA GLY B 80 -4.74 20.74 2.98
C GLY B 80 -4.39 20.34 1.55
N GLU B 81 -5.29 20.57 0.60
CA GLU B 81 -4.92 20.20 -0.76
C GLU B 81 -4.62 21.35 -1.70
N GLN B 82 -3.93 20.98 -2.78
CA GLN B 82 -3.59 21.87 -3.87
C GLN B 82 -3.77 20.86 -5.01
N ALA B 83 -4.97 20.82 -5.57
CA ALA B 83 -5.32 19.88 -6.63
C ALA B 83 -4.32 19.70 -7.78
N THR B 84 -3.83 20.78 -8.37
CA THR B 84 -2.86 20.65 -9.48
C THR B 84 -1.62 19.86 -9.09
N PHE B 85 -1.00 20.22 -7.97
CA PHE B 85 0.19 19.50 -7.53
C PHE B 85 -0.15 18.11 -6.98
N ASP B 86 -1.27 17.97 -6.28
CA ASP B 86 -1.64 16.65 -5.73
C ASP B 86 -1.79 15.61 -6.82
N TRP B 87 -2.16 16.06 -8.01
CA TRP B 87 -2.34 15.17 -9.16
C TRP B 87 -1.06 14.37 -9.35
N LEU B 88 0.10 15.02 -9.18
CA LEU B 88 1.36 14.31 -9.34
C LEU B 88 1.84 13.65 -8.04
N PHE B 89 2.05 14.45 -7.01
CA PHE B 89 2.56 13.96 -5.73
C PHE B 89 1.74 12.87 -5.04
N LYS B 90 0.42 13.04 -5.02
CA LYS B 90 -0.44 12.04 -4.40
C LYS B 90 -0.08 11.70 -2.96
N GLY B 91 0.08 12.72 -2.13
CA GLY B 91 0.41 12.50 -0.73
C GLY B 91 1.89 12.27 -0.45
N TYR B 92 2.65 11.94 -1.49
CA TYR B 92 4.08 11.69 -1.36
C TYR B 92 4.92 12.96 -1.42
N GLY B 93 6.15 12.91 -0.90
CA GLY B 93 7.01 14.08 -0.89
C GLY B 93 6.87 14.86 0.41
N VAL B 94 7.82 15.76 0.71
CA VAL B 94 7.74 16.51 1.96
C VAL B 94 6.73 17.64 2.03
N ALA B 95 6.49 18.32 0.92
CA ALA B 95 5.57 19.45 0.94
C ALA B 95 4.08 19.14 0.95
N PHE B 96 3.67 18.10 0.23
CA PHE B 96 2.24 17.79 0.19
C PHE B 96 1.91 16.50 0.89
N SER B 97 2.65 16.22 1.95
CA SER B 97 2.41 15.02 2.75
C SER B 97 1.85 15.43 4.09
N ASN B 98 1.32 14.46 4.82
CA ASN B 98 0.74 14.72 6.14
C ASN B 98 1.37 13.84 7.20
N GLY B 99 1.04 14.15 8.46
CA GLY B 99 1.54 13.36 9.56
C GLY B 99 2.99 12.96 9.58
N GLU B 100 3.22 11.68 9.87
CA GLU B 100 4.56 11.09 9.99
C GLU B 100 5.46 11.20 8.75
N ARG B 101 4.87 11.06 7.57
CA ARG B 101 5.64 11.14 6.33
C ARG B 101 6.25 12.54 6.22
N ALA B 102 5.43 13.53 6.52
CA ALA B 102 5.86 14.92 6.48
C ALA B 102 6.91 15.19 7.56
N LYS B 103 6.64 14.72 8.77
CA LYS B 103 7.56 14.95 9.88
C LYS B 103 8.96 14.43 9.55
N GLN B 104 9.04 13.19 9.10
CA GLN B 104 10.30 12.56 8.76
C GLN B 104 11.02 13.25 7.63
N LEU B 105 10.31 13.51 6.53
CA LEU B 105 10.92 14.15 5.38
C LEU B 105 11.33 15.58 5.70
N ARG B 106 10.56 16.27 6.53
CA ARG B 106 10.91 17.63 6.88
C ARG B 106 12.17 17.72 7.75
N ARG B 107 12.29 16.83 8.72
CA ARG B 107 13.45 16.85 9.62
C ARG B 107 14.68 16.49 8.83
N PHE B 108 14.54 15.49 7.96
CA PHE B 108 15.65 15.07 7.12
C PHE B 108 16.09 16.19 6.19
N SER B 109 15.17 16.66 5.34
CA SER B 109 15.47 17.73 4.40
C SER B 109 16.19 18.89 5.07
N ILE B 110 15.65 19.33 6.18
CA ILE B 110 16.25 20.42 6.92
C ILE B 110 17.71 20.15 7.30
N ALA B 111 17.96 19.04 7.97
CA ALA B 111 19.34 18.72 8.38
C ALA B 111 20.25 18.62 7.16
N THR B 112 19.77 18.02 6.08
CA THR B 112 20.59 17.87 4.91
C THR B 112 20.94 19.17 4.20
N LEU B 113 20.00 20.11 4.13
CA LEU B 113 20.31 21.37 3.46
C LEU B 113 21.40 22.08 4.25
N ARG B 114 21.32 21.96 5.56
CA ARG B 114 22.31 22.57 6.44
C ARG B 114 23.65 21.84 6.39
N GLY B 115 23.61 20.51 6.31
CA GLY B 115 24.84 19.75 6.22
C GLY B 115 25.42 19.89 4.83
N PHE B 116 24.83 20.79 4.08
CA PHE B 116 25.25 21.06 2.72
C PHE B 116 25.66 22.52 2.72
N GLY B 117 25.78 23.09 3.91
CA GLY B 117 26.20 24.48 4.03
C GLY B 117 25.14 25.56 3.90
N VAL B 118 23.86 25.19 4.04
CA VAL B 118 22.79 26.20 3.96
C VAL B 118 22.79 26.95 5.28
N GLY B 119 22.63 28.27 5.23
CA GLY B 119 22.65 29.05 6.45
C GLY B 119 24.10 29.32 6.84
N LYS B 120 25.01 28.52 6.27
CA LYS B 120 26.45 28.64 6.53
C LYS B 120 27.12 29.56 5.50
N ARG B 121 28.36 29.26 5.14
CA ARG B 121 29.09 30.07 4.18
C ARG B 121 29.37 29.25 2.92
N GLY B 122 29.27 27.94 3.06
CA GLY B 122 29.49 27.08 1.91
C GLY B 122 28.52 27.44 0.80
N ILE B 123 27.23 27.52 1.16
CA ILE B 123 26.20 27.86 0.20
C ILE B 123 26.30 29.34 -0.15
N GLU B 124 26.71 30.15 0.83
CA GLU B 124 26.87 31.58 0.62
C GLU B 124 27.78 31.85 -0.57
N GLU B 125 28.90 31.14 -0.65
CA GLU B 125 29.81 31.35 -1.76
C GLU B 125 29.34 30.63 -3.03
N ARG B 126 28.41 29.69 -2.87
CA ARG B 126 27.85 28.98 -4.02
C ARG B 126 26.89 29.98 -4.67
N ILE B 127 26.25 30.80 -3.84
CA ILE B 127 25.32 31.81 -4.33
C ILE B 127 26.11 32.97 -4.91
N GLN B 128 27.17 33.38 -4.21
CA GLN B 128 28.04 34.48 -4.65
C GLN B 128 28.60 34.19 -6.02
N GLU B 129 28.97 32.94 -6.24
CA GLU B 129 29.52 32.51 -7.51
C GLU B 129 28.47 32.55 -8.61
N GLU B 130 27.27 32.06 -8.31
CA GLU B 130 26.21 32.05 -9.30
C GLU B 130 25.76 33.48 -9.59
N ALA B 131 26.01 34.38 -8.64
CA ALA B 131 25.65 35.78 -8.81
C ALA B 131 26.60 36.42 -9.82
N GLY B 132 27.85 35.98 -9.82
CA GLY B 132 28.80 36.55 -10.74
C GLY B 132 28.44 36.18 -12.16
N PHE B 133 27.96 34.96 -12.32
CA PHE B 133 27.57 34.49 -13.62
C PHE B 133 26.35 35.27 -14.13
N LEU B 134 25.49 35.71 -13.22
CA LEU B 134 24.34 36.48 -13.66
C LEU B 134 24.79 37.89 -14.01
N ILE B 135 25.81 38.39 -13.30
CA ILE B 135 26.33 39.73 -13.57
C ILE B 135 26.91 39.72 -14.98
N ASP B 136 27.74 38.72 -15.27
CA ASP B 136 28.34 38.62 -16.60
C ASP B 136 27.31 38.49 -17.73
N ALA B 137 26.17 37.86 -17.49
CA ALA B 137 25.18 37.72 -18.55
C ALA B 137 24.44 39.02 -18.77
N LEU B 138 24.23 39.76 -17.68
CA LEU B 138 23.53 41.03 -17.76
C LEU B 138 24.41 42.04 -18.50
N ARG B 139 25.69 42.08 -18.14
CA ARG B 139 26.62 42.99 -18.79
C ARG B 139 26.56 42.68 -20.28
N GLY B 140 26.61 41.38 -20.60
CA GLY B 140 26.52 40.95 -21.97
C GLY B 140 25.30 41.51 -22.68
N THR B 141 24.44 42.21 -21.95
CA THR B 141 23.21 42.79 -22.52
C THR B 141 23.46 44.24 -23.03
N HIS B 142 24.68 44.71 -22.83
CA HIS B 142 25.09 46.05 -23.27
C HIS B 142 23.99 47.09 -23.10
N GLY B 143 23.43 47.13 -21.89
CA GLY B 143 22.38 48.10 -21.59
C GLY B 143 21.16 47.95 -22.45
N ALA B 144 21.08 46.85 -23.19
CA ALA B 144 19.94 46.62 -24.05
C ALA B 144 18.65 46.52 -23.22
N ASN B 145 17.57 46.14 -23.89
CA ASN B 145 16.30 46.02 -23.22
C ASN B 145 15.96 44.55 -23.26
N ILE B 146 15.57 44.01 -22.10
CA ILE B 146 15.25 42.60 -22.04
C ILE B 146 14.20 42.19 -21.01
N ASP B 147 13.77 40.94 -21.18
CA ASP B 147 12.81 40.30 -20.30
C ASP B 147 13.75 39.59 -19.36
N PRO B 148 13.87 40.08 -18.12
CA PRO B 148 14.76 39.45 -17.14
C PRO B 148 14.27 38.10 -16.64
N THR B 149 13.00 37.79 -16.89
CA THR B 149 12.41 36.53 -16.43
C THR B 149 13.33 35.32 -16.44
N PHE B 150 13.80 34.88 -17.60
CA PHE B 150 14.64 33.71 -17.60
C PHE B 150 16.06 33.87 -17.17
N PHE B 151 16.57 35.09 -17.18
CA PHE B 151 17.93 35.27 -16.70
C PHE B 151 17.82 35.01 -15.19
N LEU B 152 16.75 35.51 -14.59
CA LEU B 152 16.55 35.34 -13.16
C LEU B 152 16.38 33.87 -12.75
N SER B 153 15.46 33.16 -13.40
CA SER B 153 15.23 31.78 -13.06
C SER B 153 16.43 30.86 -13.21
N ARG B 154 17.20 31.02 -14.29
CA ARG B 154 18.36 30.15 -14.47
C ARG B 154 19.30 30.37 -13.29
N THR B 155 19.44 31.62 -12.86
CA THR B 155 20.34 31.90 -11.75
C THR B 155 19.84 31.28 -10.47
N VAL B 156 18.60 31.57 -10.09
CA VAL B 156 18.05 31.01 -8.86
C VAL B 156 18.07 29.49 -8.86
N SER B 157 17.55 28.90 -9.94
CA SER B 157 17.50 27.46 -10.04
C SER B 157 18.86 26.79 -9.89
N ASN B 158 19.91 27.43 -10.41
CA ASN B 158 21.25 26.83 -10.29
C ASN B 158 21.71 26.70 -8.86
N VAL B 159 21.14 27.50 -7.96
CA VAL B 159 21.52 27.42 -6.57
C VAL B 159 21.01 26.12 -5.97
N ILE B 160 19.71 25.91 -6.05
CA ILE B 160 19.13 24.71 -5.49
C ILE B 160 19.61 23.48 -6.27
N SER B 161 19.85 23.65 -7.56
CA SER B 161 20.33 22.54 -8.38
C SER B 161 21.70 22.04 -7.91
N SER B 162 22.55 22.95 -7.46
CA SER B 162 23.88 22.57 -6.96
C SER B 162 23.68 21.71 -5.72
N ILE B 163 22.70 22.10 -4.92
CA ILE B 163 22.38 21.39 -3.70
C ILE B 163 21.74 20.02 -3.94
N VAL B 164 20.78 19.94 -4.85
CA VAL B 164 20.13 18.66 -5.07
C VAL B 164 20.84 17.74 -6.05
N PHE B 165 21.42 18.29 -7.11
CA PHE B 165 22.13 17.46 -8.09
C PHE B 165 23.65 17.45 -7.92
N GLY B 166 24.19 18.40 -7.16
CA GLY B 166 25.63 18.43 -6.96
C GLY B 166 26.41 19.48 -7.74
N ASP B 167 25.80 20.04 -8.78
CA ASP B 167 26.47 21.04 -9.57
C ASP B 167 25.42 21.78 -10.40
N ARG B 168 25.77 22.99 -10.81
CA ARG B 168 24.88 23.84 -11.59
C ARG B 168 24.79 23.33 -13.02
N PHE B 169 23.85 23.89 -13.76
CA PHE B 169 23.63 23.57 -15.17
C PHE B 169 24.31 24.69 -15.96
N ASP B 170 24.77 24.36 -17.16
CA ASP B 170 25.37 25.38 -18.02
C ASP B 170 24.19 26.16 -18.59
N TYR B 171 24.23 27.48 -18.50
CA TYR B 171 23.16 28.34 -18.99
C TYR B 171 22.67 27.95 -20.39
N GLU B 172 23.51 27.29 -21.17
CA GLU B 172 23.17 26.91 -22.53
C GLU B 172 22.63 25.48 -22.67
N ASP B 173 22.59 24.74 -21.57
CA ASP B 173 22.09 23.37 -21.59
C ASP B 173 20.60 23.40 -21.97
N LYS B 174 20.26 22.77 -23.09
CA LYS B 174 18.87 22.76 -23.54
C LYS B 174 17.90 22.16 -22.52
N GLU B 175 18.25 20.99 -21.99
CA GLU B 175 17.37 20.35 -21.02
C GLU B 175 17.03 21.32 -19.89
N PHE B 176 18.04 22.03 -19.40
CA PHE B 176 17.86 23.00 -18.32
C PHE B 176 16.77 24.02 -18.62
N LEU B 177 16.75 24.59 -19.83
CA LEU B 177 15.73 25.57 -20.16
C LEU B 177 14.37 24.85 -20.17
N SER B 178 14.40 23.60 -20.64
CA SER B 178 13.20 22.76 -20.68
C SER B 178 12.50 22.74 -19.31
N LEU B 179 13.23 22.30 -18.29
CA LEU B 179 12.72 22.23 -16.93
C LEU B 179 12.21 23.55 -16.42
N LEU B 180 12.99 24.61 -16.64
CA LEU B 180 12.63 25.95 -16.17
C LEU B 180 11.27 26.40 -16.73
N ARG B 181 10.90 25.86 -17.89
CA ARG B 181 9.63 26.21 -18.49
C ARG B 181 8.50 25.45 -17.81
N MET B 182 8.67 24.13 -17.71
CA MET B 182 7.66 23.29 -17.09
C MET B 182 7.27 23.86 -15.73
N MET B 183 8.25 24.44 -15.03
CA MET B 183 8.01 25.02 -13.72
C MET B 183 7.29 26.38 -13.77
N LEU B 184 7.68 27.20 -14.74
CA LEU B 184 7.07 28.51 -14.87
C LEU B 184 5.61 28.34 -15.32
N GLY B 185 5.42 27.50 -16.34
CA GLY B 185 4.07 27.26 -16.84
C GLY B 185 3.10 26.70 -15.81
N SER B 186 3.46 25.56 -15.20
CA SER B 186 2.59 24.93 -14.23
C SER B 186 2.36 25.81 -13.02
N PHE B 187 3.39 26.54 -12.59
CA PHE B 187 3.22 27.40 -11.42
C PHE B 187 2.19 28.47 -11.71
N GLN B 188 2.22 29.02 -12.92
CA GLN B 188 1.29 30.10 -13.23
C GLN B 188 -0.12 29.57 -13.48
N PHE B 189 -0.20 28.33 -13.94
CA PHE B 189 -1.52 27.76 -14.19
C PHE B 189 -2.36 27.95 -12.94
N THR B 190 -1.75 27.75 -11.78
CA THR B 190 -2.47 27.87 -10.52
C THR B 190 -2.97 29.30 -10.24
N ALA B 191 -2.30 30.29 -10.80
CA ALA B 191 -2.72 31.68 -10.59
C ALA B 191 -3.76 32.10 -11.60
N THR B 192 -4.06 31.21 -12.57
CA THR B 192 -5.06 31.49 -13.61
C THR B 192 -6.47 31.04 -13.16
N SER B 193 -7.48 31.64 -13.76
CA SER B 193 -8.87 31.34 -13.43
C SER B 193 -9.26 29.88 -13.63
N THR B 194 -8.77 29.24 -14.70
CA THR B 194 -9.07 27.83 -14.92
C THR B 194 -8.28 27.00 -13.89
N GLY B 195 -7.11 27.50 -13.48
CA GLY B 195 -6.33 26.76 -12.49
C GLY B 195 -7.12 26.73 -11.20
N GLN B 196 -7.70 27.87 -10.86
CA GLN B 196 -8.49 27.96 -9.65
C GLN B 196 -9.80 27.19 -9.81
N LEU B 197 -10.28 27.06 -11.05
CA LEU B 197 -11.50 26.30 -11.30
C LEU B 197 -11.13 24.85 -11.00
N TYR B 198 -9.92 24.47 -11.37
CA TYR B 198 -9.46 23.10 -11.11
C TYR B 198 -9.44 22.77 -9.62
N GLU B 199 -9.04 23.73 -8.77
CA GLU B 199 -8.99 23.52 -7.30
C GLU B 199 -10.39 23.13 -6.81
N MET B 200 -11.39 23.70 -7.46
CA MET B 200 -12.76 23.43 -7.11
C MET B 200 -13.32 22.13 -7.72
N PHE B 201 -12.97 21.83 -8.98
CA PHE B 201 -13.56 20.64 -9.63
C PHE B 201 -12.69 19.64 -10.31
N SER B 202 -11.57 19.32 -9.70
CA SER B 202 -10.64 18.34 -10.25
C SER B 202 -11.23 16.95 -10.38
N SER B 203 -12.18 16.63 -9.53
CA SER B 203 -12.79 15.30 -9.58
C SER B 203 -13.41 15.08 -10.96
N VAL B 204 -13.78 16.17 -11.62
CA VAL B 204 -14.34 16.09 -12.95
C VAL B 204 -13.35 16.55 -14.00
N MET B 205 -12.73 17.72 -13.77
CA MET B 205 -11.79 18.27 -14.74
C MET B 205 -10.56 17.43 -15.04
N LYS B 206 -10.17 16.56 -14.11
CA LYS B 206 -9.00 15.73 -14.34
C LYS B 206 -9.30 14.70 -15.43
N HIS B 207 -10.55 14.64 -15.86
CA HIS B 207 -10.92 13.70 -16.90
C HIS B 207 -11.38 14.48 -18.13
N LEU B 208 -11.16 15.79 -18.13
CA LEU B 208 -11.59 16.62 -19.25
C LEU B 208 -10.44 17.35 -19.93
N PRO B 209 -10.66 17.81 -21.17
CA PRO B 209 -9.60 18.52 -21.90
C PRO B 209 -9.53 19.98 -21.43
N GLY B 210 -8.38 20.60 -21.64
CA GLY B 210 -8.20 21.99 -21.23
C GLY B 210 -6.79 22.22 -20.72
N PRO B 211 -6.47 23.44 -20.27
CA PRO B 211 -5.13 23.73 -19.75
C PRO B 211 -4.66 22.79 -18.62
N GLN B 212 -5.61 22.26 -17.85
CA GLN B 212 -5.24 21.36 -16.77
C GLN B 212 -4.39 20.24 -17.32
N GLN B 213 -4.75 19.71 -18.47
CA GLN B 213 -3.96 18.62 -19.02
C GLN B 213 -2.53 19.05 -19.34
N GLN B 214 -2.34 20.30 -19.78
CA GLN B 214 -1.02 20.77 -20.12
C GLN B 214 -0.11 20.81 -18.90
N ALA B 215 -0.63 21.37 -17.80
CA ALA B 215 0.14 21.46 -16.57
C ALA B 215 0.49 20.07 -16.04
N PHE B 216 -0.34 19.07 -16.34
CA PHE B 216 -0.06 17.72 -15.88
C PHE B 216 1.20 17.24 -16.56
N LYS B 217 1.19 17.33 -17.89
CA LYS B 217 2.32 16.94 -18.73
C LYS B 217 3.60 17.62 -18.22
N GLU B 218 3.51 18.90 -17.89
CA GLU B 218 4.65 19.65 -17.38
C GLU B 218 5.13 18.99 -16.09
N LEU B 219 4.18 18.61 -15.25
CA LEU B 219 4.50 17.99 -13.97
C LEU B 219 5.07 16.60 -14.17
N GLN B 220 4.57 15.90 -15.17
CA GLN B 220 5.08 14.57 -15.46
C GLN B 220 6.49 14.73 -16.00
N GLY B 221 6.70 15.77 -16.79
CA GLY B 221 8.02 16.03 -17.37
C GLY B 221 9.10 16.22 -16.32
N LEU B 222 8.77 16.97 -15.27
CA LEU B 222 9.71 17.23 -14.18
C LEU B 222 10.02 15.97 -13.36
N GLU B 223 8.99 15.23 -12.98
CA GLU B 223 9.19 14.02 -12.20
C GLU B 223 10.09 13.03 -12.93
N ASP B 224 9.88 12.88 -14.23
CA ASP B 224 10.68 11.96 -15.03
C ASP B 224 12.14 12.37 -15.06
N PHE B 225 12.39 13.66 -15.21
CA PHE B 225 13.74 14.21 -15.23
C PHE B 225 14.36 13.85 -13.89
N ILE B 226 13.72 14.27 -12.81
CA ILE B 226 14.22 13.97 -11.48
C ILE B 226 14.45 12.47 -11.37
N ALA B 227 13.41 11.70 -11.69
CA ALA B 227 13.48 10.25 -11.64
C ALA B 227 14.80 9.77 -12.25
N LYS B 228 15.06 10.20 -13.48
CA LYS B 228 16.29 9.86 -14.20
C LYS B 228 17.52 10.32 -13.42
N LYS B 229 17.53 11.57 -12.98
CA LYS B 229 18.66 12.10 -12.22
C LYS B 229 18.95 11.21 -11.01
N VAL B 230 17.90 10.83 -10.29
CA VAL B 230 18.04 9.97 -9.13
C VAL B 230 18.72 8.67 -9.51
N GLU B 231 18.06 7.87 -10.35
CA GLU B 231 18.62 6.58 -10.79
C GLU B 231 20.09 6.72 -11.14
N HIS B 232 20.43 7.77 -11.87
CA HIS B 232 21.81 7.98 -12.26
C HIS B 232 22.72 7.96 -11.04
N ASN B 233 22.32 8.69 -10.01
CA ASN B 233 23.11 8.76 -8.80
C ASN B 233 23.26 7.42 -8.09
N GLN B 234 22.23 6.57 -8.16
CA GLN B 234 22.34 5.27 -7.50
C GLN B 234 23.46 4.42 -8.08
N ARG B 235 23.54 4.35 -9.41
CA ARG B 235 24.57 3.56 -10.06
C ARG B 235 25.92 4.28 -10.15
N THR B 236 26.16 5.20 -9.23
CA THR B 236 27.41 5.94 -9.19
C THR B 236 27.63 6.46 -7.78
N LEU B 237 26.78 6.01 -6.86
CA LEU B 237 26.83 6.42 -5.47
C LEU B 237 28.13 6.04 -4.79
N ASP B 238 28.40 6.71 -3.68
CA ASP B 238 29.57 6.47 -2.84
C ASP B 238 29.03 6.59 -1.41
N PRO B 239 28.61 5.46 -0.81
CA PRO B 239 28.05 5.36 0.54
C PRO B 239 28.68 6.24 1.61
N ASN B 240 29.99 6.43 1.55
CA ASN B 240 30.68 7.25 2.54
C ASN B 240 31.13 8.61 1.99
N SER B 241 30.38 9.13 1.02
CA SER B 241 30.70 10.42 0.42
C SER B 241 29.58 10.98 -0.47
N PRO B 242 28.43 11.34 0.14
CA PRO B 242 27.32 11.89 -0.64
C PRO B 242 27.73 13.17 -1.35
N ARG B 243 27.30 13.33 -2.59
CA ARG B 243 27.63 14.49 -3.40
C ARG B 243 26.57 15.59 -3.36
N ASP B 244 25.38 15.22 -2.91
CA ASP B 244 24.26 16.15 -2.91
C ASP B 244 23.09 15.60 -2.11
N PHE B 245 21.97 16.33 -2.16
CA PHE B 245 20.76 15.95 -1.45
C PHE B 245 20.34 14.53 -1.79
N ILE B 246 20.29 14.22 -3.08
CA ILE B 246 19.88 12.88 -3.50
C ILE B 246 20.72 11.79 -2.82
N ASP B 247 22.05 11.87 -2.90
CA ASP B 247 22.90 10.86 -2.27
C ASP B 247 22.59 10.68 -0.79
N SER B 248 22.52 11.78 -0.05
CA SER B 248 22.23 11.69 1.38
C SER B 248 20.94 10.90 1.58
N PHE B 249 19.97 11.19 0.72
CA PHE B 249 18.68 10.53 0.80
C PHE B 249 18.79 9.04 0.48
N LEU B 250 19.50 8.70 -0.59
CA LEU B 250 19.69 7.31 -0.98
C LEU B 250 20.42 6.58 0.15
N ILE B 251 21.51 7.17 0.61
CA ILE B 251 22.30 6.59 1.70
C ILE B 251 21.40 6.32 2.89
N ARG B 252 20.52 7.28 3.18
CA ARG B 252 19.60 7.13 4.29
C ARG B 252 18.55 6.05 3.99
N MET B 253 18.28 5.82 2.70
CA MET B 253 17.32 4.80 2.29
C MET B 253 17.88 3.43 2.66
N GLN B 254 19.16 3.23 2.37
CA GLN B 254 19.83 1.97 2.71
C GLN B 254 19.65 1.67 4.21
N GLU B 255 20.05 2.61 5.06
CA GLU B 255 19.93 2.45 6.50
C GLU B 255 18.54 2.07 6.97
N GLU B 256 17.55 2.30 6.12
CA GLU B 256 16.16 2.02 6.46
C GLU B 256 15.57 0.81 5.75
N GLU B 257 16.33 0.21 4.83
CA GLU B 257 15.84 -0.96 4.08
C GLU B 257 15.44 -2.11 4.99
N LYS B 258 15.64 -1.93 6.29
CA LYS B 258 15.30 -2.95 7.26
C LYS B 258 14.05 -2.57 8.05
N ASN B 259 13.57 -1.34 7.83
CA ASN B 259 12.38 -0.85 8.53
C ASN B 259 11.16 -0.79 7.63
N PRO B 260 10.05 -1.41 8.08
CA PRO B 260 8.78 -1.47 7.37
C PRO B 260 7.95 -0.23 7.62
N ASN B 261 8.53 0.74 8.31
CA ASN B 261 7.84 1.97 8.64
C ASN B 261 8.66 3.16 8.19
N THR B 262 9.59 2.93 7.29
CA THR B 262 10.46 3.98 6.80
C THR B 262 9.78 4.81 5.71
N GLU B 263 9.90 6.14 5.81
CA GLU B 263 9.34 7.04 4.82
C GLU B 263 10.45 7.26 3.79
N PHE B 264 11.61 6.68 4.05
CA PHE B 264 12.73 6.86 3.15
C PHE B 264 12.87 5.82 2.06
N TYR B 265 12.05 5.97 1.04
CA TYR B 265 12.05 5.08 -0.12
C TYR B 265 12.03 5.95 -1.37
N LEU B 266 12.27 5.34 -2.52
CA LEU B 266 12.31 6.04 -3.79
C LEU B 266 11.26 7.16 -3.98
N LYS B 267 9.99 6.78 -4.06
CA LYS B 267 8.90 7.72 -4.27
C LYS B 267 9.02 9.05 -3.50
N ASN B 268 9.35 8.97 -2.21
CA ASN B 268 9.48 10.18 -1.41
C ASN B 268 10.72 10.97 -1.79
N LEU B 269 11.78 10.29 -2.22
CA LEU B 269 12.99 10.99 -2.61
C LEU B 269 12.68 11.76 -3.88
N VAL B 270 12.15 11.06 -4.88
CA VAL B 270 11.79 11.70 -6.14
C VAL B 270 10.91 12.92 -5.95
N MET B 271 9.88 12.78 -5.11
CA MET B 271 8.95 13.87 -4.89
C MET B 271 9.45 14.98 -3.98
N THR B 272 10.31 14.63 -3.03
CA THR B 272 10.85 15.64 -2.12
C THR B 272 11.83 16.48 -2.92
N THR B 273 12.62 15.78 -3.73
CA THR B 273 13.61 16.44 -4.58
C THR B 273 12.89 17.47 -5.41
N LEU B 274 11.84 17.02 -6.10
CA LEU B 274 11.09 17.95 -6.92
C LEU B 274 10.50 19.09 -6.08
N ASN B 275 10.06 18.79 -4.86
CA ASN B 275 9.51 19.84 -4.02
C ASN B 275 10.57 20.92 -3.85
N LEU B 276 11.77 20.50 -3.49
CA LEU B 276 12.89 21.40 -3.28
C LEU B 276 13.24 22.17 -4.51
N PHE B 277 13.50 21.43 -5.57
CA PHE B 277 13.88 21.98 -6.85
C PHE B 277 12.88 23.04 -7.32
N PHE B 278 11.61 22.69 -7.24
CA PHE B 278 10.53 23.58 -7.67
C PHE B 278 10.47 24.83 -6.78
N ALA B 279 9.98 24.64 -5.56
CA ALA B 279 9.83 25.72 -4.55
C ALA B 279 11.02 26.65 -4.43
N GLY B 280 12.24 26.12 -4.55
CA GLY B 280 13.42 26.94 -4.41
C GLY B 280 13.78 27.75 -5.65
N THR B 281 13.01 27.58 -6.72
CA THR B 281 13.28 28.28 -7.97
C THR B 281 12.24 29.37 -8.25
N GLU B 282 11.02 28.96 -8.52
CA GLU B 282 10.01 29.94 -8.85
C GLU B 282 9.78 31.07 -7.86
N THR B 283 9.83 30.80 -6.55
CA THR B 283 9.58 31.86 -5.58
C THR B 283 10.65 32.96 -5.52
N VAL B 284 11.91 32.58 -5.40
CA VAL B 284 12.96 33.61 -5.36
C VAL B 284 12.95 34.41 -6.66
N SER B 285 12.93 33.69 -7.77
CA SER B 285 12.92 34.25 -9.11
C SER B 285 11.82 35.27 -9.29
N THR B 286 10.60 34.87 -8.94
CA THR B 286 9.43 35.75 -9.05
C THR B 286 9.60 36.97 -8.15
N THR B 287 10.12 36.76 -6.94
CA THR B 287 10.28 37.87 -6.03
C THR B 287 11.27 38.89 -6.57
N LEU B 288 12.35 38.39 -7.17
CA LEU B 288 13.36 39.28 -7.74
C LEU B 288 12.74 40.10 -8.88
N ARG B 289 12.03 39.44 -9.79
CA ARG B 289 11.37 40.11 -10.92
C ARG B 289 10.53 41.26 -10.43
N TYR B 290 9.56 40.93 -9.58
CA TYR B 290 8.66 41.92 -9.02
C TYR B 290 9.49 43.02 -8.37
N GLY B 291 10.51 42.61 -7.62
CA GLY B 291 11.36 43.58 -6.96
C GLY B 291 11.91 44.68 -7.87
N PHE B 292 12.48 44.31 -9.01
CA PHE B 292 13.04 45.30 -9.95
C PHE B 292 12.04 46.38 -10.33
N LEU B 293 10.82 45.98 -10.68
CA LEU B 293 9.79 46.94 -11.01
C LEU B 293 9.68 47.96 -9.88
N LEU B 294 9.26 47.48 -8.71
CA LEU B 294 9.13 48.35 -7.55
C LEU B 294 10.28 49.34 -7.47
N LEU B 295 11.48 48.87 -7.77
CA LEU B 295 12.64 49.73 -7.71
C LEU B 295 12.62 50.78 -8.81
N MET B 296 12.39 50.36 -10.05
CA MET B 296 12.32 51.29 -11.18
C MET B 296 11.16 52.27 -10.95
N LYS B 297 10.07 51.77 -10.40
CA LYS B 297 8.89 52.58 -10.14
C LYS B 297 9.07 53.54 -8.97
N HIS B 298 10.07 53.28 -8.13
CA HIS B 298 10.33 54.15 -6.98
C HIS B 298 11.82 54.46 -6.90
N PRO B 299 12.34 55.17 -7.92
CA PRO B 299 13.74 55.58 -8.09
C PRO B 299 14.39 56.11 -6.83
N GLU B 300 13.69 56.99 -6.13
CA GLU B 300 14.25 57.57 -4.92
C GLU B 300 14.67 56.41 -4.00
N VAL B 301 14.02 55.26 -4.18
CA VAL B 301 14.30 54.07 -3.38
C VAL B 301 15.56 53.37 -3.85
N GLU B 302 15.62 53.12 -5.16
CA GLU B 302 16.77 52.48 -5.78
C GLU B 302 18.06 53.17 -5.39
N ALA B 303 18.02 54.50 -5.40
CA ALA B 303 19.19 55.31 -5.08
C ALA B 303 19.64 55.17 -3.63
N LYS B 304 18.70 55.25 -2.70
CA LYS B 304 19.04 55.13 -1.29
C LYS B 304 19.69 53.78 -1.01
N VAL B 305 19.35 52.80 -1.85
CA VAL B 305 19.92 51.46 -1.71
C VAL B 305 21.34 51.52 -2.26
N HIS B 306 21.50 52.17 -3.41
CA HIS B 306 22.82 52.30 -4.04
C HIS B 306 23.85 52.93 -3.10
N GLU B 307 23.41 53.91 -2.32
CA GLU B 307 24.29 54.59 -1.37
C GLU B 307 24.84 53.60 -0.32
N GLU B 308 23.95 52.79 0.22
CA GLU B 308 24.29 51.82 1.25
C GLU B 308 25.23 50.73 0.73
N ILE B 309 25.09 50.37 -0.54
CA ILE B 309 25.95 49.34 -1.12
C ILE B 309 27.37 49.88 -1.31
N ASP B 310 27.45 51.08 -1.86
CA ASP B 310 28.76 51.70 -2.10
C ASP B 310 29.49 51.99 -0.78
N ARG B 311 28.77 52.65 0.12
CA ARG B 311 29.31 53.03 1.42
C ARG B 311 29.72 51.84 2.29
N VAL B 312 28.95 50.76 2.20
CA VAL B 312 29.19 49.57 3.00
C VAL B 312 30.02 48.45 2.36
N ILE B 313 29.93 48.31 1.05
CA ILE B 313 30.69 47.25 0.37
C ILE B 313 31.67 47.79 -0.67
N GLY B 314 31.34 48.92 -1.30
CA GLY B 314 32.22 49.48 -2.31
C GLY B 314 31.88 48.91 -3.68
N LYS B 315 32.85 48.83 -4.58
CA LYS B 315 32.54 48.28 -5.89
C LYS B 315 33.55 47.26 -6.40
N ASN B 316 34.10 46.46 -5.49
CA ASN B 316 35.05 45.44 -5.91
C ASN B 316 34.72 44.06 -5.33
N ARG B 317 34.64 43.97 -4.01
CA ARG B 317 34.33 42.67 -3.40
C ARG B 317 32.88 42.25 -3.55
N GLN B 318 32.68 40.96 -3.80
CA GLN B 318 31.35 40.39 -3.94
C GLN B 318 30.63 40.63 -2.63
N PRO B 319 29.31 40.92 -2.66
CA PRO B 319 28.66 41.14 -1.37
C PRO B 319 28.68 39.83 -0.58
N LYS B 320 28.49 39.94 0.73
CA LYS B 320 28.44 38.75 1.57
C LYS B 320 27.23 38.85 2.49
N PHE B 321 26.70 37.71 2.93
CA PHE B 321 25.51 37.72 3.79
C PHE B 321 25.61 38.59 5.04
N GLU B 322 26.70 38.52 5.78
CA GLU B 322 26.80 39.34 6.99
C GLU B 322 26.78 40.83 6.73
N ASP B 323 26.92 41.25 5.48
CA ASP B 323 26.90 42.68 5.18
C ASP B 323 25.55 43.29 5.54
N ARG B 324 24.50 42.47 5.59
CA ARG B 324 23.17 42.98 5.89
C ARG B 324 23.13 43.72 7.22
N ALA B 325 23.95 43.26 8.15
CA ALA B 325 24.01 43.87 9.47
C ALA B 325 24.18 45.38 9.36
N LYS B 326 25.16 45.80 8.58
CA LYS B 326 25.45 47.22 8.38
C LYS B 326 24.54 47.90 7.36
N MET B 327 23.69 47.12 6.69
CA MET B 327 22.81 47.67 5.67
C MET B 327 21.35 47.50 6.03
N PRO B 328 20.80 48.44 6.82
CA PRO B 328 19.40 48.36 7.22
C PRO B 328 18.36 48.84 6.20
N TYR B 329 18.66 49.90 5.46
CA TYR B 329 17.68 50.39 4.48
C TYR B 329 17.42 49.36 3.39
N THR B 330 18.45 48.60 3.02
CA THR B 330 18.28 47.60 1.99
C THR B 330 17.49 46.42 2.57
N GLU B 331 17.93 45.89 3.71
CA GLU B 331 17.23 44.79 4.35
C GLU B 331 15.76 45.14 4.47
N ALA B 332 15.46 46.43 4.52
CA ALA B 332 14.11 46.89 4.65
C ALA B 332 13.39 46.88 3.31
N VAL B 333 14.08 47.35 2.27
CA VAL B 333 13.49 47.38 0.92
C VAL B 333 13.15 45.99 0.44
N ILE B 334 13.98 45.02 0.83
CA ILE B 334 13.77 43.63 0.44
C ILE B 334 12.52 43.10 1.16
N HIS B 335 12.47 43.29 2.48
CA HIS B 335 11.32 42.89 3.26
C HIS B 335 10.06 43.49 2.62
N GLU B 336 10.16 44.74 2.22
CA GLU B 336 9.03 45.43 1.60
C GLU B 336 8.61 44.84 0.27
N ILE B 337 9.58 44.52 -0.56
CA ILE B 337 9.26 43.92 -1.85
C ILE B 337 8.52 42.62 -1.57
N GLN B 338 9.00 41.86 -0.59
CA GLN B 338 8.37 40.60 -0.24
C GLN B 338 6.95 40.81 0.30
N ARG B 339 6.76 41.89 1.07
CA ARG B 339 5.45 42.17 1.65
C ARG B 339 4.49 42.57 0.55
N PHE B 340 4.91 43.53 -0.26
CA PHE B 340 4.10 44.02 -1.36
C PHE B 340 3.90 42.92 -2.40
N GLY B 341 4.94 42.12 -2.62
CA GLY B 341 4.87 41.05 -3.61
C GLY B 341 3.85 40.00 -3.28
N ASP B 342 3.73 39.66 -2.00
CA ASP B 342 2.73 38.69 -1.55
C ASP B 342 2.70 37.41 -2.41
N MET B 343 3.86 36.79 -2.58
CA MET B 343 4.08 35.58 -3.37
C MET B 343 2.91 34.59 -3.41
N LEU B 344 2.55 34.06 -2.23
CA LEU B 344 1.46 33.10 -2.04
C LEU B 344 0.49 33.74 -1.07
N PRO B 345 -0.47 34.51 -1.59
CA PRO B 345 -1.48 35.22 -0.80
C PRO B 345 -2.38 34.39 0.10
N MET B 346 -2.66 33.14 -0.29
CA MET B 346 -3.51 32.30 0.53
C MET B 346 -2.63 31.21 1.12
N GLY B 347 -1.33 31.46 1.09
CA GLY B 347 -0.36 30.51 1.59
C GLY B 347 -0.69 29.13 1.07
N LEU B 348 0.04 28.11 1.50
CA LEU B 348 -0.29 26.76 1.09
C LEU B 348 -1.35 26.24 2.07
N ALA B 349 -2.38 25.55 1.57
CA ALA B 349 -3.47 25.05 2.42
C ALA B 349 -3.10 24.13 3.57
N HIS B 350 -3.79 24.31 4.70
CA HIS B 350 -3.57 23.48 5.89
C HIS B 350 -4.85 22.70 6.23
N ARG B 351 -4.73 21.77 7.17
CA ARG B 351 -5.88 21.05 7.66
C ARG B 351 -5.67 20.61 9.13
N VAL B 352 -6.78 20.50 9.87
CA VAL B 352 -6.74 20.07 11.26
C VAL B 352 -6.82 18.55 11.21
N ASN B 353 -5.81 17.86 11.69
CA ASN B 353 -5.88 16.42 11.58
C ASN B 353 -6.75 15.69 12.61
N LYS B 354 -7.48 16.45 13.41
CA LYS B 354 -8.40 15.88 14.39
C LYS B 354 -9.32 17.00 14.90
N ASP B 355 -10.57 16.65 15.22
CA ASP B 355 -11.56 17.60 15.72
C ASP B 355 -10.82 18.67 16.50
N THR B 356 -11.12 19.93 16.18
CA THR B 356 -10.43 21.04 16.82
C THR B 356 -11.35 22.18 17.22
N LYS B 357 -11.12 22.74 18.41
CA LYS B 357 -11.90 23.87 18.86
C LYS B 357 -11.02 25.08 18.61
N PHE B 358 -11.54 26.09 17.92
CA PHE B 358 -10.78 27.30 17.62
C PHE B 358 -11.70 28.46 17.87
N ARG B 359 -11.26 29.37 18.73
CA ARG B 359 -12.11 30.48 19.14
C ARG B 359 -13.37 29.75 19.60
N ASP B 360 -14.53 30.16 19.15
CA ASP B 360 -15.73 29.48 19.60
C ASP B 360 -16.38 28.66 18.50
N PHE B 361 -15.57 28.19 17.56
CA PHE B 361 -16.06 27.36 16.47
C PHE B 361 -15.50 25.96 16.64
N PHE B 362 -16.08 25.02 15.91
CA PHE B 362 -15.68 23.63 15.93
C PHE B 362 -15.30 23.22 14.52
N LEU B 363 -14.15 22.56 14.37
CA LEU B 363 -13.68 22.12 13.06
C LEU B 363 -13.51 20.61 13.05
N PRO B 364 -14.39 19.89 12.35
CA PRO B 364 -14.22 18.44 12.33
C PRO B 364 -12.89 17.99 11.73
N LYS B 365 -12.39 16.85 12.20
CA LYS B 365 -11.14 16.30 11.70
C LYS B 365 -11.13 16.44 10.16
N GLY B 366 -9.99 16.83 9.60
CA GLY B 366 -9.88 16.94 8.16
C GLY B 366 -10.39 18.21 7.46
N THR B 367 -10.96 19.15 8.20
CA THR B 367 -11.42 20.36 7.55
C THR B 367 -10.19 21.09 7.06
N GLU B 368 -10.25 21.58 5.82
CA GLU B 368 -9.12 22.30 5.26
C GLU B 368 -9.08 23.73 5.80
N VAL B 369 -7.89 24.28 5.90
CA VAL B 369 -7.71 25.62 6.41
C VAL B 369 -6.84 26.47 5.49
N PHE B 370 -7.33 27.66 5.14
CA PHE B 370 -6.58 28.58 4.31
C PHE B 370 -6.01 29.74 5.13
N PRO B 371 -4.68 29.75 5.35
CA PRO B 371 -4.09 30.85 6.12
C PRO B 371 -3.84 31.95 5.09
N MET B 372 -4.62 33.01 5.13
CA MET B 372 -4.48 34.09 4.16
C MET B 372 -3.32 35.03 4.44
N LEU B 373 -2.11 34.55 4.15
CA LEU B 373 -0.90 35.32 4.38
C LEU B 373 -0.97 36.71 3.78
N GLY B 374 -1.65 36.81 2.64
CA GLY B 374 -1.80 38.09 1.99
C GLY B 374 -2.44 39.11 2.92
N SER B 375 -3.46 38.68 3.66
CA SER B 375 -4.17 39.57 4.59
C SER B 375 -3.37 39.88 5.87
N VAL B 376 -2.34 39.09 6.16
CA VAL B 376 -1.49 39.34 7.32
C VAL B 376 -0.43 40.31 6.84
N LEU B 377 0.12 40.08 5.65
CA LEU B 377 1.13 40.97 5.10
C LEU B 377 0.54 42.35 4.85
N ARG B 378 -0.78 42.43 4.75
CA ARG B 378 -1.45 43.71 4.52
C ARG B 378 -2.38 44.09 5.68
N ASP B 379 -2.02 43.63 6.88
CA ASP B 379 -2.79 43.90 8.10
C ASP B 379 -2.51 45.32 8.60
N PRO B 380 -3.51 46.20 8.50
CA PRO B 380 -3.41 47.62 8.91
C PRO B 380 -3.00 47.87 10.38
N ARG B 381 -3.36 46.98 11.28
CA ARG B 381 -2.97 47.15 12.66
C ARG B 381 -1.47 46.85 12.73
N PHE B 382 -0.84 46.79 11.56
CA PHE B 382 0.58 46.48 11.45
C PHE B 382 1.35 47.28 10.38
N PHE B 383 0.64 47.79 9.37
CA PHE B 383 1.30 48.57 8.33
C PHE B 383 0.48 49.79 7.94
N SER B 384 1.13 50.96 8.02
CA SER B 384 0.53 52.26 7.70
C SER B 384 -0.23 52.27 6.38
N ASN B 385 0.49 52.06 5.27
CA ASN B 385 -0.15 52.04 3.95
C ASN B 385 -0.02 50.64 3.36
N PRO B 386 -0.80 49.67 3.89
CA PRO B 386 -0.76 48.29 3.41
C PRO B 386 -0.82 48.08 1.90
N ARG B 387 -1.60 48.89 1.19
CA ARG B 387 -1.71 48.71 -0.25
C ARG B 387 -0.68 49.45 -1.08
N ASP B 388 0.29 50.07 -0.42
CA ASP B 388 1.35 50.80 -1.12
C ASP B 388 2.71 50.20 -0.87
N PHE B 389 3.64 50.47 -1.78
CA PHE B 389 5.01 49.99 -1.61
C PHE B 389 5.74 51.12 -0.90
N ASN B 390 6.26 50.84 0.28
CA ASN B 390 6.99 51.88 0.99
C ASN B 390 7.91 51.29 2.06
N PRO B 391 9.22 51.24 1.75
CA PRO B 391 10.29 50.73 2.61
C PRO B 391 10.23 51.14 4.07
N GLN B 392 9.49 52.21 4.35
CA GLN B 392 9.38 52.71 5.73
C GLN B 392 8.66 51.71 6.64
N HIS B 393 7.82 50.87 6.05
CA HIS B 393 7.07 49.88 6.81
C HIS B 393 7.98 48.98 7.65
N PHE B 394 9.29 49.04 7.40
CA PHE B 394 10.24 48.20 8.13
C PHE B 394 11.40 48.94 8.77
N LEU B 395 11.25 50.25 8.97
CA LEU B 395 12.34 51.04 9.55
C LEU B 395 11.96 51.85 10.78
N ASP B 396 12.91 52.00 11.69
CA ASP B 396 12.72 52.83 12.88
C ASP B 396 12.59 54.27 12.39
N LYS B 397 11.87 55.10 13.14
CA LYS B 397 11.71 56.51 12.79
C LYS B 397 13.13 57.08 12.84
N LYS B 398 14.04 56.24 13.35
CA LYS B 398 15.46 56.55 13.49
C LYS B 398 16.15 56.20 12.17
N GLY B 399 16.21 54.90 11.86
CA GLY B 399 16.84 54.46 10.63
C GLY B 399 17.25 53.00 10.62
N GLN B 400 16.91 52.27 11.69
CA GLN B 400 17.25 50.84 11.79
C GLN B 400 16.12 49.97 11.24
N PHE B 401 16.37 48.67 11.16
CA PHE B 401 15.38 47.74 10.64
C PHE B 401 14.33 47.33 11.67
N LYS B 402 13.10 47.76 11.46
CA LYS B 402 12.02 47.45 12.36
C LYS B 402 11.20 46.22 11.93
N LYS B 403 11.42 45.09 12.59
CA LYS B 403 10.69 43.86 12.32
C LYS B 403 9.18 44.07 12.43
N SER B 404 8.43 42.99 12.23
CA SER B 404 6.98 43.01 12.33
C SER B 404 6.52 41.58 12.56
N ASP B 405 5.58 41.39 13.48
CA ASP B 405 5.10 40.06 13.74
C ASP B 405 4.15 39.68 12.59
N ALA B 406 3.86 40.66 11.74
CA ALA B 406 3.00 40.46 10.59
C ALA B 406 3.82 40.14 9.33
N PHE B 407 5.13 40.00 9.46
CA PHE B 407 5.97 39.68 8.29
C PHE B 407 5.95 38.17 8.16
N VAL B 408 5.02 37.65 7.35
CA VAL B 408 4.89 36.20 7.21
C VAL B 408 4.91 35.63 5.78
N PRO B 409 5.82 36.14 4.92
CA PRO B 409 5.80 35.57 3.55
C PRO B 409 6.18 34.10 3.53
N PHE B 410 6.88 33.65 4.58
CA PHE B 410 7.29 32.26 4.69
C PHE B 410 6.33 31.48 5.58
N SER B 411 5.19 32.08 5.90
CA SER B 411 4.21 31.44 6.78
C SER B 411 4.82 31.34 8.22
N ILE B 412 4.11 30.64 9.12
CA ILE B 412 4.49 30.47 10.54
C ILE B 412 3.91 29.16 11.08
N GLY B 413 4.49 28.64 12.15
CA GLY B 413 3.98 27.41 12.75
C GLY B 413 4.77 26.20 12.35
N LYS B 414 4.25 25.02 12.65
CA LYS B 414 4.96 23.80 12.33
C LYS B 414 5.24 23.52 10.86
N ARG B 415 4.55 24.17 9.92
CA ARG B 415 4.84 23.90 8.49
C ARG B 415 5.42 25.11 7.77
N TYR B 416 5.99 26.07 8.51
CA TYR B 416 6.58 27.26 7.90
C TYR B 416 7.67 26.87 6.91
N CYS B 417 7.91 27.72 5.93
CA CYS B 417 8.93 27.44 4.92
C CYS B 417 10.32 27.26 5.50
N PHE B 418 10.81 26.02 5.48
CA PHE B 418 12.13 25.77 6.00
C PHE B 418 13.22 26.08 4.96
N GLY B 419 12.81 26.75 3.89
CA GLY B 419 13.75 27.15 2.85
C GLY B 419 14.01 28.63 3.03
N GLU B 420 13.35 29.19 4.05
CA GLU B 420 13.46 30.60 4.37
C GLU B 420 14.92 31.08 4.48
N GLY B 421 15.77 30.29 5.14
CA GLY B 421 17.15 30.67 5.27
C GLY B 421 17.82 30.82 3.92
N LEU B 422 17.75 29.78 3.12
CA LEU B 422 18.32 29.83 1.80
C LEU B 422 17.68 30.99 1.03
N ALA B 423 16.38 31.18 1.19
CA ALA B 423 15.68 32.25 0.47
C ALA B 423 16.10 33.65 0.90
N ARG B 424 16.30 33.84 2.20
CA ARG B 424 16.72 35.16 2.69
C ARG B 424 18.13 35.46 2.21
N MET B 425 19.01 34.47 2.21
CA MET B 425 20.38 34.67 1.76
C MET B 425 20.45 34.92 0.24
N GLU B 426 19.62 34.20 -0.51
CA GLU B 426 19.59 34.36 -1.96
C GLU B 426 19.11 35.75 -2.33
N LEU B 427 18.04 36.19 -1.69
CA LEU B 427 17.49 37.49 -1.99
C LEU B 427 18.43 38.65 -1.66
N PHE B 428 19.15 38.54 -0.55
CA PHE B 428 20.07 39.62 -0.18
C PHE B 428 21.23 39.67 -1.18
N LEU B 429 21.88 38.55 -1.38
CA LEU B 429 23.01 38.48 -2.28
C LEU B 429 22.66 38.83 -3.73
N PHE B 430 21.56 38.30 -4.27
CA PHE B 430 21.22 38.66 -5.64
C PHE B 430 20.82 40.11 -5.80
N PHE B 431 19.92 40.59 -4.95
CA PHE B 431 19.53 41.98 -5.05
C PHE B 431 20.76 42.90 -4.92
N THR B 432 21.54 42.72 -3.87
CA THR B 432 22.70 43.57 -3.63
C THR B 432 23.82 43.44 -4.67
N THR B 433 24.13 42.21 -5.07
CA THR B 433 25.18 42.01 -6.05
C THR B 433 24.83 42.58 -7.41
N ILE B 434 23.56 42.50 -7.77
CA ILE B 434 23.10 43.02 -9.05
C ILE B 434 23.07 44.54 -9.01
N MET B 435 22.57 45.11 -7.91
CA MET B 435 22.45 46.56 -7.79
C MET B 435 23.76 47.27 -7.53
N GLN B 436 24.76 46.50 -7.14
CA GLN B 436 26.10 47.03 -6.90
C GLN B 436 26.72 47.24 -8.29
N ASN B 437 26.24 46.47 -9.27
CA ASN B 437 26.75 46.52 -10.63
C ASN B 437 25.86 47.20 -11.66
N PHE B 438 24.57 47.28 -11.40
CA PHE B 438 23.68 47.91 -12.37
C PHE B 438 22.68 48.87 -11.75
N ARG B 439 22.21 49.75 -12.62
CA ARG B 439 21.24 50.78 -12.33
C ARG B 439 20.07 50.27 -13.17
N PHE B 440 18.83 50.48 -12.72
CA PHE B 440 17.69 49.97 -13.47
C PHE B 440 17.03 51.01 -14.35
N LYS B 441 16.68 50.61 -15.57
CA LYS B 441 16.04 51.54 -16.50
C LYS B 441 14.85 50.92 -17.22
N SER B 442 13.70 51.58 -17.10
CA SER B 442 12.47 51.10 -17.74
C SER B 442 12.11 51.85 -19.01
N PRO B 443 11.69 51.11 -20.06
CA PRO B 443 11.30 51.73 -21.35
C PRO B 443 10.05 52.59 -21.27
N GLN B 444 9.74 53.08 -20.07
CA GLN B 444 8.59 53.94 -19.84
C GLN B 444 8.77 54.66 -18.52
N SER B 445 8.19 55.85 -18.38
CA SER B 445 8.33 56.62 -17.16
C SER B 445 7.98 55.79 -15.92
N PRO B 446 8.54 56.17 -14.76
CA PRO B 446 8.30 55.50 -13.48
C PRO B 446 6.83 55.50 -13.04
N LYS B 447 5.94 55.82 -13.97
CA LYS B 447 4.51 55.85 -13.67
C LYS B 447 3.71 55.03 -14.68
N ASP B 448 4.13 55.02 -15.94
CA ASP B 448 3.43 54.23 -16.96
C ASP B 448 3.56 52.75 -16.64
N ILE B 449 4.31 52.44 -15.59
CA ILE B 449 4.54 51.06 -15.18
C ILE B 449 3.35 50.51 -14.39
N ASP B 450 2.90 49.31 -14.78
CA ASP B 450 1.78 48.66 -14.11
C ASP B 450 2.37 47.67 -13.08
N VAL B 451 2.47 48.08 -11.83
CA VAL B 451 3.01 47.20 -10.80
C VAL B 451 2.03 46.08 -10.41
N SER B 452 0.73 46.34 -10.51
CA SER B 452 -0.31 45.38 -10.17
C SER B 452 -0.11 44.02 -10.84
N PRO B 453 -0.60 42.94 -10.20
CA PRO B 453 -0.47 41.57 -10.73
C PRO B 453 -1.23 41.20 -11.99
N LYS B 454 -0.55 40.44 -12.84
CA LYS B 454 -1.09 39.92 -14.10
C LYS B 454 -2.07 38.78 -13.83
N HIS B 455 -1.76 37.96 -12.80
CA HIS B 455 -2.60 36.83 -12.40
C HIS B 455 -2.57 36.66 -10.88
N VAL B 456 -3.72 36.61 -10.24
CA VAL B 456 -3.72 36.36 -8.80
C VAL B 456 -4.60 35.17 -8.46
N GLY B 457 -3.96 34.12 -7.97
CA GLY B 457 -4.69 32.93 -7.60
C GLY B 457 -3.92 32.34 -6.45
N PHE B 458 -3.35 31.18 -6.69
CA PHE B 458 -2.57 30.50 -5.66
C PHE B 458 -1.28 31.30 -5.45
N ALA B 459 -0.91 32.10 -6.46
CA ALA B 459 0.30 32.92 -6.42
C ALA B 459 0.05 34.30 -6.99
N THR B 460 0.98 35.21 -6.73
CA THR B 460 0.90 36.56 -7.22
C THR B 460 1.98 36.75 -8.31
N ILE B 461 1.53 36.65 -9.57
CA ILE B 461 2.38 36.75 -10.77
C ILE B 461 2.45 38.17 -11.31
N PRO B 462 3.65 38.74 -11.41
CA PRO B 462 3.73 40.11 -11.93
C PRO B 462 3.57 40.14 -13.46
N ARG B 463 3.17 41.29 -14.00
CA ARG B 463 2.98 41.43 -15.45
C ARG B 463 4.26 41.26 -16.26
N ASN B 464 4.11 40.73 -17.47
CA ASN B 464 5.25 40.54 -18.35
C ASN B 464 5.85 41.92 -18.64
N TYR B 465 7.18 42.01 -18.73
CA TYR B 465 7.83 43.30 -19.00
C TYR B 465 9.28 43.22 -19.46
N THR B 466 9.87 44.39 -19.70
CA THR B 466 11.25 44.51 -20.17
C THR B 466 11.98 45.59 -19.39
N MET B 467 13.31 45.53 -19.41
CA MET B 467 14.13 46.53 -18.74
C MET B 467 15.57 46.56 -19.25
N SER B 468 16.32 47.57 -18.81
CA SER B 468 17.71 47.73 -19.19
C SER B 468 18.63 47.82 -17.97
N PHE B 469 19.69 47.01 -18.00
CA PHE B 469 20.66 47.00 -16.91
C PHE B 469 21.88 47.82 -17.32
N LEU B 470 21.98 49.03 -16.78
CA LEU B 470 23.09 49.92 -17.10
C LEU B 470 24.12 49.88 -15.97
N PRO B 471 25.36 49.48 -16.30
CA PRO B 471 26.41 49.40 -15.27
C PRO B 471 26.63 50.76 -14.57
N ARG B 472 27.09 50.71 -13.32
CA ARG B 472 27.31 51.93 -12.52
C ARG B 472 28.77 52.38 -12.41
N GLY C 9 6.55 -21.45 -11.54
CA GLY C 9 6.41 -20.06 -12.09
C GLY C 9 5.95 -20.09 -13.54
N LYS C 10 5.87 -18.92 -14.15
CA LYS C 10 5.43 -18.83 -15.55
C LYS C 10 6.33 -17.91 -16.39
N LEU C 11 6.39 -18.16 -17.70
CA LEU C 11 7.19 -17.39 -18.64
C LEU C 11 6.80 -15.94 -18.70
N PRO C 12 7.73 -15.07 -19.09
CA PRO C 12 7.50 -13.64 -19.23
C PRO C 12 6.37 -13.43 -20.21
N PRO C 13 5.55 -12.41 -19.98
CA PRO C 13 4.44 -12.17 -20.91
C PRO C 13 4.96 -11.69 -22.26
N GLY C 14 4.09 -11.79 -23.26
CA GLY C 14 4.43 -11.36 -24.61
C GLY C 14 3.21 -11.42 -25.49
N PRO C 15 3.27 -10.89 -26.73
CA PRO C 15 2.12 -10.92 -27.63
C PRO C 15 1.70 -12.36 -27.97
N THR C 16 0.40 -12.58 -28.11
CA THR C 16 -0.07 -13.91 -28.40
C THR C 16 0.37 -14.29 -29.80
N PRO C 17 0.94 -15.49 -29.95
CA PRO C 17 1.39 -15.91 -31.27
C PRO C 17 0.33 -16.80 -31.95
N LEU C 18 0.66 -17.30 -33.13
CA LEU C 18 -0.19 -18.21 -33.90
C LEU C 18 0.58 -19.51 -34.06
N PRO C 19 -0.11 -20.62 -34.37
CA PRO C 19 0.65 -21.86 -34.53
C PRO C 19 1.72 -21.73 -35.61
N PHE C 20 2.85 -22.37 -35.38
CA PHE C 20 4.03 -22.38 -36.26
C PHE C 20 4.66 -21.03 -36.62
N ILE C 21 3.89 -20.05 -37.05
CA ILE C 21 4.51 -18.79 -37.43
C ILE C 21 4.84 -17.87 -36.24
N GLY C 22 4.53 -18.33 -35.03
CA GLY C 22 4.82 -17.54 -33.86
C GLY C 22 4.27 -16.14 -33.93
N ASN C 23 5.11 -15.17 -33.59
CA ASN C 23 4.71 -13.77 -33.61
C ASN C 23 5.07 -13.07 -34.92
N TYR C 24 5.07 -13.83 -35.99
CA TYR C 24 5.35 -13.33 -37.31
C TYR C 24 4.64 -12.00 -37.59
N LEU C 25 3.37 -11.89 -37.18
CA LEU C 25 2.59 -10.67 -37.42
C LEU C 25 3.07 -9.44 -36.65
N GLN C 26 3.78 -9.66 -35.55
CA GLN C 26 4.27 -8.52 -34.76
C GLN C 26 5.72 -8.17 -35.09
N LEU C 27 6.40 -9.08 -35.79
CA LEU C 27 7.80 -8.92 -36.19
C LEU C 27 8.02 -8.46 -37.63
N ASN C 28 8.79 -7.40 -37.82
CA ASN C 28 9.13 -6.90 -39.15
C ASN C 28 10.49 -7.52 -39.43
N THR C 29 10.51 -8.48 -40.34
CA THR C 29 11.71 -9.22 -40.66
C THR C 29 12.84 -8.35 -41.24
N GLU C 30 12.51 -7.09 -41.52
CA GLU C 30 13.48 -6.15 -42.05
C GLU C 30 14.15 -5.37 -40.92
N GLN C 31 13.44 -5.20 -39.81
CA GLN C 31 14.00 -4.50 -38.66
C GLN C 31 13.58 -5.21 -37.37
N MET C 32 14.12 -6.40 -37.17
CA MET C 32 13.78 -7.19 -36.00
C MET C 32 13.98 -6.40 -34.73
N TYR C 33 15.09 -5.68 -34.67
CA TYR C 33 15.44 -4.91 -33.49
C TYR C 33 14.36 -3.93 -33.13
N ASN C 34 13.95 -3.09 -34.08
CA ASN C 34 12.89 -2.12 -33.79
C ASN C 34 11.56 -2.78 -33.44
N SER C 35 11.30 -3.97 -33.98
CA SER C 35 10.06 -4.69 -33.68
C SER C 35 10.10 -5.13 -32.23
N LEU C 36 11.24 -5.68 -31.83
CA LEU C 36 11.43 -6.13 -30.46
C LEU C 36 11.34 -4.92 -29.51
N MET C 37 12.01 -3.82 -29.84
CA MET C 37 11.91 -2.67 -28.96
C MET C 37 10.49 -2.13 -28.84
N LYS C 38 9.72 -2.18 -29.93
CA LYS C 38 8.34 -1.69 -29.91
C LYS C 38 7.49 -2.56 -28.99
N ILE C 39 7.66 -3.87 -29.09
CA ILE C 39 6.91 -4.78 -28.25
C ILE C 39 7.32 -4.52 -26.80
N SER C 40 8.58 -4.17 -26.62
CA SER C 40 9.13 -3.89 -25.30
C SER C 40 8.35 -2.77 -24.62
N GLU C 41 7.86 -1.82 -25.41
CA GLU C 41 7.09 -0.68 -24.89
C GLU C 41 5.76 -1.09 -24.27
N ARG C 42 5.31 -2.31 -24.55
CA ARG C 42 4.02 -2.74 -24.00
C ARG C 42 4.14 -3.82 -22.94
N TYR C 43 5.07 -4.75 -23.14
CA TYR C 43 5.21 -5.83 -22.19
C TYR C 43 6.30 -5.64 -21.17
N GLY C 44 7.16 -4.65 -21.40
CA GLY C 44 8.25 -4.40 -20.46
C GLY C 44 9.61 -4.72 -21.04
N PRO C 45 10.66 -4.73 -20.20
CA PRO C 45 12.02 -5.03 -20.63
C PRO C 45 12.35 -6.49 -20.75
N VAL C 46 11.52 -7.35 -20.18
CA VAL C 46 11.75 -8.78 -20.24
C VAL C 46 10.44 -9.40 -20.70
N PHE C 47 10.40 -9.90 -21.93
CA PHE C 47 9.18 -10.47 -22.47
C PHE C 47 9.47 -11.68 -23.34
N THR C 48 8.43 -12.43 -23.69
CA THR C 48 8.56 -13.61 -24.54
C THR C 48 8.07 -13.36 -25.98
N ILE C 49 8.75 -13.99 -26.91
CA ILE C 49 8.41 -13.84 -28.32
C ILE C 49 8.63 -15.18 -28.97
N HIS C 50 7.91 -15.42 -30.05
CA HIS C 50 8.06 -16.67 -30.78
C HIS C 50 8.55 -16.41 -32.20
N LEU C 51 9.81 -16.73 -32.44
CA LEU C 51 10.39 -16.58 -33.77
C LEU C 51 10.05 -17.87 -34.44
N GLY C 52 9.01 -17.85 -35.27
CA GLY C 52 8.58 -19.09 -35.89
C GLY C 52 8.28 -19.92 -34.64
N PRO C 53 8.59 -21.21 -34.64
CA PRO C 53 8.32 -22.06 -33.49
C PRO C 53 9.35 -21.92 -32.34
N ARG C 54 10.26 -20.95 -32.44
CA ARG C 54 11.27 -20.78 -31.38
C ARG C 54 10.74 -19.90 -30.24
N ARG C 55 10.61 -20.44 -29.03
CA ARG C 55 10.17 -19.59 -27.91
C ARG C 55 11.43 -18.89 -27.39
N VAL C 56 11.36 -17.57 -27.29
CA VAL C 56 12.52 -16.79 -26.90
C VAL C 56 12.21 -15.72 -25.86
N VAL C 57 13.14 -15.55 -24.92
CA VAL C 57 12.97 -14.50 -23.92
C VAL C 57 13.91 -13.39 -24.32
N VAL C 58 13.34 -12.22 -24.45
CA VAL C 58 14.05 -11.04 -24.88
C VAL C 58 14.38 -10.12 -23.69
N LEU C 59 15.67 -9.87 -23.47
CA LEU C 59 16.11 -8.97 -22.39
C LEU C 59 16.48 -7.62 -22.99
N CYS C 60 15.81 -6.56 -22.56
CA CYS C 60 16.11 -5.23 -23.08
C CYS C 60 16.60 -4.37 -21.93
N GLY C 61 17.52 -3.45 -22.24
CA GLY C 61 18.04 -2.55 -21.22
C GLY C 61 19.26 -3.10 -20.49
N HIS C 62 20.11 -2.19 -20.05
CA HIS C 62 21.32 -2.58 -19.32
C HIS C 62 21.03 -3.47 -18.13
N ASP C 63 20.04 -3.10 -17.32
CA ASP C 63 19.74 -3.89 -16.14
C ASP C 63 19.32 -5.32 -16.37
N ALA C 64 18.30 -5.50 -17.21
CA ALA C 64 17.81 -6.83 -17.51
C ALA C 64 18.92 -7.72 -18.05
N VAL C 65 19.72 -7.18 -18.96
CA VAL C 65 20.80 -7.96 -19.55
C VAL C 65 21.86 -8.33 -18.51
N LYS C 66 22.24 -7.36 -17.69
CA LYS C 66 23.25 -7.62 -16.66
C LYS C 66 22.69 -8.57 -15.62
N GLU C 67 21.48 -8.28 -15.15
CA GLU C 67 20.87 -9.15 -14.15
C GLU C 67 20.96 -10.61 -14.57
N ALA C 68 20.77 -10.88 -15.85
CA ALA C 68 20.82 -12.23 -16.36
C ALA C 68 22.22 -12.69 -16.72
N LEU C 69 22.87 -11.93 -17.58
CA LEU C 69 24.19 -12.32 -18.02
C LEU C 69 25.27 -12.35 -16.94
N VAL C 70 25.26 -11.36 -16.05
CA VAL C 70 26.26 -11.35 -15.01
C VAL C 70 25.72 -11.86 -13.68
N ASP C 71 24.62 -11.30 -13.18
CA ASP C 71 24.07 -11.73 -11.88
C ASP C 71 23.60 -13.19 -11.84
N GLN C 72 23.30 -13.78 -13.00
CA GLN C 72 22.88 -15.17 -13.05
C GLN C 72 23.64 -15.76 -14.24
N ALA C 73 24.91 -15.38 -14.28
CA ALA C 73 25.87 -15.75 -15.30
C ALA C 73 25.88 -17.21 -15.71
N GLU C 74 25.97 -18.10 -14.72
CA GLU C 74 26.01 -19.53 -14.97
C GLU C 74 24.72 -20.14 -15.57
N GLU C 75 23.56 -19.69 -15.09
CA GLU C 75 22.30 -20.23 -15.61
C GLU C 75 22.11 -19.79 -17.07
N PHE C 76 22.41 -18.53 -17.34
CA PHE C 76 22.28 -17.97 -18.67
C PHE C 76 23.51 -18.16 -19.55
N SER C 77 24.29 -19.20 -19.33
CA SER C 77 25.48 -19.35 -20.16
C SER C 77 25.40 -20.38 -21.29
N GLY C 78 24.20 -20.86 -21.59
CA GLY C 78 24.06 -21.82 -22.68
C GLY C 78 24.00 -21.06 -23.99
N ARG C 79 24.18 -21.74 -25.11
CA ARG C 79 24.14 -21.05 -26.40
C ARG C 79 22.79 -21.27 -27.12
N GLY C 80 22.17 -20.18 -27.57
CA GLY C 80 20.91 -20.29 -28.30
C GLY C 80 21.23 -20.50 -29.78
N GLU C 81 20.25 -20.41 -30.66
CA GLU C 81 20.57 -20.65 -32.06
C GLU C 81 20.72 -19.45 -32.98
N GLN C 82 21.48 -19.67 -34.04
CA GLN C 82 21.70 -18.66 -35.09
C GLN C 82 21.66 -19.62 -36.24
N ALA C 83 20.45 -19.76 -36.79
CA ALA C 83 20.16 -20.69 -37.86
C ALA C 83 21.08 -20.69 -39.08
N THR C 84 21.49 -19.53 -39.54
CA THR C 84 22.36 -19.50 -40.70
C THR C 84 23.63 -20.26 -40.34
N PHE C 85 24.34 -19.81 -39.31
CA PHE C 85 25.57 -20.50 -38.94
C PHE C 85 25.35 -21.91 -38.45
N ASP C 86 24.24 -22.16 -37.74
CA ASP C 86 23.98 -23.52 -37.24
C ASP C 86 23.87 -24.53 -38.36
N TRP C 87 23.58 -24.03 -39.55
CA TRP C 87 23.44 -24.88 -40.72
C TRP C 87 24.77 -25.57 -40.97
N LEU C 88 25.85 -24.84 -40.74
CA LEU C 88 27.20 -25.36 -40.93
C LEU C 88 27.80 -26.00 -39.69
N PHE C 89 27.85 -25.26 -38.59
CA PHE C 89 28.45 -25.79 -37.36
C PHE C 89 27.70 -26.94 -36.68
N LYS C 90 26.39 -26.98 -36.81
CA LYS C 90 25.62 -28.05 -36.19
C LYS C 90 26.01 -28.34 -34.73
N GLY C 91 26.12 -27.31 -33.91
CA GLY C 91 26.48 -27.52 -32.51
C GLY C 91 27.96 -27.79 -32.20
N TYR C 92 28.82 -27.80 -33.23
CA TYR C 92 30.23 -28.05 -33.00
C TYR C 92 31.02 -26.76 -33.03
N GLY C 93 32.31 -26.87 -32.71
CA GLY C 93 33.15 -25.69 -32.69
C GLY C 93 32.99 -25.03 -31.32
N VAL C 94 33.72 -23.97 -31.07
CA VAL C 94 33.64 -23.32 -29.79
C VAL C 94 32.46 -22.36 -29.61
N ALA C 95 32.14 -21.61 -30.66
CA ALA C 95 31.09 -20.61 -30.58
C ALA C 95 29.61 -21.01 -30.55
N PHE C 96 29.26 -22.12 -31.18
CA PHE C 96 27.85 -22.51 -31.24
C PHE C 96 27.67 -23.87 -30.60
N SER C 97 28.26 -24.02 -29.43
CA SER C 97 28.20 -25.26 -28.71
C SER C 97 27.68 -24.98 -27.33
N ASN C 98 27.30 -26.04 -26.62
CA ASN C 98 26.79 -25.92 -25.27
C ASN C 98 27.50 -26.82 -24.27
N GLY C 99 27.32 -26.52 -22.99
CA GLY C 99 27.90 -27.33 -21.93
C GLY C 99 29.38 -27.66 -22.03
N GLU C 100 29.72 -28.88 -21.65
CA GLU C 100 31.11 -29.36 -21.65
C GLU C 100 31.88 -28.93 -22.91
N ARG C 101 31.42 -29.35 -24.07
CA ARG C 101 32.07 -28.99 -25.34
C ARG C 101 32.49 -27.53 -25.36
N ALA C 102 31.55 -26.64 -25.06
CA ALA C 102 31.88 -25.22 -25.07
C ALA C 102 32.91 -24.90 -23.98
N LYS C 103 32.79 -25.57 -22.83
CA LYS C 103 33.69 -25.36 -21.72
C LYS C 103 35.13 -25.64 -22.15
N GLN C 104 35.37 -26.88 -22.56
CA GLN C 104 36.67 -27.31 -23.01
C GLN C 104 37.24 -26.41 -24.12
N LEU C 105 36.57 -26.39 -25.27
CA LEU C 105 37.02 -25.58 -26.41
C LEU C 105 37.28 -24.12 -26.08
N ARG C 106 36.44 -23.51 -25.25
CA ARG C 106 36.68 -22.11 -24.93
C ARG C 106 37.99 -21.91 -24.16
N ARG C 107 38.23 -22.80 -23.18
CA ARG C 107 39.42 -22.74 -22.34
C ARG C 107 40.68 -22.86 -23.19
N PHE C 108 40.76 -23.95 -23.94
CA PHE C 108 41.89 -24.20 -24.82
C PHE C 108 42.19 -22.99 -25.72
N SER C 109 41.20 -22.58 -26.49
CA SER C 109 41.34 -21.46 -27.39
C SER C 109 41.97 -20.24 -26.75
N ILE C 110 41.53 -19.89 -25.55
CA ILE C 110 42.09 -18.71 -24.86
C ILE C 110 43.56 -18.91 -24.50
N ALA C 111 43.90 -20.14 -24.13
CA ALA C 111 45.26 -20.50 -23.72
C ALA C 111 46.19 -20.52 -24.91
N THR C 112 45.72 -21.16 -25.98
CA THR C 112 46.51 -21.28 -27.20
C THR C 112 46.67 -19.92 -27.87
N LEU C 113 45.69 -19.07 -27.72
CA LEU C 113 45.79 -17.75 -28.31
C LEU C 113 46.81 -16.91 -27.55
N ARG C 114 46.71 -16.91 -26.22
CA ARG C 114 47.65 -16.13 -25.43
C ARG C 114 49.03 -16.78 -25.57
N GLY C 115 49.02 -18.07 -25.92
CA GLY C 115 50.25 -18.80 -26.10
C GLY C 115 50.96 -18.42 -27.40
N PHE C 116 50.21 -17.89 -28.36
CA PHE C 116 50.81 -17.47 -29.63
C PHE C 116 50.92 -15.97 -29.70
N GLY C 117 50.90 -15.33 -28.55
CA GLY C 117 51.09 -13.89 -28.53
C GLY C 117 49.94 -12.96 -28.19
N VAL C 118 48.69 -13.44 -28.22
CA VAL C 118 47.56 -12.58 -27.94
C VAL C 118 47.66 -11.79 -26.63
N GLY C 119 47.61 -10.47 -26.74
CA GLY C 119 47.69 -9.61 -25.56
C GLY C 119 49.12 -9.17 -25.20
N LYS C 120 50.05 -10.06 -25.47
CA LYS C 120 51.45 -9.83 -25.18
C LYS C 120 52.08 -8.71 -26.00
N ARG C 121 53.12 -9.07 -26.75
CA ARG C 121 53.83 -8.12 -27.59
C ARG C 121 54.12 -8.87 -28.88
N GLY C 122 54.29 -10.19 -28.76
CA GLY C 122 54.53 -11.00 -29.92
C GLY C 122 53.46 -10.66 -30.94
N ILE C 123 52.21 -10.61 -30.48
CA ILE C 123 51.10 -10.30 -31.37
C ILE C 123 50.97 -8.79 -31.57
N GLU C 124 51.56 -8.00 -30.68
CA GLU C 124 51.51 -6.56 -30.86
C GLU C 124 52.37 -6.21 -32.07
N GLU C 125 53.49 -6.92 -32.22
CA GLU C 125 54.39 -6.69 -33.34
C GLU C 125 53.77 -7.21 -34.63
N ARG C 126 53.06 -8.34 -34.56
CA ARG C 126 52.41 -8.91 -35.75
C ARG C 126 51.47 -7.90 -36.36
N ILE C 127 50.60 -7.33 -35.51
CA ILE C 127 49.65 -6.34 -35.95
C ILE C 127 50.41 -5.16 -36.53
N GLN C 128 51.40 -4.70 -35.76
CA GLN C 128 52.21 -3.56 -36.17
C GLN C 128 52.87 -3.66 -37.53
N GLU C 129 53.44 -4.81 -37.88
CA GLU C 129 54.06 -4.90 -39.18
C GLU C 129 52.94 -5.04 -40.22
N GLU C 130 51.95 -5.87 -39.91
CA GLU C 130 50.84 -6.03 -40.84
C GLU C 130 50.18 -4.68 -41.05
N ALA C 131 50.20 -3.84 -40.01
CA ALA C 131 49.62 -2.52 -40.12
C ALA C 131 50.45 -1.71 -41.12
N GLY C 132 51.74 -2.05 -41.23
CA GLY C 132 52.61 -1.36 -42.17
C GLY C 132 52.30 -1.81 -43.58
N PHE C 133 52.29 -3.12 -43.77
CA PHE C 133 51.97 -3.74 -45.07
C PHE C 133 50.68 -3.13 -45.64
N LEU C 134 49.86 -2.56 -44.76
CA LEU C 134 48.61 -1.94 -45.18
C LEU C 134 48.84 -0.50 -45.58
N ILE C 135 49.69 0.20 -44.84
CA ILE C 135 49.98 1.58 -45.17
C ILE C 135 50.75 1.58 -46.48
N ASP C 136 51.44 0.48 -46.74
CA ASP C 136 52.17 0.35 -47.99
C ASP C 136 51.14 0.18 -49.10
N ALA C 137 50.36 -0.89 -49.02
CA ALA C 137 49.31 -1.18 -49.99
C ALA C 137 48.40 0.02 -50.20
N LEU C 138 48.21 0.81 -49.14
CA LEU C 138 47.38 2.00 -49.22
C LEU C 138 48.06 3.15 -49.97
N ARG C 139 49.32 3.41 -49.66
CA ARG C 139 50.04 4.48 -50.35
C ARG C 139 49.98 4.24 -51.85
N GLY C 140 49.89 2.96 -52.22
CA GLY C 140 49.82 2.59 -53.62
C GLY C 140 48.51 2.98 -54.29
N THR C 141 47.84 3.99 -53.75
CA THR C 141 46.57 4.48 -54.31
C THR C 141 46.75 5.97 -54.56
N HIS C 142 47.85 6.50 -54.05
CA HIS C 142 48.26 7.90 -54.17
C HIS C 142 47.19 8.97 -53.98
N GLY C 143 46.15 8.62 -53.23
CA GLY C 143 45.07 9.56 -52.99
C GLY C 143 43.86 9.25 -53.84
N ALA C 144 43.89 8.09 -54.49
CA ALA C 144 42.81 7.65 -55.34
C ALA C 144 41.57 7.25 -54.52
N ASN C 145 40.41 7.47 -55.12
CA ASN C 145 39.13 7.14 -54.49
C ASN C 145 38.90 5.64 -54.67
N ILE C 146 38.93 4.92 -53.56
CA ILE C 146 38.76 3.46 -53.58
C ILE C 146 37.73 2.97 -52.58
N ASP C 147 37.56 1.65 -52.57
CA ASP C 147 36.63 0.97 -51.68
C ASP C 147 37.48 0.21 -50.65
N PRO C 148 37.62 0.79 -49.45
CA PRO C 148 38.40 0.23 -48.34
C PRO C 148 38.15 -1.23 -47.99
N THR C 149 36.88 -1.59 -47.87
CA THR C 149 36.48 -2.94 -47.50
C THR C 149 37.55 -4.03 -47.51
N PHE C 150 37.97 -4.48 -48.69
CA PHE C 150 38.97 -5.55 -48.75
C PHE C 150 40.41 -5.21 -48.43
N PHE C 151 40.67 -3.95 -48.13
CA PHE C 151 42.01 -3.53 -47.73
C PHE C 151 42.03 -3.73 -46.22
N LEU C 152 40.96 -3.26 -45.57
CA LEU C 152 40.80 -3.38 -44.13
C LEU C 152 40.70 -4.86 -43.77
N SER C 153 39.88 -5.59 -44.53
CA SER C 153 39.67 -7.01 -44.27
C SER C 153 40.87 -7.89 -44.54
N ARG C 154 41.63 -7.62 -45.59
CA ARG C 154 42.80 -8.46 -45.85
C ARG C 154 43.82 -8.22 -44.74
N THR C 155 43.97 -6.95 -44.33
CA THR C 155 44.90 -6.59 -43.27
C THR C 155 44.48 -7.28 -41.95
N VAL C 156 43.25 -7.02 -41.53
CA VAL C 156 42.67 -7.59 -40.32
C VAL C 156 42.78 -9.12 -40.29
N SER C 157 42.37 -9.75 -41.39
CA SER C 157 42.39 -11.20 -41.49
C SER C 157 43.77 -11.84 -41.34
N ASN C 158 44.82 -11.06 -41.58
CA ASN C 158 46.16 -11.64 -41.47
C ASN C 158 46.61 -11.82 -40.04
N VAL C 159 46.23 -10.88 -39.17
CA VAL C 159 46.59 -10.98 -37.77
C VAL C 159 46.19 -12.35 -37.25
N ILE C 160 44.89 -12.61 -37.22
CA ILE C 160 44.39 -13.90 -36.74
C ILE C 160 44.82 -15.06 -37.64
N SER C 161 45.12 -14.77 -38.90
CA SER C 161 45.57 -15.82 -39.82
C SER C 161 46.99 -16.30 -39.50
N SER C 162 47.88 -15.36 -39.21
CA SER C 162 49.24 -15.77 -38.88
C SER C 162 49.19 -16.68 -37.65
N ILE C 163 48.24 -16.41 -36.76
CA ILE C 163 48.06 -17.21 -35.55
C ILE C 163 47.52 -18.60 -35.79
N VAL C 164 46.39 -18.70 -36.49
CA VAL C 164 45.79 -20.00 -36.73
C VAL C 164 46.32 -20.76 -37.93
N PHE C 165 46.79 -20.03 -38.94
CA PHE C 165 47.31 -20.68 -40.14
C PHE C 165 48.83 -20.82 -40.17
N GLY C 166 49.52 -19.98 -39.39
CA GLY C 166 50.97 -20.06 -39.38
C GLY C 166 51.57 -18.78 -39.89
N ASP C 167 51.25 -18.42 -41.13
CA ASP C 167 51.77 -17.20 -41.69
C ASP C 167 50.68 -16.44 -42.44
N ARG C 168 50.85 -15.14 -42.55
CA ARG C 168 49.89 -14.27 -43.23
C ARG C 168 49.56 -14.74 -44.64
N PHE C 169 48.61 -14.04 -45.25
CA PHE C 169 48.20 -14.33 -46.62
C PHE C 169 48.77 -13.23 -47.47
N ASP C 170 49.19 -13.58 -48.68
CA ASP C 170 49.74 -12.59 -49.60
C ASP C 170 48.56 -11.71 -50.04
N TYR C 171 48.67 -10.40 -49.86
CA TYR C 171 47.61 -9.48 -50.24
C TYR C 171 47.00 -9.66 -51.63
N GLU C 172 47.69 -10.40 -52.51
CA GLU C 172 47.18 -10.61 -53.86
C GLU C 172 46.79 -12.05 -54.15
N ASP C 173 46.83 -12.90 -53.12
CA ASP C 173 46.43 -14.28 -53.29
C ASP C 173 44.96 -14.23 -53.68
N LYS C 174 44.61 -14.94 -54.76
CA LYS C 174 43.23 -14.93 -55.25
C LYS C 174 42.31 -15.74 -54.33
N GLU C 175 42.86 -16.78 -53.70
CA GLU C 175 42.07 -17.62 -52.82
C GLU C 175 41.80 -16.91 -51.49
N PHE C 176 42.51 -15.82 -51.25
CA PHE C 176 42.36 -15.02 -50.03
C PHE C 176 41.34 -13.91 -50.17
N LEU C 177 41.29 -13.28 -51.34
CA LEU C 177 40.31 -12.22 -51.58
C LEU C 177 38.97 -12.94 -51.57
N SER C 178 38.99 -14.16 -52.07
CA SER C 178 37.84 -15.03 -52.16
C SER C 178 37.24 -15.27 -50.76
N LEU C 179 37.94 -16.03 -49.94
CA LEU C 179 37.50 -16.35 -48.58
C LEU C 179 36.99 -15.10 -47.86
N LEU C 180 37.60 -13.95 -48.15
CA LEU C 180 37.22 -12.69 -47.53
C LEU C 180 35.87 -12.19 -48.05
N ARG C 181 35.47 -12.70 -49.21
CA ARG C 181 34.20 -12.34 -49.84
C ARG C 181 33.12 -13.25 -49.25
N MET C 182 33.47 -14.53 -49.12
CA MET C 182 32.55 -15.51 -48.56
C MET C 182 32.10 -15.06 -47.19
N MET C 183 33.04 -14.54 -46.40
CA MET C 183 32.75 -14.08 -45.04
C MET C 183 31.88 -12.82 -45.06
N LEU C 184 32.12 -11.92 -46.01
CA LEU C 184 31.31 -10.71 -46.07
C LEU C 184 29.88 -11.08 -46.48
N GLY C 185 29.76 -12.00 -47.43
CA GLY C 185 28.46 -12.42 -47.93
C GLY C 185 27.57 -13.03 -46.87
N SER C 186 27.99 -14.18 -46.35
CA SER C 186 27.27 -14.90 -45.32
C SER C 186 26.99 -14.00 -44.12
N PHE C 187 28.03 -13.34 -43.62
CA PHE C 187 27.84 -12.46 -42.49
C PHE C 187 26.76 -11.45 -42.82
N GLN C 188 26.81 -10.94 -44.04
CA GLN C 188 25.83 -9.95 -44.47
C GLN C 188 24.42 -10.52 -44.61
N PHE C 189 24.32 -11.77 -45.06
CA PHE C 189 23.02 -12.39 -45.23
C PHE C 189 22.19 -12.42 -43.93
N THR C 190 22.86 -12.64 -42.80
CA THR C 190 22.16 -12.69 -41.51
C THR C 190 21.59 -11.33 -41.09
N ALA C 191 21.94 -10.28 -41.82
CA ALA C 191 21.47 -8.93 -41.49
C ALA C 191 20.31 -8.47 -42.36
N THR C 192 20.01 -9.27 -43.39
CA THR C 192 18.94 -8.98 -44.35
C THR C 192 17.60 -9.55 -43.92
N SER C 193 16.52 -8.97 -44.45
CA SER C 193 15.17 -9.45 -44.17
C SER C 193 15.03 -10.96 -44.37
N THR C 194 15.63 -11.51 -45.42
CA THR C 194 15.53 -12.96 -45.66
C THR C 194 16.38 -13.74 -44.65
N GLY C 195 17.43 -13.08 -44.14
CA GLY C 195 18.29 -13.72 -43.15
C GLY C 195 17.47 -13.90 -41.88
N GLN C 196 16.78 -12.83 -41.49
CA GLN C 196 15.95 -12.92 -40.31
C GLN C 196 14.77 -13.86 -40.55
N LEU C 197 14.29 -13.94 -41.80
CA LEU C 197 13.17 -14.85 -42.09
C LEU C 197 13.65 -16.29 -41.85
N TYR C 198 14.90 -16.54 -42.20
CA TYR C 198 15.51 -17.86 -42.05
C TYR C 198 15.55 -18.30 -40.59
N GLU C 199 15.72 -17.33 -39.71
CA GLU C 199 15.76 -17.59 -38.28
C GLU C 199 14.41 -18.21 -37.89
N MET C 200 13.34 -17.58 -38.34
CA MET C 200 12.00 -18.04 -38.05
C MET C 200 11.65 -19.39 -38.66
N PHE C 201 12.02 -19.59 -39.93
CA PHE C 201 11.59 -20.83 -40.57
C PHE C 201 12.62 -21.71 -41.23
N SER C 202 13.82 -21.70 -40.68
CA SER C 202 14.91 -22.49 -41.23
C SER C 202 14.52 -23.94 -41.58
N SER C 203 13.63 -24.53 -40.80
CA SER C 203 13.24 -25.92 -41.01
C SER C 203 12.64 -26.19 -42.38
N VAL C 204 12.06 -25.16 -43.00
CA VAL C 204 11.48 -25.28 -44.31
C VAL C 204 12.44 -24.64 -45.35
N MET C 205 12.80 -23.39 -45.10
CA MET C 205 13.64 -22.62 -46.02
C MET C 205 15.00 -23.21 -46.37
N LYS C 206 15.48 -24.13 -45.55
CA LYS C 206 16.78 -24.72 -45.84
C LYS C 206 16.66 -25.68 -47.02
N HIS C 207 15.44 -25.95 -47.44
CA HIS C 207 15.23 -26.86 -48.55
C HIS C 207 14.68 -26.11 -49.74
N LEU C 208 14.62 -24.79 -49.62
CA LEU C 208 14.06 -23.95 -50.66
C LEU C 208 15.05 -23.00 -51.30
N PRO C 209 14.86 -22.73 -52.60
CA PRO C 209 15.74 -21.82 -53.31
C PRO C 209 15.71 -20.46 -52.62
N GLY C 210 16.76 -19.68 -52.80
CA GLY C 210 16.80 -18.37 -52.18
C GLY C 210 18.19 -17.97 -51.75
N PRO C 211 18.38 -16.72 -51.33
CA PRO C 211 19.68 -16.22 -50.88
C PRO C 211 20.30 -17.13 -49.79
N GLN C 212 19.44 -17.81 -49.03
CA GLN C 212 19.94 -18.68 -47.99
C GLN C 212 20.88 -19.74 -48.53
N GLN C 213 20.68 -20.17 -49.77
CA GLN C 213 21.56 -21.19 -50.33
C GLN C 213 22.91 -20.57 -50.74
N GLN C 214 22.90 -19.29 -51.07
CA GLN C 214 24.14 -18.61 -51.44
C GLN C 214 24.97 -18.51 -50.16
N ALA C 215 24.31 -18.15 -49.07
CA ALA C 215 24.93 -18.05 -47.75
C ALA C 215 25.50 -19.42 -47.35
N PHE C 216 24.69 -20.47 -47.49
CA PHE C 216 25.19 -21.80 -47.13
C PHE C 216 26.43 -22.14 -47.94
N LYS C 217 26.39 -21.81 -49.23
CA LYS C 217 27.50 -22.08 -50.14
C LYS C 217 28.77 -21.37 -49.67
N GLU C 218 28.65 -20.09 -49.39
CA GLU C 218 29.76 -19.29 -48.91
C GLU C 218 30.33 -19.87 -47.60
N LEU C 219 29.49 -20.53 -46.81
CA LEU C 219 29.93 -21.14 -45.57
C LEU C 219 30.66 -22.44 -45.84
N GLN C 220 30.22 -23.13 -46.88
CA GLN C 220 30.85 -24.39 -47.24
C GLN C 220 32.25 -24.15 -47.80
N GLY C 221 32.43 -23.00 -48.44
CA GLY C 221 33.73 -22.70 -48.99
C GLY C 221 34.73 -22.44 -47.88
N LEU C 222 34.32 -21.69 -46.87
CA LEU C 222 35.18 -21.37 -45.75
C LEU C 222 35.59 -22.64 -45.03
N GLU C 223 34.67 -23.59 -44.88
CA GLU C 223 34.99 -24.82 -44.18
C GLU C 223 35.83 -25.78 -44.99
N ASP C 224 35.56 -25.87 -46.29
CA ASP C 224 36.34 -26.80 -47.10
C ASP C 224 37.79 -26.35 -47.06
N PHE C 225 38.00 -25.05 -46.98
CA PHE C 225 39.34 -24.49 -46.91
C PHE C 225 39.96 -25.03 -45.62
N ILE C 226 39.45 -24.54 -44.49
CA ILE C 226 39.94 -24.96 -43.19
C ILE C 226 40.25 -26.46 -43.09
N ALA C 227 39.36 -27.30 -43.59
CA ALA C 227 39.58 -28.74 -43.49
C ALA C 227 40.86 -29.18 -44.20
N LYS C 228 41.26 -28.46 -45.24
CA LYS C 228 42.46 -28.84 -45.94
C LYS C 228 43.69 -28.45 -45.15
N LYS C 229 43.75 -27.19 -44.70
CA LYS C 229 44.87 -26.71 -43.90
C LYS C 229 45.18 -27.76 -42.83
N VAL C 230 44.14 -28.31 -42.23
CA VAL C 230 44.29 -29.34 -41.21
C VAL C 230 44.91 -30.62 -41.78
N GLU C 231 44.43 -31.03 -42.95
CA GLU C 231 44.97 -32.23 -43.60
C GLU C 231 46.46 -32.03 -43.85
N HIS C 232 46.82 -30.88 -44.43
CA HIS C 232 48.21 -30.54 -44.69
C HIS C 232 48.99 -30.67 -43.38
N ASN C 233 48.63 -29.83 -42.41
CA ASN C 233 49.27 -29.81 -41.10
C ASN C 233 49.36 -31.19 -40.45
N GLN C 234 48.37 -32.03 -40.71
CA GLN C 234 48.35 -33.37 -40.11
C GLN C 234 49.56 -34.24 -40.44
N ARG C 235 49.92 -34.30 -41.72
CA ARG C 235 51.08 -35.12 -42.15
C ARG C 235 52.35 -34.31 -42.37
N THR C 236 52.52 -33.27 -41.55
CA THR C 236 53.69 -32.41 -41.57
C THR C 236 53.77 -31.81 -40.18
N LEU C 237 53.22 -32.56 -39.22
CA LEU C 237 53.16 -32.12 -37.83
C LEU C 237 54.40 -32.45 -37.02
N ASP C 238 54.87 -31.45 -36.28
CA ASP C 238 56.03 -31.61 -35.41
C ASP C 238 55.49 -31.62 -33.98
N PRO C 239 55.10 -32.80 -33.49
CA PRO C 239 54.55 -33.05 -32.15
C PRO C 239 55.08 -32.15 -31.03
N ASN C 240 56.39 -31.91 -31.04
CA ASN C 240 57.01 -31.07 -30.01
C ASN C 240 57.00 -29.59 -30.35
N SER C 241 57.02 -29.27 -31.64
CA SER C 241 57.02 -27.87 -32.06
C SER C 241 55.84 -27.49 -32.97
N PRO C 242 54.79 -26.89 -32.39
CA PRO C 242 53.58 -26.46 -33.11
C PRO C 242 53.76 -25.12 -33.83
N ARG C 243 53.29 -25.05 -35.06
CA ARG C 243 53.41 -23.84 -35.85
C ARG C 243 52.29 -22.83 -35.60
N ASP C 244 51.07 -23.35 -35.53
CA ASP C 244 49.89 -22.52 -35.34
C ASP C 244 48.84 -23.17 -34.43
N PHE C 245 47.71 -22.50 -34.32
CA PHE C 245 46.60 -22.97 -33.50
C PHE C 245 46.20 -24.39 -33.91
N ILE C 246 46.17 -24.65 -35.21
CA ILE C 246 45.79 -25.98 -35.70
C ILE C 246 46.75 -27.03 -35.14
N ASP C 247 48.04 -26.73 -35.17
CA ASP C 247 49.05 -27.65 -34.65
C ASP C 247 48.77 -27.94 -33.18
N SER C 248 48.57 -26.88 -32.40
CA SER C 248 48.29 -27.01 -30.97
C SER C 248 47.14 -27.96 -30.73
N PHE C 249 46.03 -27.70 -31.43
CA PHE C 249 44.81 -28.51 -31.32
C PHE C 249 45.12 -29.93 -31.78
N LEU C 250 45.88 -30.06 -32.87
CA LEU C 250 46.26 -31.37 -33.40
C LEU C 250 47.08 -32.18 -32.41
N ILE C 251 47.98 -31.49 -31.71
CA ILE C 251 48.82 -32.12 -30.71
C ILE C 251 47.92 -32.57 -29.56
N ARG C 252 47.21 -31.63 -28.94
CA ARG C 252 46.31 -31.97 -27.84
C ARG C 252 45.34 -33.06 -28.29
N MET C 253 45.03 -33.06 -29.57
CA MET C 253 44.14 -34.07 -30.13
C MET C 253 44.75 -35.44 -29.88
N GLN C 254 45.99 -35.63 -30.34
CA GLN C 254 46.67 -36.90 -30.14
C GLN C 254 46.61 -37.35 -28.69
N GLU C 255 46.90 -36.43 -27.77
CA GLU C 255 46.89 -36.73 -26.35
C GLU C 255 45.60 -37.33 -25.82
N GLU C 256 44.48 -36.99 -26.44
CA GLU C 256 43.18 -37.50 -25.98
C GLU C 256 42.76 -38.82 -26.59
N GLU C 257 43.48 -39.29 -27.61
CA GLU C 257 43.13 -40.54 -28.27
C GLU C 257 42.56 -41.62 -27.34
N LYS C 258 43.12 -41.73 -26.14
CA LYS C 258 42.67 -42.73 -25.18
C LYS C 258 41.53 -42.25 -24.29
N ASN C 259 40.84 -41.21 -24.73
CA ASN C 259 39.71 -40.64 -24.00
C ASN C 259 38.46 -40.73 -24.85
N PRO C 260 37.46 -41.50 -24.41
CA PRO C 260 36.22 -41.63 -25.19
C PRO C 260 35.31 -40.40 -25.18
N ASN C 261 35.42 -39.57 -24.16
CA ASN C 261 34.57 -38.38 -24.04
C ASN C 261 35.20 -37.07 -24.49
N THR C 262 36.48 -37.11 -24.83
CA THR C 262 37.19 -35.90 -25.25
C THR C 262 36.40 -35.12 -26.29
N GLU C 263 36.49 -33.80 -26.19
CA GLU C 263 35.83 -32.92 -27.13
C GLU C 263 36.92 -32.47 -28.09
N PHE C 264 38.07 -33.15 -28.02
CA PHE C 264 39.20 -32.82 -28.89
C PHE C 264 39.38 -33.83 -30.00
N TYR C 265 38.76 -33.51 -31.13
CA TYR C 265 38.79 -34.34 -32.32
C TYR C 265 38.63 -33.43 -33.54
N LEU C 266 38.74 -34.01 -34.72
CA LEU C 266 38.66 -33.28 -35.98
C LEU C 266 37.56 -32.21 -36.18
N LYS C 267 36.29 -32.63 -36.21
CA LYS C 267 35.20 -31.69 -36.42
C LYS C 267 35.32 -30.42 -35.59
N ASN C 268 35.60 -30.58 -34.29
CA ASN C 268 35.71 -29.43 -33.42
C ASN C 268 36.90 -28.54 -33.73
N LEU C 269 37.93 -29.12 -34.34
CA LEU C 269 39.13 -28.36 -34.70
C LEU C 269 38.75 -27.51 -35.92
N VAL C 270 38.16 -28.18 -36.91
CA VAL C 270 37.73 -27.54 -38.15
C VAL C 270 36.83 -26.36 -37.86
N MET C 271 35.79 -26.61 -37.07
CA MET C 271 34.81 -25.60 -36.69
C MET C 271 35.39 -24.47 -35.84
N THR C 272 36.13 -24.86 -34.81
CA THR C 272 36.73 -23.89 -33.90
C THR C 272 37.66 -22.95 -34.65
N THR C 273 38.47 -23.50 -35.54
CA THR C 273 39.39 -22.66 -36.31
C THR C 273 38.57 -21.74 -37.21
N LEU C 274 37.52 -22.27 -37.80
CA LEU C 274 36.68 -21.43 -38.64
C LEU C 274 36.10 -20.31 -37.77
N ASN C 275 35.67 -20.64 -36.56
CA ASN C 275 35.12 -19.63 -35.64
C ASN C 275 36.10 -18.47 -35.50
N LEU C 276 37.34 -18.79 -35.09
CA LEU C 276 38.38 -17.77 -34.87
C LEU C 276 38.70 -16.97 -36.14
N PHE C 277 38.92 -17.68 -37.24
CA PHE C 277 39.22 -17.03 -38.51
C PHE C 277 38.11 -16.04 -38.86
N PHE C 278 36.89 -16.54 -38.97
CA PHE C 278 35.72 -15.72 -39.32
C PHE C 278 35.54 -14.55 -38.37
N ALA C 279 35.35 -14.86 -37.10
CA ALA C 279 35.16 -13.81 -36.11
C ALA C 279 36.36 -12.89 -36.09
N GLY C 280 37.54 -13.51 -36.20
CA GLY C 280 38.77 -12.75 -36.20
C GLY C 280 38.80 -11.71 -37.30
N THR C 281 38.20 -12.03 -38.44
CA THR C 281 38.21 -11.11 -39.58
C THR C 281 37.10 -10.11 -39.71
N GLU C 282 35.89 -10.62 -39.89
CA GLU C 282 34.71 -9.81 -40.12
C GLU C 282 34.39 -8.74 -39.09
N THR C 283 34.47 -9.12 -37.84
CA THR C 283 34.16 -8.22 -36.74
C THR C 283 34.96 -6.92 -36.73
N VAL C 284 36.27 -7.04 -36.63
CA VAL C 284 37.14 -5.86 -36.62
C VAL C 284 37.03 -5.14 -37.96
N SER C 285 37.06 -5.90 -39.04
CA SER C 285 36.97 -5.32 -40.38
C SER C 285 35.73 -4.43 -40.48
N THR C 286 34.58 -5.01 -40.17
CA THR C 286 33.30 -4.31 -40.25
C THR C 286 33.27 -3.02 -39.42
N THR C 287 33.89 -3.05 -38.25
CA THR C 287 33.90 -1.88 -37.38
C THR C 287 34.76 -0.76 -37.95
N LEU C 288 35.85 -1.14 -38.61
CA LEU C 288 36.76 -0.18 -39.25
C LEU C 288 35.96 0.62 -40.27
N ARG C 289 35.38 -0.08 -41.24
CA ARG C 289 34.60 0.55 -42.29
C ARG C 289 33.58 1.51 -41.72
N TYR C 290 32.83 1.06 -40.71
CA TYR C 290 31.81 1.93 -40.13
C TYR C 290 32.50 3.11 -39.45
N GLY C 291 33.70 2.84 -38.93
CA GLY C 291 34.46 3.90 -38.28
C GLY C 291 34.81 5.06 -39.21
N PHE C 292 35.39 4.75 -40.36
CA PHE C 292 35.78 5.78 -41.34
C PHE C 292 34.62 6.68 -41.73
N LEU C 293 33.52 6.07 -42.13
CA LEU C 293 32.33 6.80 -42.55
C LEU C 293 31.87 7.81 -41.51
N LEU C 294 31.84 7.41 -40.25
CA LEU C 294 31.43 8.30 -39.18
C LEU C 294 32.41 9.46 -39.01
N LEU C 295 33.69 9.17 -39.18
CA LEU C 295 34.72 10.18 -39.05
C LEU C 295 34.58 11.21 -40.17
N MET C 296 34.36 10.74 -41.39
CA MET C 296 34.19 11.64 -42.54
C MET C 296 32.93 12.48 -42.37
N LYS C 297 31.93 11.89 -41.71
CA LYS C 297 30.65 12.57 -41.46
C LYS C 297 30.83 13.63 -40.38
N HIS C 298 31.80 13.39 -39.51
CA HIS C 298 32.09 14.31 -38.43
C HIS C 298 33.53 14.79 -38.52
N PRO C 299 33.72 15.98 -39.14
CA PRO C 299 35.01 16.65 -39.36
C PRO C 299 35.69 16.98 -38.04
N GLU C 300 35.04 17.83 -37.25
CA GLU C 300 35.55 18.25 -35.96
C GLU C 300 36.10 17.08 -35.17
N VAL C 301 35.59 15.89 -35.49
CA VAL C 301 36.01 14.66 -34.82
C VAL C 301 37.30 14.08 -35.42
N GLU C 302 37.36 13.98 -36.75
CA GLU C 302 38.56 13.44 -37.39
C GLU C 302 39.72 14.39 -37.07
N ALA C 303 39.38 15.67 -36.93
CA ALA C 303 40.36 16.71 -36.63
C ALA C 303 40.95 16.52 -35.25
N LYS C 304 40.10 16.58 -34.23
CA LYS C 304 40.55 16.41 -32.85
C LYS C 304 41.37 15.14 -32.65
N VAL C 305 41.10 14.13 -33.48
CA VAL C 305 41.84 12.88 -33.37
C VAL C 305 43.22 13.04 -33.98
N HIS C 306 43.29 13.75 -35.10
CA HIS C 306 44.57 13.98 -35.75
C HIS C 306 45.51 14.76 -34.84
N GLU C 307 44.99 15.79 -34.18
CA GLU C 307 45.82 16.60 -33.30
C GLU C 307 46.32 15.82 -32.10
N GLU C 308 45.59 14.79 -31.70
CA GLU C 308 46.00 13.99 -30.55
C GLU C 308 46.99 12.91 -30.96
N ILE C 309 46.93 12.48 -32.22
CA ILE C 309 47.84 11.46 -32.72
C ILE C 309 49.23 12.04 -32.95
N ASP C 310 49.27 13.22 -33.58
CA ASP C 310 50.53 13.88 -33.87
C ASP C 310 51.15 14.39 -32.58
N ARG C 311 50.32 14.99 -31.73
CA ARG C 311 50.77 15.55 -30.47
C ARG C 311 51.10 14.52 -29.39
N VAL C 312 51.25 13.25 -29.77
CA VAL C 312 51.58 12.20 -28.80
C VAL C 312 52.48 11.13 -29.41
N ILE C 313 52.51 11.06 -30.74
CA ILE C 313 53.32 10.07 -31.42
C ILE C 313 54.41 10.71 -32.30
N GLY C 314 54.01 11.16 -33.48
CA GLY C 314 55.00 11.77 -34.37
C GLY C 314 55.23 10.91 -35.59
N LYS C 315 54.80 11.43 -36.73
CA LYS C 315 54.91 10.77 -38.03
C LYS C 315 55.95 9.66 -38.20
N ASN C 316 57.11 9.79 -37.57
CA ASN C 316 58.16 8.78 -37.75
C ASN C 316 57.96 7.39 -37.10
N ARG C 317 57.57 7.34 -35.83
CA ARG C 317 57.40 6.06 -35.14
C ARG C 317 55.98 5.46 -35.14
N GLN C 318 55.90 4.14 -35.30
CA GLN C 318 54.62 3.47 -35.30
C GLN C 318 54.05 3.41 -33.88
N PRO C 319 52.73 3.59 -33.75
CA PRO C 319 52.05 3.56 -32.44
C PRO C 319 52.03 2.18 -31.82
N LYS C 320 51.83 2.15 -30.50
CA LYS C 320 51.76 0.89 -29.75
C LYS C 320 50.60 0.99 -28.76
N PHE C 321 50.17 -0.14 -28.21
CA PHE C 321 49.05 -0.17 -27.27
C PHE C 321 49.11 0.80 -26.08
N GLU C 322 50.25 0.89 -25.40
CA GLU C 322 50.39 1.80 -24.26
C GLU C 322 50.00 3.24 -24.61
N ASP C 323 50.29 3.63 -25.84
CA ASP C 323 50.00 4.97 -26.34
C ASP C 323 48.62 5.47 -25.90
N ARG C 324 47.62 4.59 -25.97
CA ARG C 324 46.26 4.96 -25.60
C ARG C 324 46.18 5.58 -24.23
N ALA C 325 46.99 5.08 -23.32
CA ALA C 325 47.00 5.56 -21.94
C ALA C 325 46.99 7.09 -21.90
N LYS C 326 47.63 7.70 -22.88
CA LYS C 326 47.73 9.16 -22.97
C LYS C 326 46.70 9.78 -23.91
N MET C 327 46.09 8.96 -24.75
CA MET C 327 45.10 9.43 -25.73
C MET C 327 43.65 9.11 -25.33
N PRO C 328 43.04 9.95 -24.49
CA PRO C 328 41.66 9.68 -24.08
C PRO C 328 40.67 9.87 -25.23
N TYR C 329 40.60 11.09 -25.75
CA TYR C 329 39.69 11.41 -26.84
C TYR C 329 39.71 10.37 -27.95
N THR C 330 40.86 9.73 -28.14
CA THR C 330 41.00 8.71 -29.18
C THR C 330 40.37 7.38 -28.73
N GLU C 331 40.57 7.02 -27.46
CA GLU C 331 39.97 5.80 -26.95
C GLU C 331 38.46 6.00 -27.01
N ALA C 332 38.01 7.19 -26.62
CA ALA C 332 36.59 7.54 -26.63
C ALA C 332 35.99 7.43 -28.04
N VAL C 333 36.58 8.15 -29.00
CA VAL C 333 36.09 8.09 -30.37
C VAL C 333 36.00 6.66 -30.86
N ILE C 334 37.04 5.86 -30.58
CA ILE C 334 37.02 4.47 -31.02
C ILE C 334 35.86 3.75 -30.36
N HIS C 335 35.58 4.10 -29.11
CA HIS C 335 34.49 3.47 -28.40
C HIS C 335 33.12 3.92 -28.88
N GLU C 336 32.97 5.21 -29.11
CA GLU C 336 31.69 5.71 -29.60
C GLU C 336 31.38 5.07 -30.95
N ILE C 337 32.40 4.64 -31.66
CA ILE C 337 32.19 4.02 -32.95
C ILE C 337 31.62 2.63 -32.72
N GLN C 338 32.20 1.90 -31.77
CA GLN C 338 31.71 0.58 -31.48
C GLN C 338 30.32 0.69 -30.91
N ARG C 339 30.05 1.77 -30.17
CA ARG C 339 28.75 1.93 -29.58
C ARG C 339 27.70 2.24 -30.63
N PHE C 340 28.08 3.07 -31.59
CA PHE C 340 27.17 3.47 -32.64
C PHE C 340 26.97 2.36 -33.69
N GLY C 341 28.08 1.77 -34.14
CA GLY C 341 28.04 0.72 -35.15
C GLY C 341 27.36 -0.57 -34.73
N ASP C 342 27.17 -0.71 -33.41
CA ASP C 342 26.50 -1.86 -32.79
C ASP C 342 26.47 -3.13 -33.62
N MET C 343 27.63 -3.77 -33.69
CA MET C 343 27.82 -4.99 -34.44
C MET C 343 26.73 -6.06 -34.35
N LEU C 344 26.31 -6.39 -33.13
CA LEU C 344 25.31 -7.41 -32.95
C LEU C 344 24.22 -6.91 -32.04
N PRO C 345 23.23 -6.20 -32.60
CA PRO C 345 22.11 -5.64 -31.84
C PRO C 345 21.30 -6.59 -30.96
N MET C 346 21.07 -7.80 -31.41
CA MET C 346 20.31 -8.73 -30.58
C MET C 346 21.25 -9.72 -29.90
N GLY C 347 22.54 -9.37 -29.87
CA GLY C 347 23.54 -10.23 -29.27
C GLY C 347 23.58 -11.56 -29.97
N LEU C 348 24.42 -12.46 -29.51
CA LEU C 348 24.44 -13.80 -30.08
C LEU C 348 23.47 -14.43 -29.09
N ALA C 349 22.63 -15.35 -29.52
CA ALA C 349 21.63 -15.91 -28.62
C ALA C 349 22.11 -16.85 -27.52
N HIS C 350 21.58 -16.64 -26.32
CA HIS C 350 21.92 -17.49 -25.19
C HIS C 350 20.81 -18.49 -24.97
N ARG C 351 21.04 -19.40 -24.05
CA ARG C 351 20.08 -20.43 -23.70
C ARG C 351 20.31 -20.69 -22.20
N VAL C 352 19.24 -20.92 -21.44
CA VAL C 352 19.38 -21.27 -20.02
C VAL C 352 19.47 -22.79 -20.09
N ASN C 353 20.49 -23.39 -19.49
CA ASN C 353 20.59 -24.82 -19.60
C ASN C 353 19.88 -25.64 -18.54
N LYS C 354 19.25 -24.98 -17.59
CA LYS C 354 18.48 -25.67 -16.56
C LYS C 354 17.28 -24.81 -16.25
N ASP C 355 16.28 -25.37 -15.57
CA ASP C 355 15.12 -24.58 -15.21
C ASP C 355 15.65 -23.39 -14.38
N THR C 356 15.29 -22.19 -14.80
CA THR C 356 15.78 -20.97 -14.17
C THR C 356 14.70 -19.99 -13.76
N LYS C 357 14.88 -19.34 -12.61
CA LYS C 357 13.93 -18.36 -12.15
C LYS C 357 14.64 -17.02 -12.27
N PHE C 358 13.99 -16.09 -12.96
CA PHE C 358 14.59 -14.79 -13.22
C PHE C 358 13.57 -13.74 -12.88
N ARG C 359 13.94 -12.83 -12.00
CA ARG C 359 12.98 -11.84 -11.54
C ARG C 359 11.77 -12.70 -11.15
N ASP C 360 10.57 -12.33 -11.54
CA ASP C 360 9.44 -13.17 -11.15
C ASP C 360 8.98 -14.15 -12.23
N PHE C 361 9.86 -14.51 -13.16
CA PHE C 361 9.49 -15.44 -14.23
C PHE C 361 10.15 -16.78 -14.09
N PHE C 362 9.68 -17.74 -14.88
CA PHE C 362 10.26 -19.07 -14.88
C PHE C 362 10.62 -19.48 -16.32
N LEU C 363 11.91 -19.67 -16.57
CA LEU C 363 12.37 -20.07 -17.89
C LEU C 363 12.71 -21.55 -17.87
N PRO C 364 11.88 -22.38 -18.51
CA PRO C 364 12.17 -23.81 -18.50
C PRO C 364 13.46 -24.14 -19.25
N LYS C 365 14.09 -25.24 -18.82
CA LYS C 365 15.33 -25.69 -19.43
C LYS C 365 15.25 -25.64 -20.96
N GLY C 366 16.28 -25.10 -21.59
CA GLY C 366 16.32 -25.00 -23.03
C GLY C 366 15.84 -23.67 -23.60
N THR C 367 15.07 -22.90 -22.83
CA THR C 367 14.53 -21.64 -23.34
C THR C 367 15.65 -20.75 -23.86
N GLU C 368 15.47 -20.22 -25.06
CA GLU C 368 16.45 -19.34 -25.69
C GLU C 368 16.31 -17.96 -25.12
N VAL C 369 17.41 -17.21 -25.16
CA VAL C 369 17.42 -15.85 -24.65
C VAL C 369 18.17 -14.88 -25.58
N PHE C 370 17.54 -13.76 -25.89
CA PHE C 370 18.17 -12.74 -26.71
C PHE C 370 18.58 -11.56 -25.82
N PRO C 371 19.90 -11.35 -25.60
CA PRO C 371 20.34 -10.22 -24.77
C PRO C 371 20.52 -9.06 -25.73
N MET C 372 19.53 -8.19 -25.82
CA MET C 372 19.58 -7.05 -26.73
C MET C 372 20.73 -6.08 -26.45
N LEU C 373 21.92 -6.47 -26.90
CA LEU C 373 23.12 -5.67 -26.73
C LEU C 373 22.92 -4.25 -27.19
N GLY C 374 22.25 -4.12 -28.33
CA GLY C 374 22.00 -2.80 -28.87
C GLY C 374 21.14 -1.96 -27.96
N SER C 375 20.23 -2.60 -27.21
CA SER C 375 19.35 -1.87 -26.29
C SER C 375 20.16 -1.31 -25.12
N VAL C 376 21.29 -1.95 -24.83
CA VAL C 376 22.18 -1.53 -23.75
C VAL C 376 23.09 -0.40 -24.26
N LEU C 377 23.60 -0.56 -25.48
CA LEU C 377 24.49 0.45 -26.07
C LEU C 377 23.80 1.77 -26.31
N ARG C 378 22.48 1.75 -26.32
CA ARG C 378 21.67 2.95 -26.55
C ARG C 378 20.77 3.15 -25.35
N ASP C 379 21.02 2.41 -24.27
CA ASP C 379 20.19 2.55 -23.08
C ASP C 379 20.26 4.03 -22.68
N PRO C 380 19.11 4.72 -22.76
CA PRO C 380 19.04 6.14 -22.42
C PRO C 380 19.35 6.49 -20.97
N ARG C 381 19.52 5.46 -20.15
CA ARG C 381 19.85 5.69 -18.75
C ARG C 381 21.34 5.95 -18.66
N PHE C 382 22.09 5.42 -19.61
CA PHE C 382 23.55 5.56 -19.60
C PHE C 382 24.15 6.49 -20.66
N PHE C 383 23.37 6.90 -21.66
CA PHE C 383 23.90 7.79 -22.69
C PHE C 383 22.97 8.98 -22.97
N SER C 384 23.57 10.17 -23.09
CA SER C 384 22.82 11.40 -23.33
C SER C 384 22.02 11.31 -24.62
N ASN C 385 22.74 11.22 -25.74
CA ASN C 385 22.11 11.11 -27.05
C ASN C 385 22.46 9.74 -27.61
N PRO C 386 21.75 8.71 -27.15
CA PRO C 386 21.96 7.33 -27.59
C PRO C 386 21.94 7.13 -29.09
N ARG C 387 21.30 8.04 -29.82
CA ARG C 387 21.24 7.88 -31.27
C ARG C 387 22.27 8.67 -32.08
N ASP C 388 22.88 9.68 -31.47
CA ASP C 388 23.86 10.49 -32.18
C ASP C 388 25.24 9.87 -32.01
N PHE C 389 26.17 10.23 -32.91
CA PHE C 389 27.54 9.73 -32.79
C PHE C 389 28.26 10.87 -32.08
N ASN C 390 28.48 10.72 -30.78
CA ASN C 390 29.12 11.75 -29.98
C ASN C 390 30.17 11.18 -29.02
N PRO C 391 31.46 11.33 -29.36
CA PRO C 391 32.56 10.83 -28.53
C PRO C 391 32.55 11.30 -27.07
N GLN C 392 31.70 12.27 -26.75
CA GLN C 392 31.61 12.78 -25.39
C GLN C 392 30.97 11.76 -24.46
N HIS C 393 30.32 10.75 -25.06
CA HIS C 393 29.67 9.68 -24.30
C HIS C 393 30.72 8.95 -23.47
N PHE C 394 31.98 9.30 -23.74
CA PHE C 394 33.10 8.70 -23.03
C PHE C 394 34.08 9.77 -22.53
N LEU C 395 33.59 11.00 -22.42
CA LEU C 395 34.42 12.12 -21.97
C LEU C 395 33.69 12.97 -20.94
N ASP C 396 34.25 13.04 -19.74
CA ASP C 396 33.65 13.81 -18.65
C ASP C 396 34.07 15.27 -18.69
N LYS C 397 33.79 15.99 -17.60
CA LYS C 397 34.14 17.41 -17.49
C LYS C 397 35.63 17.69 -17.78
N LYS C 398 36.51 17.08 -17.00
CA LYS C 398 37.95 17.28 -17.19
C LYS C 398 38.41 16.65 -18.51
N GLY C 399 37.53 16.66 -19.51
CA GLY C 399 37.85 16.09 -20.82
C GLY C 399 38.56 14.75 -20.78
N GLN C 400 38.38 14.01 -19.70
CA GLN C 400 39.00 12.70 -19.54
C GLN C 400 38.03 11.58 -19.93
N PHE C 401 38.58 10.39 -20.14
CA PHE C 401 37.78 9.23 -20.52
C PHE C 401 36.82 8.75 -19.44
N LYS C 402 35.55 8.63 -19.82
CA LYS C 402 34.47 8.19 -18.92
C LYS C 402 33.93 6.83 -19.36
N LYS C 403 34.52 5.75 -18.87
CA LYS C 403 34.07 4.41 -19.21
C LYS C 403 32.60 4.21 -18.85
N SER C 404 31.98 3.16 -19.39
CA SER C 404 30.56 2.88 -19.08
C SER C 404 30.18 1.40 -18.96
N ASP C 405 29.21 1.14 -18.09
CA ASP C 405 28.73 -0.22 -17.88
C ASP C 405 27.91 -0.65 -19.09
N ALA C 406 27.30 0.32 -19.76
CA ALA C 406 26.50 0.03 -20.94
C ALA C 406 27.38 -0.30 -22.13
N PHE C 407 28.69 -0.05 -22.02
CA PHE C 407 29.60 -0.36 -23.11
C PHE C 407 29.77 -1.87 -23.15
N VAL C 408 28.93 -2.54 -23.95
CA VAL C 408 28.98 -4.00 -24.01
C VAL C 408 29.09 -4.65 -25.40
N PRO C 409 29.75 -3.99 -26.34
CA PRO C 409 29.88 -4.56 -27.69
C PRO C 409 30.44 -5.97 -27.70
N PHE C 410 31.19 -6.35 -26.67
CA PHE C 410 31.79 -7.70 -26.61
C PHE C 410 30.99 -8.67 -25.76
N SER C 411 29.81 -8.21 -25.34
CA SER C 411 28.92 -8.99 -24.48
C SER C 411 29.55 -9.00 -23.07
N ILE C 412 28.89 -9.68 -22.14
CA ILE C 412 29.36 -9.77 -20.76
C ILE C 412 28.98 -11.16 -20.29
N GLY C 413 29.49 -11.57 -19.12
CA GLY C 413 29.15 -12.87 -18.61
C GLY C 413 30.12 -13.95 -19.00
N LYS C 414 29.74 -15.19 -18.80
CA LYS C 414 30.60 -16.32 -19.08
C LYS C 414 30.86 -16.66 -20.54
N ARG C 415 30.20 -16.00 -21.46
CA ARG C 415 30.41 -16.31 -22.89
C ARG C 415 30.86 -15.08 -23.64
N TYR C 416 31.22 -14.03 -22.91
CA TYR C 416 31.67 -12.79 -23.50
C TYR C 416 32.82 -13.11 -24.47
N CYS C 417 33.01 -12.22 -25.44
CA CYS C 417 34.04 -12.42 -26.45
C CYS C 417 35.47 -12.59 -25.88
N PHE C 418 36.02 -13.80 -25.99
CA PHE C 418 37.35 -14.01 -25.49
C PHE C 418 38.40 -13.58 -26.51
N GLY C 419 38.00 -12.68 -27.41
CA GLY C 419 38.89 -12.18 -28.42
C GLY C 419 38.89 -10.68 -28.26
N GLU C 420 38.19 -10.20 -27.23
CA GLU C 420 38.10 -8.77 -26.99
C GLU C 420 39.46 -8.09 -26.88
N GLY C 421 40.43 -8.81 -26.31
CA GLY C 421 41.76 -8.24 -26.18
C GLY C 421 42.30 -7.99 -27.58
N LEU C 422 42.52 -9.08 -28.32
CA LEU C 422 43.02 -9.03 -29.68
C LEU C 422 42.27 -8.00 -30.52
N ALA C 423 41.01 -7.77 -30.17
CA ALA C 423 40.17 -6.84 -30.91
C ALA C 423 40.36 -5.39 -30.50
N ARG C 424 40.43 -5.11 -29.20
CA ARG C 424 40.60 -3.73 -28.77
C ARG C 424 41.99 -3.22 -29.15
N MET C 425 42.92 -4.15 -29.34
CA MET C 425 44.28 -3.80 -29.72
C MET C 425 44.33 -3.62 -31.24
N GLU C 426 43.77 -4.58 -31.97
CA GLU C 426 43.73 -4.50 -33.43
C GLU C 426 43.03 -3.22 -33.87
N LEU C 427 42.00 -2.81 -33.12
CA LEU C 427 41.27 -1.61 -33.47
C LEU C 427 42.07 -0.35 -33.18
N PHE C 428 42.62 -0.26 -31.98
CA PHE C 428 43.39 0.91 -31.59
C PHE C 428 44.63 1.08 -32.46
N LEU C 429 45.28 -0.02 -32.80
CA LEU C 429 46.48 0.04 -33.61
C LEU C 429 46.22 0.33 -35.09
N PHE C 430 45.19 -0.28 -35.65
CA PHE C 430 44.86 -0.06 -37.06
C PHE C 430 44.27 1.32 -37.29
N PHE C 431 43.41 1.76 -36.38
CA PHE C 431 42.83 3.09 -36.50
C PHE C 431 43.94 4.10 -36.34
N THR C 432 44.56 4.06 -35.15
CA THR C 432 45.63 4.96 -34.79
C THR C 432 46.75 5.07 -35.85
N THR C 433 47.23 3.92 -36.33
CA THR C 433 48.29 3.90 -37.34
C THR C 433 47.85 4.56 -38.65
N ILE C 434 46.71 4.13 -39.17
CA ILE C 434 46.15 4.66 -40.42
C ILE C 434 45.79 6.14 -40.35
N MET C 435 45.48 6.65 -39.16
CA MET C 435 45.11 8.05 -39.06
C MET C 435 46.25 9.02 -38.80
N GLN C 436 47.40 8.52 -38.33
CA GLN C 436 48.51 9.43 -38.11
C GLN C 436 48.96 9.81 -39.53
N ASN C 437 49.14 8.80 -40.37
CA ASN C 437 49.55 8.97 -41.75
C ASN C 437 48.39 9.52 -42.60
N PHE C 438 47.76 8.64 -43.38
CA PHE C 438 46.64 9.00 -44.24
C PHE C 438 45.55 9.85 -43.60
N ARG C 439 44.89 10.66 -44.41
CA ARG C 439 43.80 11.52 -43.98
C ARG C 439 42.58 11.08 -44.80
N PHE C 440 41.40 11.22 -44.21
CA PHE C 440 40.18 10.79 -44.88
C PHE C 440 39.32 11.86 -45.55
N LYS C 441 39.10 11.67 -46.84
CA LYS C 441 38.28 12.58 -47.64
C LYS C 441 37.32 11.74 -48.46
N SER C 442 36.06 12.13 -48.46
CA SER C 442 35.00 11.42 -49.19
C SER C 442 34.66 12.05 -50.53
N PRO C 443 34.20 11.23 -51.48
CA PRO C 443 33.82 11.71 -52.81
C PRO C 443 32.48 12.41 -52.75
N GLN C 444 32.18 13.02 -51.61
CA GLN C 444 30.91 13.73 -51.43
C GLN C 444 30.91 14.60 -50.18
N SER C 445 29.87 15.43 -50.06
CA SER C 445 29.73 16.32 -48.91
C SER C 445 29.65 15.52 -47.63
N PRO C 446 29.72 16.21 -46.48
CA PRO C 446 29.65 15.52 -45.19
C PRO C 446 28.17 15.35 -44.86
N LYS C 447 27.43 16.42 -45.10
CA LYS C 447 26.00 16.47 -44.85
C LYS C 447 25.25 15.41 -45.64
N ASP C 448 25.82 14.99 -46.77
CA ASP C 448 25.19 13.98 -47.60
C ASP C 448 25.53 12.55 -47.18
N ILE C 449 26.56 12.43 -46.34
CA ILE C 449 26.98 11.12 -45.89
C ILE C 449 25.87 10.45 -45.10
N ASP C 450 25.57 9.20 -45.48
CA ASP C 450 24.51 8.42 -44.81
C ASP C 450 25.14 7.45 -43.81
N VAL C 451 25.12 7.81 -42.54
CA VAL C 451 25.70 6.95 -41.51
C VAL C 451 24.74 5.85 -41.03
N SER C 452 23.45 6.02 -41.33
CA SER C 452 22.44 5.04 -40.95
C SER C 452 22.91 3.74 -41.56
N PRO C 453 22.59 2.61 -40.91
CA PRO C 453 23.01 1.32 -41.43
C PRO C 453 22.24 0.84 -42.66
N LYS C 454 22.90 -0.02 -43.42
CA LYS C 454 22.34 -0.61 -44.62
C LYS C 454 21.36 -1.73 -44.26
N HIS C 455 21.80 -2.67 -43.45
CA HIS C 455 20.96 -3.79 -43.03
C HIS C 455 21.14 -4.05 -41.54
N VAL C 456 20.04 -4.06 -40.80
CA VAL C 456 20.07 -4.36 -39.37
C VAL C 456 19.28 -5.63 -39.12
N GLY C 457 19.99 -6.71 -38.82
CA GLY C 457 19.39 -7.98 -38.51
C GLY C 457 20.27 -8.62 -37.43
N PHE C 458 20.83 -9.80 -37.70
CA PHE C 458 21.71 -10.40 -36.73
C PHE C 458 22.92 -9.47 -36.51
N ALA C 459 23.28 -8.73 -37.56
CA ALA C 459 24.40 -7.81 -37.48
C ALA C 459 23.98 -6.43 -37.99
N THR C 460 24.85 -5.45 -37.82
CA THR C 460 24.53 -4.10 -38.27
C THR C 460 25.52 -3.70 -39.34
N ILE C 461 25.12 -3.87 -40.59
CA ILE C 461 26.00 -3.56 -41.72
C ILE C 461 25.91 -2.11 -42.19
N PRO C 462 27.07 -1.49 -42.45
CA PRO C 462 27.08 -0.10 -42.92
C PRO C 462 26.89 -0.06 -44.44
N ARG C 463 26.38 1.07 -44.93
CA ARG C 463 26.14 1.25 -46.36
C ARG C 463 27.43 1.21 -47.19
N ASN C 464 27.38 0.55 -48.33
CA ASN C 464 28.55 0.44 -49.20
C ASN C 464 29.03 1.81 -49.64
N TYR C 465 30.35 2.01 -49.65
CA TYR C 465 30.89 3.31 -50.04
C TYR C 465 32.30 3.31 -50.63
N THR C 466 32.81 4.52 -50.86
CA THR C 466 34.15 4.76 -51.40
C THR C 466 34.72 5.98 -50.69
N MET C 467 36.04 6.10 -50.68
CA MET C 467 36.71 7.24 -50.03
C MET C 467 38.12 7.44 -50.59
N SER C 468 38.76 8.53 -50.18
CA SER C 468 40.12 8.80 -50.62
C SER C 468 41.11 8.98 -49.46
N PHE C 469 42.21 8.24 -49.55
CA PHE C 469 43.27 8.27 -48.54
C PHE C 469 44.31 9.32 -48.91
N LEU C 470 44.44 10.36 -48.08
CA LEU C 470 45.40 11.42 -48.34
C LEU C 470 46.45 11.49 -47.24
N PRO C 471 47.46 12.37 -47.37
CA PRO C 471 48.49 12.46 -46.33
C PRO C 471 48.37 13.69 -45.40
N ARG C 472 48.19 14.86 -46.01
CA ARG C 472 48.09 16.13 -45.29
C ARG C 472 48.94 16.18 -44.02
N GLY D 9 17.10 -11.22 -3.31
CA GLY D 9 15.80 -11.61 -2.67
C GLY D 9 15.72 -11.36 -1.17
N LYS D 10 14.55 -11.61 -0.59
CA LYS D 10 14.30 -11.41 0.83
C LYS D 10 13.82 -12.68 1.53
N LEU D 11 14.22 -12.82 2.80
CA LEU D 11 13.86 -13.97 3.62
C LEU D 11 12.45 -13.80 4.14
N PRO D 12 11.77 -14.91 4.42
CA PRO D 12 10.41 -14.81 4.94
C PRO D 12 10.42 -13.86 6.13
N PRO D 13 9.32 -13.19 6.39
CA PRO D 13 9.36 -12.29 7.54
C PRO D 13 9.16 -13.06 8.83
N GLY D 14 9.36 -12.36 9.95
CA GLY D 14 9.19 -12.93 11.26
C GLY D 14 9.54 -11.85 12.28
N PRO D 15 9.32 -12.10 13.58
CA PRO D 15 9.63 -11.13 14.64
C PRO D 15 11.13 -10.77 14.72
N THR D 16 11.42 -9.52 15.06
CA THR D 16 12.81 -9.06 15.13
C THR D 16 13.58 -9.73 16.28
N PRO D 17 14.71 -10.36 15.97
CA PRO D 17 15.51 -11.04 17.00
C PRO D 17 16.47 -10.08 17.69
N LEU D 18 17.15 -10.58 18.72
CA LEU D 18 18.16 -9.80 19.41
C LEU D 18 19.44 -10.59 19.21
N PRO D 19 20.58 -9.91 19.23
CA PRO D 19 21.84 -10.65 19.04
C PRO D 19 21.99 -11.90 19.94
N PHE D 20 22.51 -12.97 19.34
CA PHE D 20 22.74 -14.24 20.01
C PHE D 20 21.51 -14.96 20.51
N ILE D 21 20.66 -14.29 21.27
CA ILE D 21 19.49 -14.99 21.79
C ILE D 21 18.35 -15.17 20.77
N GLY D 22 18.53 -14.61 19.58
CA GLY D 22 17.51 -14.76 18.55
C GLY D 22 16.15 -14.28 18.97
N ASN D 23 15.16 -15.14 18.83
CA ASN D 23 13.79 -14.75 19.18
C ASN D 23 13.32 -15.32 20.51
N TYR D 24 14.29 -15.52 21.40
CA TYR D 24 14.05 -16.05 22.74
C TYR D 24 12.84 -15.42 23.43
N LEU D 25 12.73 -14.10 23.33
CA LEU D 25 11.63 -13.37 23.96
C LEU D 25 10.28 -13.73 23.41
N GLN D 26 10.24 -14.31 22.21
CA GLN D 26 8.97 -14.67 21.61
C GLN D 26 8.72 -16.16 21.58
N LEU D 27 9.61 -16.93 22.18
CA LEU D 27 9.47 -18.38 22.19
C LEU D 27 9.33 -18.94 23.60
N ASN D 28 8.54 -20.00 23.73
CA ASN D 28 8.38 -20.64 25.02
C ASN D 28 8.93 -22.05 24.94
N THR D 29 10.12 -22.19 25.50
CA THR D 29 10.86 -23.42 25.51
C THR D 29 10.10 -24.65 26.06
N GLU D 30 9.01 -24.42 26.80
CA GLU D 30 8.24 -25.55 27.29
C GLU D 30 7.17 -26.00 26.28
N GLN D 31 6.87 -25.13 25.31
CA GLN D 31 5.94 -25.48 24.23
C GLN D 31 6.30 -24.70 22.96
N MET D 32 7.36 -25.15 22.30
CA MET D 32 7.83 -24.52 21.09
C MET D 32 6.77 -24.57 20.01
N TYR D 33 6.08 -25.70 19.90
CA TYR D 33 5.06 -25.82 18.88
C TYR D 33 4.03 -24.69 18.91
N ASN D 34 3.47 -24.42 20.09
CA ASN D 34 2.47 -23.36 20.22
C ASN D 34 3.11 -21.99 19.98
N SER D 35 4.34 -21.82 20.46
CA SER D 35 5.01 -20.55 20.28
C SER D 35 5.18 -20.23 18.82
N LEU D 36 5.53 -21.24 18.05
CA LEU D 36 5.74 -21.07 16.62
C LEU D 36 4.42 -20.84 15.90
N MET D 37 3.40 -21.59 16.27
CA MET D 37 2.08 -21.41 15.64
C MET D 37 1.48 -20.04 15.95
N LYS D 38 1.57 -19.61 17.19
CA LYS D 38 1.01 -18.31 17.56
C LYS D 38 1.70 -17.25 16.73
N ILE D 39 3.03 -17.32 16.63
CA ILE D 39 3.77 -16.36 15.81
C ILE D 39 3.25 -16.45 14.38
N SER D 40 2.93 -17.67 13.96
CA SER D 40 2.45 -17.92 12.61
C SER D 40 1.15 -17.18 12.25
N GLU D 41 0.27 -17.04 13.22
CA GLU D 41 -1.00 -16.36 13.00
C GLU D 41 -0.73 -14.90 12.73
N ARG D 42 0.51 -14.48 12.98
CA ARG D 42 0.88 -13.09 12.76
C ARG D 42 1.64 -12.83 11.47
N TYR D 43 2.45 -13.79 11.03
CA TYR D 43 3.25 -13.60 9.82
C TYR D 43 2.86 -14.54 8.68
N GLY D 44 2.00 -15.51 8.98
CA GLY D 44 1.58 -16.46 7.96
C GLY D 44 2.22 -17.83 8.12
N PRO D 45 1.95 -18.75 7.17
CA PRO D 45 2.49 -20.11 7.18
C PRO D 45 3.98 -20.27 6.88
N VAL D 46 4.64 -19.24 6.34
CA VAL D 46 6.06 -19.32 6.01
C VAL D 46 6.81 -18.14 6.63
N PHE D 47 7.43 -18.34 7.78
CA PHE D 47 8.14 -17.24 8.41
C PHE D 47 9.52 -17.63 8.93
N THR D 48 10.33 -16.64 9.24
CA THR D 48 11.69 -16.85 9.74
C THR D 48 11.78 -16.66 11.26
N ILE D 49 12.42 -17.61 11.95
CA ILE D 49 12.59 -17.50 13.40
C ILE D 49 14.08 -17.68 13.72
N HIS D 50 14.54 -17.09 14.81
CA HIS D 50 15.94 -17.26 15.19
C HIS D 50 16.02 -18.03 16.52
N LEU D 51 16.46 -19.29 16.45
CA LEU D 51 16.60 -20.13 17.63
C LEU D 51 18.00 -19.88 18.09
N GLY D 52 18.15 -18.93 18.99
CA GLY D 52 19.49 -18.57 19.43
C GLY D 52 20.15 -18.04 18.16
N PRO D 53 21.40 -18.43 17.90
CA PRO D 53 22.04 -17.95 16.67
C PRO D 53 21.57 -18.66 15.40
N ARG D 54 20.66 -19.63 15.52
CA ARG D 54 20.18 -20.35 14.34
C ARG D 54 19.04 -19.65 13.58
N ARG D 55 19.27 -19.30 12.32
CA ARG D 55 18.19 -18.68 11.56
C ARG D 55 17.38 -19.81 10.90
N VAL D 56 16.08 -19.83 11.20
CA VAL D 56 15.22 -20.87 10.67
C VAL D 56 13.95 -20.47 9.94
N VAL D 57 13.70 -21.15 8.82
CA VAL D 57 12.47 -20.90 8.07
C VAL D 57 11.44 -21.95 8.47
N VAL D 58 10.37 -21.49 9.11
CA VAL D 58 9.30 -22.35 9.57
C VAL D 58 8.17 -22.46 8.53
N LEU D 59 7.81 -23.70 8.19
CA LEU D 59 6.74 -24.00 7.24
C LEU D 59 5.59 -24.60 8.03
N CYS D 60 4.44 -23.92 8.00
CA CYS D 60 3.24 -24.37 8.70
C CYS D 60 2.15 -24.76 7.73
N GLY D 61 1.28 -25.68 8.15
CA GLY D 61 0.20 -26.12 7.28
C GLY D 61 0.60 -27.01 6.13
N HIS D 62 -0.35 -27.82 5.69
CA HIS D 62 -0.14 -28.76 4.60
C HIS D 62 0.48 -28.16 3.34
N ASP D 63 -0.09 -27.05 2.88
CA ASP D 63 0.37 -26.43 1.64
C ASP D 63 1.82 -25.97 1.57
N ALA D 64 2.25 -25.15 2.51
CA ALA D 64 3.64 -24.69 2.49
C ALA D 64 4.56 -25.89 2.61
N VAL D 65 4.25 -26.77 3.56
CA VAL D 65 5.08 -27.95 3.77
C VAL D 65 5.24 -28.82 2.53
N LYS D 66 4.13 -29.09 1.86
CA LYS D 66 4.15 -29.92 0.66
C LYS D 66 4.85 -29.26 -0.52
N GLU D 67 4.68 -27.95 -0.65
CA GLU D 67 5.35 -27.22 -1.73
C GLU D 67 6.86 -27.21 -1.59
N ALA D 68 7.33 -27.27 -0.34
CA ALA D 68 8.78 -27.27 -0.14
C ALA D 68 9.31 -28.68 -0.26
N LEU D 69 8.82 -29.56 0.60
CA LEU D 69 9.27 -30.95 0.63
C LEU D 69 8.96 -31.83 -0.58
N VAL D 70 7.84 -31.59 -1.25
CA VAL D 70 7.50 -32.38 -2.43
C VAL D 70 7.76 -31.65 -3.76
N ASP D 71 7.10 -30.52 -3.99
CA ASP D 71 7.28 -29.80 -5.25
C ASP D 71 8.68 -29.24 -5.49
N GLN D 72 9.45 -29.05 -4.42
CA GLN D 72 10.82 -28.56 -4.53
C GLN D 72 11.78 -29.53 -3.77
N ALA D 73 11.32 -30.77 -3.64
CA ALA D 73 12.01 -31.86 -2.94
C ALA D 73 13.52 -31.87 -2.91
N GLU D 74 14.15 -31.62 -4.05
CA GLU D 74 15.60 -31.63 -4.13
C GLU D 74 16.25 -30.46 -3.39
N GLU D 75 15.72 -29.25 -3.57
CA GLU D 75 16.29 -28.09 -2.89
C GLU D 75 16.14 -28.20 -1.37
N PHE D 76 15.09 -28.89 -0.93
CA PHE D 76 14.84 -29.00 0.50
C PHE D 76 15.19 -30.37 1.09
N SER D 77 16.10 -31.08 0.45
CA SER D 77 16.46 -32.40 0.90
C SER D 77 17.64 -32.45 1.86
N GLY D 78 18.13 -31.29 2.29
CA GLY D 78 19.24 -31.26 3.22
C GLY D 78 18.79 -31.42 4.66
N ARG D 79 19.71 -31.81 5.53
CA ARG D 79 19.42 -32.02 6.95
C ARG D 79 19.78 -30.81 7.79
N GLY D 80 18.83 -30.31 8.57
CA GLY D 80 19.12 -29.18 9.43
C GLY D 80 19.64 -29.73 10.77
N GLU D 81 19.67 -28.93 11.83
CA GLU D 81 20.15 -29.53 13.06
C GLU D 81 19.16 -29.95 14.16
N GLN D 82 19.65 -30.84 15.01
CA GLN D 82 18.93 -31.33 16.19
C GLN D 82 20.13 -31.43 17.14
N ALA D 83 20.41 -30.33 17.85
CA ALA D 83 21.56 -30.22 18.75
C ALA D 83 21.85 -31.41 19.67
N THR D 84 20.84 -31.97 20.29
CA THR D 84 21.09 -33.09 21.17
C THR D 84 21.74 -34.25 20.44
N PHE D 85 21.08 -34.73 19.40
CA PHE D 85 21.62 -35.84 18.67
C PHE D 85 22.90 -35.46 17.97
N ASP D 86 22.99 -34.22 17.50
CA ASP D 86 24.19 -33.79 16.81
C ASP D 86 25.43 -33.93 17.70
N TRP D 87 25.22 -33.78 19.01
CA TRP D 87 26.31 -33.90 19.99
C TRP D 87 27.09 -35.16 19.75
N LEU D 88 26.38 -36.24 19.45
CA LEU D 88 27.01 -37.54 19.19
C LEU D 88 27.33 -37.83 17.73
N PHE D 89 26.34 -37.66 16.86
CA PHE D 89 26.51 -37.97 15.45
C PHE D 89 27.49 -37.09 14.68
N LYS D 90 27.53 -35.80 14.96
CA LYS D 90 28.45 -34.89 14.29
C LYS D 90 28.43 -35.01 12.75
N GLY D 91 27.22 -35.17 12.19
CA GLY D 91 27.05 -35.26 10.74
C GLY D 91 27.36 -36.62 10.15
N TYR D 92 27.52 -37.62 11.00
CA TYR D 92 27.82 -38.97 10.53
C TYR D 92 26.58 -39.82 10.61
N GLY D 93 26.56 -40.94 9.88
CA GLY D 93 25.38 -41.79 9.92
C GLY D 93 24.36 -41.32 8.90
N VAL D 94 23.34 -42.14 8.67
CA VAL D 94 22.33 -41.80 7.68
C VAL D 94 21.40 -40.64 8.03
N ALA D 95 20.78 -40.66 9.19
CA ALA D 95 19.82 -39.62 9.56
C ALA D 95 20.24 -38.17 9.76
N PHE D 96 21.44 -37.93 10.28
CA PHE D 96 21.83 -36.57 10.53
C PHE D 96 23.01 -36.14 9.69
N SER D 97 23.04 -36.63 8.45
CA SER D 97 24.09 -36.27 7.52
C SER D 97 23.50 -35.52 6.34
N ASN D 98 24.37 -35.03 5.46
CA ASN D 98 23.95 -34.24 4.32
C ASN D 98 24.61 -34.67 3.02
N GLY D 99 24.00 -34.25 1.93
CA GLY D 99 24.51 -34.53 0.59
C GLY D 99 24.86 -35.96 0.29
N GLU D 100 26.02 -36.13 -0.35
CA GLU D 100 26.49 -37.45 -0.74
C GLU D 100 26.52 -38.49 0.39
N ARG D 101 26.84 -38.07 1.61
CA ARG D 101 26.89 -39.02 2.73
C ARG D 101 25.49 -39.59 2.97
N ALA D 102 24.52 -38.70 3.12
CA ALA D 102 23.15 -39.12 3.35
C ALA D 102 22.64 -39.96 2.18
N LYS D 103 22.96 -39.55 0.96
CA LYS D 103 22.48 -40.29 -0.20
C LYS D 103 23.04 -41.71 -0.28
N GLN D 104 24.34 -41.87 -0.14
CA GLN D 104 24.93 -43.20 -0.22
C GLN D 104 24.45 -44.10 0.90
N LEU D 105 24.34 -43.58 2.11
CA LEU D 105 23.92 -44.39 3.25
C LEU D 105 22.42 -44.71 3.25
N ARG D 106 21.59 -43.78 2.79
CA ARG D 106 20.16 -44.01 2.74
C ARG D 106 19.90 -45.14 1.74
N ARG D 107 20.55 -45.09 0.59
CA ARG D 107 20.34 -46.13 -0.41
C ARG D 107 20.79 -47.47 0.13
N PHE D 108 22.01 -47.52 0.64
CA PHE D 108 22.52 -48.77 1.20
C PHE D 108 21.58 -49.34 2.25
N SER D 109 21.10 -48.49 3.17
CA SER D 109 20.20 -48.93 4.24
C SER D 109 18.89 -49.53 3.75
N ILE D 110 18.20 -48.84 2.85
CA ILE D 110 16.93 -49.33 2.35
C ILE D 110 17.14 -50.68 1.68
N ALA D 111 18.11 -50.74 0.76
CA ALA D 111 18.45 -51.98 0.07
C ALA D 111 18.64 -53.15 1.04
N THR D 112 19.46 -52.94 2.07
CA THR D 112 19.77 -53.96 3.06
C THR D 112 18.60 -54.40 3.95
N LEU D 113 17.82 -53.44 4.46
CA LEU D 113 16.67 -53.78 5.27
C LEU D 113 15.80 -54.75 4.47
N ARG D 114 15.48 -54.37 3.23
CA ARG D 114 14.66 -55.21 2.36
C ARG D 114 15.28 -56.60 2.16
N GLY D 115 16.59 -56.63 1.95
CA GLY D 115 17.28 -57.90 1.79
C GLY D 115 17.12 -58.76 3.03
N PHE D 116 16.83 -58.14 4.17
CA PHE D 116 16.67 -58.92 5.39
C PHE D 116 15.21 -59.19 5.70
N GLY D 117 14.31 -58.76 4.82
CA GLY D 117 12.90 -59.03 5.01
C GLY D 117 11.93 -57.90 5.26
N VAL D 118 12.40 -56.67 5.33
CA VAL D 118 11.47 -55.57 5.58
C VAL D 118 10.59 -55.44 4.34
N GLY D 119 9.28 -55.35 4.55
CA GLY D 119 8.38 -55.25 3.42
C GLY D 119 8.08 -56.62 2.81
N LYS D 120 8.47 -57.69 3.50
CA LYS D 120 8.23 -59.04 2.99
C LYS D 120 7.71 -59.97 4.06
N ARG D 121 7.34 -61.17 3.66
CA ARG D 121 6.83 -62.19 4.58
C ARG D 121 7.85 -62.45 5.69
N GLY D 122 9.13 -62.39 5.31
CA GLY D 122 10.21 -62.62 6.27
C GLY D 122 10.13 -61.81 7.54
N ILE D 123 10.05 -60.49 7.42
CA ILE D 123 9.97 -59.65 8.59
C ILE D 123 8.61 -59.75 9.26
N GLU D 124 7.58 -60.15 8.51
CA GLU D 124 6.24 -60.27 9.09
C GLU D 124 6.26 -61.42 10.08
N GLU D 125 6.91 -62.51 9.68
CA GLU D 125 7.06 -63.69 10.54
C GLU D 125 7.71 -63.24 11.83
N ARG D 126 8.88 -62.63 11.68
CA ARG D 126 9.66 -62.11 12.79
C ARG D 126 8.77 -61.30 13.73
N ILE D 127 7.91 -60.45 13.16
CA ILE D 127 7.04 -59.62 13.98
C ILE D 127 5.99 -60.44 14.73
N GLN D 128 5.40 -61.40 14.03
CA GLN D 128 4.38 -62.25 14.64
C GLN D 128 4.98 -63.05 15.80
N GLU D 129 6.16 -63.64 15.57
CA GLU D 129 6.80 -64.40 16.62
C GLU D 129 7.06 -63.51 17.82
N GLU D 130 7.71 -62.37 17.59
CA GLU D 130 8.02 -61.47 18.68
C GLU D 130 6.75 -60.98 19.33
N ALA D 131 5.68 -60.88 18.55
CA ALA D 131 4.42 -60.43 19.11
C ALA D 131 3.92 -61.53 20.05
N GLY D 132 4.17 -62.77 19.64
CA GLY D 132 3.77 -63.90 20.45
C GLY D 132 4.48 -63.83 21.80
N PHE D 133 5.79 -63.63 21.76
CA PHE D 133 6.58 -63.55 22.98
C PHE D 133 6.09 -62.43 23.91
N LEU D 134 5.43 -61.43 23.33
CA LEU D 134 4.91 -60.33 24.13
C LEU D 134 3.67 -60.77 24.83
N ILE D 135 2.82 -61.50 24.12
CA ILE D 135 1.57 -61.99 24.70
C ILE D 135 1.92 -62.86 25.91
N ASP D 136 2.90 -63.75 25.75
CA ASP D 136 3.35 -64.61 26.84
C ASP D 136 3.74 -63.73 28.03
N ALA D 137 4.61 -62.76 27.76
CA ALA D 137 5.08 -61.86 28.80
C ALA D 137 3.91 -61.16 29.49
N LEU D 138 2.98 -60.63 28.70
CA LEU D 138 1.84 -59.92 29.26
C LEU D 138 0.97 -60.82 30.13
N ARG D 139 0.86 -62.11 29.79
CA ARG D 139 0.08 -63.05 30.57
C ARG D 139 0.70 -63.22 31.95
N GLY D 140 2.01 -63.49 31.97
CA GLY D 140 2.73 -63.67 33.22
C GLY D 140 2.58 -62.49 34.16
N THR D 141 1.81 -61.50 33.73
CA THR D 141 1.56 -60.30 34.53
C THR D 141 0.38 -60.63 35.45
N HIS D 142 -0.35 -61.68 35.11
CA HIS D 142 -1.51 -62.15 35.88
C HIS D 142 -2.47 -61.02 36.23
N GLY D 143 -2.70 -60.13 35.24
CA GLY D 143 -3.61 -59.01 35.42
C GLY D 143 -3.07 -57.90 36.31
N ALA D 144 -1.84 -58.04 36.78
CA ALA D 144 -1.25 -57.03 37.64
C ALA D 144 -1.27 -55.66 36.96
N ASN D 145 -1.43 -54.61 37.74
CA ASN D 145 -1.44 -53.26 37.20
C ASN D 145 0.00 -52.74 37.06
N ILE D 146 0.57 -52.90 35.88
CA ILE D 146 1.95 -52.51 35.58
C ILE D 146 2.12 -51.30 34.66
N ASP D 147 3.38 -50.92 34.47
CA ASP D 147 3.72 -49.83 33.55
C ASP D 147 4.23 -50.56 32.30
N PRO D 148 3.48 -50.48 31.18
CA PRO D 148 3.78 -51.12 29.90
C PRO D 148 5.03 -50.66 29.16
N THR D 149 5.48 -49.44 29.43
CA THR D 149 6.63 -48.86 28.76
C THR D 149 7.69 -49.82 28.25
N PHE D 150 8.35 -50.53 29.16
CA PHE D 150 9.40 -51.43 28.73
C PHE D 150 8.97 -52.82 28.29
N PHE D 151 7.65 -53.08 28.29
CA PHE D 151 7.16 -54.36 27.80
C PHE D 151 7.02 -54.16 26.31
N LEU D 152 6.62 -52.94 25.93
CA LEU D 152 6.44 -52.57 24.53
C LEU D 152 7.78 -52.31 23.84
N SER D 153 8.63 -51.50 24.47
CA SER D 153 9.92 -51.19 23.87
C SER D 153 10.74 -52.46 23.68
N ARG D 154 10.81 -53.26 24.73
CA ARG D 154 11.57 -54.50 24.68
C ARG D 154 11.13 -55.33 23.46
N THR D 155 9.82 -55.51 23.31
CA THR D 155 9.27 -56.28 22.18
C THR D 155 9.54 -55.64 20.83
N VAL D 156 9.23 -54.36 20.71
CA VAL D 156 9.42 -53.60 19.47
C VAL D 156 10.87 -53.61 19.04
N SER D 157 11.76 -53.39 20.01
CA SER D 157 13.18 -53.34 19.74
C SER D 157 13.75 -54.63 19.20
N ASN D 158 13.15 -55.76 19.58
CA ASN D 158 13.66 -57.03 19.09
C ASN D 158 13.42 -57.28 17.60
N VAL D 159 12.50 -56.54 17.00
CA VAL D 159 12.25 -56.69 15.58
C VAL D 159 13.45 -56.12 14.84
N ILE D 160 13.73 -54.84 15.06
CA ILE D 160 14.86 -54.20 14.39
C ILE D 160 16.20 -54.74 14.87
N SER D 161 16.25 -55.19 16.14
CA SER D 161 17.51 -55.74 16.64
C SER D 161 17.85 -57.04 15.90
N SER D 162 16.83 -57.84 15.57
CA SER D 162 17.11 -59.08 14.86
C SER D 162 17.72 -58.77 13.50
N ILE D 163 17.40 -57.60 12.97
CA ILE D 163 17.92 -57.17 11.69
C ILE D 163 19.32 -56.57 11.84
N VAL D 164 19.45 -55.53 12.66
CA VAL D 164 20.76 -54.91 12.81
C VAL D 164 21.78 -55.78 13.49
N PHE D 165 21.36 -56.50 14.53
CA PHE D 165 22.27 -57.36 15.29
C PHE D 165 22.23 -58.85 14.93
N GLY D 166 21.28 -59.25 14.10
CA GLY D 166 21.22 -60.65 13.71
C GLY D 166 20.42 -61.55 14.65
N ASP D 167 20.01 -60.99 15.78
CA ASP D 167 19.23 -61.77 16.73
C ASP D 167 18.59 -60.91 17.80
N ARG D 168 17.52 -61.42 18.39
CA ARG D 168 16.80 -60.70 19.43
C ARG D 168 17.59 -60.82 20.73
N PHE D 169 17.13 -60.08 21.73
CA PHE D 169 17.73 -60.07 23.05
C PHE D 169 16.73 -60.85 23.88
N ASP D 170 17.17 -61.38 25.02
CA ASP D 170 16.24 -62.09 25.87
C ASP D 170 15.49 -61.00 26.63
N TYR D 171 14.20 -61.19 26.86
CA TYR D 171 13.39 -60.20 27.57
C TYR D 171 13.94 -59.91 28.95
N GLU D 172 14.89 -60.73 29.39
CA GLU D 172 15.50 -60.59 30.71
C GLU D 172 16.94 -60.14 30.65
N ASP D 173 17.40 -59.71 29.49
CA ASP D 173 18.77 -59.25 29.35
C ASP D 173 18.84 -57.91 30.10
N LYS D 174 19.81 -57.76 30.99
CA LYS D 174 19.90 -56.53 31.76
C LYS D 174 20.61 -55.38 31.05
N GLU D 175 21.48 -55.69 30.10
CA GLU D 175 22.15 -54.63 29.37
C GLU D 175 21.07 -54.08 28.42
N PHE D 176 20.26 -54.99 27.90
CA PHE D 176 19.16 -54.68 27.01
C PHE D 176 18.24 -53.64 27.66
N LEU D 177 17.77 -53.93 28.86
CA LEU D 177 16.90 -52.99 29.56
C LEU D 177 17.65 -51.67 29.74
N SER D 178 18.96 -51.77 29.86
CA SER D 178 19.80 -50.59 30.05
C SER D 178 19.84 -49.74 28.76
N LEU D 179 20.06 -50.40 27.62
CA LEU D 179 20.09 -49.70 26.34
C LEU D 179 18.76 -48.99 26.12
N LEU D 180 17.67 -49.64 26.52
CA LEU D 180 16.33 -49.08 26.36
C LEU D 180 16.10 -47.82 27.19
N ARG D 181 16.65 -47.77 28.40
CA ARG D 181 16.49 -46.59 29.23
C ARG D 181 17.25 -45.44 28.58
N MET D 182 18.42 -45.76 28.03
CA MET D 182 19.22 -44.75 27.35
C MET D 182 18.39 -44.13 26.20
N MET D 183 17.78 -44.97 25.37
CA MET D 183 16.95 -44.45 24.29
C MET D 183 15.78 -43.62 24.80
N LEU D 184 15.00 -44.15 25.73
CA LEU D 184 13.88 -43.37 26.23
C LEU D 184 14.38 -42.13 26.97
N GLY D 185 15.59 -42.22 27.54
CA GLY D 185 16.13 -41.09 28.27
C GLY D 185 16.49 -39.88 27.40
N SER D 186 17.38 -40.08 26.44
CA SER D 186 17.80 -39.00 25.58
C SER D 186 16.66 -38.47 24.71
N PHE D 187 15.78 -39.37 24.26
CA PHE D 187 14.65 -38.99 23.43
C PHE D 187 13.73 -38.06 24.22
N GLN D 188 13.33 -38.48 25.41
CA GLN D 188 12.44 -37.67 26.24
C GLN D 188 13.06 -36.31 26.60
N PHE D 189 14.39 -36.24 26.68
CA PHE D 189 15.06 -34.98 26.99
C PHE D 189 14.84 -33.93 25.87
N THR D 190 14.92 -34.36 24.60
CA THR D 190 14.71 -33.46 23.45
C THR D 190 13.32 -32.82 23.47
N ALA D 191 12.39 -33.45 24.19
CA ALA D 191 11.02 -32.94 24.30
C ALA D 191 10.76 -32.00 25.48
N THR D 192 11.77 -31.79 26.33
CA THR D 192 11.64 -30.92 27.52
C THR D 192 12.11 -29.47 27.26
N SER D 193 11.64 -28.54 28.09
CA SER D 193 12.03 -27.16 27.91
C SER D 193 13.54 -27.01 27.86
N THR D 194 14.24 -27.69 28.76
CA THR D 194 15.69 -27.62 28.77
C THR D 194 16.24 -28.20 27.46
N GLY D 195 15.53 -29.21 26.94
CA GLY D 195 15.95 -29.84 25.70
C GLY D 195 15.86 -28.81 24.57
N GLN D 196 14.83 -27.98 24.62
CA GLN D 196 14.63 -26.96 23.61
C GLN D 196 15.55 -25.76 23.85
N LEU D 197 15.78 -25.42 25.12
CA LEU D 197 16.69 -24.33 25.42
C LEU D 197 18.03 -24.75 24.80
N TYR D 198 18.32 -26.03 24.91
CA TYR D 198 19.54 -26.59 24.34
C TYR D 198 19.62 -26.35 22.83
N GLU D 199 18.51 -26.53 22.12
CA GLU D 199 18.50 -26.32 20.66
C GLU D 199 18.96 -24.88 20.38
N MET D 200 18.53 -23.95 21.22
CA MET D 200 18.92 -22.57 21.06
C MET D 200 20.36 -22.25 21.51
N PHE D 201 20.81 -22.82 22.62
CA PHE D 201 22.15 -22.46 23.11
C PHE D 201 23.10 -23.60 23.44
N SER D 202 23.12 -24.62 22.60
CA SER D 202 24.00 -25.76 22.84
C SER D 202 25.46 -25.37 22.90
N SER D 203 25.83 -24.28 22.24
CA SER D 203 27.22 -23.85 22.23
C SER D 203 27.73 -23.58 23.64
N VAL D 204 26.85 -23.07 24.49
CA VAL D 204 27.19 -22.78 25.87
C VAL D 204 26.84 -23.97 26.76
N MET D 205 25.59 -24.42 26.64
CA MET D 205 25.04 -25.50 27.43
C MET D 205 25.71 -26.85 27.36
N LYS D 206 26.46 -27.11 26.31
CA LYS D 206 27.11 -28.40 26.27
C LYS D 206 28.28 -28.45 27.28
N HIS D 207 28.65 -27.30 27.84
CA HIS D 207 29.74 -27.21 28.80
C HIS D 207 29.21 -26.88 30.20
N LEU D 208 27.90 -26.93 30.36
CA LEU D 208 27.25 -26.63 31.62
C LEU D 208 26.63 -27.88 32.18
N PRO D 209 26.36 -27.87 33.50
CA PRO D 209 25.76 -29.03 34.14
C PRO D 209 24.25 -28.96 33.88
N GLY D 210 23.59 -30.11 33.94
CA GLY D 210 22.16 -30.16 33.71
C GLY D 210 21.76 -31.46 33.07
N PRO D 211 20.48 -31.62 32.74
CA PRO D 211 19.92 -32.83 32.10
C PRO D 211 20.66 -33.21 30.82
N GLN D 212 21.05 -32.22 30.03
CA GLN D 212 21.76 -32.45 28.78
C GLN D 212 22.98 -33.35 28.96
N GLN D 213 23.65 -33.20 30.10
CA GLN D 213 24.83 -34.02 30.38
C GLN D 213 24.37 -35.48 30.53
N GLN D 214 23.22 -35.68 31.17
CA GLN D 214 22.72 -37.04 31.34
C GLN D 214 22.36 -37.61 29.96
N ALA D 215 21.74 -36.78 29.12
CA ALA D 215 21.37 -37.20 27.77
C ALA D 215 22.58 -37.62 26.96
N PHE D 216 23.66 -36.87 27.05
CA PHE D 216 24.89 -37.20 26.32
C PHE D 216 25.46 -38.53 26.78
N LYS D 217 25.39 -38.78 28.08
CA LYS D 217 25.91 -40.01 28.64
C LYS D 217 25.13 -41.18 28.07
N GLU D 218 23.81 -41.03 27.99
CA GLU D 218 22.94 -42.07 27.43
C GLU D 218 23.25 -42.36 25.95
N LEU D 219 23.63 -41.32 25.21
CA LEU D 219 23.95 -41.47 23.80
C LEU D 219 25.30 -42.14 23.63
N GLN D 220 26.29 -41.71 24.40
CA GLN D 220 27.62 -42.30 24.32
C GLN D 220 27.53 -43.78 24.72
N GLY D 221 26.66 -44.09 25.65
CA GLY D 221 26.51 -45.46 26.07
C GLY D 221 25.95 -46.30 24.95
N LEU D 222 25.01 -45.72 24.21
CA LEU D 222 24.38 -46.42 23.09
C LEU D 222 25.42 -46.67 22.03
N GLU D 223 26.23 -45.65 21.78
CA GLU D 223 27.28 -45.77 20.77
C GLU D 223 28.30 -46.81 21.17
N ASP D 224 28.61 -46.87 22.47
CA ASP D 224 29.59 -47.84 22.95
C ASP D 224 29.07 -49.26 22.79
N PHE D 225 27.77 -49.44 22.93
CA PHE D 225 27.23 -50.78 22.74
C PHE D 225 27.44 -51.16 21.29
N ILE D 226 27.00 -50.31 20.36
CA ILE D 226 27.15 -50.61 18.93
C ILE D 226 28.59 -50.87 18.55
N ALA D 227 29.48 -49.95 18.91
CA ALA D 227 30.90 -50.10 18.57
C ALA D 227 31.47 -51.44 19.00
N LYS D 228 31.04 -51.93 20.15
CA LYS D 228 31.51 -53.21 20.64
C LYS D 228 31.03 -54.33 19.72
N LYS D 229 29.71 -54.38 19.47
CA LYS D 229 29.13 -55.40 18.59
C LYS D 229 29.87 -55.48 17.24
N VAL D 230 30.18 -54.31 16.67
CA VAL D 230 30.86 -54.25 15.38
C VAL D 230 32.21 -54.96 15.41
N GLU D 231 33.05 -54.61 16.39
CA GLU D 231 34.36 -55.24 16.50
C GLU D 231 34.15 -56.76 16.58
N HIS D 232 33.08 -57.20 17.23
CA HIS D 232 32.81 -58.62 17.32
C HIS D 232 32.56 -59.20 15.92
N ASN D 233 31.58 -58.63 15.21
CA ASN D 233 31.25 -59.08 13.86
C ASN D 233 32.48 -59.05 12.95
N GLN D 234 33.32 -58.03 13.08
CA GLN D 234 34.51 -57.92 12.24
C GLN D 234 35.45 -59.11 12.33
N ARG D 235 35.61 -59.66 13.52
CA ARG D 235 36.52 -60.78 13.73
C ARG D 235 35.97 -62.16 13.35
N THR D 236 34.67 -62.19 13.08
CA THR D 236 33.97 -63.42 12.74
C THR D 236 33.26 -63.31 11.40
N LEU D 237 33.51 -62.21 10.70
CA LEU D 237 32.88 -61.94 9.42
C LEU D 237 33.11 -62.92 8.26
N ASP D 238 32.01 -63.43 7.72
CA ASP D 238 32.05 -64.31 6.56
C ASP D 238 31.50 -63.44 5.45
N PRO D 239 32.37 -63.00 4.52
CA PRO D 239 32.05 -62.14 3.38
C PRO D 239 30.85 -62.57 2.53
N ASN D 240 30.67 -63.88 2.37
CA ASN D 240 29.57 -64.39 1.56
C ASN D 240 28.41 -65.00 2.35
N SER D 241 28.21 -64.52 3.58
CA SER D 241 27.12 -65.03 4.39
C SER D 241 26.81 -64.06 5.54
N PRO D 242 26.43 -62.82 5.21
CA PRO D 242 26.11 -61.81 6.23
C PRO D 242 24.97 -62.23 7.16
N ARG D 243 25.17 -62.00 8.45
CA ARG D 243 24.20 -62.38 9.46
C ARG D 243 23.22 -61.29 9.77
N ASP D 244 23.65 -60.05 9.53
CA ASP D 244 22.85 -58.87 9.89
C ASP D 244 23.27 -57.62 9.12
N PHE D 245 22.69 -56.49 9.53
CA PHE D 245 22.98 -55.20 8.91
C PHE D 245 24.46 -54.90 9.03
N ILE D 246 25.01 -55.11 10.21
CA ILE D 246 26.42 -54.84 10.44
C ILE D 246 27.35 -55.60 9.50
N ASP D 247 27.09 -56.88 9.28
CA ASP D 247 27.94 -57.65 8.38
C ASP D 247 27.89 -57.08 6.96
N SER D 248 26.69 -56.72 6.51
CA SER D 248 26.52 -56.19 5.16
C SER D 248 27.34 -54.95 4.91
N PHE D 249 27.37 -54.07 5.90
CA PHE D 249 28.10 -52.83 5.81
C PHE D 249 29.61 -53.10 5.78
N LEU D 250 30.07 -53.98 6.66
CA LEU D 250 31.48 -54.31 6.72
C LEU D 250 31.90 -54.85 5.37
N ILE D 251 31.05 -55.66 4.78
CA ILE D 251 31.32 -56.23 3.48
C ILE D 251 31.46 -55.14 2.40
N ARG D 252 30.58 -54.13 2.44
CA ARG D 252 30.65 -53.04 1.47
C ARG D 252 31.93 -52.26 1.69
N MET D 253 32.25 -51.99 2.96
CA MET D 253 33.47 -51.29 3.31
C MET D 253 34.68 -51.96 2.64
N GLN D 254 34.79 -53.27 2.79
CA GLN D 254 35.90 -53.98 2.17
C GLN D 254 35.86 -53.79 0.67
N GLU D 255 34.66 -53.81 0.11
CA GLU D 255 34.52 -53.62 -1.33
C GLU D 255 34.91 -52.19 -1.71
N GLU D 256 34.93 -51.30 -0.73
CA GLU D 256 35.22 -49.89 -0.95
C GLU D 256 36.58 -49.38 -0.50
N GLU D 257 37.38 -50.27 0.08
CA GLU D 257 38.70 -49.91 0.61
C GLU D 257 39.64 -49.16 -0.32
N LYS D 258 39.63 -49.49 -1.61
CA LYS D 258 40.52 -48.80 -2.53
C LYS D 258 39.94 -47.50 -3.07
N ASN D 259 38.77 -47.14 -2.56
CA ASN D 259 38.12 -45.89 -2.96
C ASN D 259 38.24 -44.92 -1.78
N PRO D 260 39.11 -43.90 -1.92
CA PRO D 260 39.32 -42.91 -0.86
C PRO D 260 38.16 -41.94 -0.61
N ASN D 261 37.25 -41.82 -1.57
CA ASN D 261 36.13 -40.90 -1.40
C ASN D 261 34.87 -41.62 -0.92
N THR D 262 35.00 -42.88 -0.55
CA THR D 262 33.85 -43.65 -0.10
C THR D 262 33.25 -43.15 1.20
N GLU D 263 31.94 -43.28 1.33
CA GLU D 263 31.26 -42.88 2.55
C GLU D 263 31.12 -44.10 3.43
N PHE D 264 31.61 -45.24 2.94
CA PHE D 264 31.53 -46.47 3.69
C PHE D 264 32.73 -46.78 4.58
N TYR D 265 32.63 -46.35 5.83
CA TYR D 265 33.69 -46.59 6.81
C TYR D 265 33.05 -46.77 8.17
N LEU D 266 33.84 -47.29 9.12
CA LEU D 266 33.40 -47.56 10.48
C LEU D 266 32.50 -46.54 11.19
N LYS D 267 32.84 -45.26 11.12
CA LYS D 267 32.05 -44.24 11.80
C LYS D 267 30.64 -44.22 11.21
N ASN D 268 30.56 -44.26 9.89
CA ASN D 268 29.26 -44.26 9.26
C ASN D 268 28.53 -45.56 9.56
N LEU D 269 29.27 -46.62 9.79
CA LEU D 269 28.67 -47.91 10.11
C LEU D 269 28.05 -47.79 11.51
N VAL D 270 28.84 -47.33 12.47
CA VAL D 270 28.35 -47.17 13.83
C VAL D 270 27.18 -46.19 13.97
N MET D 271 27.29 -45.03 13.36
CA MET D 271 26.22 -44.03 13.44
C MET D 271 24.96 -44.46 12.70
N THR D 272 25.10 -45.09 11.53
CA THR D 272 23.93 -45.53 10.81
C THR D 272 23.26 -46.68 11.55
N THR D 273 24.05 -47.62 12.06
CA THR D 273 23.47 -48.75 12.79
C THR D 273 22.68 -48.26 14.01
N LEU D 274 23.21 -47.27 14.70
CA LEU D 274 22.54 -46.71 15.86
C LEU D 274 21.28 -45.93 15.45
N ASN D 275 21.33 -45.30 14.27
CA ASN D 275 20.18 -44.55 13.76
C ASN D 275 19.01 -45.52 13.64
N LEU D 276 19.25 -46.66 13.01
CA LEU D 276 18.20 -47.66 12.81
C LEU D 276 17.74 -48.32 14.11
N PHE D 277 18.71 -48.65 14.98
CA PHE D 277 18.38 -49.30 16.25
C PHE D 277 17.53 -48.40 17.11
N PHE D 278 17.92 -47.14 17.19
CA PHE D 278 17.20 -46.15 17.98
C PHE D 278 15.83 -45.77 17.40
N ALA D 279 15.79 -45.44 16.11
CA ALA D 279 14.52 -45.04 15.47
C ALA D 279 13.60 -46.25 15.36
N GLY D 280 14.20 -47.41 15.13
CA GLY D 280 13.39 -48.61 15.03
C GLY D 280 12.84 -49.01 16.39
N THR D 281 13.23 -48.30 17.43
CA THR D 281 12.76 -48.63 18.77
C THR D 281 11.83 -47.60 19.36
N GLU D 282 12.36 -46.42 19.63
CA GLU D 282 11.56 -45.39 20.28
C GLU D 282 10.30 -44.87 19.60
N THR D 283 10.25 -44.82 18.28
CA THR D 283 9.04 -44.29 17.61
C THR D 283 7.83 -45.22 17.71
N VAL D 284 7.95 -46.46 17.24
CA VAL D 284 6.81 -47.37 17.33
C VAL D 284 6.43 -47.57 18.81
N SER D 285 7.45 -47.72 19.65
CA SER D 285 7.26 -47.92 21.08
C SER D 285 6.41 -46.83 21.73
N THR D 286 6.74 -45.57 21.44
CA THR D 286 6.02 -44.44 21.99
C THR D 286 4.60 -44.36 21.43
N THR D 287 4.45 -44.71 20.17
CA THR D 287 3.13 -44.65 19.56
C THR D 287 2.25 -45.71 20.24
N LEU D 288 2.83 -46.89 20.49
CA LEU D 288 2.09 -47.94 21.17
C LEU D 288 1.70 -47.47 22.59
N ARG D 289 2.62 -46.87 23.34
CA ARG D 289 2.26 -46.39 24.68
C ARG D 289 1.07 -45.45 24.62
N TYR D 290 1.27 -44.33 23.91
CA TYR D 290 0.25 -43.30 23.74
C TYR D 290 -1.05 -43.91 23.24
N GLY D 291 -0.95 -44.85 22.30
CA GLY D 291 -2.13 -45.48 21.74
C GLY D 291 -2.97 -46.15 22.80
N PHE D 292 -2.32 -47.00 23.60
CA PHE D 292 -3.01 -47.72 24.66
C PHE D 292 -3.71 -46.76 25.61
N LEU D 293 -3.01 -45.74 26.07
CA LEU D 293 -3.62 -44.80 27.01
C LEU D 293 -4.83 -44.14 26.36
N LEU D 294 -4.79 -43.95 25.05
CA LEU D 294 -5.92 -43.34 24.35
C LEU D 294 -7.09 -44.29 24.34
N LEU D 295 -6.80 -45.57 24.17
CA LEU D 295 -7.84 -46.59 24.14
C LEU D 295 -8.54 -46.72 25.50
N MET D 296 -7.78 -46.59 26.58
CA MET D 296 -8.38 -46.66 27.91
C MET D 296 -9.22 -45.40 28.16
N LYS D 297 -8.90 -44.34 27.42
CA LYS D 297 -9.60 -43.06 27.52
C LYS D 297 -10.92 -43.16 26.75
N HIS D 298 -10.87 -43.70 25.54
CA HIS D 298 -12.08 -43.86 24.75
C HIS D 298 -12.34 -45.34 24.58
N PRO D 299 -13.07 -45.92 25.54
CA PRO D 299 -13.48 -47.32 25.66
C PRO D 299 -14.39 -47.76 24.52
N GLU D 300 -15.30 -46.88 24.15
CA GLU D 300 -16.23 -47.16 23.07
C GLU D 300 -15.43 -47.51 21.81
N VAL D 301 -14.24 -46.96 21.70
CA VAL D 301 -13.37 -47.19 20.56
C VAL D 301 -12.64 -48.53 20.71
N GLU D 302 -12.07 -48.75 21.90
CA GLU D 302 -11.36 -49.99 22.19
C GLU D 302 -12.30 -51.14 21.83
N ALA D 303 -13.58 -50.97 22.16
CA ALA D 303 -14.61 -51.98 21.89
C ALA D 303 -14.82 -52.27 20.41
N LYS D 304 -15.04 -51.23 19.61
CA LYS D 304 -15.25 -51.42 18.17
C LYS D 304 -14.03 -52.14 17.56
N VAL D 305 -12.85 -51.91 18.12
CA VAL D 305 -11.65 -52.56 17.61
C VAL D 305 -11.75 -54.03 17.97
N HIS D 306 -12.06 -54.32 19.23
CA HIS D 306 -12.20 -55.69 19.69
C HIS D 306 -13.18 -56.39 18.75
N GLU D 307 -14.23 -55.67 18.37
CA GLU D 307 -15.27 -56.16 17.47
C GLU D 307 -14.71 -56.64 16.15
N GLU D 308 -14.16 -55.70 15.39
CA GLU D 308 -13.60 -55.99 14.07
C GLU D 308 -12.52 -57.07 14.09
N ILE D 309 -11.73 -57.12 15.15
CA ILE D 309 -10.69 -58.14 15.26
C ILE D 309 -11.32 -59.52 15.38
N ASP D 310 -12.17 -59.70 16.38
CA ASP D 310 -12.84 -60.97 16.62
C ASP D 310 -13.62 -61.45 15.41
N ARG D 311 -14.28 -60.52 14.73
CA ARG D 311 -15.05 -60.85 13.56
C ARG D 311 -14.19 -61.26 12.38
N VAL D 312 -13.16 -60.47 12.09
CA VAL D 312 -12.31 -60.75 10.95
C VAL D 312 -11.19 -61.75 11.16
N ILE D 313 -10.44 -61.59 12.25
CA ILE D 313 -9.31 -62.48 12.53
C ILE D 313 -9.66 -63.67 13.42
N GLY D 314 -10.59 -63.46 14.35
CA GLY D 314 -10.99 -64.54 15.24
C GLY D 314 -10.13 -64.54 16.48
N LYS D 315 -10.18 -65.63 17.24
CA LYS D 315 -9.38 -65.71 18.44
C LYS D 315 -8.28 -66.73 18.32
N ASN D 316 -8.15 -67.33 17.14
CA ASN D 316 -7.12 -68.34 16.93
C ASN D 316 -5.91 -67.86 16.14
N ARG D 317 -5.86 -68.19 14.85
CA ARG D 317 -4.72 -67.79 14.02
C ARG D 317 -4.25 -66.36 14.30
N GLN D 318 -2.94 -66.16 14.19
CA GLN D 318 -2.31 -64.87 14.44
C GLN D 318 -2.64 -63.86 13.34
N PRO D 319 -2.80 -62.60 13.74
CA PRO D 319 -3.11 -61.53 12.78
C PRO D 319 -1.99 -61.42 11.76
N LYS D 320 -2.32 -61.40 10.49
CA LYS D 320 -1.29 -61.24 9.47
C LYS D 320 -1.46 -59.83 8.94
N PHE D 321 -0.51 -59.35 8.16
CA PHE D 321 -0.60 -57.98 7.69
C PHE D 321 -1.74 -57.69 6.69
N GLU D 322 -2.04 -58.65 5.83
CA GLU D 322 -3.09 -58.49 4.83
C GLU D 322 -4.48 -58.24 5.43
N ASP D 323 -4.73 -58.75 6.64
CA ASP D 323 -6.02 -58.57 7.29
C ASP D 323 -6.45 -57.10 7.40
N ARG D 324 -5.50 -56.18 7.26
CA ARG D 324 -5.81 -54.74 7.36
C ARG D 324 -6.69 -54.27 6.20
N ALA D 325 -6.57 -54.93 5.06
CA ALA D 325 -7.38 -54.58 3.90
C ALA D 325 -8.85 -54.75 4.29
N LYS D 326 -9.09 -55.61 5.28
CA LYS D 326 -10.43 -55.90 5.75
C LYS D 326 -10.77 -55.31 7.12
N MET D 327 -9.90 -54.46 7.67
CA MET D 327 -10.16 -53.89 8.99
C MET D 327 -9.97 -52.37 9.01
N PRO D 328 -10.92 -51.62 8.41
CA PRO D 328 -10.93 -50.16 8.31
C PRO D 328 -11.04 -49.37 9.62
N TYR D 329 -11.89 -49.80 10.54
CA TYR D 329 -11.99 -49.05 11.78
C TYR D 329 -10.69 -49.15 12.57
N THR D 330 -10.06 -50.32 12.53
CA THR D 330 -8.80 -50.48 13.23
C THR D 330 -7.76 -49.64 12.51
N GLU D 331 -7.71 -49.73 11.18
CA GLU D 331 -6.75 -48.94 10.42
C GLU D 331 -6.97 -47.47 10.73
N ALA D 332 -8.23 -47.07 10.80
CA ALA D 332 -8.56 -45.69 11.09
C ALA D 332 -8.12 -45.35 12.50
N VAL D 333 -8.32 -46.28 13.42
CA VAL D 333 -7.94 -46.07 14.80
C VAL D 333 -6.45 -45.84 14.97
N ILE D 334 -5.65 -46.61 14.23
CA ILE D 334 -4.20 -46.52 14.30
C ILE D 334 -3.74 -45.18 13.75
N HIS D 335 -4.26 -44.82 12.58
CA HIS D 335 -3.93 -43.55 11.94
C HIS D 335 -4.23 -42.38 12.85
N GLU D 336 -5.36 -42.45 13.56
CA GLU D 336 -5.71 -41.37 14.47
C GLU D 336 -4.78 -41.36 15.68
N ILE D 337 -4.18 -42.50 16.00
CA ILE D 337 -3.25 -42.55 17.13
C ILE D 337 -1.96 -41.85 16.67
N GLN D 338 -1.62 -42.01 15.40
CA GLN D 338 -0.42 -41.37 14.87
C GLN D 338 -0.62 -39.87 14.64
N ARG D 339 -1.80 -39.49 14.16
CA ARG D 339 -2.12 -38.09 13.89
C ARG D 339 -2.22 -37.30 15.19
N PHE D 340 -2.90 -37.89 16.18
CA PHE D 340 -3.08 -37.25 17.48
C PHE D 340 -1.77 -37.37 18.27
N GLY D 341 -1.05 -38.48 18.04
CA GLY D 341 0.21 -38.68 18.75
C GLY D 341 1.22 -37.59 18.40
N ASP D 342 1.24 -37.21 17.13
CA ASP D 342 2.14 -36.16 16.65
C ASP D 342 3.55 -36.32 17.23
N MET D 343 4.11 -37.51 17.07
CA MET D 343 5.43 -37.81 17.64
C MET D 343 6.47 -36.70 17.46
N LEU D 344 6.70 -36.26 16.22
CA LEU D 344 7.66 -35.19 15.93
C LEU D 344 6.88 -34.00 15.35
N PRO D 345 6.37 -33.11 16.21
CA PRO D 345 5.59 -31.96 15.75
C PRO D 345 6.27 -30.91 14.85
N MET D 346 7.55 -30.64 15.07
CA MET D 346 8.25 -29.66 14.24
C MET D 346 9.11 -30.41 13.26
N GLY D 347 8.81 -31.68 13.10
CA GLY D 347 9.55 -32.52 12.20
C GLY D 347 11.01 -32.65 12.60
N LEU D 348 11.79 -33.26 11.70
CA LEU D 348 13.21 -33.39 11.85
C LEU D 348 13.71 -32.31 10.90
N ALA D 349 14.44 -31.33 11.41
CA ALA D 349 14.96 -30.21 10.60
C ALA D 349 15.62 -30.51 9.26
N HIS D 350 15.31 -29.66 8.30
CA HIS D 350 15.88 -29.77 6.95
C HIS D 350 16.72 -28.53 6.74
N ARG D 351 17.33 -28.45 5.58
CA ARG D 351 18.12 -27.30 5.18
C ARG D 351 18.26 -27.38 3.66
N VAL D 352 18.32 -26.21 3.03
CA VAL D 352 18.48 -26.14 1.58
C VAL D 352 19.96 -26.14 1.26
N ASN D 353 20.40 -27.10 0.46
CA ASN D 353 21.81 -27.21 0.08
C ASN D 353 22.34 -26.15 -0.90
N LYS D 354 21.52 -25.18 -1.28
CA LYS D 354 22.01 -24.13 -2.17
C LYS D 354 21.00 -23.01 -2.19
N ASP D 355 21.40 -21.82 -2.63
CA ASP D 355 20.48 -20.69 -2.68
C ASP D 355 19.20 -21.21 -3.31
N THR D 356 18.07 -20.95 -2.66
CA THR D 356 16.78 -21.43 -3.12
C THR D 356 15.74 -20.32 -3.10
N LYS D 357 14.91 -20.30 -4.14
CA LYS D 357 13.84 -19.33 -4.26
C LYS D 357 12.55 -20.10 -3.91
N PHE D 358 11.78 -19.62 -2.95
CA PHE D 358 10.57 -20.31 -2.54
C PHE D 358 9.49 -19.25 -2.44
N ARG D 359 8.47 -19.40 -3.28
CA ARG D 359 7.39 -18.43 -3.35
C ARG D 359 8.09 -17.10 -3.56
N ASP D 360 7.65 -16.05 -2.91
CA ASP D 360 8.29 -14.77 -3.10
C ASP D 360 9.46 -14.53 -2.17
N PHE D 361 10.05 -15.61 -1.63
CA PHE D 361 11.18 -15.50 -0.71
C PHE D 361 12.44 -16.12 -1.25
N PHE D 362 13.57 -15.72 -0.66
CA PHE D 362 14.87 -16.23 -1.03
C PHE D 362 15.57 -16.80 0.22
N LEU D 363 15.96 -18.07 0.16
CA LEU D 363 16.63 -18.73 1.29
C LEU D 363 18.06 -19.05 0.92
N PRO D 364 19.03 -18.31 1.48
CA PRO D 364 20.43 -18.57 1.15
C PRO D 364 20.91 -19.98 1.54
N LYS D 365 21.84 -20.50 0.75
CA LYS D 365 22.42 -21.81 1.01
C LYS D 365 22.65 -21.99 2.53
N GLY D 366 22.30 -23.17 3.07
CA GLY D 366 22.50 -23.44 4.48
C GLY D 366 21.35 -23.10 5.43
N THR D 367 20.38 -22.33 4.97
CA THR D 367 19.26 -21.97 5.81
C THR D 367 18.56 -23.25 6.27
N GLU D 368 18.25 -23.29 7.57
CA GLU D 368 17.57 -24.43 8.16
C GLU D 368 16.09 -24.24 7.93
N VAL D 369 15.37 -25.36 7.87
CA VAL D 369 13.94 -25.33 7.65
C VAL D 369 13.20 -26.29 8.60
N PHE D 370 12.10 -25.81 9.16
CA PHE D 370 11.27 -26.63 10.02
C PHE D 370 9.94 -26.96 9.34
N PRO D 371 9.78 -28.21 8.88
CA PRO D 371 8.55 -28.67 8.23
C PRO D 371 7.65 -29.00 9.43
N MET D 372 6.72 -28.14 9.79
CA MET D 372 5.87 -28.39 10.96
C MET D 372 4.84 -29.50 10.71
N LEU D 373 5.28 -30.75 10.79
CA LEU D 373 4.39 -31.89 10.59
C LEU D 373 3.17 -31.83 11.48
N GLY D 374 3.36 -31.37 12.70
CA GLY D 374 2.24 -31.28 13.62
C GLY D 374 1.16 -30.31 13.15
N SER D 375 1.53 -29.34 12.33
CA SER D 375 0.55 -28.37 11.84
C SER D 375 -0.17 -28.97 10.64
N VAL D 376 0.37 -30.05 10.08
CA VAL D 376 -0.28 -30.69 8.95
C VAL D 376 -1.28 -31.68 9.52
N LEU D 377 -0.80 -32.55 10.42
CA LEU D 377 -1.65 -33.54 11.04
C LEU D 377 -2.82 -32.84 11.74
N ARG D 378 -2.70 -31.54 11.94
CA ARG D 378 -3.76 -30.76 12.59
C ARG D 378 -4.29 -29.65 11.68
N ASP D 379 -4.01 -29.75 10.39
CA ASP D 379 -4.46 -28.75 9.45
C ASP D 379 -5.99 -28.80 9.39
N PRO D 380 -6.67 -27.73 9.85
CA PRO D 380 -8.13 -27.60 9.89
C PRO D 380 -8.84 -27.82 8.57
N ARG D 381 -8.12 -27.78 7.47
CA ARG D 381 -8.76 -27.97 6.18
C ARG D 381 -8.74 -29.44 5.78
N PHE D 382 -8.20 -30.28 6.65
CA PHE D 382 -8.13 -31.72 6.41
C PHE D 382 -8.73 -32.55 7.55
N PHE D 383 -9.01 -31.92 8.69
CA PHE D 383 -9.59 -32.64 9.83
C PHE D 383 -10.60 -31.77 10.57
N SER D 384 -11.84 -32.25 10.64
CA SER D 384 -12.94 -31.53 11.27
C SER D 384 -12.60 -30.99 12.65
N ASN D 385 -12.18 -31.88 13.55
CA ASN D 385 -11.80 -31.47 14.91
C ASN D 385 -10.37 -31.92 15.15
N PRO D 386 -9.41 -31.21 14.52
CA PRO D 386 -7.98 -31.50 14.62
C PRO D 386 -7.49 -31.78 16.04
N ARG D 387 -8.05 -31.07 17.01
CA ARG D 387 -7.64 -31.23 18.39
C ARG D 387 -8.32 -32.33 19.20
N ASP D 388 -9.13 -33.16 18.54
CA ASP D 388 -9.80 -34.25 19.23
C ASP D 388 -9.33 -35.59 18.70
N PHE D 389 -9.41 -36.61 19.55
CA PHE D 389 -9.05 -37.96 19.16
C PHE D 389 -10.36 -38.47 18.56
N ASN D 390 -10.35 -38.78 17.28
CA ASN D 390 -11.56 -39.25 16.62
C ASN D 390 -11.30 -40.00 15.33
N PRO D 391 -11.37 -41.34 15.38
CA PRO D 391 -11.16 -42.24 14.24
C PRO D 391 -11.88 -41.85 12.96
N GLN D 392 -13.00 -41.14 13.09
CA GLN D 392 -13.78 -40.72 11.93
C GLN D 392 -12.97 -39.89 10.93
N HIS D 393 -11.86 -39.33 11.40
CA HIS D 393 -10.97 -38.53 10.56
C HIS D 393 -10.45 -39.38 9.41
N PHE D 394 -10.44 -40.68 9.61
CA PHE D 394 -9.93 -41.58 8.60
C PHE D 394 -10.94 -42.59 8.05
N LEU D 395 -12.21 -42.23 8.08
CA LEU D 395 -13.28 -43.11 7.58
C LEU D 395 -14.21 -42.32 6.65
N ASP D 396 -14.57 -42.90 5.51
CA ASP D 396 -15.49 -42.22 4.61
C ASP D 396 -16.94 -42.56 4.97
N LYS D 397 -17.86 -41.99 4.19
CA LYS D 397 -19.30 -42.16 4.39
C LYS D 397 -19.78 -43.62 4.57
N LYS D 398 -19.40 -44.50 3.64
CA LYS D 398 -19.79 -45.92 3.69
C LYS D 398 -19.09 -46.73 4.79
N GLY D 399 -18.09 -46.15 5.44
CA GLY D 399 -17.38 -46.86 6.49
C GLY D 399 -16.01 -47.38 6.07
N GLN D 400 -15.60 -47.04 4.87
CA GLN D 400 -14.30 -47.47 4.34
C GLN D 400 -13.20 -46.55 4.91
N PHE D 401 -11.94 -46.96 4.78
CA PHE D 401 -10.84 -46.14 5.29
C PHE D 401 -10.65 -45.00 4.30
N LYS D 402 -10.33 -43.82 4.80
CA LYS D 402 -10.16 -42.66 3.93
C LYS D 402 -8.81 -41.95 4.03
N LYS D 403 -7.98 -42.09 2.99
CA LYS D 403 -6.67 -41.44 2.97
C LYS D 403 -6.80 -39.91 3.12
N SER D 404 -5.74 -39.30 3.64
CA SER D 404 -5.70 -37.85 3.85
C SER D 404 -4.31 -37.37 3.48
N ASP D 405 -4.23 -36.42 2.56
CA ASP D 405 -2.95 -35.90 2.13
C ASP D 405 -2.24 -35.21 3.30
N ALA D 406 -2.97 -34.96 4.39
CA ALA D 406 -2.40 -34.33 5.57
C ALA D 406 -1.85 -35.35 6.59
N PHE D 407 -1.90 -36.64 6.27
CA PHE D 407 -1.37 -37.66 7.16
C PHE D 407 0.14 -37.76 6.84
N VAL D 408 0.95 -36.94 7.51
CA VAL D 408 2.41 -36.96 7.23
C VAL D 408 3.29 -37.29 8.44
N PRO D 409 2.87 -38.25 9.29
CA PRO D 409 3.69 -38.59 10.46
C PRO D 409 5.10 -39.04 10.11
N PHE D 410 5.24 -39.69 8.98
CA PHE D 410 6.54 -40.17 8.53
C PHE D 410 7.16 -39.15 7.59
N SER D 411 6.62 -37.92 7.61
CA SER D 411 7.10 -36.83 6.74
C SER D 411 6.91 -37.16 5.23
N ILE D 412 7.45 -36.33 4.36
CA ILE D 412 7.32 -36.53 2.92
C ILE D 412 8.57 -35.99 2.22
N GLY D 413 8.75 -36.34 0.95
CA GLY D 413 9.89 -35.84 0.21
C GLY D 413 11.05 -36.80 0.17
N LYS D 414 12.23 -36.32 -0.21
CA LYS D 414 13.40 -37.18 -0.33
C LYS D 414 13.95 -37.73 0.97
N ARG D 415 13.67 -37.08 2.08
CA ARG D 415 14.15 -37.55 3.36
C ARG D 415 13.03 -38.31 4.13
N TYR D 416 11.90 -38.57 3.47
CA TYR D 416 10.80 -39.26 4.15
C TYR D 416 11.33 -40.53 4.83
N CYS D 417 10.78 -40.85 6.00
CA CYS D 417 11.19 -42.02 6.77
C CYS D 417 11.14 -43.25 5.92
N PHE D 418 12.28 -43.91 5.74
CA PHE D 418 12.29 -45.11 4.93
C PHE D 418 12.00 -46.34 5.78
N GLY D 419 11.60 -46.09 7.02
CA GLY D 419 11.26 -47.18 7.92
C GLY D 419 9.74 -47.22 7.99
N GLU D 420 9.09 -46.39 7.19
CA GLU D 420 7.63 -46.34 7.16
C GLU D 420 7.05 -47.72 6.93
N GLY D 421 7.52 -48.40 5.89
CA GLY D 421 7.03 -49.73 5.63
C GLY D 421 7.06 -50.59 6.90
N LEU D 422 8.25 -50.71 7.49
CA LEU D 422 8.42 -51.49 8.70
C LEU D 422 7.56 -51.00 9.84
N ALA D 423 7.43 -49.68 9.99
CA ALA D 423 6.65 -49.17 11.10
C ALA D 423 5.16 -49.45 10.97
N ARG D 424 4.63 -49.33 9.75
CA ARG D 424 3.20 -49.59 9.55
C ARG D 424 2.87 -51.04 9.86
N MET D 425 3.77 -51.94 9.49
CA MET D 425 3.55 -53.36 9.75
C MET D 425 3.60 -53.63 11.25
N GLU D 426 4.62 -53.12 11.94
CA GLU D 426 4.72 -53.34 13.38
C GLU D 426 3.51 -52.81 14.12
N LEU D 427 3.12 -51.58 13.80
CA LEU D 427 1.98 -50.94 14.46
C LEU D 427 0.68 -51.72 14.31
N PHE D 428 0.36 -52.14 13.09
CA PHE D 428 -0.87 -52.88 12.86
C PHE D 428 -0.86 -54.30 13.45
N LEU D 429 0.28 -54.97 13.38
CA LEU D 429 0.37 -56.30 13.92
C LEU D 429 0.47 -56.28 15.43
N PHE D 430 1.07 -55.24 16.00
CA PHE D 430 1.18 -55.17 17.46
C PHE D 430 -0.12 -54.74 18.12
N PHE D 431 -0.81 -53.77 17.53
CA PHE D 431 -2.06 -53.34 18.11
C PHE D 431 -3.06 -54.48 18.07
N THR D 432 -3.16 -55.15 16.93
CA THR D 432 -4.09 -56.27 16.76
C THR D 432 -3.85 -57.44 17.70
N THR D 433 -2.72 -58.10 17.53
CA THR D 433 -2.36 -59.24 18.36
C THR D 433 -2.52 -58.97 19.87
N ILE D 434 -2.28 -57.74 20.30
CA ILE D 434 -2.39 -57.39 21.71
C ILE D 434 -3.82 -57.17 22.18
N MET D 435 -4.64 -56.54 21.35
CA MET D 435 -6.01 -56.29 21.73
C MET D 435 -6.84 -57.52 21.42
N GLN D 436 -6.28 -58.44 20.65
CA GLN D 436 -6.99 -59.68 20.37
C GLN D 436 -6.92 -60.51 21.65
N ASN D 437 -5.73 -60.52 22.26
CA ASN D 437 -5.49 -61.29 23.49
C ASN D 437 -5.76 -60.61 24.82
N PHE D 438 -5.86 -59.29 24.85
CA PHE D 438 -6.15 -58.60 26.12
C PHE D 438 -7.09 -57.42 25.94
N ARG D 439 -7.59 -56.92 27.07
CA ARG D 439 -8.47 -55.77 27.12
C ARG D 439 -7.76 -54.87 28.12
N PHE D 440 -7.89 -53.56 27.96
CA PHE D 440 -7.16 -52.65 28.84
C PHE D 440 -7.91 -52.08 30.04
N LYS D 441 -7.30 -52.22 31.21
CA LYS D 441 -7.91 -51.73 32.43
C LYS D 441 -7.03 -50.71 33.12
N SER D 442 -7.57 -49.51 33.27
CA SER D 442 -6.86 -48.41 33.92
C SER D 442 -7.27 -48.25 35.38
N PRO D 443 -6.33 -47.87 36.25
CA PRO D 443 -6.69 -47.70 37.67
C PRO D 443 -7.67 -46.54 37.86
N GLN D 444 -7.66 -45.60 36.92
CA GLN D 444 -8.55 -44.46 36.97
C GLN D 444 -9.72 -44.64 36.01
N SER D 445 -10.71 -43.77 36.14
CA SER D 445 -11.90 -43.83 35.28
C SER D 445 -11.61 -43.22 33.91
N PRO D 446 -12.16 -43.81 32.86
CA PRO D 446 -11.97 -43.33 31.49
C PRO D 446 -12.07 -41.81 31.44
N LYS D 447 -12.94 -41.30 32.29
CA LYS D 447 -13.23 -39.88 32.39
C LYS D 447 -12.07 -39.03 32.90
N ASP D 448 -11.36 -39.53 33.90
CA ASP D 448 -10.25 -38.78 34.48
C ASP D 448 -8.86 -39.03 33.91
N ILE D 449 -8.76 -39.78 32.81
CA ILE D 449 -7.44 -40.03 32.22
C ILE D 449 -7.02 -38.83 31.38
N ASP D 450 -5.75 -38.43 31.51
CA ASP D 450 -5.24 -37.28 30.77
C ASP D 450 -4.41 -37.66 29.54
N VAL D 451 -4.99 -37.44 28.36
CA VAL D 451 -4.34 -37.76 27.09
C VAL D 451 -3.45 -36.62 26.58
N SER D 452 -3.40 -35.51 27.31
CA SER D 452 -2.54 -34.41 26.93
C SER D 452 -1.10 -34.90 27.16
N PRO D 453 -0.15 -34.43 26.36
CA PRO D 453 1.23 -34.87 26.53
C PRO D 453 1.90 -34.31 27.76
N LYS D 454 2.88 -35.05 28.27
CA LYS D 454 3.65 -34.67 29.44
C LYS D 454 4.70 -33.64 29.03
N HIS D 455 5.21 -33.81 27.80
CA HIS D 455 6.21 -32.92 27.23
C HIS D 455 6.04 -32.81 25.72
N VAL D 456 6.29 -31.62 25.17
CA VAL D 456 6.23 -31.41 23.74
C VAL D 456 7.41 -30.52 23.31
N GLY D 457 8.35 -31.12 22.59
CA GLY D 457 9.50 -30.39 22.09
C GLY D 457 9.83 -30.98 20.72
N PHE D 458 10.99 -31.63 20.60
CA PHE D 458 11.36 -32.29 19.36
C PHE D 458 10.33 -33.41 19.19
N ALA D 459 9.98 -34.05 20.30
CA ALA D 459 9.00 -35.12 20.27
C ALA D 459 7.82 -34.81 21.18
N THR D 460 6.78 -35.63 21.05
CA THR D 460 5.58 -35.51 21.85
C THR D 460 5.55 -36.75 22.75
N ILE D 461 5.63 -36.53 24.06
CA ILE D 461 5.68 -37.62 25.02
C ILE D 461 4.41 -37.77 25.85
N PRO D 462 3.84 -38.97 25.89
CA PRO D 462 2.62 -39.21 26.67
C PRO D 462 2.97 -39.26 28.17
N ARG D 463 2.02 -38.87 29.03
CA ARG D 463 2.26 -38.88 30.47
C ARG D 463 2.49 -40.28 31.01
N ASN D 464 3.10 -40.37 32.19
CA ASN D 464 3.35 -41.66 32.82
C ASN D 464 2.02 -42.27 33.26
N TYR D 465 1.90 -43.59 33.20
CA TYR D 465 0.66 -44.24 33.61
C TYR D 465 0.84 -45.75 33.77
N THR D 466 -0.03 -46.36 34.55
CA THR D 466 0.01 -47.80 34.78
C THR D 466 -1.27 -48.41 34.25
N MET D 467 -1.25 -49.71 34.03
CA MET D 467 -2.43 -50.40 33.53
C MET D 467 -2.35 -51.90 33.79
N SER D 468 -3.47 -52.58 33.55
CA SER D 468 -3.51 -54.02 33.72
C SER D 468 -4.05 -54.64 32.45
N PHE D 469 -3.34 -55.65 31.95
CA PHE D 469 -3.72 -56.36 30.74
C PHE D 469 -4.53 -57.56 31.19
N LEU D 470 -5.81 -57.57 30.84
CA LEU D 470 -6.70 -58.66 31.23
C LEU D 470 -7.07 -59.52 30.02
N PRO D 471 -6.72 -60.82 30.07
CA PRO D 471 -7.00 -61.78 28.99
C PRO D 471 -8.46 -61.82 28.57
N ARG D 472 -8.69 -61.66 27.28
CA ARG D 472 -10.03 -61.66 26.69
C ARG D 472 -10.59 -63.08 26.63
N GLY E 9 -0.19 5.48 37.81
CA GLY E 9 0.14 5.15 36.37
C GLY E 9 1.17 4.06 36.21
N LYS E 10 1.88 4.09 35.07
CA LYS E 10 2.93 3.10 34.79
C LYS E 10 4.19 3.80 34.24
N LEU E 11 5.33 3.11 34.31
CA LEU E 11 6.59 3.70 33.85
C LEU E 11 6.58 4.00 32.37
N PRO E 12 7.49 4.87 31.92
CA PRO E 12 7.56 5.20 30.49
C PRO E 12 7.83 3.92 29.72
N PRO E 13 7.42 3.87 28.44
CA PRO E 13 7.70 2.63 27.72
C PRO E 13 9.18 2.50 27.43
N GLY E 14 9.59 1.32 27.01
CA GLY E 14 10.98 1.10 26.66
C GLY E 14 11.15 -0.27 26.07
N PRO E 15 12.26 -0.54 25.40
CA PRO E 15 12.48 -1.88 24.82
C PRO E 15 12.52 -2.96 25.89
N THR E 16 11.87 -4.10 25.63
CA THR E 16 11.82 -5.21 26.58
C THR E 16 13.21 -5.75 26.93
N PRO E 17 13.54 -5.77 28.23
CA PRO E 17 14.85 -6.26 28.72
C PRO E 17 14.91 -7.74 29.02
N LEU E 18 16.11 -8.22 29.35
CA LEU E 18 16.30 -9.59 29.73
C LEU E 18 16.74 -9.61 31.20
N PRO E 19 16.52 -10.74 31.89
CA PRO E 19 16.89 -10.85 33.31
C PRO E 19 18.33 -10.41 33.56
N PHE E 20 18.51 -9.60 34.59
CA PHE E 20 19.82 -9.10 35.02
C PHE E 20 20.56 -8.23 34.01
N ILE E 21 20.79 -8.75 32.81
CA ILE E 21 21.48 -7.94 31.82
C ILE E 21 20.69 -6.77 31.28
N GLY E 22 19.40 -6.69 31.60
CA GLY E 22 18.58 -5.59 31.09
C GLY E 22 18.63 -5.41 29.57
N ASN E 23 18.76 -4.16 29.14
CA ASN E 23 18.80 -3.88 27.70
C ASN E 23 20.21 -3.91 27.13
N TYR E 24 21.07 -4.74 27.69
CA TYR E 24 22.45 -4.82 27.24
C TYR E 24 22.62 -5.07 25.75
N LEU E 25 21.87 -6.05 25.24
CA LEU E 25 21.96 -6.43 23.85
C LEU E 25 21.56 -5.35 22.85
N GLN E 26 20.94 -4.27 23.34
CA GLN E 26 20.53 -3.18 22.46
C GLN E 26 21.24 -1.87 22.82
N LEU E 27 22.39 -2.00 23.47
CA LEU E 27 23.14 -0.81 23.84
C LEU E 27 24.58 -0.95 23.38
N ASN E 28 25.20 0.14 22.97
CA ASN E 28 26.59 0.03 22.58
C ASN E 28 27.39 0.62 23.73
N THR E 29 28.14 -0.23 24.38
CA THR E 29 28.94 0.18 25.50
C THR E 29 29.97 1.26 25.13
N GLU E 30 30.44 1.28 23.87
CA GLU E 30 31.41 2.29 23.45
C GLU E 30 30.81 3.68 23.16
N GLN E 31 29.49 3.79 23.03
CA GLN E 31 28.86 5.07 22.79
C GLN E 31 27.42 5.02 23.29
N MET E 32 27.28 4.96 24.61
CA MET E 32 25.97 4.88 25.22
C MET E 32 25.05 6.01 24.83
N TYR E 33 25.59 7.20 24.67
CA TYR E 33 24.79 8.35 24.27
C TYR E 33 24.00 8.04 23.02
N ASN E 34 24.69 7.57 21.99
CA ASN E 34 24.09 7.27 20.70
C ASN E 34 23.07 6.16 20.80
N SER E 35 23.37 5.16 21.63
CA SER E 35 22.44 4.07 21.77
C SER E 35 21.14 4.53 22.40
N LEU E 36 21.21 5.42 23.38
CA LEU E 36 19.99 5.88 24.03
C LEU E 36 19.24 6.89 23.13
N MET E 37 19.97 7.58 22.28
CA MET E 37 19.32 8.50 21.38
C MET E 37 18.57 7.69 20.31
N LYS E 38 19.26 6.68 19.76
CA LYS E 38 18.69 5.80 18.75
C LYS E 38 17.41 5.12 19.24
N ILE E 39 17.35 4.82 20.54
CA ILE E 39 16.18 4.18 21.14
C ILE E 39 15.09 5.23 21.33
N SER E 40 15.53 6.48 21.49
CA SER E 40 14.66 7.61 21.68
C SER E 40 13.77 7.80 20.45
N GLU E 41 14.38 7.68 19.28
CA GLU E 41 13.67 7.84 18.03
C GLU E 41 12.45 6.91 17.94
N ARG E 42 12.57 5.71 18.48
CA ARG E 42 11.46 4.75 18.44
C ARG E 42 10.50 4.86 19.60
N TYR E 43 10.96 5.40 20.72
CA TYR E 43 10.13 5.50 21.92
C TYR E 43 9.73 6.89 22.36
N GLY E 44 10.44 7.89 21.88
CA GLY E 44 10.13 9.27 22.26
C GLY E 44 11.24 9.92 23.08
N PRO E 45 10.99 11.12 23.65
CA PRO E 45 11.98 11.83 24.45
C PRO E 45 12.08 11.31 25.90
N VAL E 46 11.09 10.54 26.33
CA VAL E 46 11.08 10.01 27.69
C VAL E 46 10.79 8.53 27.71
N PHE E 47 11.83 7.71 27.89
CA PHE E 47 11.63 6.28 27.93
C PHE E 47 12.40 5.59 29.05
N THR E 48 12.05 4.33 29.28
CA THR E 48 12.67 3.52 30.29
C THR E 48 13.74 2.59 29.65
N ILE E 49 14.90 2.52 30.30
CA ILE E 49 15.99 1.67 29.84
C ILE E 49 16.51 0.84 31.02
N HIS E 50 17.14 -0.29 30.74
CA HIS E 50 17.67 -1.12 31.82
C HIS E 50 19.16 -1.36 31.59
N LEU E 51 19.96 -0.62 32.33
CA LEU E 51 21.41 -0.73 32.26
C LEU E 51 21.75 -1.83 33.23
N GLY E 52 21.86 -3.03 32.67
CA GLY E 52 22.10 -4.18 33.50
C GLY E 52 20.88 -4.19 34.40
N PRO E 53 21.05 -4.35 35.72
CA PRO E 53 19.88 -4.36 36.59
C PRO E 53 19.32 -3.02 36.96
N ARG E 54 19.92 -1.94 36.47
CA ARG E 54 19.42 -0.62 36.82
C ARG E 54 18.30 -0.13 35.91
N ARG E 55 17.13 0.13 36.50
CA ARG E 55 15.99 0.64 35.78
C ARG E 55 16.13 2.16 35.78
N VAL E 56 16.19 2.73 34.58
CA VAL E 56 16.39 4.15 34.40
C VAL E 56 15.43 4.85 33.41
N VAL E 57 14.99 6.05 33.77
CA VAL E 57 14.14 6.83 32.89
C VAL E 57 15.00 7.88 32.23
N VAL E 58 15.16 7.77 30.92
CA VAL E 58 15.96 8.70 30.14
C VAL E 58 15.14 9.95 29.72
N LEU E 59 15.80 11.11 29.74
CA LEU E 59 15.17 12.37 29.37
C LEU E 59 16.01 12.94 28.26
N CYS E 60 15.40 13.07 27.09
CA CYS E 60 16.08 13.59 25.92
C CYS E 60 15.46 14.90 25.46
N GLY E 61 16.32 15.90 25.24
CA GLY E 61 15.85 17.20 24.80
C GLY E 61 15.53 18.20 25.89
N HIS E 62 15.77 19.47 25.57
CA HIS E 62 15.51 20.57 26.49
C HIS E 62 14.18 20.47 27.21
N ASP E 63 13.09 20.32 26.47
CA ASP E 63 11.75 20.24 27.06
C ASP E 63 11.58 19.18 28.17
N ALA E 64 11.94 17.94 27.84
CA ALA E 64 11.83 16.85 28.81
C ALA E 64 12.75 17.12 30.00
N VAL E 65 14.01 17.41 29.71
CA VAL E 65 14.96 17.68 30.78
C VAL E 65 14.48 18.82 31.68
N LYS E 66 14.12 19.93 31.05
CA LYS E 66 13.64 21.12 31.74
C LYS E 66 12.41 20.85 32.58
N GLU E 67 11.39 20.24 31.97
CA GLU E 67 10.15 19.93 32.69
C GLU E 67 10.37 19.18 34.00
N ALA E 68 11.38 18.31 34.01
CA ALA E 68 11.69 17.52 35.17
C ALA E 68 12.59 18.22 36.20
N LEU E 69 13.81 18.56 35.80
CA LEU E 69 14.76 19.18 36.71
C LEU E 69 14.36 20.56 37.23
N VAL E 70 13.64 21.34 36.41
CA VAL E 70 13.22 22.65 36.84
C VAL E 70 11.77 22.72 37.28
N ASP E 71 10.83 22.38 36.40
CA ASP E 71 9.42 22.47 36.75
C ASP E 71 8.99 21.49 37.82
N GLN E 72 9.83 20.48 38.08
CA GLN E 72 9.54 19.50 39.12
C GLN E 72 10.89 19.23 39.82
N ALA E 73 11.58 20.32 40.12
CA ALA E 73 12.90 20.28 40.77
C ALA E 73 13.03 19.45 42.03
N GLU E 74 12.14 19.69 42.99
CA GLU E 74 12.26 18.93 44.23
C GLU E 74 12.18 17.42 44.06
N GLU E 75 11.23 16.95 43.25
CA GLU E 75 11.04 15.50 43.04
C GLU E 75 12.22 14.88 42.30
N PHE E 76 12.80 15.62 41.37
CA PHE E 76 13.94 15.12 40.60
C PHE E 76 15.29 15.57 41.18
N SER E 77 15.29 16.07 42.41
CA SER E 77 16.48 16.56 43.08
C SER E 77 17.36 15.48 43.69
N GLY E 78 16.92 14.23 43.59
CA GLY E 78 17.71 13.14 44.14
C GLY E 78 18.93 12.85 43.28
N ARG E 79 19.83 12.03 43.79
CA ARG E 79 21.04 11.66 43.05
C ARG E 79 21.06 10.18 42.68
N GLY E 80 21.20 9.88 41.39
CA GLY E 80 21.24 8.50 40.96
C GLY E 80 22.63 7.95 41.22
N GLU E 81 22.99 6.90 40.51
CA GLU E 81 24.32 6.37 40.73
C GLU E 81 25.26 6.52 39.55
N GLN E 82 26.55 6.42 39.88
CA GLN E 82 27.67 6.49 38.94
C GLN E 82 28.55 5.49 39.67
N ALA E 83 28.48 4.23 39.25
CA ALA E 83 29.19 3.12 39.87
C ALA E 83 30.65 3.32 40.19
N THR E 84 31.43 3.79 39.22
CA THR E 84 32.85 4.01 39.46
C THR E 84 33.08 4.88 40.70
N PHE E 85 32.56 6.09 40.70
CA PHE E 85 32.75 6.97 41.84
C PHE E 85 32.06 6.47 43.10
N ASP E 86 30.92 5.81 42.95
CA ASP E 86 30.19 5.30 44.11
C ASP E 86 31.04 4.35 44.90
N TRP E 87 31.89 3.62 44.19
CA TRP E 87 32.81 2.68 44.80
C TRP E 87 33.54 3.35 45.98
N LEU E 88 33.98 4.60 45.80
CA LEU E 88 34.71 5.30 46.85
C LEU E 88 33.87 6.12 47.80
N PHE E 89 32.90 6.86 47.27
CA PHE E 89 32.08 7.71 48.11
C PHE E 89 31.04 7.05 48.99
N LYS E 90 30.57 5.87 48.60
CA LYS E 90 29.58 5.14 49.38
C LYS E 90 28.43 5.99 49.91
N GLY E 91 28.01 6.98 49.15
CA GLY E 91 26.91 7.83 49.60
C GLY E 91 27.36 9.03 50.44
N TYR E 92 28.67 9.15 50.65
CA TYR E 92 29.19 10.28 51.42
C TYR E 92 29.75 11.37 50.54
N GLY E 93 29.71 12.61 51.04
CA GLY E 93 30.21 13.73 50.28
C GLY E 93 29.00 14.56 49.83
N VAL E 94 29.24 15.69 49.21
CA VAL E 94 28.16 16.55 48.77
C VAL E 94 27.57 16.07 47.41
N ALA E 95 28.43 15.70 46.47
CA ALA E 95 27.97 15.30 45.16
C ALA E 95 27.24 13.95 45.01
N PHE E 96 27.81 12.89 45.54
CA PHE E 96 27.20 11.57 45.42
C PHE E 96 26.35 11.14 46.59
N SER E 97 25.68 12.11 47.21
CA SER E 97 24.79 11.83 48.33
C SER E 97 23.34 12.25 48.00
N ASN E 98 22.45 11.94 48.94
CA ASN E 98 21.03 12.26 48.79
C ASN E 98 20.47 12.91 50.06
N GLY E 99 19.22 13.35 49.97
CA GLY E 99 18.52 13.93 51.09
C GLY E 99 19.25 14.95 51.94
N GLU E 100 19.01 14.85 53.24
CA GLU E 100 19.59 15.73 54.24
C GLU E 100 21.11 15.85 54.10
N ARG E 101 21.78 14.72 53.86
CA ARG E 101 23.22 14.76 53.71
C ARG E 101 23.60 15.76 52.61
N ALA E 102 23.10 15.52 51.41
CA ALA E 102 23.38 16.40 50.27
C ALA E 102 22.97 17.83 50.57
N LYS E 103 21.81 18.00 51.20
CA LYS E 103 21.31 19.35 51.51
C LYS E 103 22.31 20.12 52.38
N GLN E 104 22.63 19.57 53.54
CA GLN E 104 23.54 20.18 54.48
C GLN E 104 24.90 20.52 53.90
N LEU E 105 25.51 19.53 53.25
CA LEU E 105 26.83 19.71 52.66
C LEU E 105 26.85 20.69 51.50
N ARG E 106 25.75 20.78 50.76
CA ARG E 106 25.68 21.70 49.63
C ARG E 106 25.69 23.13 50.18
N ARG E 107 24.76 23.42 51.10
CA ARG E 107 24.66 24.75 51.72
C ARG E 107 25.99 25.17 52.33
N PHE E 108 26.65 24.26 53.01
CA PHE E 108 27.92 24.59 53.61
C PHE E 108 28.97 24.89 52.54
N SER E 109 29.16 23.97 51.62
CA SER E 109 30.16 24.16 50.57
C SER E 109 30.02 25.50 49.85
N ILE E 110 28.78 25.87 49.50
CA ILE E 110 28.53 27.13 48.79
C ILE E 110 28.86 28.39 49.59
N ALA E 111 28.38 28.45 50.83
CA ALA E 111 28.63 29.58 51.70
C ALA E 111 30.14 29.72 51.93
N THR E 112 30.78 28.60 52.28
CA THR E 112 32.21 28.54 52.53
C THR E 112 33.04 28.93 51.31
N LEU E 113 32.66 28.44 50.13
CA LEU E 113 33.43 28.80 48.93
C LEU E 113 33.40 30.30 48.71
N ARG E 114 32.22 30.89 48.89
CA ARG E 114 32.04 32.33 48.72
C ARG E 114 32.83 33.08 49.82
N GLY E 115 32.93 32.46 51.00
CA GLY E 115 33.66 33.06 52.09
C GLY E 115 35.13 33.22 51.71
N PHE E 116 35.59 32.31 50.85
CA PHE E 116 36.97 32.32 50.38
C PHE E 116 37.15 33.04 49.06
N GLY E 117 36.24 33.96 48.75
CA GLY E 117 36.34 34.74 47.53
C GLY E 117 35.72 34.28 46.22
N VAL E 118 35.06 33.13 46.19
CA VAL E 118 34.46 32.67 44.93
C VAL E 118 33.42 33.68 44.45
N GLY E 119 33.52 34.06 43.19
CA GLY E 119 32.60 35.04 42.64
C GLY E 119 32.84 36.42 43.23
N LYS E 120 34.11 36.72 43.50
CA LYS E 120 34.51 37.99 44.07
C LYS E 120 35.91 38.33 43.59
N ARG E 121 36.39 39.52 43.94
CA ARG E 121 37.72 39.95 43.53
C ARG E 121 38.80 39.02 44.05
N GLY E 122 38.62 38.53 45.28
CA GLY E 122 39.59 37.62 45.88
C GLY E 122 40.01 36.47 44.99
N ILE E 123 39.04 35.71 44.50
CA ILE E 123 39.34 34.57 43.63
C ILE E 123 39.84 35.04 42.25
N GLU E 124 39.30 36.15 41.76
CA GLU E 124 39.69 36.72 40.47
C GLU E 124 41.18 36.93 40.41
N GLU E 125 41.74 37.59 41.43
CA GLU E 125 43.18 37.81 41.44
C GLU E 125 43.96 36.52 41.61
N ARG E 126 43.44 35.57 42.39
CA ARG E 126 44.15 34.30 42.57
C ARG E 126 44.26 33.61 41.21
N ILE E 127 43.19 33.75 40.41
CA ILE E 127 43.14 33.15 39.08
C ILE E 127 44.10 33.92 38.16
N GLN E 128 43.94 35.24 38.14
CA GLN E 128 44.81 36.08 37.32
C GLN E 128 46.26 35.71 37.59
N GLU E 129 46.61 35.61 38.86
CA GLU E 129 47.97 35.26 39.22
C GLU E 129 48.33 33.89 38.67
N GLU E 130 47.51 32.88 38.97
CA GLU E 130 47.87 31.56 38.49
C GLU E 130 47.99 31.55 36.97
N ALA E 131 47.15 32.34 36.29
CA ALA E 131 47.23 32.43 34.83
C ALA E 131 48.62 32.96 34.45
N GLY E 132 49.01 34.06 35.11
CA GLY E 132 50.33 34.62 34.89
C GLY E 132 51.39 33.54 34.98
N PHE E 133 51.30 32.72 36.04
CA PHE E 133 52.27 31.64 36.21
C PHE E 133 52.18 30.66 35.05
N LEU E 134 50.97 30.45 34.53
CA LEU E 134 50.78 29.53 33.41
C LEU E 134 51.47 30.10 32.18
N ILE E 135 51.25 31.39 31.95
CA ILE E 135 51.89 32.06 30.83
C ILE E 135 53.40 31.81 30.96
N ASP E 136 53.97 32.13 32.11
CA ASP E 136 55.40 31.92 32.32
C ASP E 136 55.79 30.46 32.04
N ALA E 137 55.03 29.53 32.60
CA ALA E 137 55.31 28.10 32.41
C ALA E 137 55.39 27.75 30.92
N LEU E 138 54.55 28.40 30.12
CA LEU E 138 54.52 28.14 28.69
C LEU E 138 55.71 28.74 27.96
N ARG E 139 56.13 29.94 28.34
CA ARG E 139 57.28 30.56 27.69
C ARG E 139 58.49 29.68 27.93
N GLY E 140 58.50 28.98 29.07
CA GLY E 140 59.62 28.12 29.40
C GLY E 140 59.82 26.97 28.45
N THR E 141 58.85 26.75 27.56
CA THR E 141 58.92 25.65 26.59
C THR E 141 59.49 26.11 25.25
N HIS E 142 59.62 27.43 25.08
CA HIS E 142 60.17 28.01 23.86
C HIS E 142 59.39 27.53 22.65
N GLY E 143 58.08 27.78 22.66
CA GLY E 143 57.23 27.38 21.56
C GLY E 143 57.48 25.98 21.04
N ALA E 144 58.09 25.12 21.86
CA ALA E 144 58.38 23.75 21.47
C ALA E 144 57.09 22.93 21.44
N ASN E 145 57.15 21.75 20.83
CA ASN E 145 55.98 20.85 20.71
C ASN E 145 55.76 20.13 22.04
N ILE E 146 54.60 20.36 22.67
CA ILE E 146 54.29 19.74 23.97
C ILE E 146 52.84 19.33 24.21
N ASP E 147 52.66 18.27 25.00
CA ASP E 147 51.34 17.81 25.38
C ASP E 147 50.94 18.87 26.41
N PRO E 148 49.90 19.67 26.12
CA PRO E 148 49.47 20.71 27.05
C PRO E 148 48.67 20.26 28.27
N THR E 149 48.19 19.02 28.23
CA THR E 149 47.37 18.46 29.29
C THR E 149 47.73 18.90 30.70
N PHE E 150 48.86 18.39 31.20
CA PHE E 150 49.27 18.73 32.54
C PHE E 150 49.71 20.15 32.83
N PHE E 151 49.83 20.99 31.80
CA PHE E 151 50.18 22.37 32.03
C PHE E 151 48.89 23.05 32.44
N LEU E 152 47.82 22.67 31.75
CA LEU E 152 46.50 23.23 32.03
C LEU E 152 46.00 22.70 33.38
N SER E 153 46.10 21.40 33.59
CA SER E 153 45.61 20.83 34.83
C SER E 153 46.26 21.44 36.09
N ARG E 154 47.58 21.59 36.08
CA ARG E 154 48.23 22.18 37.26
C ARG E 154 47.78 23.62 37.45
N THR E 155 47.73 24.38 36.37
CA THR E 155 47.27 25.76 36.48
C THR E 155 45.86 25.78 37.04
N VAL E 156 44.99 24.94 36.48
CA VAL E 156 43.59 24.88 36.89
C VAL E 156 43.44 24.35 38.32
N SER E 157 44.14 23.27 38.60
CA SER E 157 44.09 22.65 39.91
C SER E 157 44.59 23.55 41.04
N ASN E 158 45.47 24.50 40.73
CA ASN E 158 45.98 25.38 41.78
C ASN E 158 45.00 26.42 42.26
N VAL E 159 43.92 26.62 41.52
CA VAL E 159 42.92 27.60 41.93
C VAL E 159 42.07 26.97 43.06
N ILE E 160 41.44 25.84 42.75
CA ILE E 160 40.62 25.13 43.72
C ILE E 160 41.51 24.59 44.85
N SER E 161 42.77 24.29 44.54
CA SER E 161 43.70 23.80 45.56
C SER E 161 43.94 24.85 46.64
N SER E 162 44.24 26.07 46.21
CA SER E 162 44.51 27.16 47.13
C SER E 162 43.28 27.46 47.98
N ILE E 163 42.10 27.06 47.48
CA ILE E 163 40.89 27.30 48.26
C ILE E 163 40.64 26.19 49.28
N VAL E 164 40.84 24.94 48.88
CA VAL E 164 40.57 23.86 49.82
C VAL E 164 41.75 23.47 50.69
N PHE E 165 42.98 23.57 50.14
CA PHE E 165 44.17 23.22 50.88
C PHE E 165 44.84 24.42 51.51
N GLY E 166 44.34 25.60 51.22
CA GLY E 166 44.91 26.81 51.79
C GLY E 166 46.00 27.45 50.96
N ASP E 167 46.65 26.69 50.09
CA ASP E 167 47.70 27.26 49.28
C ASP E 167 47.90 26.45 48.01
N ARG E 168 48.53 27.04 47.00
CA ARG E 168 48.75 26.36 45.74
C ARG E 168 49.81 25.27 45.80
N PHE E 169 50.02 24.60 44.66
CA PHE E 169 50.99 23.52 44.49
C PHE E 169 52.08 24.05 43.56
N ASP E 170 53.28 23.49 43.66
CA ASP E 170 54.39 23.90 42.82
C ASP E 170 54.43 22.99 41.60
N TYR E 171 54.45 23.56 40.40
CA TYR E 171 54.46 22.76 39.17
C TYR E 171 55.46 21.61 39.15
N GLU E 172 56.51 21.72 39.96
CA GLU E 172 57.54 20.68 40.02
C GLU E 172 57.26 19.62 41.10
N ASP E 173 56.18 19.80 41.84
CA ASP E 173 55.83 18.86 42.89
C ASP E 173 55.43 17.52 42.27
N LYS E 174 56.26 16.51 42.47
CA LYS E 174 56.00 15.19 41.92
C LYS E 174 54.66 14.62 42.36
N GLU E 175 54.37 14.69 43.65
CA GLU E 175 53.10 14.18 44.17
C GLU E 175 51.89 14.84 43.48
N PHE E 176 51.95 16.16 43.31
CA PHE E 176 50.91 16.93 42.65
C PHE E 176 50.63 16.31 41.27
N LEU E 177 51.69 16.01 40.53
CA LEU E 177 51.56 15.42 39.22
C LEU E 177 50.96 14.03 39.36
N SER E 178 51.20 13.40 40.50
CA SER E 178 50.67 12.07 40.72
C SER E 178 49.17 12.16 40.99
N LEU E 179 48.76 13.22 41.67
CA LEU E 179 47.36 13.44 42.00
C LEU E 179 46.57 13.75 40.72
N LEU E 180 47.14 14.57 39.85
CA LEU E 180 46.48 14.93 38.59
C LEU E 180 46.41 13.69 37.71
N ARG E 181 47.49 12.93 37.72
CA ARG E 181 47.59 11.70 36.95
C ARG E 181 46.44 10.79 37.37
N MET E 182 46.15 10.77 38.67
CA MET E 182 45.08 9.92 39.20
C MET E 182 43.71 10.42 38.74
N MET E 183 43.49 11.73 38.84
CA MET E 183 42.22 12.32 38.45
C MET E 183 41.92 12.12 36.97
N LEU E 184 42.92 12.37 36.11
CA LEU E 184 42.73 12.24 34.68
C LEU E 184 42.37 10.80 34.31
N GLY E 185 42.99 9.84 35.00
CA GLY E 185 42.75 8.45 34.71
C GLY E 185 41.42 7.89 35.17
N SER E 186 40.95 8.35 36.33
CA SER E 186 39.69 7.85 36.86
C SER E 186 38.56 8.46 36.05
N PHE E 187 38.67 9.75 35.79
CA PHE E 187 37.68 10.46 35.00
C PHE E 187 37.52 9.79 33.64
N GLN E 188 38.64 9.62 32.95
CA GLN E 188 38.65 9.04 31.63
C GLN E 188 38.15 7.59 31.57
N PHE E 189 38.42 6.80 32.60
CA PHE E 189 37.94 5.42 32.61
C PHE E 189 36.41 5.37 32.47
N THR E 190 35.73 6.31 33.10
CA THR E 190 34.27 6.34 33.06
C THR E 190 33.76 6.71 31.67
N ALA E 191 34.64 7.23 30.82
CA ALA E 191 34.24 7.59 29.48
C ALA E 191 34.56 6.44 28.53
N THR E 192 35.06 5.34 29.07
CA THR E 192 35.41 4.19 28.25
C THR E 192 34.36 3.10 28.19
N SER E 193 34.53 2.23 27.22
CA SER E 193 33.62 1.11 27.01
C SER E 193 33.53 0.24 28.27
N THR E 194 34.68 -0.06 28.87
CA THR E 194 34.71 -0.88 30.09
C THR E 194 34.09 -0.11 31.24
N GLY E 195 34.29 1.20 31.26
CA GLY E 195 33.68 2.01 32.31
C GLY E 195 32.15 1.99 32.20
N GLN E 196 31.62 1.99 30.98
CA GLN E 196 30.17 1.96 30.81
C GLN E 196 29.67 0.55 31.09
N LEU E 197 30.47 -0.46 30.76
CA LEU E 197 30.07 -1.83 31.06
C LEU E 197 30.00 -1.91 32.58
N TYR E 198 30.95 -1.24 33.24
CA TYR E 198 31.01 -1.22 34.70
C TYR E 198 29.77 -0.61 35.30
N GLU E 199 29.24 0.40 34.64
CA GLU E 199 28.02 1.04 35.14
C GLU E 199 26.88 0.04 35.19
N MET E 200 26.92 -0.97 34.33
CA MET E 200 25.87 -1.98 34.29
C MET E 200 26.09 -3.17 35.22
N PHE E 201 27.32 -3.62 35.32
CA PHE E 201 27.62 -4.81 36.08
C PHE E 201 28.63 -4.59 37.18
N SER E 202 28.55 -3.46 37.88
CA SER E 202 29.50 -3.18 38.95
C SER E 202 29.45 -4.26 40.03
N SER E 203 28.25 -4.72 40.35
CA SER E 203 28.03 -5.71 41.38
C SER E 203 28.91 -6.93 41.19
N VAL E 204 29.26 -7.25 39.95
CA VAL E 204 30.12 -8.40 39.75
C VAL E 204 31.54 -7.96 39.44
N MET E 205 31.67 -7.01 38.51
CA MET E 205 32.96 -6.52 38.08
C MET E 205 33.80 -5.86 39.17
N LYS E 206 33.20 -5.36 40.24
CA LYS E 206 33.99 -4.72 41.28
C LYS E 206 34.83 -5.79 41.98
N HIS E 207 34.56 -7.05 41.66
CA HIS E 207 35.29 -8.14 42.27
C HIS E 207 36.11 -8.88 41.22
N LEU E 208 36.38 -8.21 40.10
CA LEU E 208 37.14 -8.84 39.03
C LEU E 208 38.30 -8.00 38.54
N PRO E 209 39.33 -8.67 37.99
CA PRO E 209 40.50 -7.98 37.48
C PRO E 209 40.04 -7.17 36.28
N GLY E 210 40.70 -6.06 36.01
CA GLY E 210 40.31 -5.22 34.91
C GLY E 210 40.59 -3.77 35.23
N PRO E 211 40.50 -2.90 34.21
CA PRO E 211 40.73 -1.45 34.28
C PRO E 211 40.00 -0.75 35.40
N GLN E 212 38.91 -1.34 35.88
CA GLN E 212 38.17 -0.74 36.97
C GLN E 212 38.97 -0.79 38.27
N GLN E 213 39.75 -1.86 38.48
CA GLN E 213 40.55 -1.94 39.70
C GLN E 213 41.53 -0.77 39.75
N GLN E 214 42.10 -0.46 38.58
CA GLN E 214 43.04 0.64 38.44
C GLN E 214 42.39 1.96 38.80
N ALA E 215 41.15 2.14 38.36
CA ALA E 215 40.45 3.36 38.65
C ALA E 215 40.15 3.46 40.14
N PHE E 216 39.96 2.30 40.78
CA PHE E 216 39.68 2.27 42.22
C PHE E 216 40.96 2.72 42.92
N LYS E 217 42.09 2.16 42.50
CA LYS E 217 43.40 2.48 43.07
C LYS E 217 43.60 4.00 43.06
N GLU E 218 43.37 4.60 41.91
CA GLU E 218 43.53 6.04 41.76
C GLU E 218 42.60 6.79 42.69
N LEU E 219 41.37 6.34 42.81
CA LEU E 219 40.43 7.02 43.69
C LEU E 219 40.88 6.92 45.16
N GLN E 220 41.33 5.73 45.57
CA GLN E 220 41.83 5.53 46.93
C GLN E 220 43.02 6.45 47.11
N GLY E 221 43.83 6.54 46.06
CA GLY E 221 44.99 7.42 46.07
C GLY E 221 44.59 8.83 46.43
N LEU E 222 43.56 9.34 45.77
CA LEU E 222 43.10 10.69 46.05
C LEU E 222 42.50 10.87 47.45
N GLU E 223 41.83 9.83 47.96
CA GLU E 223 41.21 9.92 49.28
C GLU E 223 42.25 10.01 50.41
N ASP E 224 43.26 9.15 50.35
CA ASP E 224 44.34 9.12 51.33
C ASP E 224 45.01 10.48 51.44
N PHE E 225 45.38 11.07 50.30
CA PHE E 225 46.00 12.39 50.31
C PHE E 225 45.14 13.37 51.09
N ILE E 226 43.87 13.45 50.77
CA ILE E 226 43.01 14.39 51.47
C ILE E 226 43.02 14.10 52.96
N ALA E 227 42.88 12.83 53.30
CA ALA E 227 42.87 12.39 54.70
C ALA E 227 44.14 12.87 55.39
N LYS E 228 45.24 12.84 54.67
CA LYS E 228 46.53 13.30 55.17
C LYS E 228 46.46 14.82 55.38
N LYS E 229 46.00 15.57 54.37
CA LYS E 229 45.91 17.02 54.51
C LYS E 229 45.02 17.41 55.69
N VAL E 230 43.99 16.62 55.95
CA VAL E 230 43.08 16.94 57.06
C VAL E 230 43.78 16.83 58.41
N GLU E 231 44.57 15.77 58.56
CA GLU E 231 45.29 15.53 59.80
C GLU E 231 46.22 16.72 60.08
N HIS E 232 47.03 17.08 59.10
CA HIS E 232 47.94 18.19 59.24
C HIS E 232 47.25 19.49 59.66
N ASN E 233 46.11 19.77 59.05
CA ASN E 233 45.34 20.97 59.38
C ASN E 233 44.78 20.86 60.78
N GLN E 234 44.31 19.66 61.09
CA GLN E 234 43.68 19.39 62.36
C GLN E 234 44.59 19.67 63.54
N ARG E 235 45.89 19.67 63.31
CA ARG E 235 46.82 19.90 64.39
C ARG E 235 47.52 21.26 64.37
N THR E 236 46.95 22.22 63.66
CA THR E 236 47.52 23.57 63.58
C THR E 236 46.32 24.48 63.37
N LEU E 237 45.18 23.95 63.74
CA LEU E 237 43.89 24.62 63.61
C LEU E 237 43.65 25.79 64.58
N ASP E 238 43.15 26.90 64.03
CA ASP E 238 42.80 28.09 64.78
C ASP E 238 41.36 28.44 64.35
N PRO E 239 40.36 27.96 65.09
CA PRO E 239 38.95 28.21 64.78
C PRO E 239 38.61 29.68 64.47
N ASN E 240 39.47 30.60 64.89
CA ASN E 240 39.20 32.00 64.64
C ASN E 240 39.78 32.55 63.36
N SER E 241 40.65 31.78 62.72
CA SER E 241 41.27 32.21 61.48
C SER E 241 41.42 31.03 60.52
N PRO E 242 40.28 30.48 60.02
CA PRO E 242 40.33 29.35 59.10
C PRO E 242 41.12 29.73 57.85
N ARG E 243 42.02 28.85 57.44
CA ARG E 243 42.86 29.09 56.28
C ARG E 243 42.32 28.56 54.96
N ASP E 244 41.41 27.59 55.05
CA ASP E 244 40.88 26.94 53.85
C ASP E 244 39.57 26.21 54.12
N PHE E 245 39.07 25.53 53.07
CA PHE E 245 37.83 24.78 53.18
C PHE E 245 37.95 23.72 54.26
N ILE E 246 39.10 23.09 54.37
CA ILE E 246 39.28 22.06 55.40
C ILE E 246 39.14 22.58 56.82
N ASP E 247 39.77 23.72 57.14
CA ASP E 247 39.66 24.26 58.49
C ASP E 247 38.21 24.67 58.77
N SER E 248 37.55 25.24 57.77
CA SER E 248 36.14 25.67 57.91
C SER E 248 35.26 24.48 58.27
N PHE E 249 35.52 23.34 57.62
CA PHE E 249 34.75 22.14 57.89
C PHE E 249 35.10 21.61 59.30
N LEU E 250 36.40 21.45 59.59
CA LEU E 250 36.86 20.97 60.90
C LEU E 250 36.25 21.79 62.05
N ILE E 251 36.11 23.09 61.83
CA ILE E 251 35.55 23.98 62.84
C ILE E 251 34.07 23.71 62.99
N ARG E 252 33.37 23.57 61.87
CA ARG E 252 31.95 23.29 61.93
C ARG E 252 31.77 21.93 62.64
N MET E 253 32.69 21.01 62.38
CA MET E 253 32.65 19.67 62.98
C MET E 253 32.66 19.73 64.52
N GLN E 254 33.49 20.60 65.09
CA GLN E 254 33.56 20.74 66.54
C GLN E 254 32.26 21.27 67.14
N GLU E 255 31.68 22.28 66.51
CA GLU E 255 30.42 22.84 66.99
C GLU E 255 29.27 21.83 66.93
N GLU E 256 29.47 20.77 66.17
CA GLU E 256 28.43 19.76 65.98
C GLU E 256 28.64 18.47 66.79
N GLU E 257 29.73 18.41 67.54
CA GLU E 257 30.01 17.22 68.37
C GLU E 257 28.85 16.95 69.34
N LYS E 258 28.10 18.01 69.67
CA LYS E 258 26.97 17.91 70.56
C LYS E 258 25.72 17.45 69.80
N ASN E 259 25.84 17.31 68.49
CA ASN E 259 24.71 16.90 67.64
C ASN E 259 24.91 15.49 67.07
N PRO E 260 24.10 14.54 67.56
CA PRO E 260 24.13 13.12 67.17
C PRO E 260 23.65 12.80 65.75
N ASN E 261 22.99 13.76 65.11
CA ASN E 261 22.45 13.58 63.77
C ASN E 261 23.06 14.59 62.79
N THR E 262 24.29 15.02 63.07
CA THR E 262 24.98 15.99 62.23
C THR E 262 25.66 15.34 61.03
N GLU E 263 25.64 16.01 59.89
CA GLU E 263 26.30 15.47 58.71
C GLU E 263 27.78 15.85 58.72
N PHE E 264 28.14 16.81 59.58
CA PHE E 264 29.52 17.27 59.62
C PHE E 264 30.42 16.43 60.49
N TYR E 265 31.08 15.47 59.84
CA TYR E 265 31.99 14.57 60.49
C TYR E 265 33.05 14.22 59.47
N LEU E 266 34.15 13.69 59.95
CA LEU E 266 35.27 13.36 59.10
C LEU E 266 34.96 12.79 57.72
N LYS E 267 34.23 11.69 57.66
CA LYS E 267 33.94 11.07 56.37
C LYS E 267 33.36 12.07 55.35
N ASN E 268 32.34 12.82 55.74
CA ASN E 268 31.76 13.79 54.82
C ASN E 268 32.76 14.90 54.48
N LEU E 269 33.69 15.17 55.39
CA LEU E 269 34.68 16.23 55.15
C LEU E 269 35.63 15.82 54.02
N VAL E 270 36.15 14.61 54.16
CA VAL E 270 37.09 14.10 53.20
C VAL E 270 36.47 13.85 51.82
N MET E 271 35.22 13.40 51.78
CA MET E 271 34.57 13.12 50.52
C MET E 271 34.11 14.41 49.82
N THR E 272 33.64 15.38 50.60
CA THR E 272 33.22 16.67 50.06
C THR E 272 34.46 17.37 49.50
N THR E 273 35.52 17.37 50.29
CA THR E 273 36.76 18.02 49.88
C THR E 273 37.26 17.42 48.58
N LEU E 274 37.20 16.09 48.48
CA LEU E 274 37.62 15.40 47.26
C LEU E 274 36.68 15.74 46.08
N ASN E 275 35.40 15.97 46.37
CA ASN E 275 34.42 16.34 45.33
C ASN E 275 34.85 17.68 44.73
N LEU E 276 35.11 18.69 45.58
CA LEU E 276 35.51 20.01 45.10
C LEU E 276 36.86 20.02 44.41
N PHE E 277 37.80 19.22 44.92
CA PHE E 277 39.14 19.18 44.34
C PHE E 277 39.17 18.52 42.97
N PHE E 278 38.41 17.44 42.83
CA PHE E 278 38.36 16.67 41.58
C PHE E 278 37.57 17.49 40.53
N ALA E 279 36.29 17.72 40.80
CA ALA E 279 35.45 18.48 39.88
C ALA E 279 36.12 19.80 39.48
N GLY E 280 36.57 20.55 40.49
CA GLY E 280 37.23 21.81 40.25
C GLY E 280 38.50 21.69 39.44
N THR E 281 38.99 20.48 39.25
CA THR E 281 40.21 20.34 38.47
C THR E 281 39.94 19.81 37.07
N GLU E 282 39.49 18.57 36.99
CA GLU E 282 39.25 17.91 35.72
C GLU E 282 38.30 18.53 34.69
N THR E 283 37.21 19.13 35.14
CA THR E 283 36.24 19.70 34.22
C THR E 283 36.76 20.90 33.46
N VAL E 284 37.21 21.94 34.16
CA VAL E 284 37.74 23.13 33.51
C VAL E 284 38.97 22.77 32.71
N SER E 285 39.78 21.86 33.24
CA SER E 285 40.97 21.44 32.55
C SER E 285 40.61 20.71 31.25
N THR E 286 39.65 19.80 31.33
CA THR E 286 39.25 19.08 30.13
C THR E 286 38.66 20.04 29.09
N THR E 287 37.85 20.98 29.55
CA THR E 287 37.25 21.94 28.64
C THR E 287 38.30 22.82 27.95
N LEU E 288 39.39 23.15 28.63
CA LEU E 288 40.41 23.97 27.96
C LEU E 288 41.19 23.11 26.96
N ARG E 289 41.52 21.86 27.33
CA ARG E 289 42.27 20.97 26.43
C ARG E 289 41.50 20.80 25.14
N TYR E 290 40.20 20.60 25.26
CA TYR E 290 39.34 20.42 24.09
C TYR E 290 39.34 21.74 23.33
N GLY E 291 39.06 22.82 24.05
CA GLY E 291 39.02 24.16 23.47
C GLY E 291 40.21 24.55 22.59
N PHE E 292 41.43 24.17 22.96
CA PHE E 292 42.61 24.51 22.16
C PHE E 292 42.64 23.71 20.88
N LEU E 293 42.10 22.50 20.89
CA LEU E 293 42.08 21.68 19.68
C LEU E 293 41.09 22.27 18.67
N LEU E 294 39.92 22.68 19.16
CA LEU E 294 38.90 23.27 18.30
C LEU E 294 39.37 24.59 17.71
N LEU E 295 40.29 25.27 18.40
CA LEU E 295 40.80 26.53 17.92
C LEU E 295 41.88 26.31 16.85
N MET E 296 42.68 25.27 17.02
CA MET E 296 43.71 24.98 16.04
C MET E 296 43.03 24.38 14.81
N LYS E 297 41.77 23.98 15.01
CA LYS E 297 40.95 23.40 13.93
C LYS E 297 40.32 24.55 13.15
N HIS E 298 39.87 25.56 13.90
CA HIS E 298 39.23 26.73 13.30
C HIS E 298 40.03 28.01 13.54
N PRO E 299 41.20 28.13 12.87
CA PRO E 299 42.06 29.30 12.99
C PRO E 299 41.36 30.63 12.76
N GLU E 300 40.36 30.65 11.89
CA GLU E 300 39.63 31.89 11.62
C GLU E 300 39.02 32.42 12.92
N VAL E 301 38.54 31.50 13.76
CA VAL E 301 37.91 31.86 15.03
C VAL E 301 38.97 32.41 16.01
N GLU E 302 40.12 31.75 16.03
CA GLU E 302 41.21 32.15 16.91
C GLU E 302 41.54 33.61 16.67
N ALA E 303 41.59 33.98 15.39
CA ALA E 303 41.90 35.34 14.97
C ALA E 303 40.85 36.35 15.41
N LYS E 304 39.58 36.05 15.18
CA LYS E 304 38.52 36.97 15.55
C LYS E 304 38.52 37.23 17.07
N VAL E 305 38.92 36.22 17.83
CA VAL E 305 38.98 36.38 19.29
C VAL E 305 40.22 37.24 19.57
N HIS E 306 41.35 36.85 18.98
CA HIS E 306 42.58 37.60 19.11
C HIS E 306 42.27 39.07 18.88
N GLU E 307 41.61 39.37 17.77
CA GLU E 307 41.26 40.74 17.46
C GLU E 307 40.53 41.37 18.64
N GLU E 308 39.47 40.71 19.08
CA GLU E 308 38.65 41.21 20.18
C GLU E 308 39.45 41.44 21.46
N ILE E 309 40.52 40.68 21.63
CA ILE E 309 41.39 40.81 22.80
C ILE E 309 42.17 42.11 22.73
N ASP E 310 42.95 42.26 21.67
CA ASP E 310 43.76 43.45 21.47
C ASP E 310 42.88 44.71 21.46
N ARG E 311 41.68 44.58 20.93
CA ARG E 311 40.76 45.71 20.86
C ARG E 311 40.25 46.17 22.22
N VAL E 312 39.80 45.23 23.05
CA VAL E 312 39.24 45.57 24.37
C VAL E 312 40.21 45.60 25.54
N ILE E 313 41.25 44.77 25.50
CA ILE E 313 42.20 44.68 26.60
C ILE E 313 43.60 45.10 26.20
N GLY E 314 44.00 44.73 24.98
CA GLY E 314 45.33 45.08 24.50
C GLY E 314 46.36 44.05 24.92
N LYS E 315 47.57 44.17 24.40
CA LYS E 315 48.64 43.24 24.74
C LYS E 315 49.43 43.74 25.94
N ASN E 316 48.81 44.61 26.74
CA ASN E 316 49.47 45.17 27.92
C ASN E 316 48.97 44.55 29.22
N ARG E 317 48.02 45.24 29.86
CA ARG E 317 47.47 44.78 31.14
C ARG E 317 46.79 43.41 31.08
N GLN E 318 46.67 42.79 32.24
CA GLN E 318 46.07 41.48 32.36
C GLN E 318 44.54 41.49 32.28
N PRO E 319 43.97 40.46 31.64
CA PRO E 319 42.52 40.31 31.46
C PRO E 319 41.79 40.13 32.78
N LYS E 320 40.60 40.73 32.88
CA LYS E 320 39.78 40.62 34.07
C LYS E 320 38.33 40.22 33.68
N PHE E 321 37.66 39.53 34.59
CA PHE E 321 36.30 39.05 34.37
C PHE E 321 35.33 40.11 33.83
N GLU E 322 35.62 41.36 34.12
CA GLU E 322 34.77 42.47 33.68
C GLU E 322 34.83 42.72 32.19
N ASP E 323 35.89 42.22 31.54
CA ASP E 323 36.05 42.43 30.11
C ASP E 323 35.08 41.63 29.22
N ARG E 324 34.44 40.61 29.77
CA ARG E 324 33.52 39.80 28.97
C ARG E 324 32.31 40.58 28.47
N ALA E 325 31.76 41.44 29.32
CA ALA E 325 30.61 42.22 28.93
C ALA E 325 30.86 42.96 27.61
N LYS E 326 32.12 43.20 27.28
CA LYS E 326 32.45 43.90 26.03
C LYS E 326 33.22 43.04 25.04
N MET E 327 33.18 41.73 25.23
CA MET E 327 33.84 40.81 24.32
C MET E 327 32.86 39.68 23.97
N PRO E 328 31.61 40.04 23.59
CA PRO E 328 30.59 39.05 23.24
C PRO E 328 31.01 37.90 22.33
N TYR E 329 31.95 38.14 21.41
CA TYR E 329 32.40 37.07 20.51
C TYR E 329 33.19 36.03 21.28
N THR E 330 34.09 36.51 22.15
CA THR E 330 34.91 35.62 22.96
C THR E 330 33.97 34.81 23.85
N GLU E 331 33.05 35.49 24.53
CA GLU E 331 32.07 34.81 25.37
C GLU E 331 31.40 33.72 24.54
N ALA E 332 30.92 34.10 23.36
CA ALA E 332 30.25 33.18 22.45
C ALA E 332 31.09 31.96 22.05
N VAL E 333 32.40 32.17 21.87
CA VAL E 333 33.29 31.06 21.50
C VAL E 333 33.49 30.10 22.71
N ILE E 334 33.56 30.66 23.91
CA ILE E 334 33.73 29.85 25.11
C ILE E 334 32.44 29.04 25.27
N HIS E 335 31.29 29.71 25.22
CA HIS E 335 30.03 28.98 25.32
C HIS E 335 29.98 27.86 24.29
N GLU E 336 30.38 28.15 23.05
CA GLU E 336 30.33 27.14 22.01
C GLU E 336 31.25 25.97 22.34
N ILE E 337 32.42 26.26 22.86
CA ILE E 337 33.37 25.19 23.19
C ILE E 337 32.74 24.24 24.22
N GLN E 338 31.95 24.79 25.13
CA GLN E 338 31.33 23.99 26.17
C GLN E 338 30.17 23.16 25.64
N ARG E 339 29.41 23.76 24.71
CA ARG E 339 28.27 23.12 24.08
C ARG E 339 28.79 21.94 23.28
N PHE E 340 29.80 22.21 22.47
CA PHE E 340 30.45 21.21 21.61
C PHE E 340 31.20 20.15 22.42
N GLY E 341 31.88 20.60 23.46
CA GLY E 341 32.63 19.70 24.32
C GLY E 341 31.74 18.67 24.97
N ASP E 342 30.53 19.09 25.36
CA ASP E 342 29.53 18.19 25.95
C ASP E 342 30.17 17.26 27.00
N MET E 343 30.87 17.86 27.97
CA MET E 343 31.56 17.09 29.00
C MET E 343 30.80 15.90 29.59
N LEU E 344 29.64 16.14 30.18
CA LEU E 344 28.83 15.06 30.75
C LEU E 344 27.60 14.84 29.85
N PRO E 345 27.79 14.16 28.71
CA PRO E 345 26.75 13.87 27.72
C PRO E 345 25.44 13.36 28.29
N MET E 346 25.51 12.40 29.21
CA MET E 346 24.29 11.87 29.81
C MET E 346 24.04 12.48 31.18
N GLY E 347 24.73 13.57 31.46
CA GLY E 347 24.58 14.24 32.75
C GLY E 347 25.13 13.39 33.91
N LEU E 348 24.76 13.77 35.12
CA LEU E 348 25.13 13.03 36.32
C LEU E 348 23.75 12.52 36.72
N ALA E 349 23.63 11.23 37.01
CA ALA E 349 22.37 10.63 37.36
C ALA E 349 21.67 11.21 38.58
N HIS E 350 20.36 11.35 38.43
CA HIS E 350 19.48 11.86 39.47
C HIS E 350 18.58 10.69 39.83
N ARG E 351 17.65 10.93 40.73
CA ARG E 351 16.67 9.91 41.08
C ARG E 351 15.49 10.64 41.73
N VAL E 352 14.30 10.04 41.72
CA VAL E 352 13.17 10.70 42.36
C VAL E 352 13.09 10.21 43.79
N ASN E 353 13.14 11.14 44.74
CA ASN E 353 13.09 10.80 46.15
C ASN E 353 11.76 10.25 46.63
N LYS E 354 10.74 10.26 45.77
CA LYS E 354 9.44 9.72 46.16
C LYS E 354 8.53 9.42 44.97
N ASP E 355 7.52 8.58 45.19
CA ASP E 355 6.56 8.22 44.14
C ASP E 355 6.22 9.51 43.41
N THR E 356 6.61 9.58 42.15
CA THR E 356 6.38 10.77 41.35
C THR E 356 5.56 10.57 40.08
N LYS E 357 4.73 11.55 39.77
CA LYS E 357 3.93 11.51 38.56
C LYS E 357 4.58 12.53 37.65
N PHE E 358 5.11 12.07 36.52
CA PHE E 358 5.74 12.99 35.59
C PHE E 358 5.02 12.82 34.29
N ARG E 359 4.57 13.93 33.72
CA ARG E 359 3.81 13.89 32.49
C ARG E 359 2.76 12.81 32.68
N ASP E 360 2.62 11.91 31.72
CA ASP E 360 1.62 10.86 31.87
C ASP E 360 2.15 9.59 32.54
N PHE E 361 3.43 9.57 32.88
CA PHE E 361 4.01 8.38 33.51
C PHE E 361 4.11 8.47 35.03
N PHE E 362 4.41 7.32 35.63
CA PHE E 362 4.55 7.22 37.08
C PHE E 362 5.90 6.59 37.41
N LEU E 363 6.74 7.31 38.13
CA LEU E 363 8.05 6.76 38.49
C LEU E 363 8.09 6.43 39.96
N PRO E 364 8.09 5.13 40.30
CA PRO E 364 8.14 4.74 41.71
C PRO E 364 9.39 5.28 42.43
N LYS E 365 9.23 5.56 43.71
CA LYS E 365 10.28 6.08 44.56
C LYS E 365 11.64 5.40 44.34
N GLY E 366 12.66 6.21 44.06
CA GLY E 366 14.00 5.69 43.86
C GLY E 366 14.47 5.45 42.43
N THR E 367 13.56 5.66 41.48
CA THR E 367 13.87 5.43 40.07
C THR E 367 14.97 6.35 39.57
N GLU E 368 16.04 5.78 39.01
CA GLU E 368 17.10 6.62 38.51
C GLU E 368 16.60 7.36 37.28
N VAL E 369 17.25 8.50 37.02
CA VAL E 369 16.88 9.35 35.90
C VAL E 369 18.12 9.95 35.27
N PHE E 370 18.26 9.79 33.96
CA PHE E 370 19.37 10.36 33.21
C PHE E 370 18.94 11.64 32.49
N PRO E 371 19.44 12.80 32.95
CA PRO E 371 19.07 14.06 32.27
C PRO E 371 20.10 14.15 31.16
N MET E 372 19.75 13.67 29.97
CA MET E 372 20.68 13.67 28.84
C MET E 372 21.06 15.08 28.42
N LEU E 373 21.99 15.71 29.15
CA LEU E 373 22.40 17.08 28.86
C LEU E 373 22.96 17.24 27.45
N GLY E 374 23.69 16.24 26.97
CA GLY E 374 24.23 16.32 25.63
C GLY E 374 23.13 16.41 24.58
N SER E 375 21.90 16.01 24.93
CA SER E 375 20.80 16.06 23.99
C SER E 375 20.17 17.45 24.06
N VAL E 376 20.50 18.19 25.12
CA VAL E 376 19.97 19.55 25.24
C VAL E 376 20.94 20.52 24.56
N LEU E 377 22.22 20.17 24.56
CA LEU E 377 23.25 20.99 23.94
C LEU E 377 23.27 20.79 22.42
N ARG E 378 22.62 19.70 21.98
CA ARG E 378 22.53 19.39 20.56
C ARG E 378 21.08 19.43 20.09
N ASP E 379 20.21 19.98 20.92
CA ASP E 379 18.81 20.06 20.56
C ASP E 379 18.59 20.89 19.26
N PRO E 380 18.11 20.23 18.19
CA PRO E 380 17.87 20.87 16.88
C PRO E 380 16.96 22.08 16.90
N ARG E 381 16.02 22.10 17.85
CA ARG E 381 15.08 23.20 17.98
C ARG E 381 15.72 24.38 18.70
N PHE E 382 17.06 24.35 18.79
CA PHE E 382 17.81 25.39 19.49
C PHE E 382 19.14 25.79 18.86
N PHE E 383 19.72 24.93 18.02
CA PHE E 383 20.99 25.24 17.39
C PHE E 383 21.03 24.78 15.93
N SER E 384 21.11 25.74 15.03
CA SER E 384 21.15 25.47 13.59
C SER E 384 21.95 24.22 13.22
N ASN E 385 23.23 24.19 13.58
CA ASN E 385 24.09 23.05 13.26
C ASN E 385 24.62 22.34 14.51
N PRO E 386 23.74 21.66 15.26
CA PRO E 386 24.10 20.94 16.49
C PRO E 386 25.38 20.09 16.47
N ARG E 387 25.70 19.46 15.35
CA ARG E 387 26.92 18.64 15.29
C ARG E 387 28.15 19.44 14.86
N ASP E 388 28.00 20.76 14.73
CA ASP E 388 29.12 21.60 14.34
C ASP E 388 29.56 22.58 15.40
N PHE E 389 30.81 23.02 15.25
CA PHE E 389 31.39 24.01 16.14
C PHE E 389 31.10 25.34 15.47
N ASN E 390 30.18 26.11 16.04
CA ASN E 390 29.80 27.40 15.46
C ASN E 390 29.44 28.48 16.46
N PRO E 391 30.38 29.41 16.72
CA PRO E 391 30.18 30.51 17.66
C PRO E 391 28.91 31.32 17.43
N GLN E 392 28.39 31.26 16.19
CA GLN E 392 27.18 31.99 15.83
C GLN E 392 25.98 31.57 16.66
N HIS E 393 26.04 30.36 17.21
CA HIS E 393 24.97 29.82 18.05
C HIS E 393 24.69 30.69 19.28
N PHE E 394 25.58 31.62 19.57
CA PHE E 394 25.42 32.51 20.73
C PHE E 394 25.63 33.96 20.34
N LEU E 395 25.64 34.22 19.04
CA LEU E 395 25.81 35.57 18.51
C LEU E 395 24.56 36.00 17.77
N ASP E 396 23.81 36.91 18.40
CA ASP E 396 22.57 37.41 17.82
C ASP E 396 22.75 38.06 16.44
N LYS E 397 21.63 38.25 15.76
CA LYS E 397 21.62 38.85 14.43
C LYS E 397 22.11 40.30 14.50
N LYS E 398 23.43 40.47 14.32
CA LYS E 398 24.14 41.75 14.37
C LYS E 398 25.55 41.51 14.89
N GLY E 399 25.65 40.86 16.05
CA GLY E 399 26.95 40.56 16.61
C GLY E 399 27.05 40.42 18.12
N GLN E 400 26.04 40.85 18.86
CA GLN E 400 26.08 40.76 20.31
C GLN E 400 25.83 39.32 20.80
N PHE E 401 26.17 39.07 22.06
CA PHE E 401 26.01 37.75 22.67
C PHE E 401 24.54 37.39 22.84
N LYS E 402 24.22 36.13 22.57
CA LYS E 402 22.85 35.62 22.68
C LYS E 402 22.81 34.37 23.58
N LYS E 403 22.12 34.46 24.72
CA LYS E 403 22.02 33.34 25.65
C LYS E 403 20.98 32.30 25.25
N SER E 404 21.41 31.05 25.15
CA SER E 404 20.51 29.94 24.79
C SER E 404 19.94 29.23 26.03
N ASP E 405 18.62 29.14 26.07
CA ASP E 405 17.97 28.47 27.18
C ASP E 405 18.31 26.99 27.17
N ALA E 406 19.07 26.57 26.15
CA ALA E 406 19.50 25.18 26.02
C ALA E 406 20.98 25.00 26.40
N PHE E 407 21.57 26.03 26.99
CA PHE E 407 22.97 25.96 27.43
C PHE E 407 22.89 25.41 28.86
N VAL E 408 23.12 24.11 29.01
CA VAL E 408 23.05 23.47 30.32
C VAL E 408 24.20 22.51 30.65
N PRO E 409 25.45 22.91 30.33
CA PRO E 409 26.63 22.08 30.60
C PRO E 409 26.83 21.94 32.12
N PHE E 410 26.29 22.89 32.88
CA PHE E 410 26.35 22.88 34.36
C PHE E 410 25.02 22.37 34.88
N SER E 411 24.20 21.81 33.99
CA SER E 411 22.86 21.32 34.33
C SER E 411 21.97 22.40 34.92
N ILE E 412 20.84 21.97 35.50
CA ILE E 412 19.85 22.90 36.05
C ILE E 412 19.13 22.24 37.21
N GLY E 413 18.28 22.99 37.89
CA GLY E 413 17.55 22.43 39.02
C GLY E 413 18.28 22.58 40.33
N LYS E 414 17.80 21.90 41.36
CA LYS E 414 18.42 21.99 42.67
C LYS E 414 19.83 21.41 42.81
N ARG E 415 20.24 20.56 41.89
CA ARG E 415 21.58 19.97 41.98
C ARG E 415 22.48 20.53 40.90
N TYR E 416 22.14 21.68 40.35
CA TYR E 416 22.98 22.27 39.33
C TYR E 416 24.35 22.61 39.95
N CYS E 417 25.39 22.44 39.16
CA CYS E 417 26.75 22.72 39.57
C CYS E 417 26.93 24.05 40.30
N PHE E 418 27.16 24.01 41.62
CA PHE E 418 27.34 25.25 42.35
C PHE E 418 28.75 25.81 42.17
N GLY E 419 29.48 25.19 41.25
CA GLY E 419 30.82 25.63 40.93
C GLY E 419 30.74 26.30 39.57
N GLU E 420 29.52 26.60 39.12
CA GLU E 420 29.33 27.22 37.82
C GLU E 420 30.12 28.53 37.74
N GLY E 421 29.86 29.43 38.69
CA GLY E 421 30.56 30.72 38.70
C GLY E 421 32.08 30.60 38.61
N LEU E 422 32.66 29.81 39.51
CA LEU E 422 34.11 29.61 39.53
C LEU E 422 34.57 29.03 38.20
N ALA E 423 33.72 28.23 37.56
CA ALA E 423 34.06 27.62 36.28
C ALA E 423 34.05 28.62 35.13
N ARG E 424 33.03 29.48 35.11
CA ARG E 424 32.91 30.48 34.06
C ARG E 424 34.05 31.49 34.20
N MET E 425 34.26 31.97 35.42
CA MET E 425 35.32 32.94 35.63
C MET E 425 36.65 32.35 35.22
N GLU E 426 36.91 31.09 35.57
CA GLU E 426 38.16 30.44 35.20
C GLU E 426 38.31 30.24 33.70
N LEU E 427 37.21 29.89 33.04
CA LEU E 427 37.22 29.66 31.60
C LEU E 427 37.55 30.96 30.87
N PHE E 428 36.81 32.03 31.17
CA PHE E 428 37.06 33.30 30.50
C PHE E 428 38.51 33.77 30.70
N LEU E 429 38.93 33.91 31.96
CA LEU E 429 40.29 34.36 32.27
C LEU E 429 41.41 33.48 31.77
N PHE E 430 41.26 32.17 31.82
CA PHE E 430 42.33 31.32 31.33
C PHE E 430 42.39 31.34 29.81
N PHE E 431 41.23 31.36 29.15
CA PHE E 431 41.18 31.39 27.70
C PHE E 431 41.72 32.70 27.12
N THR E 432 41.17 33.82 27.57
CA THR E 432 41.65 35.11 27.10
C THR E 432 43.16 35.24 27.38
N THR E 433 43.55 35.14 28.65
CA THR E 433 44.95 35.26 29.05
C THR E 433 45.96 34.33 28.36
N ILE E 434 45.54 33.13 27.95
CA ILE E 434 46.49 32.25 27.26
C ILE E 434 46.63 32.62 25.79
N MET E 435 45.56 33.09 25.18
CA MET E 435 45.60 33.45 23.77
C MET E 435 46.18 34.84 23.59
N GLN E 436 45.91 35.72 24.55
CA GLN E 436 46.43 37.08 24.50
C GLN E 436 47.95 37.03 24.37
N ASN E 437 48.57 36.00 24.93
CA ASN E 437 50.02 35.91 24.90
C ASN E 437 50.60 34.92 23.91
N PHE E 438 49.79 33.99 23.42
CA PHE E 438 50.30 33.04 22.46
C PHE E 438 49.33 32.81 21.32
N ARG E 439 49.77 32.03 20.35
CA ARG E 439 48.97 31.64 19.21
C ARG E 439 49.24 30.15 19.06
N PHE E 440 48.18 29.36 18.94
CA PHE E 440 48.31 27.92 18.85
C PHE E 440 48.77 27.50 17.47
N LYS E 441 49.63 26.49 17.44
CA LYS E 441 50.17 25.96 16.20
C LYS E 441 50.28 24.46 16.34
N SER E 442 49.42 23.74 15.61
CA SER E 442 49.38 22.29 15.64
C SER E 442 50.31 21.64 14.62
N PRO E 443 50.86 20.47 14.97
CA PRO E 443 51.76 19.73 14.08
C PRO E 443 51.05 19.16 12.84
N GLN E 444 49.80 19.57 12.63
CA GLN E 444 49.01 19.14 11.49
C GLN E 444 48.13 20.27 10.97
N SER E 445 47.44 20.04 9.86
CA SER E 445 46.59 21.05 9.26
C SER E 445 45.19 21.11 9.85
N PRO E 446 44.53 22.25 9.74
CA PRO E 446 43.17 22.42 10.27
C PRO E 446 42.21 21.37 9.69
N LYS E 447 42.63 20.73 8.60
CA LYS E 447 41.79 19.70 8.00
C LYS E 447 42.03 18.36 8.70
N ASP E 448 43.29 18.02 8.94
CA ASP E 448 43.63 16.76 9.60
C ASP E 448 43.21 16.74 11.07
N ILE E 449 43.03 17.92 11.67
CA ILE E 449 42.64 18.01 13.06
C ILE E 449 41.30 17.31 13.32
N ASP E 450 41.37 16.18 14.02
CA ASP E 450 40.21 15.36 14.34
C ASP E 450 39.63 15.79 15.69
N VAL E 451 38.53 16.55 15.66
CA VAL E 451 37.89 17.00 16.89
C VAL E 451 36.71 16.14 17.36
N SER E 452 36.68 14.89 16.95
CA SER E 452 35.63 13.98 17.40
C SER E 452 36.23 13.39 18.68
N PRO E 453 35.43 13.31 19.76
CA PRO E 453 35.95 12.75 21.02
C PRO E 453 36.64 11.40 20.94
N LYS E 454 37.62 11.21 21.82
CA LYS E 454 38.39 9.98 21.90
C LYS E 454 37.55 8.96 22.65
N HIS E 455 36.72 9.47 23.56
CA HIS E 455 35.85 8.60 24.35
C HIS E 455 34.59 9.33 24.72
N VAL E 456 33.49 8.61 24.71
CA VAL E 456 32.22 9.18 25.13
C VAL E 456 31.53 8.09 25.93
N GLY E 457 31.16 8.49 27.13
CA GLY E 457 30.50 7.61 28.07
C GLY E 457 30.00 8.61 29.07
N PHE E 458 30.45 8.49 30.32
CA PHE E 458 30.03 9.42 31.35
C PHE E 458 30.54 10.82 31.01
N ALA E 459 31.67 10.85 30.35
CA ALA E 459 32.28 12.10 29.96
C ALA E 459 32.69 12.06 28.50
N THR E 460 32.98 13.23 27.96
CA THR E 460 33.45 13.37 26.59
C THR E 460 34.92 13.76 26.72
N ILE E 461 35.81 12.89 26.24
CA ILE E 461 37.24 13.14 26.32
C ILE E 461 37.83 13.45 24.93
N PRO E 462 38.49 14.61 24.77
CA PRO E 462 39.08 14.93 23.46
C PRO E 462 40.22 13.98 23.12
N ARG E 463 40.61 13.95 21.86
CA ARG E 463 41.70 13.09 21.43
C ARG E 463 43.02 13.67 21.90
N ASN E 464 44.00 12.81 22.07
CA ASN E 464 45.33 13.22 22.50
C ASN E 464 46.00 14.00 21.37
N TYR E 465 46.70 15.08 21.72
CA TYR E 465 47.36 15.89 20.71
C TYR E 465 48.52 16.71 21.27
N THR E 466 49.37 17.20 20.38
CA THR E 466 50.50 18.02 20.77
C THR E 466 50.30 19.39 20.14
N MET E 467 51.06 20.38 20.59
CA MET E 467 50.96 21.71 20.04
C MET E 467 52.12 22.57 20.54
N SER E 468 52.20 23.78 20.03
CA SER E 468 53.25 24.69 20.42
C SER E 468 52.64 26.05 20.70
N PHE E 469 53.05 26.65 21.82
CA PHE E 469 52.55 27.96 22.19
C PHE E 469 53.58 28.99 21.73
N LEU E 470 53.17 29.82 20.79
CA LEU E 470 54.06 30.82 20.23
C LEU E 470 53.62 32.24 20.57
N PRO E 471 54.55 33.07 21.08
CA PRO E 471 54.27 34.46 21.45
C PRO E 471 53.69 35.29 20.31
N ARG E 472 52.63 36.03 20.61
CA ARG E 472 51.94 36.85 19.64
C ARG E 472 52.35 38.33 19.74
N GLY F 9 -41.15 46.11 -14.37
CA GLY F 9 -41.76 45.07 -13.48
C GLY F 9 -40.78 44.33 -12.57
N LYS F 10 -41.25 43.26 -11.96
CA LYS F 10 -40.45 42.46 -11.02
C LYS F 10 -41.06 41.08 -10.70
N LEU F 11 -40.39 40.02 -11.17
CA LEU F 11 -40.82 38.64 -10.93
C LEU F 11 -40.85 38.31 -9.45
N PRO F 12 -41.71 37.35 -9.05
CA PRO F 12 -41.79 36.96 -7.65
C PRO F 12 -40.42 36.43 -7.21
N PRO F 13 -40.10 36.50 -5.91
CA PRO F 13 -38.81 36.04 -5.39
C PRO F 13 -38.69 34.51 -5.38
N GLY F 14 -37.44 34.04 -5.37
CA GLY F 14 -37.18 32.60 -5.36
C GLY F 14 -35.69 32.37 -5.43
N PRO F 15 -35.21 31.17 -5.09
CA PRO F 15 -33.79 30.82 -5.11
C PRO F 15 -33.04 31.04 -6.42
N THR F 16 -31.82 31.54 -6.28
CA THR F 16 -30.96 31.83 -7.40
C THR F 16 -30.68 30.52 -8.12
N PRO F 17 -30.96 30.47 -9.43
CA PRO F 17 -30.75 29.28 -10.25
C PRO F 17 -29.40 29.29 -10.96
N LEU F 18 -28.99 28.12 -11.45
CA LEU F 18 -27.74 27.99 -12.17
C LEU F 18 -28.05 27.85 -13.66
N PRO F 19 -27.10 28.20 -14.52
CA PRO F 19 -27.28 28.10 -15.98
C PRO F 19 -27.75 26.70 -16.41
N PHE F 20 -28.86 26.67 -17.16
CA PHE F 20 -29.47 25.45 -17.70
C PHE F 20 -30.22 24.60 -16.69
N ILE F 21 -29.54 24.06 -15.68
CA ILE F 21 -30.22 23.20 -14.71
C ILE F 21 -31.16 23.97 -13.77
N GLY F 22 -31.12 25.29 -13.81
CA GLY F 22 -31.98 26.08 -12.95
C GLY F 22 -31.82 25.83 -11.44
N ASN F 23 -32.94 25.56 -10.76
CA ASN F 23 -32.94 25.29 -9.34
C ASN F 23 -32.97 23.78 -9.08
N TYR F 24 -32.37 23.04 -9.99
CA TYR F 24 -32.34 21.61 -9.86
C TYR F 24 -31.74 21.16 -8.50
N LEU F 25 -30.68 21.82 -8.05
CA LEU F 25 -30.01 21.44 -6.79
C LEU F 25 -30.82 21.65 -5.51
N GLN F 26 -31.96 22.31 -5.64
CA GLN F 26 -32.81 22.60 -4.51
C GLN F 26 -34.18 21.95 -4.67
N LEU F 27 -34.27 21.01 -5.60
CA LEU F 27 -35.53 20.32 -5.84
C LEU F 27 -35.36 18.81 -5.74
N ASN F 28 -36.32 18.14 -5.11
CA ASN F 28 -36.27 16.70 -5.01
C ASN F 28 -37.21 16.15 -6.05
N THR F 29 -36.64 15.72 -7.15
CA THR F 29 -37.39 15.20 -8.26
C THR F 29 -38.32 14.05 -7.88
N GLU F 30 -38.15 13.49 -6.69
CA GLU F 30 -38.99 12.40 -6.24
C GLU F 30 -40.21 12.92 -5.52
N GLN F 31 -40.12 14.16 -5.05
CA GLN F 31 -41.23 14.78 -4.35
C GLN F 31 -41.16 16.26 -4.64
N MET F 32 -41.51 16.61 -5.87
CA MET F 32 -41.50 18.00 -6.29
C MET F 32 -42.48 18.81 -5.47
N TYR F 33 -43.59 18.21 -5.08
CA TYR F 33 -44.57 18.94 -4.31
C TYR F 33 -43.94 19.46 -3.04
N ASN F 34 -43.44 18.55 -2.21
CA ASN F 34 -42.81 18.92 -0.95
C ASN F 34 -41.65 19.88 -1.12
N SER F 35 -40.87 19.72 -2.19
CA SER F 35 -39.73 20.62 -2.42
C SER F 35 -40.25 22.03 -2.60
N LEU F 36 -41.25 22.16 -3.46
CA LEU F 36 -41.82 23.46 -3.71
C LEU F 36 -42.44 24.02 -2.42
N MET F 37 -43.20 23.21 -1.69
CA MET F 37 -43.80 23.70 -0.45
C MET F 37 -42.72 24.18 0.52
N LYS F 38 -41.57 23.50 0.54
CA LYS F 38 -40.52 23.94 1.45
C LYS F 38 -39.86 25.23 1.00
N ILE F 39 -39.85 25.50 -0.31
CA ILE F 39 -39.27 26.74 -0.82
C ILE F 39 -40.29 27.85 -0.62
N SER F 40 -41.48 27.43 -0.19
CA SER F 40 -42.59 28.35 0.04
C SER F 40 -42.52 28.89 1.46
N GLU F 41 -42.11 28.03 2.40
CA GLU F 41 -41.97 28.45 3.79
C GLU F 41 -41.08 29.69 3.86
N ARG F 42 -40.09 29.73 2.98
CA ARG F 42 -39.12 30.82 2.96
C ARG F 42 -39.43 32.02 2.06
N TYR F 43 -39.89 31.77 0.84
CA TYR F 43 -40.14 32.87 -0.10
C TYR F 43 -41.55 33.43 -0.21
N GLY F 44 -42.54 32.71 0.32
CA GLY F 44 -43.91 33.19 0.25
C GLY F 44 -44.84 32.28 -0.55
N PRO F 45 -46.16 32.48 -0.46
CA PRO F 45 -47.09 31.63 -1.18
C PRO F 45 -46.97 31.79 -2.71
N VAL F 46 -46.32 32.86 -3.12
CA VAL F 46 -46.12 33.13 -4.54
C VAL F 46 -44.64 33.33 -4.80
N PHE F 47 -44.07 32.47 -5.65
CA PHE F 47 -42.63 32.54 -5.96
C PHE F 47 -42.18 32.01 -7.34
N THR F 48 -40.94 32.34 -7.70
CA THR F 48 -40.33 31.92 -8.96
C THR F 48 -39.33 30.79 -8.76
N ILE F 49 -39.46 29.72 -9.55
CA ILE F 49 -38.57 28.57 -9.48
C ILE F 49 -38.20 28.22 -10.90
N HIS F 50 -37.01 27.65 -11.11
CA HIS F 50 -36.57 27.27 -12.45
C HIS F 50 -36.41 25.75 -12.54
N LEU F 51 -37.31 25.13 -13.30
CA LEU F 51 -37.28 23.69 -13.55
C LEU F 51 -36.41 23.61 -14.77
N GLY F 52 -35.13 23.36 -14.58
CA GLY F 52 -34.24 23.34 -15.72
C GLY F 52 -34.31 24.73 -16.36
N PRO F 53 -34.44 24.81 -17.68
CA PRO F 53 -34.51 26.15 -18.32
C PRO F 53 -35.87 26.84 -18.26
N ARG F 54 -36.83 26.21 -17.59
CA ARG F 54 -38.17 26.79 -17.49
C ARG F 54 -38.39 27.62 -16.23
N ARG F 55 -38.86 28.85 -16.42
CA ARG F 55 -39.15 29.74 -15.30
C ARG F 55 -40.62 29.57 -14.96
N VAL F 56 -40.89 29.25 -13.71
CA VAL F 56 -42.23 29.02 -13.30
C VAL F 56 -42.59 29.75 -12.02
N VAL F 57 -43.80 30.29 -11.98
CA VAL F 57 -44.27 30.99 -10.80
C VAL F 57 -45.19 30.00 -10.10
N VAL F 58 -44.92 29.73 -8.83
CA VAL F 58 -45.70 28.79 -8.06
C VAL F 58 -46.71 29.53 -7.21
N LEU F 59 -47.91 28.97 -7.10
CA LEU F 59 -48.97 29.57 -6.29
C LEU F 59 -49.37 28.54 -5.25
N CYS F 60 -49.23 28.88 -3.97
CA CYS F 60 -49.56 27.96 -2.88
C CYS F 60 -50.71 28.52 -2.03
N GLY F 61 -51.54 27.61 -1.52
CA GLY F 61 -52.68 28.02 -0.71
C GLY F 61 -53.86 28.49 -1.55
N HIS F 62 -55.06 28.41 -0.97
CA HIS F 62 -56.28 28.83 -1.63
C HIS F 62 -56.28 30.26 -2.20
N ASP F 63 -56.11 31.25 -1.32
CA ASP F 63 -56.11 32.66 -1.76
C ASP F 63 -55.22 32.90 -2.96
N ALA F 64 -53.96 32.52 -2.82
CA ALA F 64 -52.99 32.70 -3.89
C ALA F 64 -53.50 32.10 -5.18
N VAL F 65 -53.91 30.84 -5.13
CA VAL F 65 -54.41 30.13 -6.30
C VAL F 65 -55.75 30.71 -6.78
N LYS F 66 -56.61 31.04 -5.83
CA LYS F 66 -57.91 31.61 -6.16
C LYS F 66 -57.76 32.92 -6.92
N GLU F 67 -56.88 33.80 -6.46
CA GLU F 67 -56.68 35.11 -7.09
C GLU F 67 -56.27 35.12 -8.56
N ALA F 68 -55.29 34.30 -8.94
CA ALA F 68 -54.81 34.26 -10.31
C ALA F 68 -55.80 33.63 -11.28
N LEU F 69 -56.14 32.36 -11.05
CA LEU F 69 -57.05 31.63 -11.93
C LEU F 69 -58.46 32.21 -12.00
N VAL F 70 -59.06 32.49 -10.84
CA VAL F 70 -60.40 33.08 -10.80
C VAL F 70 -60.37 34.60 -11.09
N ASP F 71 -59.89 35.41 -10.14
CA ASP F 71 -59.86 36.85 -10.32
C ASP F 71 -59.16 37.43 -11.55
N GLN F 72 -58.22 36.68 -12.14
CA GLN F 72 -57.56 37.16 -13.35
C GLN F 72 -57.57 36.02 -14.36
N ALA F 73 -58.69 35.29 -14.32
CA ALA F 73 -58.95 34.13 -15.15
C ALA F 73 -58.48 34.25 -16.59
N GLU F 74 -58.62 35.43 -17.15
CA GLU F 74 -58.24 35.63 -18.54
C GLU F 74 -56.75 35.55 -18.78
N GLU F 75 -56.00 36.39 -18.08
CA GLU F 75 -54.55 36.44 -18.23
C GLU F 75 -53.91 35.10 -17.85
N PHE F 76 -54.49 34.43 -16.85
CA PHE F 76 -54.00 33.13 -16.37
C PHE F 76 -54.76 31.93 -16.97
N SER F 77 -55.10 31.98 -18.25
CA SER F 77 -55.85 30.88 -18.84
C SER F 77 -55.11 30.18 -19.98
N GLY F 78 -53.83 30.52 -20.14
CA GLY F 78 -53.05 29.85 -21.16
C GLY F 78 -52.66 28.50 -20.59
N ARG F 79 -52.06 27.64 -21.40
CA ARG F 79 -51.65 26.31 -20.97
C ARG F 79 -50.13 26.27 -20.85
N GLY F 80 -49.63 25.89 -19.67
CA GLY F 80 -48.18 25.80 -19.50
C GLY F 80 -47.69 24.59 -20.29
N GLU F 81 -46.79 23.81 -19.72
CA GLU F 81 -46.35 22.62 -20.42
C GLU F 81 -46.32 21.43 -19.49
N GLN F 82 -46.39 20.24 -20.07
CA GLN F 82 -46.33 19.00 -19.32
C GLN F 82 -45.55 18.15 -20.29
N ALA F 83 -44.24 18.27 -20.17
CA ALA F 83 -43.26 17.59 -21.01
C ALA F 83 -43.66 16.26 -21.65
N THR F 84 -44.07 15.30 -20.84
CA THR F 84 -44.44 13.98 -21.37
C THR F 84 -45.53 14.01 -22.44
N PHE F 85 -46.71 14.53 -22.10
CA PHE F 85 -47.81 14.60 -23.07
C PHE F 85 -47.47 15.45 -24.28
N ASP F 86 -46.85 16.61 -24.04
CA ASP F 86 -46.45 17.54 -25.10
C ASP F 86 -45.63 16.86 -26.19
N TRP F 87 -44.88 15.84 -25.80
CA TRP F 87 -44.04 15.11 -26.73
C TRP F 87 -44.91 14.56 -27.86
N LEU F 88 -46.13 14.18 -27.51
CA LEU F 88 -47.08 13.61 -28.45
C LEU F 88 -47.92 14.70 -29.12
N PHE F 89 -48.66 15.45 -28.29
CA PHE F 89 -49.54 16.50 -28.78
C PHE F 89 -48.88 17.66 -29.53
N LYS F 90 -47.74 18.13 -29.03
CA LYS F 90 -47.05 19.22 -29.71
C LYS F 90 -47.94 20.46 -29.97
N GLY F 91 -48.75 20.82 -29.00
CA GLY F 91 -49.60 21.99 -29.15
C GLY F 91 -51.01 21.70 -29.61
N TYR F 92 -51.15 20.64 -30.41
CA TYR F 92 -52.45 20.27 -30.93
C TYR F 92 -53.27 19.54 -29.89
N GLY F 93 -54.58 19.51 -30.09
CA GLY F 93 -55.43 18.84 -29.13
C GLY F 93 -56.08 19.92 -28.31
N VAL F 94 -57.04 19.55 -27.47
CA VAL F 94 -57.77 20.50 -26.66
C VAL F 94 -57.11 20.86 -25.34
N ALA F 95 -56.62 19.84 -24.66
CA ALA F 95 -56.00 19.99 -23.35
C ALA F 95 -54.66 20.70 -23.29
N PHE F 96 -53.78 20.40 -24.23
CA PHE F 96 -52.46 21.00 -24.20
C PHE F 96 -52.23 21.99 -25.33
N SER F 97 -53.18 22.90 -25.52
CA SER F 97 -53.08 23.90 -26.57
C SER F 97 -53.41 25.29 -26.02
N ASN F 98 -53.12 26.32 -26.80
CA ASN F 98 -53.39 27.70 -26.39
C ASN F 98 -54.15 28.57 -27.40
N GLY F 99 -54.58 29.74 -26.93
CA GLY F 99 -55.30 30.69 -27.77
C GLY F 99 -56.51 30.13 -28.49
N GLU F 100 -56.62 30.47 -29.77
CA GLU F 100 -57.73 30.01 -30.61
C GLU F 100 -57.95 28.51 -30.50
N ARG F 101 -56.97 27.77 -31.03
CA ARG F 101 -56.96 26.32 -31.06
C ARG F 101 -57.49 25.64 -29.80
N ALA F 102 -57.39 26.32 -28.67
CA ALA F 102 -57.87 25.75 -27.41
C ALA F 102 -59.29 26.22 -27.19
N LYS F 103 -59.54 27.47 -27.54
CA LYS F 103 -60.86 28.08 -27.38
C LYS F 103 -61.90 27.31 -28.20
N GLN F 104 -61.55 27.03 -29.44
CA GLN F 104 -62.39 26.29 -30.38
C GLN F 104 -62.60 24.83 -29.97
N LEU F 105 -61.54 24.03 -30.06
CA LEU F 105 -61.62 22.62 -29.72
C LEU F 105 -62.36 22.36 -28.41
N ARG F 106 -62.32 23.32 -27.48
CA ARG F 106 -63.01 23.13 -26.21
C ARG F 106 -64.49 23.32 -26.30
N ARG F 107 -64.96 24.37 -27.00
CA ARG F 107 -66.39 24.58 -27.06
C ARG F 107 -67.01 23.48 -27.87
N PHE F 108 -66.37 23.13 -28.97
CA PHE F 108 -66.85 22.05 -29.82
C PHE F 108 -66.92 20.79 -28.96
N SER F 109 -65.85 20.54 -28.20
CA SER F 109 -65.76 19.37 -27.32
C SER F 109 -66.91 19.29 -26.33
N ILE F 110 -67.10 20.38 -25.59
CA ILE F 110 -68.15 20.45 -24.59
C ILE F 110 -69.49 20.40 -25.29
N ALA F 111 -69.53 20.89 -26.52
CA ALA F 111 -70.76 20.88 -27.30
C ALA F 111 -71.12 19.43 -27.68
N THR F 112 -70.29 18.84 -28.53
CA THR F 112 -70.53 17.50 -28.99
C THR F 112 -70.62 16.49 -27.85
N LEU F 113 -70.19 16.88 -26.66
CA LEU F 113 -70.30 15.96 -25.53
C LEU F 113 -71.67 16.11 -24.90
N ARG F 114 -72.19 17.33 -24.87
CA ARG F 114 -73.51 17.56 -24.32
C ARG F 114 -74.53 16.95 -25.28
N GLY F 115 -74.28 17.17 -26.57
CA GLY F 115 -75.13 16.66 -27.62
C GLY F 115 -75.21 15.15 -27.67
N PHE F 116 -74.24 14.47 -27.08
CA PHE F 116 -74.24 13.01 -27.04
C PHE F 116 -74.75 12.44 -25.71
N GLY F 117 -75.41 13.27 -24.92
CA GLY F 117 -75.96 12.77 -23.68
C GLY F 117 -75.22 13.07 -22.39
N VAL F 118 -74.09 13.75 -22.49
CA VAL F 118 -73.30 14.10 -21.30
C VAL F 118 -74.09 15.00 -20.36
N GLY F 119 -73.99 14.70 -19.07
CA GLY F 119 -74.68 15.49 -18.07
C GLY F 119 -76.17 15.20 -18.02
N LYS F 120 -76.70 14.57 -19.07
CA LYS F 120 -78.13 14.25 -19.11
C LYS F 120 -78.43 12.81 -18.68
N ARG F 121 -79.72 12.46 -18.66
CA ARG F 121 -80.16 11.12 -18.27
C ARG F 121 -79.50 10.03 -19.11
N GLY F 122 -79.38 10.28 -20.41
CA GLY F 122 -78.78 9.31 -21.31
C GLY F 122 -77.49 8.68 -20.84
N ILE F 123 -76.55 9.52 -20.41
CA ILE F 123 -75.26 9.02 -19.94
C ILE F 123 -75.41 8.46 -18.53
N GLU F 124 -76.36 8.99 -17.77
CA GLU F 124 -76.56 8.52 -16.41
C GLU F 124 -76.82 7.02 -16.40
N GLU F 125 -77.67 6.57 -17.32
CA GLU F 125 -77.99 5.16 -17.38
C GLU F 125 -76.86 4.34 -17.99
N ARG F 126 -76.17 4.91 -18.99
CA ARG F 126 -75.07 4.18 -19.61
C ARG F 126 -74.08 3.79 -18.53
N ILE F 127 -74.07 4.59 -17.46
CA ILE F 127 -73.19 4.35 -16.32
C ILE F 127 -73.77 3.27 -15.43
N GLN F 128 -75.07 3.35 -15.19
CA GLN F 128 -75.73 2.36 -14.35
C GLN F 128 -75.64 0.98 -14.99
N GLU F 129 -75.58 0.95 -16.31
CA GLU F 129 -75.48 -0.30 -17.05
C GLU F 129 -74.05 -0.80 -16.97
N GLU F 130 -73.12 0.05 -17.40
CA GLU F 130 -71.70 -0.29 -17.37
C GLU F 130 -71.33 -0.69 -15.94
N ALA F 131 -71.96 -0.05 -14.97
CA ALA F 131 -71.71 -0.35 -13.57
C ALA F 131 -72.20 -1.76 -13.29
N GLY F 132 -73.42 -2.06 -13.73
CA GLY F 132 -73.99 -3.38 -13.52
C GLY F 132 -73.07 -4.45 -14.07
N PHE F 133 -72.53 -4.18 -15.24
CA PHE F 133 -71.61 -5.10 -15.90
C PHE F 133 -70.38 -5.36 -15.01
N LEU F 134 -70.10 -4.46 -14.08
CA LEU F 134 -68.96 -4.61 -13.19
C LEU F 134 -69.31 -5.36 -11.90
N ILE F 135 -70.53 -5.19 -11.41
CA ILE F 135 -70.97 -5.85 -10.19
C ILE F 135 -70.87 -7.37 -10.29
N ASP F 136 -71.47 -7.92 -11.34
CA ASP F 136 -71.43 -9.36 -11.53
C ASP F 136 -69.99 -9.83 -11.74
N ALA F 137 -69.16 -8.93 -12.26
CA ALA F 137 -67.75 -9.25 -12.50
C ALA F 137 -67.10 -9.63 -11.17
N LEU F 138 -67.27 -8.78 -10.17
CA LEU F 138 -66.72 -9.03 -8.85
C LEU F 138 -67.40 -10.27 -8.25
N ARG F 139 -68.58 -10.60 -8.78
CA ARG F 139 -69.32 -11.78 -8.33
C ARG F 139 -68.66 -13.01 -8.96
N GLY F 140 -68.19 -12.83 -10.19
CA GLY F 140 -67.54 -13.92 -10.88
C GLY F 140 -66.17 -14.25 -10.32
N THR F 141 -65.79 -13.64 -9.20
CA THR F 141 -64.49 -13.90 -8.58
C THR F 141 -64.67 -14.71 -7.31
N HIS F 142 -65.89 -14.68 -6.77
CA HIS F 142 -66.24 -15.40 -5.55
C HIS F 142 -65.48 -14.97 -4.32
N GLY F 143 -65.16 -13.68 -4.25
CA GLY F 143 -64.44 -13.16 -3.10
C GLY F 143 -62.98 -13.55 -3.00
N ALA F 144 -62.36 -13.88 -4.13
CA ALA F 144 -60.96 -14.27 -4.16
C ALA F 144 -60.07 -13.03 -4.19
N ASN F 145 -58.87 -13.12 -3.61
CA ASN F 145 -57.95 -11.99 -3.61
C ASN F 145 -57.58 -11.58 -5.03
N ILE F 146 -57.83 -10.31 -5.35
CA ILE F 146 -57.53 -9.80 -6.68
C ILE F 146 -57.00 -8.38 -6.68
N ASP F 147 -56.44 -8.01 -7.83
CA ASP F 147 -55.92 -6.68 -8.05
C ASP F 147 -57.11 -5.94 -8.63
N PRO F 148 -57.69 -5.00 -7.86
CA PRO F 148 -58.86 -4.19 -8.20
C PRO F 148 -58.67 -3.20 -9.34
N THR F 149 -57.42 -3.03 -9.76
CA THR F 149 -57.05 -2.07 -10.81
C THR F 149 -57.73 -2.10 -12.16
N PHE F 150 -57.52 -3.16 -12.92
CA PHE F 150 -58.12 -3.18 -14.25
C PHE F 150 -59.61 -3.41 -14.31
N PHE F 151 -60.20 -3.88 -13.22
CA PHE F 151 -61.64 -4.05 -13.22
C PHE F 151 -62.23 -2.65 -13.30
N LEU F 152 -61.82 -1.81 -12.37
CA LEU F 152 -62.27 -0.43 -12.29
C LEU F 152 -62.04 0.36 -13.57
N SER F 153 -60.79 0.40 -14.01
CA SER F 153 -60.44 1.15 -15.21
C SER F 153 -61.15 0.63 -16.46
N ARG F 154 -61.58 -0.62 -16.42
CA ARG F 154 -62.27 -1.23 -17.56
C ARG F 154 -63.69 -0.68 -17.62
N THR F 155 -64.38 -0.76 -16.49
CA THR F 155 -65.72 -0.25 -16.37
C THR F 155 -65.72 1.23 -16.75
N VAL F 156 -65.02 2.01 -15.93
CA VAL F 156 -64.88 3.44 -16.10
C VAL F 156 -64.64 3.89 -17.53
N SER F 157 -63.70 3.25 -18.21
CA SER F 157 -63.36 3.62 -19.58
C SER F 157 -64.45 3.33 -20.62
N ASN F 158 -65.35 2.40 -20.33
CA ASN F 158 -66.40 2.08 -21.29
C ASN F 158 -67.31 3.29 -21.50
N VAL F 159 -67.53 4.05 -20.45
CA VAL F 159 -68.38 5.25 -20.53
C VAL F 159 -67.91 6.22 -21.63
N ILE F 160 -66.82 6.91 -21.37
CA ILE F 160 -66.28 7.85 -22.33
C ILE F 160 -66.09 7.13 -23.67
N SER F 161 -65.83 5.82 -23.61
CA SER F 161 -65.63 5.05 -24.83
C SER F 161 -66.92 4.99 -25.66
N SER F 162 -68.04 4.87 -24.96
CA SER F 162 -69.35 4.81 -25.61
C SER F 162 -69.59 6.05 -26.44
N ILE F 163 -69.33 7.19 -25.82
CA ILE F 163 -69.50 8.49 -26.43
C ILE F 163 -68.54 8.82 -27.56
N VAL F 164 -67.25 8.63 -27.32
CA VAL F 164 -66.27 8.99 -28.33
C VAL F 164 -66.02 7.95 -29.39
N PHE F 165 -66.29 6.70 -29.05
CA PHE F 165 -66.10 5.61 -29.98
C PHE F 165 -67.41 5.11 -30.56
N GLY F 166 -68.50 5.39 -29.86
CA GLY F 166 -69.80 4.97 -30.35
C GLY F 166 -70.26 3.64 -29.79
N ASP F 167 -69.57 3.17 -28.76
CA ASP F 167 -69.90 1.91 -28.10
C ASP F 167 -68.75 1.43 -27.20
N ARG F 168 -69.11 0.83 -26.08
CA ARG F 168 -68.14 0.31 -25.12
C ARG F 168 -67.26 -0.79 -25.71
N PHE F 169 -66.36 -1.29 -24.87
CA PHE F 169 -65.45 -2.38 -25.23
C PHE F 169 -65.95 -3.55 -24.38
N ASP F 170 -65.61 -4.77 -24.77
CA ASP F 170 -65.98 -5.97 -24.03
C ASP F 170 -64.90 -6.25 -22.97
N TYR F 171 -65.30 -6.49 -21.73
CA TYR F 171 -64.33 -6.78 -20.68
C TYR F 171 -63.23 -7.76 -21.09
N GLU F 172 -63.57 -8.77 -21.91
CA GLU F 172 -62.59 -9.74 -22.36
C GLU F 172 -61.76 -9.22 -23.53
N ASP F 173 -62.16 -8.07 -24.08
CA ASP F 173 -61.42 -7.49 -25.20
C ASP F 173 -59.96 -7.41 -24.81
N LYS F 174 -59.09 -7.90 -25.68
CA LYS F 174 -57.66 -7.88 -25.43
C LYS F 174 -57.07 -6.50 -25.67
N GLU F 175 -57.19 -6.03 -26.91
CA GLU F 175 -56.69 -4.71 -27.27
C GLU F 175 -57.14 -3.69 -26.23
N PHE F 176 -58.37 -3.83 -25.75
CA PHE F 176 -58.87 -2.90 -24.74
C PHE F 176 -57.93 -2.86 -23.52
N LEU F 177 -57.50 -4.01 -23.03
CA LEU F 177 -56.58 -4.06 -21.90
C LEU F 177 -55.29 -3.37 -22.32
N SER F 178 -54.77 -3.76 -23.47
CA SER F 178 -53.55 -3.14 -23.98
C SER F 178 -53.65 -1.62 -23.79
N LEU F 179 -54.65 -1.00 -24.41
CA LEU F 179 -54.88 0.44 -24.30
C LEU F 179 -54.90 0.90 -22.84
N LEU F 180 -55.57 0.14 -21.98
CA LEU F 180 -55.65 0.50 -20.58
C LEU F 180 -54.25 0.45 -19.92
N ARG F 181 -53.41 -0.47 -20.37
CA ARG F 181 -52.07 -0.59 -19.84
C ARG F 181 -51.23 0.62 -20.29
N MET F 182 -51.55 1.13 -21.47
CA MET F 182 -50.84 2.28 -22.02
C MET F 182 -51.13 3.53 -21.20
N MET F 183 -52.39 3.75 -20.86
CA MET F 183 -52.78 4.92 -20.09
C MET F 183 -52.24 4.88 -18.67
N LEU F 184 -52.26 3.71 -18.05
CA LEU F 184 -51.78 3.57 -16.69
C LEU F 184 -50.25 3.70 -16.64
N GLY F 185 -49.58 3.28 -17.70
CA GLY F 185 -48.13 3.34 -17.73
C GLY F 185 -47.56 4.73 -17.89
N SER F 186 -48.06 5.46 -18.88
CA SER F 186 -47.59 6.79 -19.14
C SER F 186 -48.05 7.75 -18.04
N PHE F 187 -49.28 7.59 -17.57
CA PHE F 187 -49.80 8.45 -16.53
C PHE F 187 -48.94 8.33 -15.28
N GLN F 188 -48.73 7.09 -14.81
CA GLN F 188 -47.94 6.84 -13.62
C GLN F 188 -46.52 7.36 -13.81
N PHE F 189 -46.03 7.28 -15.04
CA PHE F 189 -44.68 7.75 -15.31
C PHE F 189 -44.43 9.21 -14.95
N THR F 190 -45.41 10.07 -15.23
CA THR F 190 -45.28 11.49 -14.94
C THR F 190 -45.23 11.77 -13.44
N ALA F 191 -45.53 10.76 -12.63
CA ALA F 191 -45.51 10.93 -11.18
C ALA F 191 -44.23 10.39 -10.58
N THR F 192 -43.36 9.81 -11.41
CA THR F 192 -42.09 9.25 -10.95
C THR F 192 -41.02 10.30 -10.97
N SER F 193 -39.94 10.05 -10.23
CA SER F 193 -38.81 10.96 -10.14
C SER F 193 -38.23 11.27 -11.50
N THR F 194 -38.15 10.26 -12.36
CA THR F 194 -37.63 10.40 -13.72
C THR F 194 -38.66 11.19 -14.53
N GLY F 195 -39.92 11.03 -14.19
CA GLY F 195 -40.95 11.79 -14.89
C GLY F 195 -40.78 13.28 -14.60
N GLN F 196 -40.51 13.63 -13.35
CA GLN F 196 -40.34 15.04 -12.98
C GLN F 196 -39.01 15.55 -13.48
N LEU F 197 -38.02 14.67 -13.58
CA LEU F 197 -36.71 15.05 -14.08
C LEU F 197 -36.89 15.35 -15.58
N TYR F 198 -37.81 14.61 -16.21
CA TYR F 198 -38.09 14.77 -17.63
C TYR F 198 -38.67 16.16 -17.84
N GLU F 199 -39.49 16.61 -16.90
CA GLU F 199 -40.08 17.94 -16.96
C GLU F 199 -39.06 19.07 -17.02
N MET F 200 -37.84 18.83 -16.54
CA MET F 200 -36.83 19.87 -16.54
C MET F 200 -35.85 19.74 -17.71
N PHE F 201 -35.62 18.51 -18.14
CA PHE F 201 -34.63 18.30 -19.18
C PHE F 201 -35.07 17.52 -20.40
N SER F 202 -36.35 17.60 -20.73
CA SER F 202 -36.88 16.88 -21.89
C SER F 202 -36.07 17.17 -23.15
N SER F 203 -35.59 18.39 -23.27
CA SER F 203 -34.78 18.78 -24.44
C SER F 203 -33.64 17.79 -24.70
N VAL F 204 -33.16 17.16 -23.63
CA VAL F 204 -32.06 16.22 -23.73
C VAL F 204 -32.55 14.79 -23.58
N MET F 205 -33.37 14.56 -22.57
CA MET F 205 -33.87 13.22 -22.27
C MET F 205 -34.70 12.50 -23.33
N LYS F 206 -35.35 13.25 -24.22
CA LYS F 206 -36.16 12.63 -25.26
C LYS F 206 -35.26 11.88 -26.23
N HIS F 207 -33.99 12.27 -26.30
CA HIS F 207 -33.08 11.56 -27.21
C HIS F 207 -32.28 10.49 -26.47
N LEU F 208 -32.64 10.21 -25.23
CA LEU F 208 -31.89 9.24 -24.42
C LEU F 208 -32.68 8.04 -23.95
N PRO F 209 -32.01 6.89 -23.74
CA PRO F 209 -32.67 5.67 -23.26
C PRO F 209 -33.16 5.89 -21.82
N GLY F 210 -34.31 5.31 -21.48
CA GLY F 210 -34.85 5.45 -20.15
C GLY F 210 -36.34 5.23 -20.14
N PRO F 211 -37.00 5.29 -18.96
CA PRO F 211 -38.45 5.11 -18.77
C PRO F 211 -39.30 6.05 -19.62
N GLN F 212 -38.75 7.20 -19.96
CA GLN F 212 -39.47 8.16 -20.79
C GLN F 212 -39.75 7.56 -22.19
N GLN F 213 -38.80 6.80 -22.74
CA GLN F 213 -39.02 6.22 -24.07
C GLN F 213 -40.21 5.26 -24.03
N GLN F 214 -40.39 4.55 -22.92
CA GLN F 214 -41.49 3.62 -22.79
C GLN F 214 -42.81 4.36 -22.69
N ALA F 215 -42.79 5.49 -21.99
CA ALA F 215 -43.99 6.29 -21.86
C ALA F 215 -44.33 6.84 -23.24
N PHE F 216 -43.30 7.13 -24.03
CA PHE F 216 -43.51 7.66 -25.37
C PHE F 216 -44.24 6.64 -26.25
N LYS F 217 -43.65 5.46 -26.37
CA LYS F 217 -44.24 4.42 -27.20
C LYS F 217 -45.67 4.08 -26.76
N GLU F 218 -45.94 4.20 -25.46
CA GLU F 218 -47.27 3.93 -24.93
C GLU F 218 -48.25 4.97 -25.45
N LEU F 219 -47.85 6.24 -25.41
CA LEU F 219 -48.71 7.31 -25.87
C LEU F 219 -48.87 7.17 -27.37
N GLN F 220 -47.78 6.75 -28.01
CA GLN F 220 -47.72 6.54 -29.46
C GLN F 220 -48.73 5.45 -29.85
N GLY F 221 -48.84 4.43 -28.99
CA GLY F 221 -49.75 3.33 -29.23
C GLY F 221 -51.18 3.73 -28.96
N LEU F 222 -51.36 4.87 -28.31
CA LEU F 222 -52.69 5.35 -28.01
C LEU F 222 -53.17 6.24 -29.17
N GLU F 223 -52.21 6.84 -29.87
CA GLU F 223 -52.54 7.67 -31.02
C GLU F 223 -52.68 6.75 -32.22
N ASP F 224 -51.88 5.68 -32.23
CA ASP F 224 -51.90 4.69 -33.30
C ASP F 224 -53.33 4.13 -33.39
N PHE F 225 -53.91 3.89 -32.22
CA PHE F 225 -55.24 3.35 -32.09
C PHE F 225 -56.33 4.33 -32.52
N ILE F 226 -56.20 5.59 -32.10
CA ILE F 226 -57.18 6.60 -32.47
C ILE F 226 -57.13 6.89 -33.97
N ALA F 227 -55.93 7.01 -34.51
CA ALA F 227 -55.77 7.29 -35.94
C ALA F 227 -56.42 6.22 -36.80
N LYS F 228 -56.52 4.99 -36.27
CA LYS F 228 -57.17 3.92 -37.01
C LYS F 228 -58.68 4.05 -36.87
N LYS F 229 -59.17 4.26 -35.65
CA LYS F 229 -60.60 4.41 -35.42
C LYS F 229 -61.13 5.52 -36.35
N VAL F 230 -60.38 6.62 -36.42
CA VAL F 230 -60.76 7.76 -37.26
C VAL F 230 -60.99 7.36 -38.70
N GLU F 231 -59.98 6.73 -39.30
CA GLU F 231 -60.06 6.31 -40.69
C GLU F 231 -61.18 5.30 -40.91
N HIS F 232 -61.51 4.54 -39.87
CA HIS F 232 -62.58 3.57 -39.99
C HIS F 232 -63.88 4.34 -40.07
N ASN F 233 -64.17 5.13 -39.03
CA ASN F 233 -65.38 5.93 -39.02
C ASN F 233 -65.46 6.72 -40.31
N GLN F 234 -64.31 7.22 -40.75
CA GLN F 234 -64.23 8.01 -41.97
C GLN F 234 -64.73 7.27 -43.21
N ARG F 235 -64.32 6.01 -43.36
CA ARG F 235 -64.72 5.19 -44.50
C ARG F 235 -66.18 4.74 -44.39
N THR F 236 -66.79 4.99 -43.23
CA THR F 236 -68.18 4.59 -42.99
C THR F 236 -69.08 5.75 -42.55
N LEU F 237 -68.54 6.96 -42.56
CA LEU F 237 -69.27 8.17 -42.14
C LEU F 237 -70.61 8.41 -42.84
N ASP F 238 -71.52 9.07 -42.12
CA ASP F 238 -72.84 9.43 -42.61
C ASP F 238 -73.04 10.87 -42.16
N PRO F 239 -72.62 11.83 -42.99
CA PRO F 239 -72.70 13.28 -42.77
C PRO F 239 -73.89 13.83 -41.97
N ASN F 240 -75.05 13.20 -42.05
CA ASN F 240 -76.21 13.72 -41.34
C ASN F 240 -76.59 12.91 -40.11
N SER F 241 -76.02 11.72 -40.00
CA SER F 241 -76.31 10.87 -38.86
C SER F 241 -75.05 10.49 -38.11
N PRO F 242 -74.49 11.45 -37.35
CA PRO F 242 -73.27 11.21 -36.58
C PRO F 242 -73.48 10.24 -35.40
N ARG F 243 -72.67 9.18 -35.35
CA ARG F 243 -72.76 8.15 -34.31
C ARG F 243 -71.97 8.45 -33.04
N ASP F 244 -70.81 9.08 -33.22
CA ASP F 244 -69.93 9.39 -32.09
C ASP F 244 -69.13 10.67 -32.29
N PHE F 245 -68.27 10.96 -31.32
CA PHE F 245 -67.41 12.12 -31.34
C PHE F 245 -66.68 12.25 -32.68
N ILE F 246 -65.90 11.24 -33.07
CA ILE F 246 -65.16 11.32 -34.33
C ILE F 246 -66.03 11.74 -35.52
N ASP F 247 -67.20 11.14 -35.67
CA ASP F 247 -68.09 11.48 -36.78
C ASP F 247 -68.31 13.00 -36.74
N SER F 248 -68.89 13.49 -35.65
CA SER F 248 -69.16 14.91 -35.50
C SER F 248 -67.97 15.74 -35.98
N PHE F 249 -66.84 15.62 -35.27
CA PHE F 249 -65.64 16.37 -35.59
C PHE F 249 -65.21 16.19 -37.05
N LEU F 250 -65.35 14.96 -37.54
CA LEU F 250 -65.00 14.64 -38.92
C LEU F 250 -66.03 15.29 -39.87
N ILE F 251 -67.15 15.75 -39.29
CA ILE F 251 -68.22 16.40 -40.04
C ILE F 251 -67.92 17.89 -40.16
N ARG F 252 -67.37 18.45 -39.10
CA ARG F 252 -67.03 19.86 -39.08
C ARG F 252 -65.83 20.11 -39.99
N MET F 253 -64.89 19.16 -40.02
CA MET F 253 -63.70 19.30 -40.87
C MET F 253 -64.11 19.62 -42.30
N GLN F 254 -64.97 18.76 -42.87
CA GLN F 254 -65.46 18.95 -44.24
C GLN F 254 -66.09 20.31 -44.41
N GLU F 255 -66.98 20.67 -43.47
CA GLU F 255 -67.67 21.94 -43.53
C GLU F 255 -66.76 23.09 -43.10
N GLU F 256 -65.48 22.96 -43.39
CA GLU F 256 -64.49 23.98 -43.07
C GLU F 256 -63.38 23.97 -44.10
N GLU F 257 -63.48 23.04 -45.05
CA GLU F 257 -62.47 22.92 -46.11
C GLU F 257 -62.30 24.26 -46.81
N LYS F 258 -63.33 25.10 -46.72
CA LYS F 258 -63.32 26.42 -47.33
C LYS F 258 -62.58 27.43 -46.46
N ASN F 259 -62.41 27.11 -45.19
CA ASN F 259 -61.73 28.00 -44.24
C ASN F 259 -60.27 27.64 -43.99
N PRO F 260 -59.34 28.47 -44.49
CA PRO F 260 -57.90 28.24 -44.31
C PRO F 260 -57.38 28.57 -42.90
N ASN F 261 -58.27 29.07 -42.03
CA ASN F 261 -57.89 29.43 -40.68
C ASN F 261 -58.64 28.59 -39.63
N THR F 262 -59.14 27.44 -40.06
CA THR F 262 -59.86 26.58 -39.14
C THR F 262 -58.89 25.68 -38.37
N GLU F 263 -59.27 25.36 -37.14
CA GLU F 263 -58.46 24.50 -36.27
C GLU F 263 -58.89 23.05 -36.45
N PHE F 264 -60.03 22.87 -37.10
CA PHE F 264 -60.61 21.54 -37.33
C PHE F 264 -60.03 20.80 -38.53
N TYR F 265 -58.96 20.04 -38.30
CA TYR F 265 -58.35 19.22 -39.33
C TYR F 265 -58.05 17.89 -38.64
N LEU F 266 -57.43 16.95 -39.35
CA LEU F 266 -57.16 15.65 -38.75
C LEU F 266 -56.33 15.70 -37.47
N LYS F 267 -55.16 16.34 -37.53
CA LYS F 267 -54.30 16.44 -36.34
C LYS F 267 -55.10 16.78 -35.08
N ASN F 268 -55.77 17.93 -35.09
CA ASN F 268 -56.55 18.30 -33.92
C ASN F 268 -57.67 17.30 -33.61
N LEU F 269 -58.10 16.56 -34.62
CA LEU F 269 -59.15 15.57 -34.43
C LEU F 269 -58.63 14.41 -33.59
N VAL F 270 -57.54 13.84 -34.06
CA VAL F 270 -56.90 12.72 -33.39
C VAL F 270 -56.52 12.99 -31.92
N MET F 271 -55.94 14.16 -31.65
CA MET F 271 -55.50 14.53 -30.29
C MET F 271 -56.57 14.90 -29.28
N THR F 272 -57.66 15.52 -29.73
CA THR F 272 -58.74 15.92 -28.80
C THR F 272 -59.46 14.67 -28.28
N THR F 273 -59.63 13.73 -29.20
CA THR F 273 -60.29 12.48 -28.91
C THR F 273 -59.52 11.71 -27.85
N LEU F 274 -58.21 11.58 -28.07
CA LEU F 274 -57.34 10.91 -27.11
C LEU F 274 -57.46 11.62 -25.76
N ASN F 275 -57.34 12.96 -25.76
CA ASN F 275 -57.49 13.71 -24.52
C ASN F 275 -58.69 13.21 -23.74
N LEU F 276 -59.82 13.08 -24.43
CA LEU F 276 -61.06 12.64 -23.81
C LEU F 276 -61.07 11.18 -23.34
N PHE F 277 -60.49 10.32 -24.15
CA PHE F 277 -60.44 8.90 -23.82
C PHE F 277 -59.58 8.69 -22.57
N PHE F 278 -58.39 9.28 -22.60
CA PHE F 278 -57.41 9.20 -21.52
C PHE F 278 -57.93 9.78 -20.18
N ALA F 279 -58.21 11.07 -20.16
CA ALA F 279 -58.68 11.74 -18.96
C ALA F 279 -60.00 11.13 -18.48
N GLY F 280 -60.82 10.71 -19.44
CA GLY F 280 -62.09 10.10 -19.11
C GLY F 280 -61.90 8.80 -18.35
N THR F 281 -60.82 8.10 -18.69
CA THR F 281 -60.51 6.81 -18.05
C THR F 281 -59.68 6.89 -16.77
N GLU F 282 -58.41 7.23 -16.94
CA GLU F 282 -57.46 7.28 -15.84
C GLU F 282 -57.83 8.01 -14.55
N THR F 283 -58.31 9.24 -14.65
CA THR F 283 -58.65 10.02 -13.47
C THR F 283 -59.61 9.33 -12.49
N VAL F 284 -60.79 8.94 -13.00
CA VAL F 284 -61.81 8.26 -12.20
C VAL F 284 -61.34 6.91 -11.69
N SER F 285 -60.60 6.19 -12.53
CA SER F 285 -60.08 4.89 -12.15
C SER F 285 -59.18 5.07 -10.94
N THR F 286 -58.21 5.97 -11.07
CA THR F 286 -57.29 6.21 -9.98
C THR F 286 -58.01 6.55 -8.69
N THR F 287 -58.95 7.48 -8.79
CA THR F 287 -59.70 7.93 -7.61
C THR F 287 -60.43 6.78 -6.94
N LEU F 288 -61.13 5.98 -7.75
CA LEU F 288 -61.84 4.83 -7.24
C LEU F 288 -60.86 3.90 -6.55
N ARG F 289 -59.78 3.55 -7.23
CA ARG F 289 -58.79 2.64 -6.64
C ARG F 289 -58.20 3.15 -5.33
N TYR F 290 -57.80 4.42 -5.30
CA TYR F 290 -57.24 4.99 -4.08
C TYR F 290 -58.33 4.94 -3.02
N GLY F 291 -59.55 5.31 -3.40
CA GLY F 291 -60.68 5.28 -2.49
C GLY F 291 -60.87 3.94 -1.78
N PHE F 292 -60.78 2.84 -2.50
CA PHE F 292 -60.94 1.53 -1.87
C PHE F 292 -59.88 1.25 -0.80
N LEU F 293 -58.60 1.44 -1.14
CA LEU F 293 -57.54 1.21 -0.16
C LEU F 293 -57.80 2.09 1.05
N LEU F 294 -58.34 3.28 0.81
CA LEU F 294 -58.64 4.20 1.90
C LEU F 294 -59.79 3.67 2.76
N LEU F 295 -60.79 3.08 2.13
CA LEU F 295 -61.92 2.56 2.89
C LEU F 295 -61.54 1.35 3.75
N MET F 296 -60.66 0.50 3.25
CA MET F 296 -60.25 -0.65 4.03
C MET F 296 -59.39 -0.25 5.22
N LYS F 297 -58.65 0.85 5.07
CA LYS F 297 -57.80 1.31 6.16
C LYS F 297 -58.66 1.87 7.29
N HIS F 298 -59.79 2.46 6.92
CA HIS F 298 -60.72 3.05 7.88
C HIS F 298 -62.10 2.37 7.82
N PRO F 299 -62.19 1.14 8.35
CA PRO F 299 -63.45 0.36 8.36
C PRO F 299 -64.64 1.12 8.92
N GLU F 300 -64.48 1.68 10.12
CA GLU F 300 -65.56 2.42 10.78
C GLU F 300 -66.33 3.29 9.79
N VAL F 301 -65.65 3.75 8.75
CA VAL F 301 -66.26 4.60 7.74
C VAL F 301 -67.09 3.80 6.73
N GLU F 302 -66.50 2.74 6.18
CA GLU F 302 -67.21 1.90 5.21
C GLU F 302 -68.61 1.51 5.71
N ALA F 303 -68.70 1.10 6.97
CA ALA F 303 -69.98 0.71 7.54
C ALA F 303 -70.99 1.86 7.48
N LYS F 304 -70.57 3.05 7.90
CA LYS F 304 -71.44 4.23 7.89
C LYS F 304 -71.95 4.57 6.50
N VAL F 305 -71.10 4.40 5.50
CA VAL F 305 -71.47 4.68 4.11
C VAL F 305 -72.51 3.66 3.65
N HIS F 306 -72.47 2.49 4.27
CA HIS F 306 -73.39 1.42 3.95
C HIS F 306 -74.83 1.74 4.34
N GLU F 307 -75.01 2.31 5.53
CA GLU F 307 -76.34 2.66 6.03
C GLU F 307 -76.94 3.82 5.25
N GLU F 308 -76.18 4.89 5.07
CA GLU F 308 -76.66 6.06 4.32
C GLU F 308 -77.02 5.56 2.90
N ILE F 309 -76.74 4.28 2.65
CA ILE F 309 -77.01 3.64 1.37
C ILE F 309 -78.32 2.85 1.43
N ASP F 310 -78.31 1.78 2.22
CA ASP F 310 -79.49 0.93 2.38
C ASP F 310 -80.72 1.73 2.74
N ARG F 311 -80.53 2.81 3.48
CA ARG F 311 -81.61 3.66 3.90
C ARG F 311 -82.27 4.40 2.73
N VAL F 312 -81.47 4.84 1.77
CA VAL F 312 -82.01 5.56 0.63
C VAL F 312 -82.18 4.71 -0.62
N ILE F 313 -81.41 3.62 -0.71
CA ILE F 313 -81.48 2.74 -1.87
C ILE F 313 -81.48 1.25 -1.47
N GLY F 314 -81.71 0.98 -0.18
CA GLY F 314 -81.74 -0.38 0.32
C GLY F 314 -80.87 -1.34 -0.47
N LYS F 315 -81.41 -2.51 -0.78
CA LYS F 315 -80.68 -3.50 -1.55
C LYS F 315 -81.43 -3.86 -2.82
N ASN F 316 -82.41 -3.04 -3.16
CA ASN F 316 -83.23 -3.27 -4.35
C ASN F 316 -82.66 -2.65 -5.64
N ARG F 317 -83.29 -1.58 -6.09
CA ARG F 317 -82.90 -0.87 -7.32
C ARG F 317 -81.47 -0.32 -7.25
N GLN F 318 -80.93 0.00 -8.42
CA GLN F 318 -79.60 0.56 -8.48
C GLN F 318 -79.69 2.08 -8.31
N PRO F 319 -78.64 2.71 -7.79
CA PRO F 319 -78.60 4.16 -7.57
C PRO F 319 -78.73 5.00 -8.83
N LYS F 320 -78.96 6.29 -8.64
CA LYS F 320 -79.08 7.25 -9.73
C LYS F 320 -78.51 8.57 -9.25
N PHE F 321 -78.17 9.44 -10.20
CA PHE F 321 -77.58 10.74 -9.88
C PHE F 321 -78.23 11.56 -8.76
N GLU F 322 -79.53 11.36 -8.54
CA GLU F 322 -80.23 12.13 -7.51
C GLU F 322 -80.34 11.50 -6.11
N ASP F 323 -80.11 10.19 -5.99
CA ASP F 323 -80.17 9.57 -4.67
C ASP F 323 -79.16 10.37 -3.85
N ARG F 324 -78.24 11.01 -4.59
CA ARG F 324 -77.18 11.84 -4.03
C ARG F 324 -77.66 12.72 -2.88
N ALA F 325 -78.61 13.59 -3.20
CA ALA F 325 -79.18 14.53 -2.23
C ALA F 325 -79.42 13.95 -0.83
N LYS F 326 -80.05 12.79 -0.78
CA LYS F 326 -80.37 12.15 0.50
C LYS F 326 -79.17 11.56 1.23
N MET F 327 -78.01 11.55 0.58
CA MET F 327 -76.81 10.97 1.17
C MET F 327 -75.70 11.98 1.41
N PRO F 328 -75.65 12.57 2.60
CA PRO F 328 -74.60 13.55 2.92
C PRO F 328 -73.25 12.89 3.13
N TYR F 329 -73.25 11.85 3.95
CA TYR F 329 -72.04 11.10 4.27
C TYR F 329 -71.34 10.56 3.03
N THR F 330 -72.08 9.85 2.19
CA THR F 330 -71.50 9.29 0.99
C THR F 330 -70.89 10.42 0.15
N GLU F 331 -71.61 11.53 0.02
CA GLU F 331 -71.11 12.69 -0.74
C GLU F 331 -69.82 13.18 -0.13
N ALA F 332 -69.79 13.25 1.20
CA ALA F 332 -68.60 13.71 1.92
C ALA F 332 -67.44 12.76 1.70
N VAL F 333 -67.63 11.49 2.07
CA VAL F 333 -66.58 10.50 1.91
C VAL F 333 -65.96 10.61 0.52
N ILE F 334 -66.79 10.64 -0.52
CA ILE F 334 -66.28 10.76 -1.88
C ILE F 334 -65.48 12.05 -2.05
N HIS F 335 -65.98 13.16 -1.49
CA HIS F 335 -65.28 14.44 -1.58
C HIS F 335 -63.92 14.35 -0.87
N GLU F 336 -63.91 13.80 0.34
CA GLU F 336 -62.67 13.65 1.10
C GLU F 336 -61.69 12.75 0.34
N ILE F 337 -62.19 11.74 -0.34
CA ILE F 337 -61.34 10.83 -1.09
C ILE F 337 -60.66 11.60 -2.22
N GLN F 338 -61.40 12.50 -2.86
CA GLN F 338 -60.85 13.28 -3.95
C GLN F 338 -59.83 14.29 -3.43
N ARG F 339 -60.04 14.72 -2.19
CA ARG F 339 -59.18 15.71 -1.54
C ARG F 339 -57.89 15.03 -1.09
N PHE F 340 -58.03 14.01 -0.25
CA PHE F 340 -56.91 13.24 0.26
C PHE F 340 -56.05 12.68 -0.87
N GLY F 341 -56.70 12.14 -1.88
CA GLY F 341 -56.00 11.56 -3.02
C GLY F 341 -55.24 12.57 -3.86
N ASP F 342 -55.65 13.84 -3.77
CA ASP F 342 -54.98 14.93 -4.49
C ASP F 342 -54.37 14.44 -5.80
N MET F 343 -55.22 14.03 -6.72
CA MET F 343 -54.76 13.50 -7.99
C MET F 343 -53.68 14.31 -8.73
N LEU F 344 -53.87 15.61 -8.86
CA LEU F 344 -52.88 16.46 -9.54
C LEU F 344 -52.38 17.50 -8.55
N PRO F 345 -51.37 17.14 -7.74
CA PRO F 345 -50.77 18.01 -6.71
C PRO F 345 -50.31 19.40 -7.11
N MET F 346 -49.68 19.54 -8.27
CA MET F 346 -49.23 20.84 -8.73
C MET F 346 -50.10 21.27 -9.90
N GLY F 347 -51.32 20.73 -9.92
CA GLY F 347 -52.26 21.04 -10.98
C GLY F 347 -51.63 20.87 -12.33
N LEU F 348 -52.33 21.38 -13.35
CA LEU F 348 -51.82 21.32 -14.70
C LEU F 348 -51.30 22.72 -15.06
N ALA F 349 -50.02 22.80 -15.41
CA ALA F 349 -49.40 24.07 -15.74
C ALA F 349 -50.22 25.06 -16.54
N HIS F 350 -50.25 26.29 -16.04
CA HIS F 350 -50.93 27.39 -16.73
C HIS F 350 -49.81 28.28 -17.25
N ARG F 351 -50.20 29.43 -17.80
CA ARG F 351 -49.25 30.41 -18.32
C ARG F 351 -50.01 31.68 -18.70
N VAL F 352 -49.37 32.83 -18.59
CA VAL F 352 -50.04 34.08 -18.92
C VAL F 352 -49.97 34.35 -20.42
N ASN F 353 -51.08 34.84 -20.98
CA ASN F 353 -51.14 35.14 -22.40
C ASN F 353 -50.48 36.48 -22.72
N LYS F 354 -50.39 37.36 -21.71
CA LYS F 354 -49.77 38.67 -21.86
C LYS F 354 -49.21 39.17 -20.53
N ASP F 355 -48.36 40.21 -20.61
CA ASP F 355 -47.76 40.81 -19.43
C ASP F 355 -48.84 40.98 -18.37
N THR F 356 -48.64 40.41 -17.19
CA THR F 356 -49.65 40.48 -16.16
C THR F 356 -49.11 41.05 -14.84
N LYS F 357 -50.00 41.48 -13.97
CA LYS F 357 -49.60 42.01 -12.68
C LYS F 357 -50.33 41.27 -11.58
N PHE F 358 -49.64 40.37 -10.91
CA PHE F 358 -50.26 39.61 -9.84
C PHE F 358 -49.70 40.16 -8.55
N ARG F 359 -50.60 40.53 -7.62
CA ARG F 359 -50.16 41.12 -6.36
C ARG F 359 -49.09 42.12 -6.76
N ASP F 360 -47.92 42.12 -6.10
CA ASP F 360 -46.88 43.10 -6.47
C ASP F 360 -46.25 42.79 -7.82
N PHE F 361 -45.67 41.61 -7.88
CA PHE F 361 -44.94 41.04 -9.02
C PHE F 361 -45.49 41.26 -10.43
N PHE F 362 -44.57 41.12 -11.40
CA PHE F 362 -44.84 41.27 -12.82
C PHE F 362 -44.44 40.00 -13.59
N LEU F 363 -45.41 39.34 -14.23
CA LEU F 363 -45.11 38.13 -14.98
C LEU F 363 -45.19 38.40 -16.47
N PRO F 364 -44.04 38.45 -17.15
CA PRO F 364 -44.07 38.70 -18.59
C PRO F 364 -44.91 37.67 -19.36
N LYS F 365 -45.24 38.02 -20.60
CA LYS F 365 -46.03 37.16 -21.47
C LYS F 365 -45.38 35.80 -21.73
N GLY F 366 -46.13 34.72 -21.45
CA GLY F 366 -45.60 33.37 -21.69
C GLY F 366 -44.84 32.76 -20.53
N THR F 367 -45.11 33.26 -19.33
CA THR F 367 -44.48 32.80 -18.09
C THR F 367 -45.34 31.65 -17.60
N GLU F 368 -44.75 30.50 -17.27
CA GLU F 368 -45.58 29.41 -16.78
C GLU F 368 -45.96 29.66 -15.34
N VAL F 369 -47.12 29.13 -14.97
CA VAL F 369 -47.68 29.26 -13.64
C VAL F 369 -48.14 27.87 -13.16
N PHE F 370 -47.84 27.53 -11.92
CA PHE F 370 -48.24 26.26 -11.33
C PHE F 370 -49.25 26.48 -10.22
N PRO F 371 -50.53 26.13 -10.44
CA PRO F 371 -51.54 26.30 -9.39
C PRO F 371 -51.41 25.08 -8.48
N MET F 372 -50.72 25.22 -7.36
CA MET F 372 -50.54 24.09 -6.47
C MET F 372 -51.86 23.59 -5.84
N LEU F 373 -52.71 23.02 -6.70
CA LEU F 373 -54.01 22.52 -6.28
C LEU F 373 -53.91 21.71 -5.00
N GLY F 374 -52.89 20.88 -4.91
CA GLY F 374 -52.72 20.07 -3.71
C GLY F 374 -52.52 20.91 -2.46
N SER F 375 -51.96 22.10 -2.62
CA SER F 375 -51.71 22.97 -1.47
C SER F 375 -53.05 23.52 -1.01
N VAL F 376 -54.00 23.61 -1.94
CA VAL F 376 -55.34 24.10 -1.64
C VAL F 376 -56.12 23.01 -0.90
N LEU F 377 -56.25 21.86 -1.55
CA LEU F 377 -56.95 20.72 -0.97
C LEU F 377 -56.42 20.42 0.43
N ARG F 378 -55.19 20.85 0.70
CA ARG F 378 -54.57 20.62 2.00
C ARG F 378 -54.33 21.90 2.80
N ASP F 379 -54.84 23.02 2.28
CA ASP F 379 -54.72 24.32 2.92
C ASP F 379 -55.33 24.23 4.32
N PRO F 380 -54.52 24.43 5.37
CA PRO F 380 -54.99 24.36 6.75
C PRO F 380 -56.01 25.44 7.13
N ARG F 381 -56.04 26.52 6.35
CA ARG F 381 -56.99 27.60 6.61
C ARG F 381 -58.42 27.07 6.53
N PHE F 382 -58.58 25.90 5.91
CA PHE F 382 -59.90 25.32 5.75
C PHE F 382 -60.07 23.98 6.48
N PHE F 383 -59.20 23.02 6.21
CA PHE F 383 -59.29 21.71 6.84
C PHE F 383 -58.42 21.61 8.09
N SER F 384 -59.05 21.26 9.21
CA SER F 384 -58.36 21.15 10.48
C SER F 384 -57.32 20.03 10.47
N ASN F 385 -57.59 18.97 9.73
CA ASN F 385 -56.67 17.83 9.65
C ASN F 385 -56.26 17.60 8.19
N PRO F 386 -55.62 18.60 7.58
CA PRO F 386 -55.19 18.48 6.18
C PRO F 386 -54.44 17.21 5.80
N ARG F 387 -53.69 16.63 6.73
CA ARG F 387 -52.95 15.43 6.40
C ARG F 387 -53.63 14.12 6.81
N ASP F 388 -54.61 14.21 7.69
CA ASP F 388 -55.36 13.03 8.12
C ASP F 388 -56.50 12.78 7.14
N PHE F 389 -57.08 11.59 7.18
CA PHE F 389 -58.20 11.24 6.31
C PHE F 389 -59.46 11.33 7.16
N ASN F 390 -60.25 12.39 6.97
CA ASN F 390 -61.47 12.55 7.76
C ASN F 390 -62.62 13.12 6.94
N PRO F 391 -63.71 12.37 6.81
CA PRO F 391 -64.87 12.82 6.03
C PRO F 391 -65.58 14.07 6.59
N GLN F 392 -65.32 14.42 7.85
CA GLN F 392 -65.94 15.58 8.47
C GLN F 392 -65.58 16.94 7.90
N HIS F 393 -64.49 17.00 7.13
CA HIS F 393 -64.06 18.25 6.51
C HIS F 393 -65.19 18.66 5.55
N PHE F 394 -66.09 17.73 5.29
CA PHE F 394 -67.23 17.97 4.40
C PHE F 394 -68.58 17.69 5.04
N LEU F 395 -68.62 17.74 6.38
CA LEU F 395 -69.85 17.51 7.14
C LEU F 395 -69.93 18.47 8.33
N ASP F 396 -70.99 19.30 8.35
CA ASP F 396 -71.18 20.24 9.44
C ASP F 396 -71.52 19.46 10.71
N LYS F 397 -71.52 20.14 11.86
CA LYS F 397 -71.84 19.46 13.11
C LYS F 397 -73.27 18.94 13.08
N LYS F 398 -73.92 19.09 11.94
CA LYS F 398 -75.30 18.67 11.77
C LYS F 398 -75.45 17.39 10.91
N GLY F 399 -74.34 16.91 10.36
CA GLY F 399 -74.39 15.71 9.54
C GLY F 399 -74.76 15.99 8.10
N GLN F 400 -74.84 17.28 7.76
CA GLN F 400 -75.17 17.69 6.41
C GLN F 400 -73.95 18.14 5.62
N PHE F 401 -73.74 17.50 4.47
CA PHE F 401 -72.64 17.81 3.57
C PHE F 401 -72.39 19.31 3.52
N LYS F 402 -71.20 19.74 3.92
CA LYS F 402 -70.86 21.16 3.90
C LYS F 402 -69.80 21.50 2.84
N LYS F 403 -70.23 22.23 1.82
CA LYS F 403 -69.36 22.65 0.72
C LYS F 403 -68.01 23.19 1.19
N SER F 404 -67.10 23.43 0.24
CA SER F 404 -65.79 23.98 0.55
C SER F 404 -65.17 24.74 -0.62
N ASP F 405 -64.58 25.87 -0.30
CA ASP F 405 -63.95 26.73 -1.30
C ASP F 405 -62.54 26.24 -1.58
N ALA F 406 -62.09 25.28 -0.77
CA ALA F 406 -60.77 24.69 -0.93
C ALA F 406 -60.86 23.41 -1.75
N PHE F 407 -62.07 23.03 -2.14
CA PHE F 407 -62.28 21.82 -2.93
C PHE F 407 -62.09 22.13 -4.41
N VAL F 408 -60.85 21.98 -4.89
CA VAL F 408 -60.54 22.26 -6.29
C VAL F 408 -59.86 21.15 -7.09
N PRO F 409 -60.22 19.88 -6.85
CA PRO F 409 -59.58 18.79 -7.61
C PRO F 409 -59.73 18.97 -9.10
N PHE F 410 -60.80 19.66 -9.50
CA PHE F 410 -61.06 19.91 -10.91
C PHE F 410 -60.53 21.27 -11.34
N SER F 411 -59.74 21.92 -10.47
CA SER F 411 -59.16 23.25 -10.74
C SER F 411 -60.26 24.29 -10.94
N ILE F 412 -59.88 25.48 -11.42
CA ILE F 412 -60.81 26.58 -11.60
C ILE F 412 -60.45 27.55 -12.73
N GLY F 413 -61.37 28.48 -13.00
CA GLY F 413 -61.12 29.46 -14.04
C GLY F 413 -61.47 29.01 -15.44
N LYS F 414 -61.10 29.82 -16.42
CA LYS F 414 -61.41 29.50 -17.80
C LYS F 414 -60.94 28.12 -18.29
N ARG F 415 -59.92 27.56 -17.64
CA ARG F 415 -59.44 26.25 -18.05
C ARG F 415 -59.87 25.13 -17.11
N TYR F 416 -60.86 25.36 -16.25
CA TYR F 416 -61.28 24.30 -15.35
C TYR F 416 -61.77 23.05 -16.10
N CYS F 417 -61.67 21.90 -15.44
CA CYS F 417 -62.04 20.61 -16.01
C CYS F 417 -63.49 20.54 -16.47
N PHE F 418 -63.71 20.64 -17.78
CA PHE F 418 -65.06 20.60 -18.30
C PHE F 418 -65.66 19.20 -18.26
N GLY F 419 -64.85 18.26 -17.78
CA GLY F 419 -65.32 16.88 -17.65
C GLY F 419 -65.70 16.63 -16.20
N GLU F 420 -65.68 17.69 -15.41
CA GLU F 420 -66.00 17.55 -14.00
C GLU F 420 -67.34 16.85 -13.84
N GLY F 421 -68.37 17.34 -14.53
CA GLY F 421 -69.69 16.74 -14.45
C GLY F 421 -69.71 15.24 -14.72
N LEU F 422 -69.18 14.85 -15.87
CA LEU F 422 -69.15 13.44 -16.25
C LEU F 422 -68.45 12.63 -15.17
N ALA F 423 -67.39 13.18 -14.60
CA ALA F 423 -66.64 12.48 -13.56
C ALA F 423 -67.42 12.47 -12.26
N ARG F 424 -68.11 13.58 -11.98
CA ARG F 424 -68.90 13.69 -10.76
C ARG F 424 -70.01 12.65 -10.72
N MET F 425 -70.60 12.37 -11.87
CA MET F 425 -71.67 11.39 -11.96
C MET F 425 -71.03 10.01 -11.73
N GLU F 426 -70.09 9.65 -12.59
CA GLU F 426 -69.39 8.36 -12.48
C GLU F 426 -68.96 8.03 -11.06
N LEU F 427 -68.32 8.98 -10.39
CA LEU F 427 -67.84 8.76 -9.04
C LEU F 427 -68.92 8.25 -8.08
N PHE F 428 -69.85 9.12 -7.72
CA PHE F 428 -70.93 8.78 -6.79
C PHE F 428 -71.65 7.47 -7.08
N LEU F 429 -71.94 7.21 -8.35
CA LEU F 429 -72.61 5.98 -8.72
C LEU F 429 -71.71 4.78 -8.46
N PHE F 430 -70.55 4.75 -9.10
CA PHE F 430 -69.61 3.65 -8.94
C PHE F 430 -69.25 3.37 -7.50
N PHE F 431 -69.28 4.39 -6.65
CA PHE F 431 -68.98 4.16 -5.24
C PHE F 431 -70.15 3.49 -4.52
N THR F 432 -71.38 3.93 -4.84
CA THR F 432 -72.59 3.40 -4.20
C THR F 432 -73.02 2.03 -4.74
N THR F 433 -73.07 1.90 -6.06
CA THR F 433 -73.47 0.63 -6.66
C THR F 433 -72.62 -0.51 -6.09
N ILE F 434 -71.31 -0.29 -6.05
CA ILE F 434 -70.33 -1.27 -5.55
C ILE F 434 -70.41 -1.58 -4.06
N MET F 435 -70.39 -0.56 -3.23
CA MET F 435 -70.42 -0.77 -1.80
C MET F 435 -71.73 -1.34 -1.29
N GLN F 436 -72.81 -1.13 -2.05
CA GLN F 436 -74.10 -1.65 -1.63
C GLN F 436 -74.14 -3.15 -1.93
N ASN F 437 -73.53 -3.54 -3.05
CA ASN F 437 -73.51 -4.93 -3.47
C ASN F 437 -72.31 -5.71 -2.97
N PHE F 438 -71.32 -5.01 -2.40
CA PHE F 438 -70.14 -5.69 -1.92
C PHE F 438 -69.51 -5.19 -0.63
N ARG F 439 -68.74 -6.08 -0.02
CA ARG F 439 -68.00 -5.83 1.20
C ARG F 439 -66.54 -5.76 0.74
N PHE F 440 -65.70 -5.00 1.46
CA PHE F 440 -64.28 -4.87 1.11
C PHE F 440 -63.36 -5.51 2.13
N LYS F 441 -62.52 -6.44 1.69
CA LYS F 441 -61.59 -7.09 2.59
C LYS F 441 -60.14 -7.08 2.10
N SER F 442 -59.23 -6.73 3.01
CA SER F 442 -57.80 -6.65 2.72
C SER F 442 -57.08 -7.86 3.30
N PRO F 443 -56.12 -8.42 2.55
CA PRO F 443 -55.36 -9.58 3.02
C PRO F 443 -54.49 -9.22 4.21
N GLN F 444 -54.65 -8.00 4.70
CA GLN F 444 -53.90 -7.51 5.85
C GLN F 444 -54.79 -6.63 6.71
N SER F 445 -54.32 -6.31 7.92
CA SER F 445 -55.07 -5.49 8.87
C SER F 445 -54.95 -3.99 8.58
N PRO F 446 -55.97 -3.21 8.99
CA PRO F 446 -55.95 -1.76 8.78
C PRO F 446 -54.62 -1.13 9.18
N LYS F 447 -54.16 -1.44 10.39
CA LYS F 447 -52.91 -0.90 10.89
C LYS F 447 -51.74 -1.24 9.96
N ASP F 448 -51.83 -2.37 9.28
CA ASP F 448 -50.78 -2.81 8.36
C ASP F 448 -51.01 -2.33 6.93
N ILE F 449 -51.99 -1.46 6.74
CA ILE F 449 -52.28 -0.94 5.41
C ILE F 449 -51.65 0.43 5.27
N ASP F 450 -50.88 0.61 4.20
CA ASP F 450 -50.19 1.87 3.96
C ASP F 450 -50.96 2.79 3.02
N VAL F 451 -51.44 3.91 3.54
CA VAL F 451 -52.18 4.83 2.68
C VAL F 451 -51.37 5.97 2.10
N SER F 452 -50.07 5.96 2.31
CA SER F 452 -49.23 7.01 1.74
C SER F 452 -49.12 6.66 0.27
N PRO F 453 -48.99 7.66 -0.60
CA PRO F 453 -48.88 7.38 -2.03
C PRO F 453 -47.61 6.68 -2.46
N LYS F 454 -47.70 6.03 -3.62
CA LYS F 454 -46.59 5.30 -4.21
C LYS F 454 -45.67 6.31 -4.92
N HIS F 455 -46.28 7.23 -5.67
CA HIS F 455 -45.58 8.25 -6.42
C HIS F 455 -46.33 9.55 -6.36
N VAL F 456 -45.61 10.65 -6.33
CA VAL F 456 -46.24 11.98 -6.29
C VAL F 456 -45.38 12.88 -7.16
N GLY F 457 -46.01 13.43 -8.19
CA GLY F 457 -45.34 14.30 -9.13
C GLY F 457 -46.47 14.96 -9.91
N PHE F 458 -46.53 14.76 -11.22
CA PHE F 458 -47.63 15.37 -11.97
C PHE F 458 -48.90 14.80 -11.36
N ALA F 459 -48.84 13.56 -10.90
CA ALA F 459 -49.98 12.94 -10.27
C ALA F 459 -49.57 12.22 -9.01
N THR F 460 -50.58 11.88 -8.22
CA THR F 460 -50.41 11.15 -6.98
C THR F 460 -50.94 9.75 -7.29
N ILE F 461 -50.12 8.73 -7.10
CA ILE F 461 -50.51 7.35 -7.37
C ILE F 461 -50.50 6.54 -6.07
N PRO F 462 -51.60 5.80 -5.80
CA PRO F 462 -51.70 4.99 -4.58
C PRO F 462 -50.87 3.71 -4.73
N ARG F 463 -50.47 3.11 -3.60
CA ARG F 463 -49.66 1.90 -3.66
C ARG F 463 -50.48 0.72 -4.19
N ASN F 464 -49.80 -0.27 -4.74
CA ASN F 464 -50.43 -1.47 -5.28
C ASN F 464 -50.96 -2.33 -4.13
N TYR F 465 -52.07 -3.01 -4.37
CA TYR F 465 -52.68 -3.83 -3.33
C TYR F 465 -53.72 -4.77 -3.90
N THR F 466 -53.95 -5.87 -3.21
CA THR F 466 -54.95 -6.85 -3.63
C THR F 466 -56.09 -6.80 -2.64
N MET F 467 -57.29 -7.20 -3.07
CA MET F 467 -58.44 -7.18 -2.18
C MET F 467 -59.46 -8.27 -2.47
N SER F 468 -60.42 -8.40 -1.57
CA SER F 468 -61.48 -9.39 -1.68
C SER F 468 -62.83 -8.69 -1.68
N PHE F 469 -63.64 -8.97 -2.69
CA PHE F 469 -64.98 -8.41 -2.80
C PHE F 469 -65.95 -9.50 -2.37
N LEU F 470 -66.53 -9.34 -1.17
CA LEU F 470 -67.45 -10.35 -0.65
C LEU F 470 -68.91 -9.90 -0.64
N PRO F 471 -69.83 -10.81 -1.01
CA PRO F 471 -71.25 -10.47 -1.02
C PRO F 471 -71.72 -9.99 0.36
N ARG F 472 -72.60 -8.99 0.36
CA ARG F 472 -73.11 -8.42 1.59
C ARG F 472 -74.33 -9.16 2.14
#